data_8GAS
#
_entry.id   8GAS
#
_cell.length_a   1.00
_cell.length_b   1.00
_cell.length_c   1.00
_cell.angle_alpha   90.00
_cell.angle_beta   90.00
_cell.angle_gamma   90.00
#
_symmetry.space_group_name_H-M   'P 1'
#
loop_
_entity.id
_entity.type
_entity.pdbx_description
1 polymer 'vFP48.02 light chain'
2 polymer 'vFP48.02 heavy chain'
3 polymer 'Envelope glycoprotein gp120'
4 polymer 'Envelope glycoprotein gp41'
5 branched beta-D-mannopyranose-(1-4)-2-acetamido-2-deoxy-beta-D-glucopyranose-(1-4)-2-acetamido-2-deoxy-beta-D-glucopyranose
6 branched 2-acetamido-2-deoxy-beta-D-glucopyranose-(1-4)-2-acetamido-2-deoxy-beta-D-glucopyranose
7 branched alpha-D-mannopyranose-(1-3)-beta-D-mannopyranose-(1-4)-2-acetamido-2-deoxy-beta-D-glucopyranose-(1-4)-2-acetamido-2-deoxy-beta-D-glucopyranose
8 non-polymer 2-acetamido-2-deoxy-beta-D-glucopyranose
#
loop_
_entity_poly.entity_id
_entity_poly.type
_entity_poly.pdbx_seq_one_letter_code
_entity_poly.pdbx_strand_id
1 'polypeptide(L)'
;DVVMTQTPLTLSVTIGQPASISCKSSQSLLDSDGKTYLNWLLQRPGQSPKRLIYLVSKLDSGVPDRFTGSGSGTDFTLKI
SRVEAEDLGIYYCWQGTHFPQTFGGGTRLEIK
;
L,A,F
2 'polypeptide(L)'
;QVQLQQPGAEFVKPGASVRMSCKASGYTFTSYWIAWVKQRPGQGLEWIGDIYPGSGYTNYNGKFKNRATLTVDTSSNTAY
MQLSSLTSEDSAVYYCTRGGTTFVAEPWLAYWGQGTLVAVSA
;
H,C,I
3 'polypeptide(L)'
;AENLWVTVYYGVPVWKDAETTLFCASDAKAYETEKHNVWATHACVPTDPNPQEIHLENVTEEFNMWKNNMVEQMHTDIIS
LWDQSLKPCVKLTPLCVTLQCTNVTNNITDDMRGELKNCSFNMTTELRDKKQKVYSLFYRLDVVQINENQGNRSNNSNKE
YRLINCNTSACTQACPKVSFEPIPIHYCAPAGFAILKCKDKKFNGTGPCPSVSTVQCTHGIKPVVSTQLLLNGSLAEEEV
MIRSENITNNAKNILVQFNTPVQINCTRPNNNTRKSIRIGPGQAFYATGDIIGDIRQAHCNVSKATWNETLGKVVKQLRK
HFGNNTIIRFANSSGGDLEVTTHSFNCGGEFFYCNTSGLFNSTWISNTSVQGSNSTGSNDSITLPCRIKQIINMWQRIGQ
CMYAPPIQGVIRCVSNITGLILTRDGGSTNSTTETFRPGGGDMRDNWRSELYKYKVVKIEPLGVAPTRCKRRVVGRRRRR
R
;
G,D,J
4 'polypeptide(L)'
;AVGIGAVFLGFLGAAGSTMGAASMTLTVQARNLLSGIVQQQSNLLRAPEAQQHLLKLTVWGIKQLQARVLAVERYLRDQQ
LLGIWGCSGKLICCTNVPWNSSWSNRNLSEIWDNMTWLQWDKEISNYTQIIYGLLEESQNQQEKNEQDLLALD
;
B,E,K
#
loop_
_chem_comp.id
_chem_comp.type
_chem_comp.name
_chem_comp.formula
BMA D-saccharide, beta linking beta-D-mannopyranose 'C6 H12 O6'
MAN D-saccharide, alpha linking alpha-D-mannopyranose 'C6 H12 O6'
NAG D-saccharide, beta linking 2-acetamido-2-deoxy-beta-D-glucopyranose 'C8 H15 N O6'
#
# COMPACT_ATOMS: atom_id res chain seq x y z
N ASP A 1 -46.30 -15.84 9.94
CA ASP A 1 -46.56 -15.63 8.49
C ASP A 1 -48.05 -15.85 8.18
N VAL A 2 -48.43 -15.66 6.91
CA VAL A 2 -49.81 -15.85 6.50
C VAL A 2 -50.10 -17.35 6.44
N VAL A 3 -51.02 -17.80 7.28
CA VAL A 3 -51.40 -19.21 7.34
C VAL A 3 -52.52 -19.47 6.36
N MET A 4 -52.57 -20.69 5.83
CA MET A 4 -53.59 -21.11 4.87
C MET A 4 -54.38 -22.25 5.49
N THR A 5 -55.59 -21.95 5.94
CA THR A 5 -56.47 -22.92 6.57
C THR A 5 -57.68 -23.19 5.67
N GLN A 6 -58.21 -24.41 5.78
CA GLN A 6 -59.37 -24.83 4.99
C GLN A 6 -60.40 -25.43 5.94
N THR A 7 -61.65 -24.99 5.81
CA THR A 7 -62.69 -25.48 6.70
C THR A 7 -62.93 -26.98 6.60
N PRO A 8 -62.97 -27.62 5.41
CA PRO A 8 -63.36 -29.03 5.35
C PRO A 8 -62.19 -29.95 5.68
N LEU A 9 -62.25 -30.57 6.86
CA LEU A 9 -61.26 -31.59 7.20
C LEU A 9 -61.65 -32.94 6.58
N THR A 10 -62.94 -33.27 6.59
CA THR A 10 -63.47 -34.44 5.93
C THR A 10 -64.70 -34.03 5.13
N LEU A 11 -64.80 -34.53 3.90
CA LEU A 11 -65.87 -34.15 2.97
C LEU A 11 -66.46 -35.43 2.39
N SER A 12 -67.62 -35.84 2.88
CA SER A 12 -68.29 -37.05 2.42
C SER A 12 -69.15 -36.71 1.21
N VAL A 13 -68.87 -37.35 0.08
CA VAL A 13 -69.54 -37.06 -1.18
C VAL A 13 -69.76 -38.38 -1.92
N THR A 14 -70.91 -38.47 -2.60
CA THR A 14 -71.22 -39.59 -3.47
C THR A 14 -71.06 -39.17 -4.93
N ILE A 15 -70.83 -40.16 -5.79
CA ILE A 15 -70.62 -39.87 -7.21
C ILE A 15 -71.86 -39.20 -7.77
N GLY A 16 -71.67 -38.03 -8.39
CA GLY A 16 -72.75 -37.29 -8.99
C GLY A 16 -73.34 -36.19 -8.14
N GLN A 17 -72.56 -35.55 -7.29
CA GLN A 17 -73.01 -34.46 -6.45
C GLN A 17 -71.98 -33.34 -6.49
N PRO A 18 -72.39 -32.10 -6.19
CA PRO A 18 -71.43 -30.99 -6.23
C PRO A 18 -70.61 -30.90 -4.95
N ALA A 19 -69.30 -30.81 -5.09
CA ALA A 19 -68.37 -30.73 -3.97
C ALA A 19 -67.90 -29.29 -3.78
N SER A 20 -67.74 -28.89 -2.52
CA SER A 20 -67.33 -27.53 -2.17
C SER A 20 -66.12 -27.60 -1.25
N ILE A 21 -65.11 -26.79 -1.56
CA ILE A 21 -63.91 -26.67 -0.75
C ILE A 21 -63.43 -25.22 -0.79
N SER A 22 -62.96 -24.72 0.35
CA SER A 22 -62.56 -23.32 0.46
C SER A 22 -61.27 -23.22 1.25
N CYS A 23 -60.63 -22.06 1.15
CA CYS A 23 -59.40 -21.78 1.86
C CYS A 23 -59.39 -20.32 2.27
N LYS A 24 -58.55 -20.00 3.26
CA LYS A 24 -58.48 -18.66 3.82
C LYS A 24 -57.03 -18.22 3.92
N SER A 25 -56.83 -16.90 3.91
CA SER A 25 -55.53 -16.29 4.10
C SER A 25 -55.64 -15.26 5.21
N SER A 26 -54.70 -15.27 6.15
CA SER A 26 -54.74 -14.32 7.26
C SER A 26 -54.64 -12.89 6.75
N GLN A 27 -53.77 -12.64 5.79
CA GLN A 27 -53.60 -11.33 5.18
C GLN A 27 -53.93 -11.40 3.70
N SER A 28 -54.46 -10.31 3.17
CA SER A 28 -54.82 -10.27 1.75
C SER A 28 -53.58 -10.52 0.89
N LEU A 29 -53.75 -11.33 -0.15
CA LEU A 29 -52.66 -11.75 -1.02
C LEU A 29 -52.55 -10.93 -2.29
N LEU A 30 -53.32 -9.85 -2.42
CA LEU A 30 -53.26 -9.01 -3.60
C LEU A 30 -51.87 -8.40 -3.75
N ASP A 31 -51.12 -8.86 -4.76
CA ASP A 31 -49.77 -8.35 -4.98
C ASP A 31 -49.81 -7.00 -5.67
N SER A 32 -48.70 -6.27 -5.55
CA SER A 32 -48.64 -4.92 -6.13
C SER A 32 -48.89 -4.95 -7.63
N ASP A 33 -48.41 -5.99 -8.32
CA ASP A 33 -48.61 -6.07 -9.76
C ASP A 33 -50.08 -6.21 -10.14
N GLY A 34 -50.92 -6.67 -9.21
CA GLY A 34 -52.33 -6.81 -9.47
C GLY A 34 -52.74 -8.23 -9.85
N LYS A 35 -52.18 -9.22 -9.13
CA LYS A 35 -52.48 -10.61 -9.42
C LYS A 35 -52.40 -11.40 -8.12
N THR A 36 -53.06 -12.56 -8.12
CA THR A 36 -53.03 -13.50 -7.01
C THR A 36 -52.50 -14.82 -7.54
N TYR A 37 -51.28 -15.20 -7.11
CA TYR A 37 -50.59 -16.36 -7.62
C TYR A 37 -50.95 -17.64 -6.87
N LEU A 38 -52.10 -17.66 -6.19
CA LEU A 38 -52.46 -18.83 -5.41
C LEU A 38 -52.64 -20.05 -6.31
N ASN A 39 -52.20 -21.21 -5.83
CA ASN A 39 -52.31 -22.47 -6.55
C ASN A 39 -53.19 -23.43 -5.77
N TRP A 40 -54.09 -24.12 -6.48
CA TRP A 40 -54.88 -25.21 -5.92
C TRP A 40 -54.39 -26.50 -6.57
N LEU A 41 -53.64 -27.29 -5.80
CA LEU A 41 -53.10 -28.56 -6.28
C LEU A 41 -53.77 -29.70 -5.55
N LEU A 42 -54.08 -30.77 -6.29
CA LEU A 42 -54.70 -31.97 -5.76
C LEU A 42 -53.64 -33.06 -5.74
N GLN A 43 -53.04 -33.29 -4.57
CA GLN A 43 -51.99 -34.29 -4.44
C GLN A 43 -52.61 -35.68 -4.46
N ARG A 44 -52.24 -36.48 -5.46
CA ARG A 44 -52.76 -37.82 -5.59
C ARG A 44 -52.21 -38.70 -4.47
N PRO A 45 -52.93 -39.78 -4.13
CA PRO A 45 -52.48 -40.66 -3.03
C PRO A 45 -51.33 -41.58 -3.43
N GLY A 46 -50.11 -41.04 -3.35
CA GLY A 46 -48.89 -41.77 -3.66
C GLY A 46 -48.22 -41.34 -4.95
N GLN A 47 -48.91 -40.62 -5.82
CA GLN A 47 -48.32 -40.14 -7.07
C GLN A 47 -47.69 -38.76 -6.85
N SER A 48 -47.03 -38.27 -7.89
CA SER A 48 -46.38 -36.97 -7.80
C SER A 48 -47.44 -35.87 -7.67
N PRO A 49 -47.15 -34.80 -6.91
CA PRO A 49 -48.12 -33.70 -6.82
C PRO A 49 -48.41 -33.10 -8.19
N LYS A 50 -49.66 -32.72 -8.39
CA LYS A 50 -50.12 -32.14 -9.64
C LYS A 50 -50.96 -30.91 -9.34
N ARG A 51 -50.64 -29.79 -9.98
CA ARG A 51 -51.43 -28.58 -9.86
C ARG A 51 -52.72 -28.71 -10.66
N LEU A 52 -53.78 -28.07 -10.14
CA LEU A 52 -55.06 -28.03 -10.83
C LEU A 52 -55.48 -26.61 -11.22
N ILE A 53 -55.22 -25.62 -10.37
CA ILE A 53 -55.56 -24.23 -10.65
C ILE A 53 -54.35 -23.37 -10.32
N TYR A 54 -53.97 -22.49 -11.24
CA TYR A 54 -52.98 -21.45 -10.98
C TYR A 54 -53.55 -20.12 -11.45
N LEU A 55 -53.31 -19.06 -10.66
CA LEU A 55 -53.93 -17.77 -10.95
C LEU A 55 -55.45 -17.93 -10.96
N VAL A 56 -55.98 -18.15 -9.76
CA VAL A 56 -57.23 -18.87 -9.53
C VAL A 56 -58.30 -18.52 -10.57
N SER A 57 -58.30 -17.28 -11.07
CA SER A 57 -59.18 -16.96 -12.18
C SER A 57 -58.86 -17.83 -13.40
N LYS A 58 -57.58 -18.00 -13.70
CA LYS A 58 -57.14 -18.87 -14.78
C LYS A 58 -57.13 -20.33 -14.33
N LEU A 59 -57.09 -21.22 -15.31
CA LEU A 59 -57.09 -22.67 -15.08
C LEU A 59 -55.95 -23.31 -15.86
N ASP A 60 -55.56 -24.51 -15.42
CA ASP A 60 -54.42 -25.20 -15.99
C ASP A 60 -54.78 -25.87 -17.31
N SER A 61 -53.79 -26.54 -17.91
CA SER A 61 -54.01 -27.28 -19.13
C SER A 61 -54.81 -28.56 -18.86
N GLY A 62 -55.32 -29.15 -19.93
CA GLY A 62 -56.17 -30.31 -19.78
C GLY A 62 -57.40 -29.98 -18.96
N VAL A 63 -58.05 -28.88 -19.31
CA VAL A 63 -59.10 -28.28 -18.47
C VAL A 63 -60.19 -29.30 -18.18
N PRO A 64 -60.44 -29.63 -16.91
CA PRO A 64 -61.66 -30.38 -16.58
C PRO A 64 -62.83 -29.44 -16.33
N ASP A 65 -63.99 -29.74 -16.92
CA ASP A 65 -65.12 -28.82 -16.84
C ASP A 65 -65.64 -28.68 -15.42
N ARG A 66 -65.60 -29.76 -14.63
CA ARG A 66 -66.21 -29.72 -13.30
C ARG A 66 -65.53 -28.69 -12.40
N PHE A 67 -64.21 -28.63 -12.43
CA PHE A 67 -63.48 -27.73 -11.55
C PHE A 67 -63.62 -26.28 -12.03
N THR A 68 -64.00 -25.39 -11.11
CA THR A 68 -64.18 -23.97 -11.41
C THR A 68 -63.60 -23.18 -10.24
N GLY A 69 -62.36 -22.73 -10.38
CA GLY A 69 -61.72 -21.96 -9.32
C GLY A 69 -62.24 -20.53 -9.29
N SER A 70 -62.44 -20.03 -8.08
CA SER A 70 -62.93 -18.67 -7.89
C SER A 70 -62.50 -18.18 -6.51
N GLY A 71 -62.56 -16.86 -6.33
CA GLY A 71 -62.21 -16.24 -5.07
C GLY A 71 -61.11 -15.21 -5.21
N SER A 72 -61.07 -14.26 -4.28
CA SER A 72 -60.06 -13.21 -4.29
C SER A 72 -59.90 -12.67 -2.89
N GLY A 73 -58.79 -11.97 -2.67
CA GLY A 73 -58.52 -11.38 -1.36
C GLY A 73 -58.32 -12.43 -0.28
N THR A 74 -59.28 -12.51 0.64
CA THR A 74 -59.18 -13.44 1.76
C THR A 74 -59.83 -14.79 1.48
N ASP A 75 -60.90 -14.81 0.69
CA ASP A 75 -61.66 -16.02 0.44
C ASP A 75 -61.23 -16.66 -0.88
N PHE A 76 -60.96 -17.97 -0.84
CA PHE A 76 -60.65 -18.76 -2.02
C PHE A 76 -61.50 -20.00 -2.01
N THR A 77 -62.05 -20.36 -3.19
CA THR A 77 -62.96 -21.49 -3.29
C THR A 77 -62.75 -22.19 -4.62
N LEU A 78 -63.16 -23.46 -4.65
CA LEU A 78 -63.09 -24.26 -5.87
C LEU A 78 -64.29 -25.19 -5.88
N LYS A 79 -65.20 -24.98 -6.82
CA LYS A 79 -66.45 -25.75 -6.91
C LYS A 79 -66.31 -26.84 -7.96
N ILE A 80 -66.72 -28.06 -7.59
CA ILE A 80 -66.72 -29.20 -8.50
C ILE A 80 -68.17 -29.66 -8.65
N SER A 81 -68.62 -29.76 -9.91
CA SER A 81 -70.02 -30.10 -10.17
C SER A 81 -70.28 -31.59 -9.91
N ARG A 82 -69.37 -32.46 -10.33
CA ARG A 82 -69.54 -33.89 -10.20
C ARG A 82 -68.27 -34.50 -9.60
N VAL A 83 -68.46 -35.61 -8.89
CA VAL A 83 -67.39 -36.29 -8.17
C VAL A 83 -66.94 -37.49 -8.98
N GLU A 84 -65.62 -37.66 -9.11
CA GLU A 84 -65.01 -38.80 -9.76
C GLU A 84 -63.92 -39.35 -8.85
N ALA A 85 -63.46 -40.56 -9.15
CA ALA A 85 -62.38 -41.16 -8.37
C ALA A 85 -61.17 -40.25 -8.29
N GLU A 86 -60.89 -39.50 -9.36
CA GLU A 86 -59.79 -38.54 -9.32
C GLU A 86 -60.06 -37.44 -8.31
N ASP A 87 -61.31 -36.97 -8.21
CA ASP A 87 -61.64 -35.91 -7.26
C ASP A 87 -61.33 -36.33 -5.83
N LEU A 88 -61.53 -37.61 -5.51
CA LEU A 88 -61.22 -38.12 -4.19
C LEU A 88 -59.73 -37.98 -3.91
N GLY A 89 -59.37 -37.12 -2.97
CA GLY A 89 -57.97 -36.89 -2.66
C GLY A 89 -57.83 -35.77 -1.65
N ILE A 90 -56.66 -35.12 -1.68
CA ILE A 90 -56.33 -34.04 -0.76
C ILE A 90 -56.00 -32.81 -1.59
N TYR A 91 -56.65 -31.69 -1.27
CA TYR A 91 -56.43 -30.42 -1.94
C TYR A 91 -55.59 -29.50 -1.05
N TYR A 92 -54.69 -28.75 -1.67
CA TYR A 92 -53.82 -27.82 -0.96
C TYR A 92 -53.89 -26.45 -1.61
N CYS A 93 -54.18 -25.43 -0.81
CA CYS A 93 -54.16 -24.04 -1.27
C CYS A 93 -52.79 -23.45 -0.97
N TRP A 94 -52.08 -23.03 -2.01
CA TRP A 94 -50.70 -22.57 -1.91
C TRP A 94 -50.66 -21.07 -2.18
N GLN A 95 -50.32 -20.29 -1.15
CA GLN A 95 -50.11 -18.87 -1.34
C GLN A 95 -48.84 -18.62 -2.15
N GLY A 96 -48.88 -17.58 -2.98
CA GLY A 96 -47.78 -17.31 -3.89
C GLY A 96 -47.37 -15.85 -3.96
N THR A 97 -47.50 -15.13 -2.85
CA THR A 97 -47.14 -13.71 -2.82
C THR A 97 -46.15 -13.37 -1.72
N HIS A 98 -46.23 -14.03 -0.57
CA HIS A 98 -45.40 -13.71 0.59
C HIS A 98 -44.40 -14.84 0.85
N PHE A 99 -43.46 -14.54 1.76
CA PHE A 99 -42.46 -15.51 2.20
C PHE A 99 -42.84 -16.06 3.57
N PRO A 100 -42.87 -17.38 3.78
CA PRO A 100 -42.57 -18.46 2.83
C PRO A 100 -43.74 -18.78 1.91
N GLN A 101 -43.50 -19.58 0.87
CA GLN A 101 -44.55 -19.95 -0.07
C GLN A 101 -45.37 -21.12 0.49
N THR A 102 -46.05 -20.84 1.59
CA THR A 102 -46.72 -21.87 2.36
C THR A 102 -47.82 -22.55 1.54
N PHE A 103 -48.00 -23.84 1.79
CA PHE A 103 -49.07 -24.62 1.18
C PHE A 103 -50.31 -24.57 2.06
N GLY A 104 -51.38 -25.24 1.60
CA GLY A 104 -52.59 -25.33 2.39
C GLY A 104 -52.49 -26.37 3.49
N GLY A 105 -53.48 -26.32 4.40
CA GLY A 105 -53.54 -27.29 5.48
C GLY A 105 -54.00 -28.66 5.06
N GLY A 106 -54.71 -28.76 3.94
CA GLY A 106 -55.15 -30.04 3.43
C GLY A 106 -56.58 -30.38 3.78
N THR A 107 -57.43 -30.56 2.77
CA THR A 107 -58.80 -31.00 2.95
C THR A 107 -58.96 -32.37 2.31
N ARG A 108 -59.47 -33.32 3.08
CA ARG A 108 -59.57 -34.72 2.63
C ARG A 108 -60.97 -34.99 2.11
N LEU A 109 -61.04 -35.62 0.94
CA LEU A 109 -62.30 -36.04 0.33
C LEU A 109 -62.36 -37.57 0.38
N GLU A 110 -63.26 -38.10 1.18
CA GLU A 110 -63.39 -39.55 1.36
C GLU A 110 -64.86 -39.92 1.42
N ILE A 111 -65.13 -41.18 1.08
CA ILE A 111 -66.48 -41.72 1.08
C ILE A 111 -66.67 -42.55 2.35
N LYS A 112 -67.70 -42.23 3.12
CA LYS A 112 -67.99 -42.95 4.36
C LYS A 112 -69.44 -43.45 4.36
N GLN B 1 -39.66 -32.99 -23.17
CA GLN B 1 -40.51 -32.89 -21.96
C GLN B 1 -39.68 -32.44 -20.76
N VAL B 2 -40.27 -31.62 -19.90
CA VAL B 2 -39.60 -31.12 -18.71
C VAL B 2 -39.72 -32.20 -17.62
N GLN B 3 -38.60 -32.85 -17.30
CA GLN B 3 -38.56 -33.94 -16.34
C GLN B 3 -37.46 -33.66 -15.32
N LEU B 4 -37.71 -34.07 -14.07
CA LEU B 4 -36.77 -33.92 -12.97
C LEU B 4 -36.48 -35.31 -12.42
N GLN B 5 -35.48 -35.98 -12.99
CA GLN B 5 -35.14 -37.33 -12.57
C GLN B 5 -34.63 -37.33 -11.13
N GLN B 6 -35.08 -38.31 -10.36
CA GLN B 6 -34.68 -38.46 -8.97
C GLN B 6 -34.32 -39.91 -8.69
N PRO B 7 -33.41 -40.15 -7.74
CA PRO B 7 -33.13 -41.54 -7.34
C PRO B 7 -34.35 -42.21 -6.74
N GLY B 8 -34.43 -43.52 -6.90
CA GLY B 8 -35.54 -44.29 -6.38
C GLY B 8 -35.66 -44.24 -4.88
N ALA B 9 -34.69 -44.81 -4.17
CA ALA B 9 -34.71 -44.83 -2.71
C ALA B 9 -33.30 -45.05 -2.20
N GLU B 10 -32.98 -44.42 -1.06
CA GLU B 10 -31.69 -44.54 -0.42
C GLU B 10 -31.88 -44.97 1.03
N PHE B 11 -31.13 -45.98 1.44
CA PHE B 11 -31.14 -46.48 2.82
C PHE B 11 -29.82 -46.08 3.47
N VAL B 12 -29.89 -45.16 4.44
CA VAL B 12 -28.71 -44.64 5.10
C VAL B 12 -28.76 -45.04 6.58
N LYS B 13 -27.66 -44.76 7.27
CA LYS B 13 -27.48 -45.10 8.68
C LYS B 13 -27.36 -43.84 9.51
N PRO B 14 -27.76 -43.87 10.79
CA PRO B 14 -27.55 -42.70 11.64
C PRO B 14 -26.08 -42.32 11.68
N GLY B 15 -25.82 -41.01 11.65
CA GLY B 15 -24.47 -40.49 11.62
C GLY B 15 -23.84 -40.45 10.25
N ALA B 16 -24.55 -40.86 9.20
CA ALA B 16 -24.04 -40.86 7.84
C ALA B 16 -24.54 -39.62 7.10
N SER B 17 -24.24 -39.56 5.81
CA SER B 17 -24.63 -38.43 4.96
C SER B 17 -25.27 -38.98 3.68
N VAL B 18 -25.96 -38.09 2.98
CA VAL B 18 -26.65 -38.45 1.73
C VAL B 18 -26.28 -37.42 0.67
N ARG B 19 -26.37 -37.85 -0.59
CA ARG B 19 -26.14 -36.99 -1.75
C ARG B 19 -27.44 -37.01 -2.57
N MET B 20 -28.37 -36.11 -2.24
CA MET B 20 -29.69 -36.09 -2.85
C MET B 20 -29.60 -35.36 -4.18
N SER B 21 -29.46 -36.10 -5.26
CA SER B 21 -29.33 -35.52 -6.59
C SER B 21 -30.70 -35.24 -7.21
N CYS B 22 -30.69 -34.36 -8.22
CA CYS B 22 -31.90 -34.04 -8.96
C CYS B 22 -31.48 -33.62 -10.36
N LYS B 23 -31.67 -34.50 -11.34
CA LYS B 23 -31.23 -34.25 -12.70
C LYS B 23 -32.19 -33.32 -13.42
N ALA B 24 -31.64 -32.45 -14.26
CA ALA B 24 -32.41 -31.52 -15.07
C ALA B 24 -32.26 -31.88 -16.54
N SER B 25 -33.39 -31.99 -17.24
CA SER B 25 -33.37 -32.37 -18.64
C SER B 25 -34.58 -31.75 -19.35
N GLY B 26 -34.44 -31.55 -20.65
CA GLY B 26 -35.54 -31.06 -21.46
C GLY B 26 -35.87 -29.58 -21.25
N TYR B 27 -34.93 -28.80 -20.75
CA TYR B 27 -35.16 -27.37 -20.52
C TYR B 27 -33.82 -26.74 -20.18
N THR B 28 -33.84 -25.42 -19.96
CA THR B 28 -32.65 -24.66 -19.62
C THR B 28 -32.56 -24.55 -18.10
N PHE B 29 -31.50 -25.12 -17.53
CA PHE B 29 -31.35 -25.21 -16.09
C PHE B 29 -30.83 -23.94 -15.44
N THR B 30 -30.30 -23.00 -16.22
CA THR B 30 -29.65 -21.82 -15.68
C THR B 30 -30.64 -20.73 -15.27
N SER B 31 -31.94 -20.90 -15.53
CA SER B 31 -32.93 -19.87 -15.26
C SER B 31 -33.95 -20.30 -14.22
N TYR B 32 -34.57 -21.46 -14.37
CA TYR B 32 -35.65 -21.85 -13.48
C TYR B 32 -35.15 -22.10 -12.07
N TRP B 33 -35.96 -21.70 -11.09
CA TRP B 33 -35.66 -21.99 -9.69
C TRP B 33 -35.83 -23.48 -9.40
N ILE B 34 -35.16 -23.93 -8.35
CA ILE B 34 -35.27 -25.31 -7.89
C ILE B 34 -35.56 -25.27 -6.39
N ALA B 35 -36.57 -26.03 -5.96
CA ALA B 35 -36.95 -26.10 -4.56
C ALA B 35 -37.26 -27.55 -4.20
N TRP B 36 -37.15 -27.86 -2.91
CA TRP B 36 -37.42 -29.20 -2.39
C TRP B 36 -38.68 -29.16 -1.53
N VAL B 37 -39.42 -30.26 -1.55
CA VAL B 37 -40.70 -30.36 -0.86
C VAL B 37 -40.78 -31.72 -0.16
N LYS B 38 -41.32 -31.72 1.06
CA LYS B 38 -41.53 -32.93 1.84
C LYS B 38 -42.99 -33.37 1.70
N GLN B 39 -43.19 -34.68 1.63
CA GLN B 39 -44.51 -35.28 1.44
C GLN B 39 -44.76 -36.39 2.45
N ARG B 40 -44.54 -36.09 3.72
CA ARG B 40 -44.83 -37.02 4.80
C ARG B 40 -46.25 -37.57 4.62
N PRO B 41 -46.43 -38.90 4.57
CA PRO B 41 -47.79 -39.43 4.32
C PRO B 41 -48.82 -38.95 5.32
N GLY B 42 -48.45 -38.82 6.59
CA GLY B 42 -49.37 -38.41 7.62
C GLY B 42 -49.43 -36.92 7.89
N GLN B 43 -48.71 -36.11 7.11
CA GLN B 43 -48.67 -34.67 7.33
C GLN B 43 -48.71 -33.96 5.98
N GLY B 44 -49.05 -32.68 6.02
CA GLY B 44 -49.13 -31.89 4.81
C GLY B 44 -47.77 -31.54 4.25
N LEU B 45 -47.78 -30.97 3.06
CA LEU B 45 -46.54 -30.59 2.40
C LEU B 45 -45.83 -29.50 3.18
N GLU B 46 -44.51 -29.59 3.24
CA GLU B 46 -43.67 -28.66 3.98
C GLU B 46 -42.62 -28.06 3.06
N TRP B 47 -42.34 -26.78 3.24
CA TRP B 47 -41.30 -26.10 2.48
C TRP B 47 -39.94 -26.40 3.09
N ILE B 48 -39.02 -26.89 2.27
CA ILE B 48 -37.70 -27.32 2.74
C ILE B 48 -36.69 -26.22 2.46
N GLY B 49 -36.55 -25.86 1.20
CA GLY B 49 -35.59 -24.84 0.83
C GLY B 49 -35.72 -24.48 -0.63
N ASP B 50 -34.79 -23.65 -1.10
CA ASP B 50 -34.79 -23.22 -2.48
C ASP B 50 -33.36 -22.90 -2.89
N ILE B 51 -32.99 -23.35 -4.09
CA ILE B 51 -31.69 -23.05 -4.69
C ILE B 51 -31.93 -22.45 -6.06
N TYR B 52 -31.13 -21.44 -6.40
CA TYR B 52 -31.16 -20.86 -7.73
C TYR B 52 -30.03 -21.48 -8.54
N PRO B 53 -30.32 -22.31 -9.56
CA PRO B 53 -29.23 -22.85 -10.39
C PRO B 53 -28.64 -21.77 -11.28
N GLY B 54 -28.26 -20.67 -10.64
CA GLY B 54 -27.82 -19.45 -11.30
C GLY B 54 -26.66 -18.89 -10.50
N SER B 55 -26.86 -17.68 -9.99
CA SER B 55 -25.89 -17.03 -9.12
C SER B 55 -25.43 -17.90 -7.96
N GLY B 56 -26.14 -18.99 -7.64
CA GLY B 56 -25.76 -19.83 -6.53
C GLY B 56 -26.32 -19.34 -5.21
N TYR B 57 -27.13 -18.29 -5.26
CA TYR B 57 -27.76 -17.77 -4.06
C TYR B 57 -28.65 -18.83 -3.42
N THR B 58 -28.58 -18.94 -2.10
CA THR B 58 -29.29 -19.96 -1.36
C THR B 58 -30.16 -19.31 -0.29
N ASN B 59 -31.37 -19.83 -0.12
CA ASN B 59 -32.28 -19.41 0.93
C ASN B 59 -32.81 -20.65 1.64
N TYR B 60 -33.01 -20.52 2.95
CA TYR B 60 -33.37 -21.65 3.79
C TYR B 60 -34.57 -21.28 4.67
N ASN B 61 -35.34 -22.30 5.01
CA ASN B 61 -36.53 -22.10 5.83
C ASN B 61 -36.15 -21.63 7.23
N GLY B 62 -37.05 -20.86 7.84
CA GLY B 62 -36.78 -20.35 9.18
C GLY B 62 -36.63 -21.43 10.22
N LYS B 63 -37.36 -22.53 10.07
CA LYS B 63 -37.34 -23.62 11.05
C LYS B 63 -36.10 -24.50 10.92
N PHE B 64 -35.29 -24.30 9.89
CA PHE B 64 -34.14 -25.18 9.62
C PHE B 64 -32.83 -24.68 10.20
N LYS B 65 -32.78 -23.42 10.65
CA LYS B 65 -31.57 -22.81 11.19
C LYS B 65 -30.33 -23.17 10.37
N ASN B 66 -30.49 -23.29 9.05
CA ASN B 66 -29.41 -23.62 8.14
C ASN B 66 -28.77 -24.97 8.52
N ARG B 67 -29.60 -26.00 8.51
CA ARG B 67 -29.13 -27.37 8.73
C ARG B 67 -28.70 -28.05 7.43
N ALA B 68 -28.93 -27.42 6.28
CA ALA B 68 -28.66 -28.02 4.99
C ALA B 68 -27.76 -27.12 4.17
N THR B 69 -26.94 -27.75 3.32
CA THR B 69 -26.10 -27.05 2.35
C THR B 69 -26.55 -27.45 0.95
N LEU B 70 -26.86 -26.47 0.12
CA LEU B 70 -27.40 -26.70 -1.21
C LEU B 70 -26.32 -26.39 -2.25
N THR B 71 -26.12 -27.32 -3.19
CA THR B 71 -25.14 -27.16 -4.25
C THR B 71 -25.76 -27.55 -5.57
N VAL B 72 -25.31 -26.89 -6.64
CA VAL B 72 -25.79 -27.13 -7.99
C VAL B 72 -24.60 -27.20 -8.93
N ASP B 73 -24.83 -27.82 -10.09
CA ASP B 73 -23.81 -27.95 -11.13
C ASP B 73 -24.40 -27.54 -12.46
N THR B 74 -23.88 -26.46 -13.04
CA THR B 74 -24.38 -25.96 -14.32
C THR B 74 -23.82 -26.73 -15.50
N SER B 75 -22.78 -27.55 -15.31
CA SER B 75 -22.21 -28.31 -16.42
C SER B 75 -23.02 -29.56 -16.71
N SER B 76 -23.33 -30.35 -15.68
CA SER B 76 -24.08 -31.58 -15.83
C SER B 76 -25.59 -31.39 -15.65
N ASN B 77 -26.04 -30.16 -15.39
CA ASN B 77 -27.46 -29.88 -15.18
C ASN B 77 -28.03 -30.74 -14.05
N THR B 78 -27.47 -30.56 -12.86
CA THR B 78 -27.85 -31.34 -11.69
C THR B 78 -27.92 -30.42 -10.47
N ALA B 79 -28.68 -30.86 -9.48
CA ALA B 79 -28.81 -30.16 -8.21
C ALA B 79 -28.60 -31.16 -7.08
N TYR B 80 -27.98 -30.70 -6.00
CA TYR B 80 -27.66 -31.56 -4.87
C TYR B 80 -28.07 -30.86 -3.57
N MET B 81 -28.34 -31.68 -2.55
CA MET B 81 -28.77 -31.19 -1.25
C MET B 81 -28.14 -32.02 -0.15
N GLN B 82 -27.69 -31.36 0.91
CA GLN B 82 -27.25 -32.02 2.13
C GLN B 82 -28.31 -31.83 3.21
N LEU B 83 -28.31 -32.71 4.20
CA LEU B 83 -29.41 -32.72 5.16
C LEU B 83 -29.27 -31.62 6.20
N SER B 84 -28.19 -31.59 6.98
CA SER B 84 -27.04 -32.50 7.07
C SER B 84 -27.18 -33.39 8.30
N SER B 85 -27.02 -34.70 8.12
CA SER B 85 -27.12 -35.66 9.21
C SER B 85 -28.48 -35.58 9.89
N LEU B 86 -29.52 -35.91 9.13
CA LEU B 86 -30.88 -35.94 9.67
C LEU B 86 -31.03 -37.12 10.63
N THR B 87 -32.21 -37.22 11.24
CA THR B 87 -32.48 -38.27 12.22
C THR B 87 -33.72 -39.08 11.84
N SER B 88 -34.18 -39.93 12.76
CA SER B 88 -35.18 -40.93 12.42
C SER B 88 -36.51 -40.28 12.02
N GLU B 89 -37.00 -39.33 12.83
CA GLU B 89 -38.35 -38.82 12.61
C GLU B 89 -38.48 -38.08 11.28
N ASP B 90 -37.36 -37.72 10.65
CA ASP B 90 -37.38 -37.04 9.36
C ASP B 90 -37.26 -38.03 8.19
N SER B 91 -37.68 -39.28 8.38
CA SER B 91 -37.61 -40.30 7.35
C SER B 91 -38.87 -40.22 6.49
N ALA B 92 -38.74 -39.61 5.31
CA ALA B 92 -39.86 -39.48 4.39
C ALA B 92 -39.29 -39.25 2.99
N VAL B 93 -40.17 -38.84 2.06
CA VAL B 93 -39.80 -38.67 0.67
C VAL B 93 -39.71 -37.17 0.37
N TYR B 94 -38.65 -36.78 -0.33
CA TYR B 94 -38.43 -35.40 -0.73
C TYR B 94 -38.57 -35.28 -2.24
N TYR B 95 -39.26 -34.23 -2.69
CA TYR B 95 -39.49 -33.97 -4.11
C TYR B 95 -38.72 -32.74 -4.53
N CYS B 96 -37.94 -32.86 -5.61
CA CYS B 96 -37.20 -31.75 -6.18
C CYS B 96 -38.07 -31.12 -7.28
N THR B 97 -38.72 -30.00 -6.96
CA THR B 97 -39.64 -29.35 -7.87
C THR B 97 -39.00 -28.15 -8.54
N ARG B 98 -39.39 -27.92 -9.79
CA ARG B 98 -38.86 -26.82 -10.58
C ARG B 98 -39.71 -25.57 -10.41
N GLY B 99 -39.06 -24.43 -10.17
CA GLY B 99 -39.74 -23.17 -10.04
C GLY B 99 -39.67 -22.33 -11.30
N GLY B 100 -40.26 -21.14 -11.21
CA GLY B 100 -40.32 -20.22 -12.33
C GLY B 100 -39.08 -19.36 -12.45
N THR B 101 -39.14 -18.40 -13.35
CA THR B 101 -38.04 -17.47 -13.56
C THR B 101 -38.01 -16.44 -12.42
N THR B 102 -36.82 -15.87 -12.20
CA THR B 102 -36.66 -14.87 -11.17
C THR B 102 -37.48 -13.62 -11.45
N PHE B 103 -37.84 -13.37 -12.71
CA PHE B 103 -38.57 -12.17 -13.07
C PHE B 103 -40.08 -12.35 -12.91
N VAL B 104 -40.64 -13.36 -13.58
CA VAL B 104 -42.09 -13.55 -13.58
C VAL B 104 -42.52 -14.30 -12.33
N ALA B 105 -41.96 -15.48 -12.10
CA ALA B 105 -42.16 -16.30 -10.91
C ALA B 105 -43.57 -16.83 -10.75
N GLU B 106 -44.46 -16.59 -11.71
CA GLU B 106 -45.83 -17.10 -11.65
C GLU B 106 -45.93 -18.61 -11.87
N PRO B 107 -45.05 -19.24 -12.71
CA PRO B 107 -45.27 -20.66 -13.02
C PRO B 107 -44.73 -21.59 -11.95
N TRP B 108 -44.47 -21.06 -10.76
CA TRP B 108 -43.89 -21.87 -9.68
C TRP B 108 -44.61 -23.21 -9.55
N LEU B 109 -43.87 -24.23 -9.13
CA LEU B 109 -44.38 -25.58 -8.98
C LEU B 109 -44.90 -26.14 -10.31
N ALA B 110 -44.29 -25.70 -11.42
CA ALA B 110 -44.76 -26.11 -12.74
C ALA B 110 -44.67 -27.62 -12.92
N TYR B 111 -43.54 -28.21 -12.52
CA TYR B 111 -43.27 -29.61 -12.79
C TYR B 111 -42.64 -30.26 -11.56
N TRP B 112 -42.84 -31.57 -11.43
CA TRP B 112 -42.31 -32.36 -10.33
C TRP B 112 -41.65 -33.62 -10.91
N GLY B 113 -41.09 -34.43 -10.01
CA GLY B 113 -40.50 -35.70 -10.39
C GLY B 113 -41.18 -36.87 -9.70
N GLN B 114 -40.39 -37.77 -9.12
CA GLN B 114 -40.92 -38.89 -8.37
C GLN B 114 -40.43 -38.94 -6.92
N GLY B 115 -39.35 -38.24 -6.59
CA GLY B 115 -38.86 -38.22 -5.22
C GLY B 115 -37.97 -39.41 -4.91
N THR B 116 -37.43 -39.38 -3.69
CA THR B 116 -36.56 -40.44 -3.20
C THR B 116 -36.90 -40.72 -1.75
N LEU B 117 -36.97 -42.00 -1.40
CA LEU B 117 -37.34 -42.43 -0.06
C LEU B 117 -36.10 -42.43 0.82
N VAL B 118 -36.05 -41.50 1.76
CA VAL B 118 -34.96 -41.41 2.72
C VAL B 118 -35.44 -42.05 4.02
N ALA B 119 -34.82 -43.18 4.38
CA ALA B 119 -35.19 -43.95 5.57
C ALA B 119 -33.91 -44.24 6.35
N VAL B 120 -33.53 -43.33 7.23
CA VAL B 120 -32.37 -43.55 8.08
C VAL B 120 -32.71 -44.57 9.16
N SER B 121 -31.89 -45.61 9.26
CA SER B 121 -32.15 -46.69 10.21
C SER B 121 -30.85 -47.34 10.65
N GLU C 2 -39.21 18.86 -20.29
CA GLU C 2 -39.46 17.75 -21.20
C GLU C 2 -38.15 17.22 -21.77
N ASN C 3 -37.25 18.12 -22.12
CA ASN C 3 -35.95 17.71 -22.65
C ASN C 3 -35.20 16.91 -21.61
N LEU C 4 -34.79 15.69 -21.98
CA LEU C 4 -34.17 14.78 -21.03
C LEU C 4 -32.84 15.33 -20.54
N TRP C 5 -32.47 14.94 -19.33
CA TRP C 5 -31.21 15.30 -18.70
C TRP C 5 -30.40 14.03 -18.43
N VAL C 6 -29.26 14.20 -17.77
CA VAL C 6 -28.35 13.09 -17.50
C VAL C 6 -28.50 12.66 -16.05
N THR C 7 -28.17 11.39 -15.78
CA THR C 7 -28.19 10.84 -14.44
C THR C 7 -26.93 10.01 -14.24
N VAL C 8 -26.36 10.09 -13.04
CA VAL C 8 -25.13 9.38 -12.71
C VAL C 8 -25.51 8.03 -12.12
N TYR C 9 -25.00 6.95 -12.72
CA TYR C 9 -25.24 5.59 -12.26
C TYR C 9 -23.92 4.99 -11.80
N TYR C 10 -23.92 4.40 -10.61
CA TYR C 10 -22.73 3.85 -9.99
C TYR C 10 -22.89 2.35 -9.82
N GLY C 11 -21.87 1.59 -10.24
CA GLY C 11 -21.87 0.16 -10.07
C GLY C 11 -22.53 -0.62 -11.18
N VAL C 12 -23.04 0.04 -12.22
CA VAL C 12 -23.76 -0.71 -13.26
C VAL C 12 -22.79 -1.68 -13.94
N PRO C 13 -23.21 -2.88 -14.34
CA PRO C 13 -22.26 -3.85 -14.91
C PRO C 13 -21.68 -3.36 -16.22
N VAL C 14 -20.35 -3.24 -16.25
CA VAL C 14 -19.62 -2.89 -17.46
C VAL C 14 -18.29 -3.64 -17.44
N TRP C 15 -17.84 -4.05 -18.63
CA TRP C 15 -16.60 -4.79 -18.78
C TRP C 15 -15.66 -4.07 -19.73
N LYS C 16 -14.38 -4.00 -19.36
CA LYS C 16 -13.34 -3.49 -20.22
C LYS C 16 -12.18 -4.47 -20.23
N ASP C 17 -11.62 -4.72 -21.41
CA ASP C 17 -10.55 -5.70 -21.55
C ASP C 17 -9.25 -5.17 -20.99
N ALA C 18 -8.97 -5.48 -19.73
CA ALA C 18 -7.73 -5.08 -19.06
C ALA C 18 -7.16 -6.29 -18.32
N GLU C 19 -5.84 -6.32 -18.21
CA GLU C 19 -5.13 -7.44 -17.60
C GLU C 19 -4.11 -6.90 -16.60
N THR C 20 -4.05 -7.53 -15.43
CA THR C 20 -3.18 -7.09 -14.35
C THR C 20 -2.60 -8.34 -13.67
N THR C 21 -2.01 -8.13 -12.50
CA THR C 21 -1.40 -9.22 -11.74
C THR C 21 -2.47 -9.93 -10.92
N LEU C 22 -2.47 -11.26 -11.01
CA LEU C 22 -3.45 -12.08 -10.30
C LEU C 22 -2.90 -12.45 -8.93
N PHE C 23 -3.59 -13.35 -8.24
CA PHE C 23 -3.19 -13.80 -6.91
C PHE C 23 -3.29 -15.31 -6.83
N CYS C 24 -2.49 -15.90 -5.94
CA CYS C 24 -2.42 -17.34 -5.78
C CYS C 24 -3.22 -17.78 -4.56
N ALA C 25 -3.84 -18.96 -4.68
CA ALA C 25 -4.57 -19.58 -3.59
C ALA C 25 -4.38 -21.08 -3.67
N SER C 26 -4.08 -21.71 -2.53
CA SER C 26 -3.80 -23.14 -2.47
C SER C 26 -4.72 -23.79 -1.44
N ASP C 27 -5.09 -25.03 -1.73
CA ASP C 27 -5.95 -25.78 -0.82
C ASP C 27 -5.15 -26.29 0.37
N ALA C 28 -5.89 -26.66 1.42
CA ALA C 28 -5.26 -27.18 2.64
C ALA C 28 -4.57 -28.51 2.38
N HIS C 36 7.73 -28.70 3.74
CA HIS C 36 7.59 -27.57 2.83
C HIS C 36 7.39 -28.05 1.41
N ASN C 37 6.96 -27.14 0.54
CA ASN C 37 6.74 -27.42 -0.88
C ASN C 37 7.36 -26.31 -1.70
N VAL C 38 7.27 -26.43 -3.02
CA VAL C 38 7.86 -25.47 -3.95
C VAL C 38 6.79 -24.55 -4.53
N TRP C 39 5.59 -25.07 -4.77
CA TRP C 39 4.53 -24.26 -5.37
C TRP C 39 3.83 -23.40 -4.33
N ALA C 40 3.19 -24.05 -3.35
CA ALA C 40 2.41 -23.30 -2.37
C ALA C 40 3.29 -22.72 -1.27
N THR C 41 4.16 -23.54 -0.68
CA THR C 41 5.03 -23.13 0.42
C THR C 41 4.23 -22.67 1.64
N HIS C 42 2.94 -23.03 1.70
CA HIS C 42 2.06 -22.58 2.77
C HIS C 42 2.08 -21.06 2.90
N ALA C 43 2.10 -20.39 1.75
CA ALA C 43 2.12 -18.93 1.68
C ALA C 43 0.87 -18.35 1.04
N CYS C 44 0.34 -18.98 -0.01
CA CYS C 44 -0.86 -18.49 -0.65
C CYS C 44 -2.06 -18.59 0.31
N VAL C 45 -2.91 -17.58 0.27
CA VAL C 45 -4.08 -17.56 1.17
C VAL C 45 -5.00 -18.72 0.78
N PRO C 46 -5.52 -19.49 1.75
CA PRO C 46 -6.40 -20.60 1.39
C PRO C 46 -7.69 -20.10 0.73
N THR C 47 -8.23 -20.92 -0.17
CA THR C 47 -9.46 -20.61 -0.87
C THR C 47 -10.60 -21.39 -0.24
N ASP C 48 -11.68 -20.68 0.09
CA ASP C 48 -12.83 -21.33 0.69
C ASP C 48 -13.43 -22.35 -0.29
N PRO C 49 -13.92 -23.51 0.19
CA PRO C 49 -14.42 -24.56 -0.72
C PRO C 49 -15.87 -24.34 -1.18
N ASN C 50 -16.17 -23.11 -1.59
CA ASN C 50 -17.46 -22.76 -2.17
C ASN C 50 -17.22 -21.90 -3.41
N PRO C 51 -16.70 -22.49 -4.47
CA PRO C 51 -16.41 -21.71 -5.68
C PRO C 51 -17.69 -21.30 -6.39
N GLN C 52 -18.32 -20.23 -5.92
CA GLN C 52 -19.62 -19.80 -6.43
C GLN C 52 -19.46 -19.37 -7.88
N GLU C 53 -19.91 -20.21 -8.80
CA GLU C 53 -19.92 -19.90 -10.22
C GLU C 53 -21.32 -19.44 -10.61
N ILE C 54 -21.39 -18.34 -11.34
CA ILE C 54 -22.65 -17.69 -11.68
C ILE C 54 -22.75 -17.63 -13.20
N HIS C 55 -23.91 -18.02 -13.73
CA HIS C 55 -24.15 -18.07 -15.16
C HIS C 55 -24.83 -16.78 -15.59
N LEU C 56 -24.23 -16.10 -16.57
CA LEU C 56 -24.79 -14.87 -17.13
C LEU C 56 -25.47 -15.23 -18.45
N GLU C 57 -26.80 -15.10 -18.49
CA GLU C 57 -27.56 -15.39 -19.68
C GLU C 57 -27.76 -14.14 -20.51
N ASN C 58 -28.22 -14.33 -21.75
CA ASN C 58 -28.49 -13.23 -22.68
C ASN C 58 -27.24 -12.37 -22.88
N VAL C 59 -26.08 -13.01 -22.94
CA VAL C 59 -24.81 -12.29 -23.10
C VAL C 59 -23.84 -13.15 -23.89
N THR C 60 -22.96 -12.48 -24.63
CA THR C 60 -21.86 -13.11 -25.34
C THR C 60 -20.60 -12.31 -25.11
N GLU C 61 -19.47 -13.00 -25.07
CA GLU C 61 -18.18 -12.37 -24.78
C GLU C 61 -17.12 -12.93 -25.72
N GLU C 62 -16.07 -12.15 -25.91
CA GLU C 62 -14.97 -12.51 -26.80
C GLU C 62 -13.77 -12.98 -26.00
N PHE C 63 -13.17 -14.09 -26.43
CA PHE C 63 -12.02 -14.68 -25.78
C PHE C 63 -10.88 -14.79 -26.78
N ASN C 64 -9.70 -14.33 -26.40
CA ASN C 64 -8.53 -14.30 -27.27
C ASN C 64 -7.50 -15.29 -26.74
N MET C 65 -7.62 -16.54 -27.16
CA MET C 65 -6.62 -17.54 -26.82
C MET C 65 -5.30 -17.21 -27.51
N TRP C 66 -4.19 -17.59 -26.86
CA TRP C 66 -2.83 -17.29 -27.27
C TRP C 66 -2.46 -15.82 -27.09
N LYS C 67 -3.41 -14.98 -26.65
CA LYS C 67 -3.12 -13.61 -26.28
C LYS C 67 -3.40 -13.34 -24.81
N ASN C 68 -3.96 -14.30 -24.08
CA ASN C 68 -4.24 -14.12 -22.67
C ASN C 68 -2.95 -13.89 -21.89
N ASN C 69 -2.97 -12.90 -21.01
CA ASN C 69 -1.84 -12.64 -20.13
C ASN C 69 -1.74 -13.63 -18.99
N MET C 70 -2.80 -14.40 -18.72
CA MET C 70 -2.72 -15.41 -17.68
C MET C 70 -1.65 -16.45 -18.00
N VAL C 71 -1.54 -16.83 -19.27
CA VAL C 71 -0.49 -17.78 -19.68
C VAL C 71 0.88 -17.18 -19.40
N GLU C 72 1.08 -15.92 -19.78
CA GLU C 72 2.36 -15.27 -19.51
C GLU C 72 2.57 -15.09 -18.01
N GLN C 73 1.51 -14.75 -17.27
CA GLN C 73 1.66 -14.54 -15.84
C GLN C 73 2.10 -15.81 -15.13
N MET C 74 1.50 -16.95 -15.49
CA MET C 74 1.88 -18.21 -14.84
C MET C 74 3.28 -18.63 -15.24
N HIS C 75 3.66 -18.41 -16.51
CA HIS C 75 4.98 -18.83 -16.96
C HIS C 75 6.08 -18.11 -16.18
N THR C 76 5.94 -16.80 -15.98
CA THR C 76 6.93 -16.06 -15.21
C THR C 76 6.80 -16.34 -13.72
N ASP C 77 5.59 -16.66 -13.25
CA ASP C 77 5.38 -16.85 -11.81
C ASP C 77 6.12 -18.09 -11.31
N ILE C 78 5.94 -19.23 -11.98
CA ILE C 78 6.54 -20.46 -11.48
C ILE C 78 8.06 -20.42 -11.58
N ILE C 79 8.59 -19.75 -12.61
CA ILE C 79 10.04 -19.62 -12.71
C ILE C 79 10.59 -18.88 -11.49
N SER C 80 9.87 -17.85 -11.03
CA SER C 80 10.27 -17.17 -9.81
C SER C 80 10.23 -18.11 -8.62
N LEU C 81 9.23 -18.98 -8.57
CA LEU C 81 9.17 -19.98 -7.50
C LEU C 81 10.33 -20.96 -7.61
N TRP C 82 10.68 -21.36 -8.83
CA TRP C 82 11.81 -22.27 -9.00
C TRP C 82 13.10 -21.66 -8.47
N ASP C 83 13.37 -20.41 -8.85
CA ASP C 83 14.57 -19.73 -8.36
C ASP C 83 14.52 -19.54 -6.85
N GLN C 84 13.34 -19.20 -6.33
CA GLN C 84 13.21 -19.00 -4.89
C GLN C 84 13.51 -20.27 -4.11
N SER C 85 13.05 -21.43 -4.61
CA SER C 85 13.21 -22.68 -3.89
C SER C 85 14.62 -23.24 -3.99
N LEU C 86 15.39 -22.85 -5.00
CA LEU C 86 16.73 -23.39 -5.19
C LEU C 86 17.80 -22.65 -4.40
N LYS C 87 17.54 -21.41 -4.00
CA LYS C 87 18.56 -20.64 -3.30
C LYS C 87 19.02 -21.29 -2.01
N PRO C 88 18.15 -21.77 -1.11
CA PRO C 88 18.59 -22.25 0.20
C PRO C 88 18.93 -23.75 0.26
N CYS C 89 19.94 -24.15 -0.50
CA CYS C 89 20.63 -25.41 -0.23
C CYS C 89 21.94 -25.43 -1.00
N VAL C 90 22.69 -26.52 -0.81
CA VAL C 90 24.12 -26.54 -1.11
C VAL C 90 24.36 -26.30 -2.59
N LYS C 91 25.36 -25.46 -2.88
CA LYS C 91 25.88 -25.35 -4.24
C LYS C 91 26.83 -26.50 -4.54
N LEU C 92 27.03 -26.78 -5.82
CA LEU C 92 27.89 -27.88 -6.27
C LEU C 92 29.11 -27.35 -7.03
N THR C 93 29.72 -26.28 -6.52
CA THR C 93 30.93 -25.76 -7.13
C THR C 93 32.07 -26.78 -7.15
N PRO C 94 32.39 -27.48 -6.07
CA PRO C 94 33.59 -28.31 -6.04
C PRO C 94 33.44 -29.67 -6.70
N LEU C 95 32.39 -29.90 -7.49
CA LEU C 95 32.20 -31.18 -8.16
C LEU C 95 32.73 -31.19 -9.59
N CYS C 96 33.36 -30.10 -10.04
CA CYS C 96 33.91 -30.02 -11.38
C CYS C 96 35.33 -30.56 -11.47
N VAL C 97 35.79 -31.31 -10.47
CA VAL C 97 37.11 -31.90 -10.54
C VAL C 97 37.15 -32.94 -11.65
N THR C 98 38.37 -33.28 -12.08
CA THR C 98 38.53 -34.27 -13.14
C THR C 98 37.95 -35.61 -12.70
N LEU C 99 37.25 -36.27 -13.61
CA LEU C 99 36.59 -37.53 -13.34
C LEU C 99 37.32 -38.65 -14.09
N GLN C 100 37.97 -39.53 -13.35
CA GLN C 100 38.55 -40.76 -13.90
C GLN C 100 37.48 -41.83 -13.83
N CYS C 101 36.81 -42.08 -14.96
CA CYS C 101 35.63 -42.93 -15.00
C CYS C 101 35.94 -44.27 -15.63
N THR C 102 35.01 -45.21 -15.45
CA THR C 102 35.14 -46.55 -15.98
C THR C 102 33.76 -47.08 -16.31
N ASN C 103 33.73 -48.08 -17.18
CA ASN C 103 32.46 -48.69 -17.57
C ASN C 103 31.90 -49.55 -16.44
N VAL C 104 30.62 -49.87 -16.55
CA VAL C 104 29.94 -50.77 -15.63
C VAL C 104 29.63 -52.06 -16.37
N THR C 105 30.05 -53.19 -15.81
CA THR C 105 29.91 -54.48 -16.46
C THR C 105 29.33 -55.55 -15.55
N ASN C 106 28.81 -55.18 -14.38
CA ASN C 106 28.25 -56.15 -13.43
C ASN C 106 26.76 -56.29 -13.72
N ASN C 107 26.39 -57.39 -14.39
CA ASN C 107 25.00 -57.69 -14.69
C ASN C 107 24.35 -56.55 -15.47
N ILE C 108 24.86 -56.31 -16.68
CA ILE C 108 24.42 -55.23 -17.53
C ILE C 108 23.70 -55.81 -18.74
N THR C 109 22.50 -55.31 -19.01
CA THR C 109 21.77 -55.71 -20.21
C THR C 109 22.41 -55.11 -21.45
N ASP C 110 22.27 -55.81 -22.57
CA ASP C 110 22.90 -55.36 -23.80
C ASP C 110 22.33 -54.04 -24.28
N ASP C 111 21.08 -53.72 -23.93
CA ASP C 111 20.46 -52.50 -24.40
C ASP C 111 21.01 -51.26 -23.72
N MET C 112 21.62 -51.40 -22.53
CA MET C 112 22.16 -50.27 -21.79
C MET C 112 23.67 -50.37 -21.61
N ARG C 113 24.35 -51.10 -22.50
CA ARG C 113 25.80 -51.26 -22.38
C ARG C 113 26.49 -49.91 -22.48
N GLY C 114 27.28 -49.59 -21.45
CA GLY C 114 28.05 -48.37 -21.43
C GLY C 114 27.28 -47.12 -21.04
N GLU C 115 26.01 -47.25 -20.66
CA GLU C 115 25.23 -46.08 -20.28
C GLU C 115 25.73 -45.51 -18.95
N LEU C 116 25.66 -46.31 -17.89
CA LEU C 116 26.20 -45.88 -16.61
C LEU C 116 27.72 -45.96 -16.64
N LYS C 117 28.37 -44.98 -15.99
CA LYS C 117 29.83 -44.90 -15.97
C LYS C 117 30.28 -44.78 -14.51
N ASN C 118 30.79 -45.88 -13.97
CA ASN C 118 31.39 -45.82 -12.64
C ASN C 118 32.55 -44.84 -12.66
N CYS C 119 32.56 -43.93 -11.67
CA CYS C 119 33.52 -42.83 -11.68
C CYS C 119 34.12 -42.65 -10.30
N SER C 120 35.32 -42.09 -10.26
CA SER C 120 36.01 -41.75 -9.03
C SER C 120 36.61 -40.35 -9.17
N PHE C 121 36.71 -39.65 -8.05
CA PHE C 121 37.24 -38.29 -8.06
C PHE C 121 37.76 -37.94 -6.68
N ASN C 122 38.57 -36.89 -6.64
CA ASN C 122 39.26 -36.45 -5.43
C ASN C 122 38.55 -35.27 -4.77
N MET C 123 37.23 -35.29 -4.78
CA MET C 123 36.44 -34.19 -4.21
C MET C 123 36.78 -33.98 -2.74
N THR C 124 36.85 -32.71 -2.35
CA THR C 124 37.30 -32.34 -1.02
C THR C 124 36.26 -32.71 0.05
N THR C 125 36.75 -32.90 1.27
CA THR C 125 35.92 -33.25 2.42
C THR C 125 35.57 -31.99 3.21
N GLU C 126 34.98 -32.18 4.39
CA GLU C 126 34.53 -31.04 5.19
C GLU C 126 35.71 -30.18 5.65
N LEU C 127 36.82 -30.81 6.03
CA LEU C 127 37.98 -30.06 6.47
C LEU C 127 38.70 -29.45 5.26
N ARG C 128 39.01 -28.15 5.36
CA ARG C 128 39.59 -27.45 4.23
C ARG C 128 41.00 -27.94 3.88
N ASP C 129 41.67 -28.62 4.81
CA ASP C 129 43.05 -29.04 4.62
C ASP C 129 43.17 -30.54 4.37
N LYS C 130 42.06 -31.23 4.07
CA LYS C 130 42.09 -32.66 3.82
C LYS C 130 41.23 -32.97 2.60
N LYS C 131 41.62 -34.01 1.88
CA LYS C 131 40.91 -34.48 0.71
C LYS C 131 40.36 -35.88 0.97
N GLN C 132 39.59 -36.39 0.01
CA GLN C 132 39.04 -37.74 0.12
C GLN C 132 38.73 -38.24 -1.29
N LYS C 133 38.82 -39.56 -1.44
CA LYS C 133 38.51 -40.23 -2.70
C LYS C 133 37.09 -40.79 -2.60
N VAL C 134 36.22 -40.36 -3.52
CA VAL C 134 34.82 -40.76 -3.53
C VAL C 134 34.47 -41.26 -4.93
N TYR C 135 33.76 -42.37 -4.99
CA TYR C 135 33.32 -42.96 -6.25
C TYR C 135 31.81 -42.88 -6.37
N SER C 136 31.33 -42.63 -7.58
CA SER C 136 29.90 -42.48 -7.83
C SER C 136 29.61 -42.93 -9.26
N LEU C 137 28.35 -43.27 -9.51
CA LEU C 137 27.88 -43.73 -10.81
C LEU C 137 27.11 -42.62 -11.49
N PHE C 138 27.51 -42.27 -12.71
CA PHE C 138 26.91 -41.20 -13.48
C PHE C 138 26.41 -41.74 -14.81
N TYR C 139 25.29 -41.20 -15.28
CA TYR C 139 24.76 -41.60 -16.57
C TYR C 139 25.61 -41.00 -17.70
N ARG C 140 25.53 -41.63 -18.87
CA ARG C 140 26.34 -41.18 -20.00
C ARG C 140 25.99 -39.75 -20.40
N LEU C 141 24.75 -39.32 -20.18
CA LEU C 141 24.31 -37.98 -20.56
C LEU C 141 24.63 -36.94 -19.50
N ASP C 142 25.55 -37.22 -18.58
CA ASP C 142 25.98 -36.26 -17.57
C ASP C 142 27.47 -36.00 -17.58
N VAL C 143 28.25 -36.72 -18.40
CA VAL C 143 29.70 -36.55 -18.45
C VAL C 143 30.13 -36.46 -19.91
N VAL C 144 31.29 -35.84 -20.11
CA VAL C 144 31.86 -35.66 -21.45
C VAL C 144 33.37 -35.84 -21.34
N GLN C 145 33.96 -36.49 -22.35
CA GLN C 145 35.39 -36.70 -22.37
C GLN C 145 36.13 -35.38 -22.55
N ILE C 146 37.28 -35.27 -21.90
CA ILE C 146 38.11 -34.07 -22.00
C ILE C 146 38.96 -34.13 -23.26
N GLU C 160 39.67 -37.99 -17.22
CA GLU C 160 39.27 -38.27 -18.59
C GLU C 160 37.89 -37.67 -18.89
N TYR C 161 37.07 -37.52 -17.86
CA TYR C 161 35.71 -37.03 -18.00
C TYR C 161 35.49 -35.81 -17.13
N ARG C 162 34.52 -34.99 -17.54
CA ARG C 162 34.07 -33.85 -16.74
C ARG C 162 32.56 -33.71 -16.93
N LEU C 163 31.92 -33.06 -15.96
CA LEU C 163 30.47 -32.93 -16.01
C LEU C 163 30.07 -32.07 -17.20
N ILE C 164 28.87 -32.34 -17.72
CA ILE C 164 28.39 -31.64 -18.91
C ILE C 164 28.27 -30.14 -18.63
N ASN C 165 27.85 -29.78 -17.43
CA ASN C 165 27.56 -28.39 -17.08
C ASN C 165 28.77 -27.63 -16.55
N CYS C 166 29.94 -28.25 -16.51
CA CYS C 166 31.09 -27.59 -15.88
C CYS C 166 31.49 -26.32 -16.62
N ASN C 167 31.63 -26.41 -17.95
CA ASN C 167 32.01 -25.23 -18.72
C ASN C 167 30.92 -24.18 -18.73
N THR C 168 29.69 -24.56 -18.35
CA THR C 168 28.60 -23.63 -18.12
C THR C 168 28.51 -23.37 -16.62
N SER C 169 27.69 -22.40 -16.22
CA SER C 169 27.57 -22.06 -14.81
C SER C 169 27.19 -23.29 -14.00
N ALA C 170 27.92 -23.50 -12.91
CA ALA C 170 27.61 -24.60 -12.01
C ALA C 170 26.30 -24.31 -11.28
N CYS C 171 25.55 -25.37 -11.00
CA CYS C 171 24.23 -25.28 -10.42
C CYS C 171 24.17 -25.93 -9.04
N THR C 172 23.08 -25.65 -8.34
CA THR C 172 22.90 -26.11 -6.97
C THR C 172 22.35 -27.54 -6.99
N GLN C 173 21.92 -28.03 -5.83
CA GLN C 173 21.34 -29.35 -5.69
C GLN C 173 19.93 -29.20 -5.13
N ALA C 174 18.97 -29.88 -5.74
CA ALA C 174 17.58 -29.79 -5.31
C ALA C 174 17.49 -30.16 -3.83
N CYS C 175 17.08 -29.19 -3.01
CA CYS C 175 17.03 -29.34 -1.56
C CYS C 175 16.35 -30.65 -1.21
N PRO C 176 17.05 -31.67 -0.69
CA PRO C 176 16.36 -32.95 -0.46
C PRO C 176 15.39 -32.84 0.72
N LYS C 177 14.11 -32.69 0.39
CA LYS C 177 13.00 -32.47 1.31
C LYS C 177 11.90 -31.71 0.57
N VAL C 178 12.29 -30.74 -0.25
CA VAL C 178 11.33 -29.94 -1.02
C VAL C 178 11.06 -30.70 -2.31
N SER C 179 10.04 -31.55 -2.28
CA SER C 179 9.67 -32.29 -3.47
C SER C 179 8.99 -31.38 -4.49
N PHE C 180 9.09 -31.76 -5.76
CA PHE C 180 8.52 -31.00 -6.86
C PHE C 180 7.23 -31.63 -7.36
N GLU C 181 6.54 -32.37 -6.50
CA GLU C 181 5.29 -33.03 -6.89
C GLU C 181 4.25 -31.97 -7.23
N PRO C 182 3.57 -32.05 -8.38
CA PRO C 182 2.63 -31.00 -8.75
C PRO C 182 1.51 -30.86 -7.73
N ILE C 183 1.12 -29.61 -7.46
CA ILE C 183 0.02 -29.29 -6.55
C ILE C 183 -0.92 -28.34 -7.29
N PRO C 184 -2.22 -28.61 -7.35
CA PRO C 184 -3.13 -27.65 -7.98
C PRO C 184 -3.01 -26.27 -7.34
N ILE C 185 -3.06 -25.24 -8.18
CA ILE C 185 -2.95 -23.85 -7.75
C ILE C 185 -4.15 -23.09 -8.30
N HIS C 186 -4.79 -22.30 -7.43
CA HIS C 186 -5.94 -21.49 -7.80
C HIS C 186 -5.51 -20.05 -8.02
N TYR C 187 -5.93 -19.49 -9.15
CA TYR C 187 -5.65 -18.10 -9.48
C TYR C 187 -6.92 -17.27 -9.29
N CYS C 188 -6.80 -16.19 -8.53
CA CYS C 188 -7.92 -15.30 -8.23
C CYS C 188 -7.50 -13.86 -8.50
N ALA C 189 -8.36 -13.12 -9.18
CA ALA C 189 -8.07 -11.73 -9.51
C ALA C 189 -8.35 -10.83 -8.30
N PRO C 190 -7.76 -9.64 -8.25
CA PRO C 190 -8.03 -8.73 -7.14
C PRO C 190 -9.44 -8.15 -7.22
N ALA C 191 -9.81 -7.48 -6.14
CA ALA C 191 -11.12 -6.81 -6.11
C ALA C 191 -11.18 -5.74 -7.18
N GLY C 192 -12.35 -5.58 -7.78
CA GLY C 192 -12.52 -4.69 -8.92
C GLY C 192 -12.27 -5.33 -10.26
N PHE C 193 -11.83 -6.58 -10.29
CA PHE C 193 -11.61 -7.33 -11.53
C PHE C 193 -12.37 -8.64 -11.46
N ALA C 194 -12.72 -9.17 -12.63
CA ALA C 194 -13.47 -10.41 -12.74
C ALA C 194 -12.84 -11.32 -13.78
N ILE C 195 -13.06 -12.62 -13.62
CA ILE C 195 -12.56 -13.63 -14.53
C ILE C 195 -13.75 -14.32 -15.17
N LEU C 196 -13.79 -14.32 -16.50
CA LEU C 196 -14.88 -14.93 -17.26
C LEU C 196 -14.41 -16.21 -17.91
N LYS C 197 -15.26 -17.23 -17.89
CA LYS C 197 -14.96 -18.52 -18.47
C LYS C 197 -16.11 -18.96 -19.37
N CYS C 198 -15.79 -19.37 -20.59
CA CYS C 198 -16.81 -19.92 -21.48
C CYS C 198 -17.18 -21.33 -21.05
N LYS C 199 -18.31 -21.81 -21.57
CA LYS C 199 -18.78 -23.15 -21.25
C LYS C 199 -19.31 -23.91 -22.45
N ASP C 200 -19.32 -23.32 -23.65
CA ASP C 200 -19.78 -24.05 -24.83
C ASP C 200 -18.82 -25.19 -25.14
N LYS C 201 -19.37 -26.37 -25.41
CA LYS C 201 -18.57 -27.55 -25.68
C LYS C 201 -17.93 -27.54 -27.07
N LYS C 202 -18.37 -26.64 -27.95
CA LYS C 202 -17.80 -26.52 -29.28
C LYS C 202 -16.81 -25.36 -29.39
N PHE C 203 -16.36 -24.83 -28.25
CA PHE C 203 -15.51 -23.65 -28.25
C PHE C 203 -14.24 -23.89 -29.04
N ASN C 204 -13.96 -22.99 -29.98
CA ASN C 204 -12.71 -23.02 -30.74
C ASN C 204 -11.65 -22.25 -29.96
N GLY C 205 -10.52 -21.98 -30.60
CA GLY C 205 -9.49 -21.19 -29.96
C GLY C 205 -9.94 -19.77 -29.65
N THR C 206 -10.60 -19.13 -30.63
CA THR C 206 -11.06 -17.76 -30.48
C THR C 206 -12.44 -17.63 -31.11
N GLY C 207 -13.34 -16.98 -30.39
CA GLY C 207 -14.68 -16.72 -30.90
C GLY C 207 -15.70 -16.53 -29.80
N PRO C 208 -16.85 -15.94 -30.14
CA PRO C 208 -17.89 -15.72 -29.12
C PRO C 208 -18.38 -17.03 -28.53
N CYS C 209 -18.71 -16.98 -27.24
CA CYS C 209 -19.28 -18.12 -26.53
C CYS C 209 -20.62 -17.70 -25.94
N PRO C 210 -21.74 -18.33 -26.30
CA PRO C 210 -23.04 -17.93 -25.74
C PRO C 210 -23.34 -18.47 -24.35
N SER C 211 -22.34 -19.02 -23.65
CA SER C 211 -22.52 -19.57 -22.31
C SER C 211 -21.50 -18.95 -21.35
N VAL C 212 -21.37 -17.63 -21.41
CA VAL C 212 -20.38 -16.94 -20.60
C VAL C 212 -20.75 -17.07 -19.12
N SER C 213 -19.73 -17.25 -18.28
CA SER C 213 -19.90 -17.26 -16.84
C SER C 213 -18.65 -16.68 -16.20
N THR C 214 -18.80 -16.20 -14.96
CA THR C 214 -17.71 -15.56 -14.24
C THR C 214 -17.52 -16.22 -12.88
N VAL C 215 -16.26 -16.34 -12.47
CA VAL C 215 -15.90 -16.91 -11.18
C VAL C 215 -14.68 -16.18 -10.65
N GLN C 216 -14.62 -16.02 -9.34
CA GLN C 216 -13.52 -15.25 -8.74
C GLN C 216 -12.21 -16.04 -8.76
N CYS C 217 -12.28 -17.37 -8.75
CA CYS C 217 -11.10 -18.21 -8.71
C CYS C 217 -11.27 -19.37 -9.69
N THR C 218 -10.19 -19.70 -10.39
CA THR C 218 -10.21 -20.80 -11.34
C THR C 218 -10.04 -22.14 -10.61
N HIS C 219 -10.44 -23.21 -11.29
CA HIS C 219 -10.32 -24.54 -10.72
C HIS C 219 -8.85 -24.92 -10.57
N GLY C 220 -8.61 -26.08 -9.97
CA GLY C 220 -7.25 -26.55 -9.77
C GLY C 220 -6.49 -26.72 -11.07
N ILE C 221 -5.33 -26.08 -11.17
CA ILE C 221 -4.49 -26.15 -12.35
C ILE C 221 -3.17 -26.80 -11.94
N LYS C 222 -2.91 -28.00 -12.45
CA LYS C 222 -1.67 -28.70 -12.13
C LYS C 222 -0.54 -28.18 -13.02
N PRO C 223 0.56 -27.68 -12.45
CA PRO C 223 1.64 -27.16 -13.30
C PRO C 223 2.58 -28.24 -13.81
N VAL C 224 2.15 -29.50 -13.75
CA VAL C 224 2.95 -30.64 -14.21
C VAL C 224 3.50 -30.34 -15.59
N VAL C 225 4.69 -30.87 -15.88
CA VAL C 225 5.46 -30.46 -17.05
C VAL C 225 5.53 -31.60 -18.05
N SER C 226 5.63 -31.24 -19.32
CA SER C 226 5.80 -32.20 -20.41
C SER C 226 6.15 -31.41 -21.67
N THR C 227 6.46 -32.13 -22.75
CA THR C 227 6.84 -31.50 -24.00
C THR C 227 6.05 -32.06 -25.18
N GLN C 228 5.65 -33.33 -25.11
CA GLN C 228 4.96 -33.98 -26.22
C GLN C 228 3.57 -34.45 -25.83
N LEU C 229 3.42 -35.15 -24.72
CA LEU C 229 2.13 -35.65 -24.26
C LEU C 229 1.74 -34.94 -22.98
N LEU C 230 0.55 -34.34 -22.97
CA LEU C 230 0.05 -33.71 -21.76
C LEU C 230 -0.24 -34.77 -20.71
N LEU C 231 0.16 -34.49 -19.47
CA LEU C 231 -0.01 -35.40 -18.35
C LEU C 231 -0.89 -34.75 -17.30
N ASN C 232 -1.89 -35.49 -16.82
CA ASN C 232 -2.76 -35.04 -15.74
C ASN C 232 -3.45 -33.73 -16.10
N GLY C 233 -3.76 -33.52 -17.37
CA GLY C 233 -4.47 -32.34 -17.79
C GLY C 233 -5.97 -32.48 -17.60
N SER C 234 -6.67 -31.38 -17.82
CA SER C 234 -8.13 -31.34 -17.75
C SER C 234 -8.69 -31.73 -19.11
N LEU C 235 -9.41 -32.85 -19.15
CA LEU C 235 -9.90 -33.37 -20.42
C LEU C 235 -11.04 -32.51 -20.95
N ALA C 236 -11.32 -32.68 -22.24
CA ALA C 236 -12.41 -31.96 -22.87
C ALA C 236 -13.75 -32.44 -22.31
N GLU C 237 -14.82 -31.78 -22.74
CA GLU C 237 -16.15 -32.10 -22.22
C GLU C 237 -16.77 -33.28 -22.94
N GLU C 238 -16.97 -33.16 -24.25
CA GLU C 238 -17.68 -34.17 -25.03
C GLU C 238 -16.81 -34.82 -26.10
N GLU C 239 -16.15 -34.03 -26.95
CA GLU C 239 -15.42 -34.56 -28.09
C GLU C 239 -14.01 -33.98 -28.11
N VAL C 240 -13.14 -34.65 -28.88
CA VAL C 240 -11.77 -34.17 -29.03
C VAL C 240 -11.78 -32.83 -29.74
N MET C 241 -11.10 -31.85 -29.16
CA MET C 241 -11.06 -30.49 -29.67
C MET C 241 -9.67 -30.18 -30.21
N ILE C 242 -9.62 -29.65 -31.43
CA ILE C 242 -8.36 -29.19 -32.02
C ILE C 242 -8.32 -27.68 -31.94
N ARG C 243 -7.74 -27.15 -30.88
CA ARG C 243 -7.67 -25.72 -30.65
C ARG C 243 -6.40 -25.16 -31.29
N SER C 244 -6.57 -24.30 -32.29
CA SER C 244 -5.43 -23.75 -33.00
C SER C 244 -5.80 -22.42 -33.63
N GLU C 245 -4.87 -21.49 -33.60
CA GLU C 245 -4.94 -20.27 -34.41
C GLU C 245 -4.50 -20.66 -35.81
N ASN C 246 -4.11 -19.68 -36.65
CA ASN C 246 -3.95 -19.89 -38.09
C ASN C 246 -3.45 -21.28 -38.40
N ILE C 247 -4.21 -22.03 -39.19
CA ILE C 247 -4.01 -23.48 -39.32
C ILE C 247 -3.30 -23.77 -40.64
N THR C 248 -3.61 -22.98 -41.68
CA THR C 248 -2.88 -23.11 -42.93
C THR C 248 -1.40 -22.81 -42.75
N ASN C 249 -1.04 -22.06 -41.71
CA ASN C 249 0.36 -21.78 -41.41
C ASN C 249 0.94 -22.94 -40.62
N ASN C 250 1.94 -23.60 -41.18
CA ASN C 250 2.58 -24.74 -40.52
C ASN C 250 3.54 -24.32 -39.42
N ALA C 251 3.86 -23.03 -39.31
CA ALA C 251 4.88 -22.59 -38.36
C ALA C 251 4.41 -22.60 -36.91
N LYS C 252 3.11 -22.72 -36.67
CA LYS C 252 2.56 -22.65 -35.31
C LYS C 252 1.99 -24.00 -34.92
N ASN C 253 2.08 -24.31 -33.63
CA ASN C 253 1.73 -25.65 -33.15
C ASN C 253 0.22 -25.85 -33.17
N ILE C 254 -0.17 -27.12 -33.23
CA ILE C 254 -1.57 -27.53 -33.14
C ILE C 254 -1.76 -28.23 -31.80
N LEU C 255 -2.71 -27.75 -31.01
CA LEU C 255 -2.97 -28.28 -29.68
C LEU C 255 -4.23 -29.15 -29.73
N VAL C 256 -4.10 -30.40 -29.26
CA VAL C 256 -5.18 -31.38 -29.29
C VAL C 256 -5.48 -31.80 -27.86
N GLN C 257 -6.77 -31.83 -27.52
CA GLN C 257 -7.24 -32.23 -26.20
C GLN C 257 -8.20 -33.40 -26.37
N PHE C 258 -7.89 -34.52 -25.72
CA PHE C 258 -8.71 -35.72 -25.82
C PHE C 258 -9.97 -35.58 -24.96
N ASN C 259 -10.81 -36.61 -25.00
CA ASN C 259 -12.04 -36.66 -24.22
C ASN C 259 -12.11 -37.83 -23.25
N THR C 260 -11.37 -38.91 -23.50
CA THR C 260 -11.27 -40.02 -22.57
C THR C 260 -9.80 -40.27 -22.26
N PRO C 261 -9.40 -40.32 -20.98
CA PRO C 261 -7.98 -40.45 -20.68
C PRO C 261 -7.43 -41.80 -21.14
N VAL C 262 -6.16 -41.79 -21.53
CA VAL C 262 -5.44 -43.00 -21.91
C VAL C 262 -4.37 -43.24 -20.85
N GLN C 263 -4.51 -44.32 -20.10
CA GLN C 263 -3.59 -44.57 -19.00
C GLN C 263 -2.18 -44.82 -19.51
N ILE C 264 -1.21 -44.22 -18.83
CA ILE C 264 0.21 -44.39 -19.15
C ILE C 264 0.93 -44.86 -17.89
N ASN C 265 1.73 -45.90 -18.03
CA ASN C 265 2.53 -46.45 -16.94
C ASN C 265 4.00 -46.15 -17.21
N CYS C 266 4.70 -45.64 -16.21
CA CYS C 266 6.14 -45.42 -16.29
C CYS C 266 6.79 -45.90 -15.00
N THR C 267 7.93 -46.58 -15.13
CA THR C 267 8.60 -47.14 -13.97
C THR C 267 10.10 -47.17 -14.22
N ARG C 268 10.86 -47.13 -13.13
CA ARG C 268 12.30 -47.30 -13.16
C ARG C 268 12.66 -48.63 -12.49
N PRO C 269 13.15 -49.62 -13.22
CA PRO C 269 13.33 -50.95 -12.61
C PRO C 269 14.52 -51.04 -11.66
N ASN C 270 15.48 -50.13 -11.75
CA ASN C 270 16.67 -50.23 -10.92
C ASN C 270 16.36 -50.02 -9.45
N ASN C 271 17.04 -50.77 -8.59
CA ASN C 271 16.96 -50.59 -7.13
C ASN C 271 18.17 -49.75 -6.71
N ASN C 272 18.10 -48.46 -7.01
CA ASN C 272 19.20 -47.56 -6.73
C ASN C 272 19.33 -47.29 -5.24
N THR C 273 20.53 -46.93 -4.83
CA THR C 273 20.82 -46.54 -3.45
C THR C 273 21.54 -45.20 -3.46
N ARG C 274 21.40 -44.47 -2.34
CA ARG C 274 21.92 -43.12 -2.22
C ARG C 274 23.06 -43.08 -1.21
N LYS C 275 24.14 -42.39 -1.56
CA LYS C 275 25.29 -42.19 -0.70
C LYS C 275 25.44 -40.70 -0.42
N SER C 276 25.64 -40.36 0.84
CA SER C 276 25.79 -38.96 1.27
C SER C 276 27.26 -38.66 1.47
N ILE C 277 27.76 -37.62 0.79
CA ILE C 277 29.15 -37.20 0.87
C ILE C 277 29.17 -35.76 1.35
N ARG C 278 29.94 -35.49 2.41
CA ARG C 278 30.08 -34.15 2.93
C ARG C 278 31.09 -33.37 2.09
N ILE C 279 30.70 -32.16 1.68
CA ILE C 279 31.52 -31.35 0.78
C ILE C 279 32.22 -30.25 1.57
N GLY C 280 31.53 -29.73 2.60
CA GLY C 280 32.07 -28.64 3.38
C GLY C 280 31.37 -28.53 4.72
N PRO C 281 31.59 -27.42 5.42
CA PRO C 281 30.93 -27.23 6.72
C PRO C 281 29.42 -27.10 6.58
N GLY C 282 28.69 -28.09 7.07
CA GLY C 282 27.24 -28.06 6.97
C GLY C 282 26.73 -28.05 5.54
N GLN C 283 27.41 -28.76 4.65
CA GLN C 283 27.02 -28.84 3.24
C GLN C 283 27.31 -30.24 2.75
N ALA C 284 26.25 -30.98 2.39
CA ALA C 284 26.37 -32.37 1.99
C ALA C 284 25.88 -32.55 0.56
N PHE C 285 26.48 -33.50 -0.14
CA PHE C 285 26.11 -33.87 -1.50
C PHE C 285 25.77 -35.35 -1.55
N TYR C 286 24.71 -35.68 -2.27
CA TYR C 286 24.21 -37.05 -2.37
C TYR C 286 24.55 -37.61 -3.75
N ALA C 287 25.17 -38.78 -3.77
CA ALA C 287 25.62 -39.42 -5.00
C ALA C 287 24.81 -40.69 -5.25
N THR C 288 25.12 -41.35 -6.36
CA THR C 288 24.43 -42.56 -6.78
C THR C 288 25.30 -43.79 -6.51
N GLY C 289 24.64 -44.93 -6.41
CA GLY C 289 25.33 -46.19 -6.22
C GLY C 289 25.72 -46.44 -4.78
N ASP C 290 26.20 -47.66 -4.51
CA ASP C 290 26.34 -48.76 -5.47
C ASP C 290 24.98 -49.37 -5.78
N ILE C 291 24.70 -49.56 -7.06
CA ILE C 291 23.40 -50.11 -7.47
C ILE C 291 23.28 -51.55 -7.01
N ILE C 292 22.03 -51.97 -6.77
CA ILE C 292 21.69 -53.30 -6.31
C ILE C 292 20.74 -53.93 -7.31
N GLY C 293 21.01 -55.19 -7.66
CA GLY C 293 20.13 -55.92 -8.55
C GLY C 293 20.55 -55.82 -10.01
N ASP C 294 19.59 -56.13 -10.88
CA ASP C 294 19.84 -56.15 -12.31
C ASP C 294 19.91 -54.73 -12.87
N ILE C 295 20.28 -54.64 -14.15
CA ILE C 295 20.41 -53.38 -14.85
C ILE C 295 19.43 -53.43 -16.03
N ARG C 296 18.28 -52.80 -15.87
CA ARG C 296 17.22 -52.81 -16.87
C ARG C 296 16.86 -51.39 -17.26
N GLN C 297 16.59 -51.19 -18.54
CA GLN C 297 16.26 -49.86 -19.05
C GLN C 297 14.89 -49.43 -18.55
N ALA C 298 14.77 -48.15 -18.21
CA ALA C 298 13.47 -47.59 -17.86
C ALA C 298 12.55 -47.66 -19.06
N HIS C 299 11.28 -48.00 -18.82
CA HIS C 299 10.31 -48.16 -19.88
C HIS C 299 8.95 -47.65 -19.42
N CYS C 300 8.18 -47.14 -20.38
CA CYS C 300 6.81 -46.70 -20.15
C CYS C 300 5.86 -47.55 -20.99
N ASN C 301 4.65 -47.72 -20.49
CA ASN C 301 3.68 -48.62 -21.11
C ASN C 301 2.35 -47.90 -21.33
N VAL C 302 1.78 -48.10 -22.52
CA VAL C 302 0.47 -47.58 -22.87
C VAL C 302 -0.28 -48.66 -23.63
N SER C 303 -1.57 -48.81 -23.34
CA SER C 303 -2.36 -49.87 -23.97
C SER C 303 -2.43 -49.66 -25.47
N LYS C 304 -2.27 -50.75 -26.22
CA LYS C 304 -2.31 -50.67 -27.67
C LYS C 304 -3.73 -50.39 -28.16
N ALA C 305 -4.72 -51.10 -27.63
CA ALA C 305 -6.09 -50.92 -28.09
C ALA C 305 -6.59 -49.50 -27.80
N THR C 306 -6.29 -48.99 -26.60
CA THR C 306 -6.75 -47.65 -26.24
C THR C 306 -6.12 -46.60 -27.13
N TRP C 307 -4.82 -46.71 -27.41
CA TRP C 307 -4.15 -45.69 -28.21
C TRP C 307 -4.69 -45.66 -29.64
N ASN C 308 -4.90 -46.84 -30.24
CA ASN C 308 -5.41 -46.87 -31.61
C ASN C 308 -6.78 -46.22 -31.70
N GLU C 309 -7.66 -46.51 -30.73
CA GLU C 309 -8.96 -45.84 -30.69
C GLU C 309 -8.81 -44.34 -30.49
N THR C 310 -7.92 -43.93 -29.60
CA THR C 310 -7.73 -42.50 -29.34
C THR C 310 -7.22 -41.79 -30.58
N LEU C 311 -6.23 -42.37 -31.25
CA LEU C 311 -5.72 -41.76 -32.47
C LEU C 311 -6.78 -41.74 -33.57
N GLY C 312 -7.57 -42.82 -33.67
CA GLY C 312 -8.64 -42.83 -34.65
C GLY C 312 -9.64 -41.72 -34.46
N LYS C 313 -9.96 -41.40 -33.20
CA LYS C 313 -10.86 -40.30 -32.92
C LYS C 313 -10.23 -38.96 -33.27
N VAL C 314 -8.93 -38.81 -33.03
CA VAL C 314 -8.25 -37.54 -33.31
C VAL C 314 -8.27 -37.26 -34.81
N VAL C 315 -7.97 -38.27 -35.62
CA VAL C 315 -7.97 -38.06 -37.07
C VAL C 315 -9.38 -37.78 -37.57
N LYS C 316 -10.38 -38.43 -36.97
CA LYS C 316 -11.76 -38.21 -37.40
C LYS C 316 -12.15 -36.74 -37.27
N GLN C 317 -11.92 -36.16 -36.10
CA GLN C 317 -12.18 -34.73 -35.92
C GLN C 317 -11.22 -33.89 -36.74
N LEU C 318 -9.95 -34.31 -36.82
CA LEU C 318 -8.98 -33.56 -37.61
C LEU C 318 -9.34 -33.55 -39.09
N ARG C 319 -9.96 -34.62 -39.58
CA ARG C 319 -10.35 -34.69 -40.98
C ARG C 319 -11.44 -33.69 -41.35
N LYS C 320 -12.12 -33.12 -40.35
CA LYS C 320 -13.14 -32.11 -40.65
C LYS C 320 -12.53 -30.77 -41.05
N HIS C 321 -11.25 -30.56 -40.75
CA HIS C 321 -10.57 -29.31 -41.10
C HIS C 321 -9.67 -29.46 -42.33
N PHE C 322 -9.54 -30.67 -42.87
CA PHE C 322 -8.70 -30.92 -44.03
C PHE C 322 -9.46 -31.82 -45.00
N GLY C 323 -8.80 -32.19 -46.09
CA GLY C 323 -9.45 -33.03 -47.08
C GLY C 323 -9.84 -34.37 -46.51
N ASN C 324 -10.98 -34.89 -46.99
CA ASN C 324 -11.46 -36.17 -46.52
C ASN C 324 -10.68 -37.33 -47.13
N ASN C 325 -10.26 -37.21 -48.38
CA ASN C 325 -9.52 -38.28 -49.05
C ASN C 325 -8.03 -38.23 -48.77
N THR C 326 -7.55 -37.22 -48.06
CA THR C 326 -6.12 -37.13 -47.75
C THR C 326 -5.71 -38.29 -46.84
N ILE C 327 -4.52 -38.82 -47.09
CA ILE C 327 -3.99 -39.93 -46.33
C ILE C 327 -3.17 -39.35 -45.18
N ILE C 328 -3.75 -39.30 -44.00
CA ILE C 328 -3.08 -38.73 -42.83
C ILE C 328 -2.04 -39.73 -42.35
N ARG C 329 -0.82 -39.24 -42.12
CA ARG C 329 0.29 -40.06 -41.63
C ARG C 329 0.86 -39.44 -40.37
N PHE C 330 1.57 -40.26 -39.60
CA PHE C 330 2.22 -39.83 -38.38
C PHE C 330 3.66 -40.31 -38.37
N ALA C 331 4.52 -39.55 -37.71
CA ALA C 331 5.94 -39.87 -37.64
C ALA C 331 6.52 -39.25 -36.38
N ASN C 332 7.70 -39.73 -36.00
CA ASN C 332 8.38 -39.22 -34.82
C ASN C 332 8.84 -37.78 -35.07
N SER C 333 9.48 -37.19 -34.05
CA SER C 333 9.93 -35.82 -34.15
C SER C 333 10.95 -35.66 -35.28
N SER C 334 11.25 -34.41 -35.60
CA SER C 334 12.16 -34.07 -36.69
C SER C 334 13.60 -33.90 -36.20
N GLY C 335 13.97 -34.50 -35.09
CA GLY C 335 15.32 -34.42 -34.58
C GLY C 335 15.59 -33.10 -33.89
N GLY C 336 16.81 -32.99 -33.36
CA GLY C 336 17.23 -31.79 -32.65
C GLY C 336 17.83 -32.09 -31.29
N ASP C 337 17.77 -31.13 -30.39
CA ASP C 337 18.32 -31.33 -29.05
C ASP C 337 17.46 -32.31 -28.26
N LEU C 338 18.09 -32.94 -27.26
CA LEU C 338 17.38 -33.93 -26.45
C LEU C 338 16.25 -33.30 -25.65
N GLU C 339 16.36 -32.00 -25.34
CA GLU C 339 15.34 -31.34 -24.53
C GLU C 339 14.00 -31.34 -25.25
N VAL C 340 13.99 -31.05 -26.54
CA VAL C 340 12.75 -30.94 -27.31
C VAL C 340 12.46 -32.16 -28.17
N THR C 341 13.46 -33.01 -28.42
CA THR C 341 13.26 -34.15 -29.29
C THR C 341 12.46 -35.27 -28.62
N THR C 342 12.52 -35.36 -27.29
CA THR C 342 11.97 -36.49 -26.56
C THR C 342 10.97 -36.03 -25.51
N HIS C 343 10.08 -36.94 -25.15
CA HIS C 343 9.10 -36.66 -24.10
C HIS C 343 9.80 -36.51 -22.75
N SER C 344 9.28 -35.60 -21.93
CA SER C 344 9.87 -35.30 -20.64
C SER C 344 8.79 -35.26 -19.56
N PHE C 345 9.16 -35.67 -18.35
CA PHE C 345 8.28 -35.54 -17.20
C PHE C 345 9.13 -35.70 -15.93
N ASN C 346 8.52 -35.38 -14.79
CA ASN C 346 9.21 -35.29 -13.51
C ASN C 346 8.50 -36.16 -12.48
N CYS C 347 8.21 -37.40 -12.85
CA CYS C 347 7.54 -38.33 -11.94
C CYS C 347 8.49 -38.76 -10.83
N GLY C 348 8.02 -38.69 -9.59
CA GLY C 348 8.81 -39.16 -8.47
C GLY C 348 10.06 -38.37 -8.18
N GLY C 349 10.19 -37.18 -8.75
CA GLY C 349 11.36 -36.35 -8.54
C GLY C 349 12.56 -36.72 -9.39
N GLU C 350 12.45 -37.75 -10.23
CA GLU C 350 13.53 -38.16 -11.12
C GLU C 350 13.08 -37.92 -12.56
N PHE C 351 13.91 -37.19 -13.31
CA PHE C 351 13.54 -36.79 -14.66
C PHE C 351 13.73 -37.93 -15.64
N PHE C 352 12.83 -38.03 -16.61
CA PHE C 352 12.88 -39.02 -17.66
C PHE C 352 12.81 -38.34 -19.02
N TYR C 353 13.74 -38.68 -19.91
CA TYR C 353 13.68 -38.30 -21.31
C TYR C 353 13.44 -39.56 -22.12
N CYS C 354 12.33 -39.61 -22.84
CA CYS C 354 11.84 -40.86 -23.40
C CYS C 354 11.59 -40.71 -24.90
N ASN C 355 11.94 -41.75 -25.65
CA ASN C 355 11.82 -41.76 -27.09
C ASN C 355 10.47 -42.35 -27.47
N THR C 356 9.63 -41.54 -28.12
CA THR C 356 8.23 -41.88 -28.40
C THR C 356 8.00 -42.22 -29.86
N SER C 357 8.97 -42.87 -30.50
CA SER C 357 8.81 -43.23 -31.91
C SER C 357 7.72 -44.27 -32.11
N GLY C 358 7.34 -45.01 -31.07
CA GLY C 358 6.36 -46.07 -31.23
C GLY C 358 4.92 -45.61 -31.19
N LEU C 359 4.66 -44.39 -30.74
CA LEU C 359 3.31 -43.86 -30.63
C LEU C 359 2.86 -43.10 -31.87
N PHE C 360 3.71 -43.03 -32.91
CA PHE C 360 3.35 -42.29 -34.12
C PHE C 360 3.71 -43.07 -35.39
N ASN C 361 3.87 -44.39 -35.29
CA ASN C 361 4.24 -45.22 -36.43
C ASN C 361 2.98 -45.88 -36.99
N SER C 362 2.19 -45.08 -37.72
CA SER C 362 0.97 -45.59 -38.32
C SER C 362 0.56 -44.67 -39.46
N THR C 363 -0.28 -45.23 -40.34
CA THR C 363 -0.88 -44.48 -41.44
C THR C 363 -2.36 -44.79 -41.49
N TRP C 364 -3.15 -43.78 -41.89
CA TRP C 364 -4.60 -43.87 -41.86
C TRP C 364 -5.13 -43.73 -43.29
N ILE C 365 -5.91 -44.71 -43.73
CA ILE C 365 -6.56 -44.70 -45.03
C ILE C 365 -8.04 -44.40 -44.81
N SER C 366 -8.63 -43.69 -45.76
CA SER C 366 -10.07 -43.40 -45.67
C SER C 366 -10.86 -44.70 -45.66
N ASN C 367 -11.87 -44.75 -44.79
CA ASN C 367 -12.69 -45.95 -44.64
C ASN C 367 -11.84 -47.13 -44.18
N ASN C 379 0.67 -57.28 -26.86
CA ASN C 379 -0.43 -56.67 -27.61
C ASN C 379 -1.18 -55.65 -26.76
N ASP C 380 -1.05 -55.77 -25.44
CA ASP C 380 -1.75 -54.91 -24.50
C ASP C 380 -0.90 -53.74 -24.03
N SER C 381 0.29 -53.56 -24.60
CA SER C 381 1.17 -52.49 -24.14
C SER C 381 2.19 -52.18 -25.24
N ILE C 382 2.80 -51.00 -25.11
CA ILE C 382 3.90 -50.57 -25.97
C ILE C 382 5.11 -50.31 -25.08
N THR C 383 6.26 -50.86 -25.47
CA THR C 383 7.50 -50.65 -24.73
C THR C 383 8.19 -49.41 -25.28
N LEU C 384 8.35 -48.39 -24.44
CA LEU C 384 8.98 -47.14 -24.82
C LEU C 384 10.35 -47.04 -24.16
N PRO C 385 11.45 -47.23 -24.89
CA PRO C 385 12.77 -47.09 -24.25
C PRO C 385 13.00 -45.67 -23.79
N CYS C 386 13.11 -45.50 -22.48
CA CYS C 386 13.22 -44.19 -21.86
C CYS C 386 14.68 -43.89 -21.55
N ARG C 387 14.94 -42.68 -21.08
CA ARG C 387 16.29 -42.25 -20.71
C ARG C 387 16.20 -41.32 -19.51
N ILE C 388 17.29 -41.27 -18.75
CA ILE C 388 17.36 -40.50 -17.51
C ILE C 388 18.58 -39.58 -17.58
N LYS C 389 18.42 -38.35 -17.09
CA LYS C 389 19.51 -37.37 -17.05
C LYS C 389 19.42 -36.63 -15.71
N GLN C 390 20.30 -36.99 -14.77
CA GLN C 390 20.25 -36.37 -13.45
C GLN C 390 20.52 -34.87 -13.53
N ILE C 391 21.51 -34.46 -14.32
CA ILE C 391 21.79 -33.04 -14.49
C ILE C 391 20.71 -32.46 -15.41
N ILE C 392 19.98 -31.47 -14.90
CA ILE C 392 18.80 -30.95 -15.57
C ILE C 392 19.02 -29.48 -15.90
N ASN C 393 18.79 -29.13 -17.16
CA ASN C 393 18.71 -27.75 -17.58
C ASN C 393 17.24 -27.39 -17.75
N MET C 394 16.77 -26.44 -16.94
CA MET C 394 15.38 -26.02 -16.94
C MET C 394 15.17 -25.07 -18.11
N TRP C 395 14.10 -24.25 -18.07
CA TRP C 395 13.68 -23.42 -19.20
C TRP C 395 14.89 -22.82 -19.92
N GLN C 396 14.75 -22.62 -21.24
CA GLN C 396 15.89 -22.44 -22.13
C GLN C 396 16.79 -21.28 -21.73
N ARG C 397 16.43 -20.54 -20.68
CA ARG C 397 17.40 -19.70 -19.99
C ARG C 397 18.62 -20.58 -19.68
N ILE C 398 19.75 -20.29 -20.32
CA ILE C 398 20.89 -21.20 -20.27
C ILE C 398 21.77 -20.99 -19.04
N GLY C 399 21.61 -19.88 -18.33
CA GLY C 399 22.46 -19.60 -17.19
C GLY C 399 22.11 -20.34 -15.92
N GLN C 400 21.06 -21.16 -15.93
CA GLN C 400 20.60 -21.87 -14.76
C GLN C 400 20.66 -23.37 -14.98
N CYS C 401 20.49 -24.11 -13.89
CA CYS C 401 20.61 -25.56 -13.85
C CYS C 401 20.30 -26.02 -12.42
N MET C 402 20.21 -27.34 -12.25
CA MET C 402 19.97 -27.92 -10.95
C MET C 402 20.35 -29.40 -10.98
N TYR C 403 20.50 -29.98 -9.79
CA TYR C 403 20.84 -31.38 -9.63
C TYR C 403 19.64 -32.15 -9.11
N ALA C 404 19.48 -33.39 -9.60
CA ALA C 404 18.37 -34.25 -9.20
C ALA C 404 18.92 -35.45 -8.46
N PRO C 405 18.93 -35.47 -7.13
CA PRO C 405 19.51 -36.62 -6.42
C PRO C 405 18.67 -37.85 -6.62
N PRO C 406 19.27 -39.04 -6.53
CA PRO C 406 18.50 -40.27 -6.72
C PRO C 406 17.59 -40.55 -5.53
N ILE C 407 16.69 -41.51 -5.73
CA ILE C 407 15.75 -41.96 -4.70
C ILE C 407 15.89 -43.47 -4.55
N GLN C 408 15.94 -43.93 -3.31
CA GLN C 408 16.13 -45.35 -3.05
C GLN C 408 14.96 -46.16 -3.60
N GLY C 409 15.27 -47.34 -4.13
CA GLY C 409 14.24 -48.26 -4.56
C GLY C 409 13.68 -47.92 -5.93
N VAL C 410 12.77 -48.78 -6.38
CA VAL C 410 12.14 -48.56 -7.68
C VAL C 410 11.09 -47.47 -7.56
N ILE C 411 10.80 -46.83 -8.69
CA ILE C 411 9.82 -45.75 -8.77
C ILE C 411 8.76 -46.16 -9.79
N ARG C 412 7.50 -46.06 -9.40
CA ARG C 412 6.37 -46.38 -10.25
C ARG C 412 5.55 -45.13 -10.53
N CYS C 413 4.98 -45.07 -11.72
CA CYS C 413 4.21 -43.90 -12.16
C CYS C 413 2.90 -44.34 -12.80
N VAL C 414 1.83 -43.61 -12.49
CA VAL C 414 0.53 -43.81 -13.11
C VAL C 414 -0.01 -42.42 -13.42
N SER C 415 -0.10 -42.09 -14.71
CA SER C 415 -0.57 -40.79 -15.16
C SER C 415 -1.61 -40.98 -16.26
N ASN C 416 -2.20 -39.87 -16.68
CA ASN C 416 -3.24 -39.86 -17.70
C ASN C 416 -2.77 -39.04 -18.90
N ILE C 417 -2.95 -39.59 -20.09
CA ILE C 417 -2.67 -38.86 -21.32
C ILE C 417 -3.94 -38.14 -21.74
N THR C 418 -3.86 -36.81 -21.84
CA THR C 418 -5.02 -35.98 -22.12
C THR C 418 -4.95 -35.27 -23.47
N GLY C 419 -3.81 -35.27 -24.13
CA GLY C 419 -3.70 -34.60 -25.42
C GLY C 419 -2.27 -34.64 -25.93
N LEU C 420 -2.10 -34.02 -27.09
CA LEU C 420 -0.82 -33.96 -27.77
C LEU C 420 -0.58 -32.54 -28.27
N ILE C 421 0.69 -32.22 -28.48
CA ILE C 421 1.10 -30.94 -29.05
C ILE C 421 1.84 -31.26 -30.33
N LEU C 422 1.12 -31.29 -31.44
CA LEU C 422 1.69 -31.65 -32.73
C LEU C 422 2.15 -30.41 -33.49
N THR C 423 2.95 -30.64 -34.53
CA THR C 423 3.43 -29.59 -35.40
C THR C 423 3.24 -30.01 -36.85
N ARG C 424 2.97 -29.03 -37.70
CA ARG C 424 2.66 -29.28 -39.11
C ARG C 424 3.93 -29.19 -39.94
N ASP C 425 4.19 -30.22 -40.74
CA ASP C 425 5.37 -30.25 -41.59
C ASP C 425 5.14 -29.45 -42.86
N GLY C 426 6.18 -28.74 -43.29
CA GLY C 426 6.10 -27.93 -44.49
C GLY C 426 6.44 -28.72 -45.75
N GLY C 427 6.41 -28.01 -46.87
CA GLY C 427 6.72 -28.61 -48.16
C GLY C 427 5.61 -29.41 -48.78
N SER C 428 4.41 -29.39 -48.20
CA SER C 428 3.29 -30.13 -48.76
C SER C 428 2.93 -29.58 -50.14
N THR C 429 2.67 -30.49 -51.08
CA THR C 429 2.32 -30.13 -52.45
C THR C 429 0.85 -30.49 -52.68
N ASN C 430 0.05 -29.51 -53.08
CA ASN C 430 -1.37 -29.67 -53.38
C ASN C 430 -2.19 -30.07 -52.16
N SER C 431 -1.62 -30.02 -50.96
CA SER C 431 -2.33 -30.36 -49.72
C SER C 431 -2.97 -31.73 -49.83
N THR C 432 -2.13 -32.74 -50.03
CA THR C 432 -2.56 -34.14 -50.12
C THR C 432 -1.64 -35.01 -49.29
N THR C 433 -2.23 -36.00 -48.61
CA THR C 433 -1.50 -36.91 -47.75
C THR C 433 -0.66 -36.15 -46.73
N GLU C 434 -1.34 -35.30 -45.97
CA GLU C 434 -0.69 -34.46 -44.98
C GLU C 434 -0.31 -35.27 -43.75
N THR C 435 0.78 -34.86 -43.10
CA THR C 435 1.30 -35.54 -41.93
C THR C 435 1.67 -34.53 -40.86
N PHE C 436 1.65 -34.98 -39.61
CA PHE C 436 2.02 -34.19 -38.46
C PHE C 436 3.04 -34.95 -37.63
N ARG C 437 3.87 -34.21 -36.90
CA ARG C 437 4.85 -34.79 -36.00
C ARG C 437 4.77 -34.08 -34.64
N PRO C 438 5.04 -34.80 -33.56
CA PRO C 438 5.11 -34.14 -32.25
C PRO C 438 6.31 -33.20 -32.20
N GLY C 439 6.15 -32.14 -31.42
CA GLY C 439 7.20 -31.14 -31.32
C GLY C 439 6.89 -30.04 -30.32
N GLY C 440 7.13 -28.80 -30.70
CA GLY C 440 6.91 -27.69 -29.80
C GLY C 440 7.80 -27.78 -28.58
N GLY C 441 7.22 -28.13 -27.44
CA GLY C 441 7.95 -28.25 -26.20
C GLY C 441 7.99 -27.00 -25.36
N ASP C 442 7.51 -25.87 -25.87
CA ASP C 442 7.46 -24.66 -25.08
C ASP C 442 6.47 -24.84 -23.93
N MET C 443 6.86 -24.42 -22.73
CA MET C 443 6.03 -24.63 -21.55
C MET C 443 4.74 -23.83 -21.61
N ARG C 444 4.69 -22.74 -22.37
CA ARG C 444 3.48 -21.93 -22.42
C ARG C 444 2.31 -22.72 -22.99
N ASP C 445 2.56 -23.53 -24.02
CA ASP C 445 1.47 -24.27 -24.66
C ASP C 445 0.81 -25.24 -23.69
N ASN C 446 1.56 -25.81 -22.75
CA ASN C 446 0.98 -26.78 -21.83
C ASN C 446 -0.11 -26.13 -20.97
N TRP C 447 0.15 -24.93 -20.47
CA TRP C 447 -0.85 -24.24 -19.66
C TRP C 447 -1.97 -23.64 -20.52
N ARG C 448 -1.67 -23.32 -21.78
CA ARG C 448 -2.71 -22.78 -22.65
C ARG C 448 -3.89 -23.73 -22.76
N SER C 449 -3.63 -25.04 -22.68
CA SER C 449 -4.73 -26.01 -22.69
C SER C 449 -5.58 -25.93 -21.43
N GLU C 450 -5.10 -25.25 -20.39
CA GLU C 450 -5.85 -25.10 -19.14
C GLU C 450 -6.37 -23.69 -18.92
N LEU C 451 -5.79 -22.68 -19.55
CA LEU C 451 -6.17 -21.29 -19.36
C LEU C 451 -6.91 -20.72 -20.57
N TYR C 452 -7.26 -21.54 -21.55
CA TYR C 452 -7.94 -21.02 -22.74
C TYR C 452 -9.33 -20.50 -22.40
N LYS C 453 -10.01 -21.09 -21.42
CA LYS C 453 -11.35 -20.64 -21.08
C LYS C 453 -11.33 -19.32 -20.32
N TYR C 454 -10.33 -19.11 -19.47
CA TYR C 454 -10.36 -18.03 -18.50
C TYR C 454 -9.68 -16.78 -19.06
N LYS C 455 -10.36 -15.63 -18.92
CA LYS C 455 -9.82 -14.34 -19.27
C LYS C 455 -10.16 -13.35 -18.18
N VAL C 456 -9.34 -12.30 -18.06
CA VAL C 456 -9.48 -11.31 -17.00
C VAL C 456 -10.07 -10.04 -17.60
N VAL C 457 -11.08 -9.48 -16.92
CA VAL C 457 -11.76 -8.27 -17.36
C VAL C 457 -11.83 -7.30 -16.19
N LYS C 458 -12.07 -6.03 -16.52
CA LYS C 458 -12.12 -4.94 -15.56
C LYS C 458 -13.55 -4.42 -15.45
N ILE C 459 -13.93 -4.01 -14.24
CA ILE C 459 -15.27 -3.52 -13.96
C ILE C 459 -15.27 -2.00 -14.04
N GLU C 460 -16.20 -1.44 -14.81
CA GLU C 460 -16.37 0.00 -14.94
C GLU C 460 -17.68 0.41 -14.28
N PRO C 461 -17.69 0.56 -12.94
CA PRO C 461 -18.97 0.84 -12.27
C PRO C 461 -19.64 2.14 -12.70
N LEU C 462 -18.87 3.17 -13.04
CA LEU C 462 -19.45 4.47 -13.35
C LEU C 462 -20.19 4.42 -14.68
N GLY C 463 -21.21 5.27 -14.78
CA GLY C 463 -22.00 5.34 -16.00
C GLY C 463 -22.95 6.51 -15.96
N VAL C 464 -23.43 6.89 -17.15
CA VAL C 464 -24.37 7.99 -17.30
C VAL C 464 -25.53 7.52 -18.16
N ALA C 465 -26.75 7.84 -17.74
CA ALA C 465 -27.96 7.43 -18.44
C ALA C 465 -28.83 8.65 -18.72
N PRO C 466 -29.39 8.81 -19.92
CA PRO C 466 -30.26 9.96 -20.18
C PRO C 466 -31.71 9.72 -19.81
N THR C 467 -32.28 10.59 -18.99
CA THR C 467 -33.70 10.55 -18.66
C THR C 467 -34.11 11.94 -18.20
N ARG C 468 -35.36 12.07 -17.75
CA ARG C 468 -35.94 13.37 -17.41
C ARG C 468 -35.68 13.64 -15.92
N CYS C 469 -34.53 14.25 -15.62
CA CYS C 469 -34.12 14.55 -14.26
C CYS C 469 -34.16 16.04 -13.98
N LYS C 470 -34.71 16.41 -12.83
CA LYS C 470 -34.69 17.78 -12.33
C LYS C 470 -34.14 17.75 -10.91
N ARG C 471 -32.88 18.17 -10.74
CA ARG C 471 -32.28 18.19 -9.42
C ARG C 471 -33.02 19.17 -8.51
N ARG C 472 -33.17 18.78 -7.24
CA ARG C 472 -33.85 19.60 -6.26
C ARG C 472 -32.94 20.75 -5.85
N VAL C 473 -33.14 21.92 -6.46
CA VAL C 473 -32.32 23.08 -6.15
C VAL C 473 -32.68 23.59 -4.76
N VAL C 474 -31.66 23.86 -3.96
CA VAL C 474 -31.86 24.36 -2.61
C VAL C 474 -32.29 25.81 -2.59
N ALA D 1 -44.29 -15.72 -3.93
CA ALA D 1 -43.51 -15.03 -4.95
C ALA D 1 -42.17 -14.57 -4.38
N VAL D 2 -41.23 -15.50 -4.29
CA VAL D 2 -39.90 -15.17 -3.80
C VAL D 2 -38.96 -14.72 -4.92
N GLY D 3 -39.27 -15.05 -6.17
CA GLY D 3 -38.42 -14.68 -7.29
C GLY D 3 -38.76 -13.31 -7.84
N ILE D 4 -38.00 -12.31 -7.42
CA ILE D 4 -38.12 -10.94 -7.92
C ILE D 4 -36.75 -10.54 -8.46
N GLY D 5 -36.74 -9.82 -9.58
CA GLY D 5 -35.49 -9.31 -10.10
C GLY D 5 -34.80 -8.47 -9.04
N ALA D 6 -33.73 -9.00 -8.44
CA ALA D 6 -33.16 -8.40 -7.24
C ALA D 6 -31.72 -8.85 -7.11
N VAL D 7 -31.14 -8.66 -5.93
CA VAL D 7 -29.71 -8.90 -5.72
C VAL D 7 -29.36 -10.35 -6.02
N PHE D 8 -30.21 -11.29 -5.63
CA PHE D 8 -29.84 -12.71 -5.73
C PHE D 8 -29.67 -13.18 -7.18
N LEU D 9 -29.86 -12.30 -8.18
CA LEU D 9 -29.48 -12.66 -9.54
C LEU D 9 -27.97 -12.80 -9.69
N GLY D 10 -27.21 -12.29 -8.73
CA GLY D 10 -25.78 -12.53 -8.68
C GLY D 10 -24.98 -11.29 -9.06
N PHE D 11 -23.76 -11.21 -8.52
CA PHE D 11 -22.82 -10.19 -8.91
C PHE D 11 -22.61 -10.23 -10.42
N LEU D 12 -22.73 -9.07 -11.07
CA LEU D 12 -22.71 -8.96 -12.53
C LEU D 12 -23.88 -9.68 -13.19
N GLY D 13 -24.85 -10.18 -12.40
CA GLY D 13 -25.95 -10.92 -12.98
C GLY D 13 -26.84 -10.08 -13.87
N ALA D 14 -26.99 -8.79 -13.55
CA ALA D 14 -27.84 -7.92 -14.32
C ALA D 14 -27.26 -7.58 -15.70
N ALA D 15 -26.01 -7.95 -15.96
CA ALA D 15 -25.39 -7.63 -17.24
C ALA D 15 -26.14 -8.24 -18.42
N GLY D 16 -26.95 -9.28 -18.17
CA GLY D 16 -27.73 -9.89 -19.23
C GLY D 16 -29.16 -9.40 -19.30
N SER D 17 -29.59 -8.66 -18.28
CA SER D 17 -30.94 -8.12 -18.25
C SER D 17 -30.97 -6.71 -18.85
N THR D 18 -32.18 -6.21 -19.07
CA THR D 18 -32.34 -4.88 -19.62
C THR D 18 -31.84 -3.83 -18.63
N MET D 19 -31.61 -2.63 -19.16
CA MET D 19 -31.07 -1.55 -18.32
C MET D 19 -32.03 -1.22 -17.18
N GLY D 20 -33.33 -1.18 -17.47
CA GLY D 20 -34.29 -0.86 -16.43
C GLY D 20 -34.27 -1.86 -15.28
N ALA D 21 -34.21 -3.15 -15.60
CA ALA D 21 -34.19 -4.17 -14.56
C ALA D 21 -32.85 -4.22 -13.83
N ALA D 22 -31.80 -3.64 -14.41
CA ALA D 22 -30.48 -3.65 -13.79
C ALA D 22 -30.30 -2.56 -12.73
N SER D 23 -31.24 -1.62 -12.64
CA SER D 23 -31.09 -0.53 -11.68
C SER D 23 -31.15 -1.03 -10.24
N MET D 24 -31.99 -2.03 -9.97
CA MET D 24 -32.13 -2.55 -8.62
C MET D 24 -30.97 -3.43 -8.19
N THR D 25 -30.07 -3.79 -9.11
CA THR D 25 -28.92 -4.64 -8.81
C THR D 25 -27.63 -3.84 -8.69
N LEU D 26 -27.72 -2.53 -8.44
CA LEU D 26 -26.54 -1.69 -8.35
C LEU D 26 -25.88 -1.74 -6.98
N THR D 27 -26.51 -2.38 -5.99
CA THR D 27 -25.92 -2.50 -4.66
C THR D 27 -25.02 -3.71 -4.52
N VAL D 28 -25.32 -4.81 -5.24
CA VAL D 28 -24.44 -5.97 -5.24
C VAL D 28 -23.14 -5.71 -5.98
N GLN D 29 -23.05 -4.60 -6.71
CA GLN D 29 -21.88 -4.30 -7.53
C GLN D 29 -20.85 -3.47 -6.78
N ALA D 30 -21.30 -2.54 -5.93
CA ALA D 30 -20.37 -1.71 -5.17
C ALA D 30 -19.73 -2.47 -4.01
N ARG D 31 -20.35 -3.56 -3.55
CA ARG D 31 -19.82 -4.29 -2.41
C ARG D 31 -18.59 -5.12 -2.77
N ASN D 32 -18.47 -5.56 -4.02
CA ASN D 32 -17.40 -6.45 -4.44
C ASN D 32 -16.22 -5.69 -5.05
N LEU D 33 -15.95 -4.46 -4.61
CA LEU D 33 -14.84 -3.68 -5.10
C LEU D 33 -13.68 -3.56 -4.11
N LEU D 34 -13.89 -3.92 -2.85
CA LEU D 34 -12.85 -3.83 -1.83
C LEU D 34 -12.52 -5.17 -1.20
N SER D 35 -13.53 -5.95 -0.80
CA SER D 35 -13.31 -7.16 -0.03
C SER D 35 -12.78 -8.27 -0.93
N GLY D 36 -12.65 -9.47 -0.37
CA GLY D 36 -12.15 -10.62 -1.08
C GLY D 36 -10.72 -11.00 -0.76
N ILE D 37 -9.95 -10.08 -0.18
CA ILE D 37 -8.57 -10.35 0.20
C ILE D 37 -8.37 -9.98 1.67
N VAL D 38 -9.45 -10.08 2.44
CA VAL D 38 -9.39 -9.66 3.84
C VAL D 38 -8.40 -10.53 4.63
N GLN D 39 -8.43 -11.83 4.39
CA GLN D 39 -7.58 -12.76 5.12
C GLN D 39 -6.25 -12.94 4.40
N GLN D 40 -5.17 -12.95 5.18
CA GLN D 40 -3.83 -13.14 4.62
C GLN D 40 -3.37 -14.57 4.82
N LEU D 57 10.09 -12.62 2.39
CA LEU D 57 9.46 -13.21 1.21
C LEU D 57 9.10 -12.12 0.21
N THR D 58 9.48 -12.32 -1.06
CA THR D 58 9.22 -11.36 -2.12
C THR D 58 8.00 -11.75 -2.96
N VAL D 59 7.99 -12.96 -3.50
CA VAL D 59 6.86 -13.39 -4.32
C VAL D 59 5.61 -13.48 -3.45
N TRP D 60 4.51 -12.93 -3.96
CA TRP D 60 3.21 -12.85 -3.29
C TRP D 60 3.23 -11.89 -2.11
N GLY D 61 4.37 -11.29 -1.77
CA GLY D 61 4.41 -10.24 -0.76
C GLY D 61 4.20 -8.89 -1.39
N ILE D 62 5.03 -8.55 -2.38
CA ILE D 62 4.83 -7.31 -3.11
C ILE D 62 3.57 -7.39 -3.96
N LYS D 63 3.30 -8.56 -4.55
CA LYS D 63 2.11 -8.72 -5.38
C LYS D 63 0.84 -8.42 -4.59
N GLN D 64 0.77 -8.92 -3.36
CA GLN D 64 -0.39 -8.62 -2.51
C GLN D 64 -0.50 -7.13 -2.25
N LEU D 65 0.62 -6.47 -1.94
CA LEU D 65 0.60 -5.04 -1.72
C LEU D 65 0.21 -4.28 -2.98
N GLN D 66 0.75 -4.69 -4.14
CA GLN D 66 0.42 -4.00 -5.38
C GLN D 66 -1.06 -4.15 -5.71
N ALA D 67 -1.60 -5.36 -5.56
CA ALA D 67 -3.02 -5.57 -5.85
C ALA D 67 -3.91 -4.81 -4.90
N ARG D 68 -3.59 -4.84 -3.60
CA ARG D 68 -4.42 -4.15 -2.62
C ARG D 68 -4.44 -2.66 -2.86
N VAL D 69 -3.27 -2.06 -3.11
CA VAL D 69 -3.20 -0.63 -3.32
C VAL D 69 -3.97 -0.23 -4.57
N LEU D 70 -3.81 -1.00 -5.66
CA LEU D 70 -4.51 -0.69 -6.89
C LEU D 70 -6.02 -0.75 -6.69
N ALA D 71 -6.51 -1.77 -5.99
CA ALA D 71 -7.95 -1.87 -5.74
C ALA D 71 -8.44 -0.69 -4.92
N VAL D 72 -7.68 -0.30 -3.89
CA VAL D 72 -8.05 0.86 -3.09
C VAL D 72 -8.01 2.13 -3.93
N GLU D 73 -6.94 2.28 -4.73
CA GLU D 73 -6.80 3.48 -5.54
C GLU D 73 -7.92 3.58 -6.58
N ARG D 74 -8.26 2.46 -7.22
CA ARG D 74 -9.29 2.49 -8.25
C ARG D 74 -10.64 2.91 -7.68
N TYR D 75 -11.01 2.34 -6.54
CA TYR D 75 -12.29 2.70 -5.93
C TYR D 75 -12.30 4.17 -5.52
N LEU D 76 -11.19 4.68 -5.00
CA LEU D 76 -11.13 6.07 -4.57
C LEU D 76 -11.31 7.03 -5.72
N ARG D 77 -10.73 6.72 -6.89
CA ARG D 77 -10.88 7.59 -8.04
C ARG D 77 -12.35 7.83 -8.37
N ASP D 78 -13.17 6.78 -8.27
CA ASP D 78 -14.60 6.95 -8.49
C ASP D 78 -15.26 7.72 -7.35
N GLN D 79 -14.87 7.41 -6.11
CA GLN D 79 -15.43 8.14 -4.98
C GLN D 79 -15.08 9.63 -5.07
N GLN D 80 -13.83 9.94 -5.40
CA GLN D 80 -13.46 11.33 -5.62
C GLN D 80 -14.24 11.91 -6.79
N LEU D 81 -14.37 11.15 -7.87
CA LEU D 81 -15.08 11.66 -9.05
C LEU D 81 -16.53 11.99 -8.72
N LEU D 82 -17.19 11.11 -7.97
CA LEU D 82 -18.56 11.42 -7.52
C LEU D 82 -18.57 12.58 -6.54
N GLY D 83 -17.48 12.78 -5.80
CA GLY D 83 -17.43 13.90 -4.86
C GLY D 83 -17.44 15.24 -5.55
N ILE D 84 -16.69 15.37 -6.65
CA ILE D 84 -16.66 16.65 -7.37
C ILE D 84 -18.03 16.92 -8.00
N TRP D 85 -18.67 15.88 -8.56
CA TRP D 85 -19.97 16.06 -9.18
C TRP D 85 -21.07 16.38 -8.16
N GLY D 86 -20.82 16.17 -6.87
CA GLY D 86 -21.83 16.39 -5.85
C GLY D 86 -22.80 15.26 -5.66
N CYS D 87 -22.62 14.14 -6.35
CA CYS D 87 -23.50 12.98 -6.21
C CYS D 87 -22.99 11.97 -5.20
N SER D 88 -21.87 12.25 -4.53
CA SER D 88 -21.32 11.29 -3.56
C SER D 88 -22.30 11.10 -2.42
N GLY D 89 -22.33 9.88 -1.88
CA GLY D 89 -23.26 9.52 -0.84
C GLY D 89 -24.62 9.09 -1.31
N LYS D 90 -24.89 9.20 -2.61
CA LYS D 90 -26.13 8.74 -3.22
C LYS D 90 -25.77 7.80 -4.36
N LEU D 91 -26.21 6.54 -4.25
CA LEU D 91 -25.85 5.56 -5.27
C LEU D 91 -26.42 5.93 -6.62
N ILE D 92 -27.65 6.44 -6.65
CA ILE D 92 -28.30 6.90 -7.87
C ILE D 92 -28.61 8.40 -7.69
N CYS D 93 -27.83 9.24 -8.34
CA CYS D 93 -27.98 10.68 -8.25
C CYS D 93 -27.89 11.30 -9.64
N CYS D 94 -28.59 12.41 -9.83
CA CYS D 94 -28.58 13.13 -11.10
C CYS D 94 -28.54 14.62 -10.83
N THR D 95 -27.88 15.35 -11.72
CA THR D 95 -27.81 16.81 -11.64
C THR D 95 -28.81 17.43 -12.61
N ASN D 96 -28.78 18.76 -12.74
CA ASN D 96 -29.70 19.49 -13.58
C ASN D 96 -29.12 19.76 -14.97
N VAL D 97 -27.98 19.17 -15.30
CA VAL D 97 -27.30 19.48 -16.56
C VAL D 97 -28.06 18.83 -17.72
N PRO D 98 -28.40 19.58 -18.77
CA PRO D 98 -28.91 18.95 -19.98
C PRO D 98 -27.75 18.38 -20.81
N TRP D 99 -28.13 17.60 -21.83
CA TRP D 99 -27.15 16.95 -22.69
C TRP D 99 -27.53 17.17 -24.15
N ASN D 100 -26.52 17.23 -25.01
CA ASN D 100 -26.76 17.40 -26.43
C ASN D 100 -27.54 16.22 -26.99
N SER D 101 -28.75 16.49 -27.48
CA SER D 101 -29.63 15.42 -27.93
C SER D 101 -29.04 14.63 -29.09
N SER D 102 -28.07 15.20 -29.81
CA SER D 102 -27.50 14.51 -30.97
C SER D 102 -26.79 13.22 -30.57
N TRP D 103 -26.39 13.08 -29.30
CA TRP D 103 -25.68 11.88 -28.89
C TRP D 103 -26.53 10.63 -29.05
N SER D 104 -27.80 10.70 -28.67
CA SER D 104 -28.69 9.54 -28.76
C SER D 104 -30.12 10.04 -28.89
N ASN D 105 -30.65 9.99 -30.12
CA ASN D 105 -32.04 10.37 -30.37
C ASN D 105 -32.94 9.15 -30.16
N ARG D 106 -33.13 8.81 -28.89
CA ARG D 106 -33.90 7.64 -28.50
C ARG D 106 -34.85 8.01 -27.36
N ASN D 107 -35.94 7.29 -27.26
CA ASN D 107 -36.93 7.49 -26.22
C ASN D 107 -36.56 6.69 -24.97
N LEU D 108 -37.15 7.09 -23.84
CA LEU D 108 -36.89 6.40 -22.58
C LEU D 108 -37.23 4.92 -22.69
N SER D 109 -38.41 4.60 -23.23
CA SER D 109 -38.78 3.21 -23.43
C SER D 109 -37.84 2.52 -24.42
N GLU D 110 -37.24 3.29 -25.33
CA GLU D 110 -36.34 2.73 -26.33
C GLU D 110 -34.93 2.53 -25.81
N ILE D 111 -34.64 2.94 -24.57
CA ILE D 111 -33.31 2.80 -23.98
C ILE D 111 -33.31 1.79 -22.85
N TRP D 112 -34.30 1.86 -21.96
CA TRP D 112 -34.24 1.14 -20.69
C TRP D 112 -34.78 -0.29 -20.79
N ASP D 113 -35.92 -0.49 -21.47
CA ASP D 113 -36.64 -1.75 -21.42
C ASP D 113 -36.55 -2.56 -22.71
N ASN D 114 -35.59 -2.23 -23.58
CA ASN D 114 -35.46 -2.94 -24.85
C ASN D 114 -34.02 -3.24 -25.26
N MET D 115 -33.03 -2.91 -24.44
CA MET D 115 -31.64 -3.17 -24.80
C MET D 115 -30.80 -3.29 -23.54
N THR D 116 -29.75 -4.12 -23.64
CA THR D 116 -28.87 -4.39 -22.51
C THR D 116 -27.92 -3.21 -22.31
N TRP D 117 -27.37 -3.12 -21.10
CA TRP D 117 -26.45 -2.01 -20.78
C TRP D 117 -25.08 -2.21 -21.40
N LEU D 118 -24.67 -3.47 -21.65
CA LEU D 118 -23.28 -3.72 -22.04
C LEU D 118 -22.93 -3.03 -23.35
N GLN D 119 -23.79 -3.17 -24.37
CA GLN D 119 -23.55 -2.50 -25.64
C GLN D 119 -23.88 -1.01 -25.60
N TRP D 120 -24.65 -0.57 -24.61
CA TRP D 120 -24.98 0.85 -24.52
C TRP D 120 -23.74 1.69 -24.29
N ASP D 121 -22.89 1.28 -23.34
CA ASP D 121 -21.70 2.07 -23.03
C ASP D 121 -20.77 2.17 -24.22
N LYS D 122 -20.74 1.15 -25.08
CA LYS D 122 -19.86 1.18 -26.24
C LYS D 122 -20.21 2.33 -27.16
N GLU D 123 -21.50 2.55 -27.41
CA GLU D 123 -21.91 3.60 -28.34
C GLU D 123 -21.56 4.98 -27.80
N ILE D 124 -21.77 5.21 -26.50
CA ILE D 124 -21.59 6.53 -25.91
C ILE D 124 -20.20 6.73 -25.33
N SER D 125 -19.33 5.72 -25.40
CA SER D 125 -17.99 5.85 -24.83
C SER D 125 -17.21 7.00 -25.45
N ASN D 126 -17.58 7.43 -26.65
CA ASN D 126 -16.85 8.52 -27.30
C ASN D 126 -16.97 9.82 -26.50
N TYR D 127 -18.15 10.09 -25.94
CA TYR D 127 -18.43 11.34 -25.25
C TYR D 127 -18.34 11.22 -23.73
N THR D 128 -17.63 10.20 -23.22
CA THR D 128 -17.54 10.02 -21.78
C THR D 128 -16.84 11.21 -21.13
N GLN D 129 -15.78 11.71 -21.73
CA GLN D 129 -15.10 12.88 -21.18
C GLN D 129 -15.91 14.14 -21.40
N ILE D 130 -16.60 14.23 -22.54
CA ILE D 130 -17.40 15.43 -22.83
C ILE D 130 -18.57 15.53 -21.85
N ILE D 131 -19.27 14.42 -21.64
CA ILE D 131 -20.40 14.44 -20.70
C ILE D 131 -19.89 14.70 -19.29
N TYR D 132 -18.73 14.15 -18.94
CA TYR D 132 -18.10 14.51 -17.68
C TYR D 132 -17.69 15.98 -17.67
N GLY D 133 -17.36 16.53 -18.84
CA GLY D 133 -16.95 17.92 -18.93
C GLY D 133 -18.05 18.92 -18.65
N LEU D 134 -19.29 18.46 -18.49
CA LEU D 134 -20.40 19.33 -18.12
C LEU D 134 -20.87 19.13 -16.69
N LEU D 135 -20.64 17.96 -16.09
CA LEU D 135 -21.15 17.68 -14.75
C LEU D 135 -20.50 18.57 -13.70
N GLU D 136 -19.16 18.62 -13.69
CA GLU D 136 -18.47 19.39 -12.65
C GLU D 136 -18.71 20.88 -12.81
N GLU D 137 -18.82 21.38 -14.05
CA GLU D 137 -19.10 22.80 -14.23
C GLU D 137 -20.44 23.17 -13.60
N SER D 138 -21.47 22.35 -13.82
CA SER D 138 -22.77 22.65 -13.23
C SER D 138 -22.72 22.58 -11.70
N GLN D 139 -22.04 21.57 -11.16
CA GLN D 139 -21.99 21.41 -9.71
C GLN D 139 -21.34 22.63 -9.05
N ASN D 140 -20.22 23.09 -9.61
CA ASN D 140 -19.59 24.31 -9.11
C ASN D 140 -20.50 25.50 -9.32
N GLN D 141 -21.20 25.54 -10.47
CA GLN D 141 -22.16 26.61 -10.71
C GLN D 141 -23.29 26.55 -9.70
N GLN D 142 -23.77 25.34 -9.37
CA GLN D 142 -24.79 25.20 -8.35
C GLN D 142 -24.29 25.73 -7.00
N GLU D 143 -23.04 25.41 -6.65
CA GLU D 143 -22.49 25.90 -5.39
C GLU D 143 -22.40 27.43 -5.39
N LYS D 144 -22.01 28.01 -6.53
CA LYS D 144 -21.92 29.47 -6.60
C LYS D 144 -23.30 30.11 -6.41
N ASN D 145 -24.33 29.53 -7.01
CA ASN D 145 -25.68 30.05 -6.79
C ASN D 145 -26.09 29.91 -5.33
N GLU D 146 -25.77 28.77 -4.71
CA GLU D 146 -26.02 28.62 -3.29
C GLU D 146 -25.24 29.65 -2.48
N GLN D 147 -24.02 29.96 -2.91
CA GLN D 147 -23.25 31.01 -2.25
C GLN D 147 -23.96 32.36 -2.36
N ASP D 148 -24.52 32.65 -3.53
CA ASP D 148 -25.25 33.90 -3.71
C ASP D 148 -26.49 33.95 -2.82
N LEU D 149 -27.28 32.87 -2.83
CA LEU D 149 -28.40 32.78 -1.91
C LEU D 149 -27.91 32.75 -0.47
N LEU D 150 -26.81 32.04 -0.21
CA LEU D 150 -26.23 32.01 1.12
C LEU D 150 -25.89 33.42 1.60
N ALA D 151 -25.29 34.24 0.74
CA ALA D 151 -24.94 35.61 1.10
C ALA D 151 -26.18 36.50 1.06
N ASP E 1 -14.55 37.18 30.22
CA ASP E 1 -15.38 36.15 30.90
C ASP E 1 -16.28 36.80 31.96
N VAL E 2 -17.11 35.97 32.62
CA VAL E 2 -17.99 36.47 33.65
C VAL E 2 -17.18 36.77 34.90
N VAL E 3 -17.15 38.04 35.29
CA VAL E 3 -16.40 38.48 36.47
C VAL E 3 -17.30 38.37 37.69
N MET E 4 -16.68 38.12 38.84
CA MET E 4 -17.38 37.98 40.11
C MET E 4 -16.87 39.09 41.04
N THR E 5 -17.70 40.11 41.24
CA THR E 5 -17.37 41.25 42.09
C THR E 5 -18.26 41.26 43.32
N GLN E 6 -17.74 41.80 44.41
CA GLN E 6 -18.45 41.90 45.67
C GLN E 6 -18.36 43.33 46.18
N THR E 7 -19.50 43.90 46.55
CA THR E 7 -19.51 45.29 47.01
C THR E 7 -18.65 45.52 48.26
N PRO E 8 -18.67 44.68 49.30
CA PRO E 8 -17.98 45.03 50.54
C PRO E 8 -16.49 44.73 50.46
N LEU E 9 -15.68 45.78 50.37
CA LEU E 9 -14.23 45.62 50.47
C LEU E 9 -13.80 45.46 51.93
N THR E 10 -14.37 46.27 52.81
CA THR E 10 -14.16 46.17 54.24
C THR E 10 -15.50 46.20 54.95
N LEU E 11 -15.67 45.33 55.94
CA LEU E 11 -16.93 45.18 56.66
C LEU E 11 -16.64 45.20 58.16
N SER E 12 -16.93 46.32 58.80
CA SER E 12 -16.70 46.48 60.23
C SER E 12 -17.92 45.97 60.99
N VAL E 13 -17.70 44.95 61.82
CA VAL E 13 -18.77 44.30 62.57
C VAL E 13 -18.28 43.98 63.98
N THR E 14 -19.15 44.17 64.96
CA THR E 14 -18.90 43.78 66.33
C THR E 14 -19.60 42.47 66.64
N ILE E 15 -19.09 41.76 67.65
CA ILE E 15 -19.66 40.47 68.00
C ILE E 15 -21.11 40.65 68.41
N GLY E 16 -22.01 39.92 67.77
CA GLY E 16 -23.42 39.97 68.06
C GLY E 16 -24.25 40.86 67.16
N GLN E 17 -23.87 41.01 65.90
CA GLN E 17 -24.61 41.82 64.94
C GLN E 17 -24.74 41.04 63.64
N PRO E 18 -25.71 41.38 62.80
CA PRO E 18 -25.90 40.64 61.54
C PRO E 18 -25.00 41.18 60.45
N ALA E 19 -24.27 40.28 59.79
CA ALA E 19 -23.34 40.64 58.73
C ALA E 19 -23.96 40.35 57.37
N SER E 20 -23.67 41.22 56.40
CA SER E 20 -24.22 41.10 55.06
C SER E 20 -23.08 41.14 54.05
N ILE E 21 -23.10 40.20 53.10
CA ILE E 21 -22.13 40.15 52.02
C ILE E 21 -22.84 39.66 50.77
N SER E 22 -22.48 40.24 49.63
CA SER E 22 -23.15 39.94 48.36
C SER E 22 -22.11 39.81 47.26
N CYS E 23 -22.54 39.21 46.15
CA CYS E 23 -21.69 39.03 44.98
C CYS E 23 -22.54 39.19 43.73
N LYS E 24 -21.88 39.46 42.61
CA LYS E 24 -22.54 39.71 41.34
C LYS E 24 -21.88 38.89 40.24
N SER E 25 -22.67 38.60 39.20
CA SER E 25 -22.18 37.92 38.00
C SER E 25 -22.58 38.76 36.80
N SER E 26 -21.62 38.97 35.88
CA SER E 26 -21.91 39.76 34.69
C SER E 26 -23.01 39.13 33.86
N GLN E 27 -22.97 37.82 33.70
CA GLN E 27 -23.98 37.07 32.95
C GLN E 27 -24.66 36.08 33.87
N SER E 28 -25.94 35.83 33.63
CA SER E 28 -26.70 34.89 34.46
C SER E 28 -26.05 33.52 34.42
N LEU E 29 -25.99 32.87 35.58
CA LEU E 29 -25.31 31.59 35.73
C LEU E 29 -26.27 30.41 35.70
N LEU E 30 -27.53 30.62 35.36
CA LEU E 30 -28.49 29.53 35.29
C LEU E 30 -28.06 28.53 34.22
N ASP E 31 -27.65 27.34 34.64
CA ASP E 31 -27.22 26.31 33.71
C ASP E 31 -28.42 25.63 33.07
N SER E 32 -28.18 24.98 31.93
CA SER E 32 -29.26 24.32 31.21
C SER E 32 -29.94 23.26 32.06
N ASP E 33 -29.17 22.56 32.90
CA ASP E 33 -29.75 21.52 33.74
C ASP E 33 -30.72 22.09 34.77
N GLY E 34 -30.62 23.38 35.08
CA GLY E 34 -31.51 24.02 36.03
C GLY E 34 -30.93 24.11 37.43
N LYS E 35 -29.66 24.49 37.52
CA LYS E 35 -28.99 24.61 38.80
C LYS E 35 -27.93 25.70 38.71
N THR E 36 -27.56 26.22 39.88
CA THR E 36 -26.49 27.21 40.01
C THR E 36 -25.43 26.63 40.94
N TYR E 37 -24.26 26.31 40.38
CA TYR E 37 -23.20 25.64 41.11
C TYR E 37 -22.28 26.62 41.84
N LEU E 38 -22.75 27.84 42.12
CA LEU E 38 -21.92 28.82 42.79
C LEU E 38 -21.54 28.34 44.18
N ASN E 39 -20.29 28.60 44.57
CA ASN E 39 -19.77 28.21 45.88
C ASN E 39 -19.33 29.45 46.65
N TRP E 40 -19.70 29.52 47.92
CA TRP E 40 -19.24 30.56 48.85
C TRP E 40 -18.28 29.90 49.83
N LEU E 41 -16.99 30.18 49.66
CA LEU E 41 -15.94 29.63 50.52
C LEU E 41 -15.30 30.74 51.34
N LEU E 42 -15.11 30.47 52.62
CA LEU E 42 -14.47 31.41 53.54
C LEU E 42 -13.05 30.93 53.78
N GLN E 43 -12.08 31.56 53.10
CA GLN E 43 -10.69 31.17 53.22
C GLN E 43 -10.14 31.66 54.55
N ARG E 44 -9.70 30.74 55.40
CA ARG E 44 -9.16 31.10 56.69
C ARG E 44 -7.80 31.79 56.52
N PRO E 45 -7.40 32.61 57.49
CA PRO E 45 -6.11 33.33 57.36
C PRO E 45 -4.90 32.46 57.64
N GLY E 46 -4.47 31.74 56.59
CA GLY E 46 -3.31 30.88 56.63
C GLY E 46 -3.62 29.40 56.60
N GLN E 47 -4.88 29.01 56.85
CA GLN E 47 -5.27 27.62 56.80
C GLN E 47 -5.74 27.27 55.39
N SER E 48 -6.02 25.97 55.19
CA SER E 48 -6.47 25.52 53.88
C SER E 48 -7.84 26.10 53.56
N PRO E 49 -8.12 26.42 52.30
CA PRO E 49 -9.46 26.93 51.95
C PRO E 49 -10.54 25.93 52.32
N LYS E 50 -11.67 26.46 52.79
CA LYS E 50 -12.81 25.64 53.20
C LYS E 50 -14.08 26.22 52.59
N ARG E 51 -14.86 25.38 51.92
CA ARG E 51 -16.15 25.80 51.40
C ARG E 51 -17.17 25.92 52.52
N LEU E 52 -18.09 26.87 52.37
CA LEU E 52 -19.19 27.05 53.30
C LEU E 52 -20.55 26.82 52.67
N ILE E 53 -20.76 27.23 51.42
CA ILE E 53 -22.01 27.03 50.72
C ILE E 53 -21.70 26.49 49.32
N TYR E 54 -22.39 25.43 48.93
CA TYR E 54 -22.39 24.94 47.55
C TYR E 54 -23.83 24.77 47.12
N LEU E 55 -24.14 25.12 45.87
CA LEU E 55 -25.51 25.10 45.40
C LEU E 55 -26.38 25.99 46.30
N VAL E 56 -26.14 27.30 46.16
CA VAL E 56 -26.38 28.30 47.20
C VAL E 56 -27.66 28.04 47.98
N SER E 57 -28.68 27.48 47.33
CA SER E 57 -29.87 27.05 48.06
C SER E 57 -29.51 25.99 49.10
N LYS E 58 -28.68 25.03 48.73
CA LYS E 58 -28.20 23.99 49.64
C LYS E 58 -27.03 24.53 50.48
N LEU E 59 -26.76 23.83 51.57
CA LEU E 59 -25.69 24.18 52.49
C LEU E 59 -24.82 22.97 52.76
N ASP E 60 -23.59 23.23 53.21
CA ASP E 60 -22.59 22.18 53.39
C ASP E 60 -22.82 21.43 54.70
N SER E 61 -21.95 20.45 54.96
CA SER E 61 -22.01 19.70 56.21
C SER E 61 -21.52 20.56 57.37
N GLY E 62 -21.80 20.11 58.59
CA GLY E 62 -21.47 20.88 59.77
C GLY E 62 -22.16 22.23 59.73
N VAL E 63 -23.47 22.20 59.47
CA VAL E 63 -24.23 23.40 59.15
C VAL E 63 -24.12 24.42 60.28
N PRO E 64 -23.64 25.64 60.02
CA PRO E 64 -23.80 26.71 61.00
C PRO E 64 -25.13 27.43 60.84
N ASP E 65 -25.86 27.61 61.94
CA ASP E 65 -27.20 28.20 61.84
C ASP E 65 -27.14 29.64 61.34
N ARG E 66 -26.09 30.38 61.71
CA ARG E 66 -26.03 31.79 61.34
C ARG E 66 -25.97 31.97 59.82
N PHE E 67 -25.17 31.16 59.14
CA PHE E 67 -25.02 31.32 57.70
C PHE E 67 -26.27 30.87 56.98
N THR E 68 -26.78 31.73 56.08
CA THR E 68 -27.98 31.43 55.29
C THR E 68 -27.72 31.95 53.88
N GLY E 69 -27.30 31.05 52.99
CA GLY E 69 -27.04 31.44 51.61
C GLY E 69 -28.33 31.58 50.82
N SER E 70 -28.38 32.62 49.99
CA SER E 70 -29.55 32.89 49.17
C SER E 70 -29.12 33.69 47.95
N GLY E 71 -30.00 33.70 46.95
CA GLY E 71 -29.74 34.44 45.72
C GLY E 71 -29.80 33.56 44.49
N SER E 72 -30.10 34.18 43.34
CA SER E 72 -30.17 33.44 42.08
C SER E 72 -29.94 34.42 40.94
N GLY E 73 -29.63 33.88 39.77
CA GLY E 73 -29.40 34.69 38.59
C GLY E 73 -28.18 35.57 38.73
N THR E 74 -28.39 36.87 38.85
CA THR E 74 -27.29 37.82 38.94
C THR E 74 -26.89 38.15 40.37
N ASP E 75 -27.82 38.13 41.30
CA ASP E 75 -27.57 38.52 42.68
C ASP E 75 -27.34 37.28 43.54
N PHE E 76 -26.25 37.32 44.33
CA PHE E 76 -25.94 36.28 45.29
C PHE E 76 -25.62 36.93 46.63
N THR E 77 -26.14 36.35 47.71
CA THR E 77 -25.97 36.93 49.04
C THR E 77 -25.85 35.82 50.07
N LEU E 78 -25.25 36.18 51.20
CA LEU E 78 -25.09 35.25 52.33
C LEU E 78 -25.23 36.07 53.61
N LYS E 79 -26.30 35.82 54.37
CA LYS E 79 -26.59 36.57 55.58
C LYS E 79 -26.13 35.78 56.79
N ILE E 80 -25.43 36.46 57.70
CA ILE E 80 -24.96 35.88 58.95
C ILE E 80 -25.62 36.64 60.10
N SER E 81 -26.29 35.91 61.00
CA SER E 81 -27.02 36.56 62.08
C SER E 81 -26.07 37.10 63.15
N ARG E 82 -25.05 36.32 63.51
CA ARG E 82 -24.12 36.69 64.57
C ARG E 82 -22.69 36.50 64.09
N VAL E 83 -21.79 37.29 64.66
CA VAL E 83 -20.38 37.31 64.27
C VAL E 83 -19.57 36.55 65.30
N GLU E 84 -18.69 35.67 64.84
CA GLU E 84 -17.77 34.93 65.68
C GLU E 84 -16.37 35.06 65.10
N ALA E 85 -15.36 34.64 65.88
CA ALA E 85 -13.99 34.72 65.42
C ALA E 85 -13.80 34.02 64.08
N GLU E 86 -14.54 32.92 63.85
CA GLU E 86 -14.45 32.23 62.56
C GLU E 86 -15.00 33.11 61.45
N ASP E 87 -16.03 33.91 61.74
CA ASP E 87 -16.65 34.73 60.69
C ASP E 87 -15.66 35.73 60.11
N LEU E 88 -14.84 36.35 60.96
CA LEU E 88 -13.84 37.30 60.49
C LEU E 88 -12.88 36.61 59.52
N GLY E 89 -12.89 37.05 58.26
CA GLY E 89 -12.07 36.42 57.25
C GLY E 89 -12.35 37.02 55.89
N ILE E 90 -12.07 36.22 54.86
CA ILE E 90 -12.27 36.62 53.47
C ILE E 90 -13.20 35.61 52.81
N TYR E 91 -14.26 36.11 52.20
CA TYR E 91 -15.24 35.29 51.49
C TYR E 91 -15.02 35.41 49.99
N TYR E 92 -15.17 34.29 49.28
CA TYR E 92 -15.01 34.25 47.83
C TYR E 92 -16.22 33.60 47.20
N CYS E 93 -16.83 34.30 46.24
CA CYS E 93 -17.93 33.76 45.46
C CYS E 93 -17.37 33.13 44.20
N TRP E 94 -17.57 31.83 44.03
CA TRP E 94 -16.98 31.05 42.96
C TRP E 94 -18.07 30.62 41.98
N GLN E 95 -18.00 31.14 40.76
CA GLN E 95 -18.91 30.70 39.71
C GLN E 95 -18.55 29.28 39.27
N GLY E 96 -19.59 28.51 38.94
CA GLY E 96 -19.40 27.10 38.62
C GLY E 96 -20.17 26.64 37.40
N THR E 97 -20.36 27.51 36.42
CA THR E 97 -21.10 27.16 35.20
C THR E 97 -20.32 27.44 33.92
N HIS E 98 -19.51 28.48 33.89
CA HIS E 98 -18.78 28.88 32.70
C HIS E 98 -17.29 28.65 32.87
N PHE E 99 -16.56 28.80 31.75
CA PHE E 99 -15.11 28.69 31.73
C PHE E 99 -14.50 30.09 31.67
N PRO E 100 -13.53 30.43 32.54
CA PRO E 100 -12.92 29.62 33.60
C PRO E 100 -13.78 29.59 34.87
N GLN E 101 -13.46 28.71 35.82
CA GLN E 101 -14.21 28.62 37.07
C GLN E 101 -13.72 29.69 38.05
N THR E 102 -13.95 30.95 37.66
CA THR E 102 -13.38 32.08 38.39
C THR E 102 -13.92 32.14 39.82
N PHE E 103 -13.07 32.59 40.73
CA PHE E 103 -13.44 32.80 42.11
C PHE E 103 -13.94 34.24 42.30
N GLY E 104 -14.30 34.57 43.53
CA GLY E 104 -14.74 35.92 43.84
C GLY E 104 -13.57 36.88 44.01
N GLY E 105 -13.91 38.17 44.04
CA GLY E 105 -12.90 39.19 44.24
C GLY E 105 -12.41 39.28 45.67
N GLY E 106 -13.19 38.81 46.63
CA GLY E 106 -12.77 38.81 48.02
C GLY E 106 -13.31 39.98 48.81
N THR E 107 -14.09 39.68 49.85
CA THR E 107 -14.60 40.68 50.78
C THR E 107 -13.99 40.42 52.16
N ARG E 108 -13.38 41.44 52.73
CA ARG E 108 -12.65 41.31 53.98
C ARG E 108 -13.54 41.74 55.15
N LEU E 109 -13.58 40.93 56.19
CA LEU E 109 -14.29 41.22 57.43
C LEU E 109 -13.26 41.47 58.52
N GLU E 110 -13.19 42.72 58.99
CA GLU E 110 -12.22 43.10 59.99
C GLU E 110 -12.87 44.04 60.99
N ILE E 111 -12.32 44.08 62.20
CA ILE E 111 -12.80 44.93 63.27
C ILE E 111 -11.90 46.15 63.37
N LYS E 112 -12.49 47.33 63.30
CA LYS E 112 -11.74 48.58 63.38
C LYS E 112 -12.32 49.49 64.46
N GLN F 1 -10.43 8.77 54.92
CA GLN F 1 -10.60 10.24 54.70
C GLN F 1 -9.94 10.66 53.39
N VAL F 2 -10.57 11.60 52.70
CA VAL F 2 -10.04 12.10 51.43
C VAL F 2 -8.99 13.16 51.77
N GLN F 3 -7.72 12.84 51.47
CA GLN F 3 -6.60 13.72 51.79
C GLN F 3 -5.72 13.87 50.56
N LEU F 4 -5.19 15.07 50.36
CA LEU F 4 -4.30 15.39 49.25
C LEU F 4 -2.97 15.84 49.85
N GLN F 5 -2.08 14.87 50.09
CA GLN F 5 -0.78 15.18 50.68
C GLN F 5 0.04 16.04 49.73
N GLN F 6 0.70 17.06 50.29
CA GLN F 6 1.56 17.95 49.53
C GLN F 6 2.88 18.13 50.26
N PRO F 7 3.96 18.41 49.54
CA PRO F 7 5.24 18.72 50.21
C PRO F 7 5.14 19.99 51.03
N GLY F 8 5.94 20.05 52.10
CA GLY F 8 5.94 21.20 52.98
C GLY F 8 6.36 22.48 52.28
N ALA F 9 7.62 22.54 51.86
CA ALA F 9 8.14 23.74 51.20
C ALA F 9 9.37 23.36 50.39
N GLU F 10 9.53 24.01 49.25
CA GLU F 10 10.67 23.78 48.36
C GLU F 10 11.36 25.11 48.08
N PHE F 11 12.69 25.13 48.24
CA PHE F 11 13.51 26.30 47.95
C PHE F 11 14.30 26.01 46.67
N VAL F 12 13.97 26.72 45.59
CA VAL F 12 14.60 26.50 44.30
C VAL F 12 15.38 27.75 43.91
N LYS F 13 16.13 27.65 42.82
CA LYS F 13 16.98 28.71 42.31
C LYS F 13 16.48 29.16 40.94
N PRO F 14 16.70 30.42 40.57
CA PRO F 14 16.35 30.85 39.20
C PRO F 14 17.03 29.98 38.17
N GLY F 15 16.30 29.65 37.12
CA GLY F 15 16.81 28.78 36.07
C GLY F 15 16.68 27.29 36.37
N ALA F 16 16.14 26.92 37.52
CA ALA F 16 15.98 25.53 37.90
C ALA F 16 14.55 25.08 37.61
N SER F 17 14.21 23.86 38.03
CA SER F 17 12.89 23.28 37.83
C SER F 17 12.41 22.67 39.13
N VAL F 18 11.10 22.40 39.19
CA VAL F 18 10.47 21.84 40.37
C VAL F 18 9.61 20.65 39.96
N ARG F 19 9.44 19.71 40.89
CA ARG F 19 8.59 18.54 40.71
C ARG F 19 7.54 18.59 41.81
N MET F 20 6.44 19.31 41.54
CA MET F 20 5.39 19.53 42.53
C MET F 20 4.45 18.34 42.53
N SER F 21 4.59 17.47 43.52
CA SER F 21 3.79 16.26 43.62
C SER F 21 2.49 16.52 44.38
N CYS F 22 1.52 15.62 44.19
CA CYS F 22 0.26 15.68 44.92
C CYS F 22 -0.23 14.25 45.10
N LYS F 23 -0.12 13.73 46.32
CA LYS F 23 -0.48 12.35 46.59
C LYS F 23 -1.98 12.21 46.79
N ALA F 24 -2.55 11.14 46.24
CA ALA F 24 -3.97 10.83 46.35
C ALA F 24 -4.14 9.62 47.24
N SER F 25 -5.03 9.73 48.23
CA SER F 25 -5.27 8.65 49.18
C SER F 25 -6.70 8.74 49.69
N GLY F 26 -7.24 7.57 50.06
CA GLY F 26 -8.57 7.52 50.65
C GLY F 26 -9.70 7.69 49.66
N TYR F 27 -9.46 7.44 48.37
CA TYR F 27 -10.50 7.57 47.35
C TYR F 27 -9.95 6.97 46.06
N THR F 28 -10.77 7.02 45.01
CA THR F 28 -10.39 6.54 43.68
C THR F 28 -9.87 7.71 42.86
N PHE F 29 -8.62 7.62 42.45
CA PHE F 29 -7.95 8.72 41.77
C PHE F 29 -8.26 8.81 40.28
N THR F 30 -8.85 7.77 39.70
CA THR F 30 -9.05 7.72 38.25
C THR F 30 -10.28 8.49 37.78
N SER F 31 -11.10 9.00 38.70
CA SER F 31 -12.36 9.65 38.33
C SER F 31 -12.38 11.13 38.66
N TYR F 32 -11.92 11.52 39.85
CA TYR F 32 -12.05 12.90 40.27
C TYR F 32 -11.03 13.79 39.55
N TRP F 33 -11.48 14.99 39.21
CA TRP F 33 -10.60 15.98 38.60
C TRP F 33 -9.58 16.49 39.61
N ILE F 34 -8.45 16.99 39.09
CA ILE F 34 -7.41 17.59 39.90
C ILE F 34 -7.07 18.95 39.31
N ALA F 35 -7.04 19.97 40.17
CA ALA F 35 -6.72 21.32 39.74
C ALA F 35 -5.80 21.97 40.78
N TRP F 36 -5.05 22.97 40.33
CA TRP F 36 -4.14 23.71 41.18
C TRP F 36 -4.67 25.13 41.38
N VAL F 37 -4.40 25.68 42.57
CA VAL F 37 -4.90 27.00 42.96
C VAL F 37 -3.78 27.76 43.65
N LYS F 38 -3.69 29.05 43.34
CA LYS F 38 -2.71 29.95 43.94
C LYS F 38 -3.39 30.75 45.06
N GLN F 39 -2.65 30.96 46.14
CA GLN F 39 -3.15 31.65 47.33
C GLN F 39 -2.19 32.74 47.77
N ARG F 40 -1.79 33.60 46.84
CA ARG F 40 -0.95 34.74 47.15
C ARG F 40 -1.53 35.49 48.35
N PRO F 41 -0.76 35.72 49.42
CA PRO F 41 -1.35 36.36 50.60
C PRO F 41 -1.97 37.72 50.31
N GLY F 42 -1.37 38.51 49.43
CA GLY F 42 -1.87 39.83 49.10
C GLY F 42 -2.83 39.89 47.94
N GLN F 43 -3.21 38.75 47.37
CA GLN F 43 -4.09 38.72 46.20
C GLN F 43 -5.08 37.58 46.36
N GLY F 44 -6.17 37.67 45.59
CA GLY F 44 -7.19 36.65 45.64
C GLY F 44 -6.76 35.36 44.96
N LEU F 45 -7.60 34.34 45.12
CA LEU F 45 -7.30 33.04 44.54
C LEU F 45 -7.32 33.12 43.01
N GLU F 46 -6.39 32.41 42.38
CA GLU F 46 -6.24 32.41 40.93
C GLU F 46 -6.30 30.98 40.41
N TRP F 47 -6.98 30.81 39.27
CA TRP F 47 -7.06 29.50 38.62
C TRP F 47 -5.76 29.24 37.86
N ILE F 48 -5.13 28.09 38.16
CA ILE F 48 -3.84 27.74 37.57
C ILE F 48 -4.06 26.79 36.40
N GLY F 49 -4.64 25.63 36.69
CA GLY F 49 -4.87 24.66 35.64
C GLY F 49 -5.70 23.51 36.15
N ASP F 50 -5.87 22.51 35.29
CA ASP F 50 -6.65 21.33 35.63
C ASP F 50 -6.10 20.14 34.87
N ILE F 51 -5.94 19.03 35.57
CA ILE F 51 -5.52 17.76 34.97
C ILE F 51 -6.55 16.71 35.33
N TYR F 52 -6.95 15.92 34.34
CA TYR F 52 -7.81 14.77 34.58
C TYR F 52 -6.93 13.56 34.85
N PRO F 53 -6.95 12.98 36.07
CA PRO F 53 -6.17 11.76 36.29
C PRO F 53 -6.82 10.56 35.62
N GLY F 54 -7.11 10.72 34.35
CA GLY F 54 -7.89 9.80 33.56
C GLY F 54 -7.27 9.72 32.18
N SER F 55 -8.04 10.08 31.17
CA SER F 55 -7.59 10.14 29.78
C SER F 55 -6.28 10.90 29.61
N GLY F 56 -5.86 11.71 30.60
CA GLY F 56 -4.65 12.48 30.47
C GLY F 56 -4.87 13.81 29.78
N TYR F 57 -6.13 14.11 29.46
CA TYR F 57 -6.46 15.37 28.84
C TYR F 57 -6.07 16.53 29.75
N THR F 58 -5.48 17.56 29.18
CA THR F 58 -4.97 18.70 29.92
C THR F 58 -5.57 19.99 29.39
N ASN F 59 -5.93 20.89 30.31
CA ASN F 59 -6.40 22.22 29.99
C ASN F 59 -5.63 23.24 30.81
N TYR F 60 -5.40 24.41 30.22
CA TYR F 60 -4.54 25.42 30.82
C TYR F 60 -5.22 26.77 30.78
N ASN F 61 -4.83 27.62 31.73
CA ASN F 61 -5.42 28.96 31.83
C ASN F 61 -5.04 29.80 30.63
N GLY F 62 -5.96 30.68 30.22
CA GLY F 62 -5.70 31.51 29.05
C GLY F 62 -4.51 32.43 29.22
N LYS F 63 -4.25 32.88 30.45
CA LYS F 63 -3.14 33.80 30.72
C LYS F 63 -1.79 33.10 30.76
N PHE F 64 -1.76 31.77 30.68
CA PHE F 64 -0.53 31.01 30.87
C PHE F 64 0.17 30.66 29.56
N LYS F 65 -0.50 30.83 28.42
CA LYS F 65 0.04 30.46 27.10
C LYS F 65 0.78 29.12 27.16
N ASN F 66 0.27 28.18 27.94
CA ASN F 66 0.85 26.85 28.09
C ASN F 66 2.31 26.95 28.55
N ARG F 67 2.49 27.53 29.74
CA ARG F 67 3.80 27.59 30.37
C ARG F 67 4.08 26.39 31.26
N ALA F 68 3.10 25.51 31.47
CA ALA F 68 3.23 24.39 32.38
C ALA F 68 2.89 23.10 31.66
N THR F 69 3.52 22.01 32.10
CA THR F 69 3.23 20.66 31.63
C THR F 69 2.74 19.85 32.81
N LEU F 70 1.56 19.25 32.67
CA LEU F 70 0.90 18.52 33.74
C LEU F 70 1.01 17.02 33.47
N THR F 71 1.44 16.26 34.47
CA THR F 71 1.58 14.82 34.36
C THR F 71 0.96 14.17 35.58
N VAL F 72 0.42 12.96 35.38
CA VAL F 72 -0.21 12.19 36.44
C VAL F 72 0.25 10.74 36.34
N ASP F 73 0.10 10.02 37.45
CA ASP F 73 0.49 8.61 37.52
C ASP F 73 -0.65 7.85 38.17
N THR F 74 -1.27 6.94 37.40
CA THR F 74 -2.38 6.14 37.90
C THR F 74 -1.93 4.95 38.74
N SER F 75 -0.63 4.60 38.71
CA SER F 75 -0.15 3.47 39.49
C SER F 75 0.10 3.86 40.95
N SER F 76 0.81 4.96 41.17
CA SER F 76 1.12 5.42 42.52
C SER F 76 0.10 6.42 43.05
N ASN F 77 -0.93 6.74 42.29
CA ASN F 77 -1.96 7.70 42.71
C ASN F 77 -1.32 9.04 43.08
N THR F 78 -0.65 9.64 42.09
CA THR F 78 0.05 10.89 42.27
C THR F 78 -0.17 11.79 41.07
N ALA F 79 -0.02 13.09 41.28
CA ALA F 79 -0.11 14.10 40.24
C ALA F 79 1.10 15.01 40.31
N TYR F 80 1.58 15.45 39.16
CA TYR F 80 2.76 16.28 39.07
C TYR F 80 2.50 17.48 38.16
N MET F 81 3.24 18.56 38.42
CA MET F 81 3.09 19.81 37.67
C MET F 81 4.46 20.43 37.43
N GLN F 82 4.65 20.95 36.23
CA GLN F 82 5.82 21.75 35.89
C GLN F 82 5.40 23.21 35.78
N LEU F 83 6.37 24.11 35.95
CA LEU F 83 6.03 25.53 36.06
C LEU F 83 5.73 26.16 34.70
N SER F 84 6.68 26.14 33.76
CA SER F 84 8.06 25.65 33.80
C SER F 84 9.02 26.83 33.91
N SER F 85 9.95 26.75 34.86
CA SER F 85 10.94 27.80 35.08
C SER F 85 10.26 29.15 35.40
N LEU F 86 9.56 29.17 36.52
CA LEU F 86 8.91 30.39 36.98
C LEU F 86 9.96 31.40 37.44
N THR F 87 9.50 32.58 37.84
CA THR F 87 10.40 33.66 38.25
C THR F 87 10.03 34.16 39.64
N SER F 88 10.66 35.28 40.05
CA SER F 88 10.58 35.71 41.44
C SER F 88 9.15 36.08 41.84
N GLU F 89 8.49 36.90 41.03
CA GLU F 89 7.19 37.45 41.44
C GLU F 89 6.13 36.37 41.62
N ASP F 90 6.36 35.18 41.07
CA ASP F 90 5.43 34.06 41.20
C ASP F 90 5.77 33.17 42.40
N SER F 91 6.43 33.71 43.42
CA SER F 91 6.82 32.95 44.61
C SER F 91 5.65 33.00 45.60
N ALA F 92 4.89 31.91 45.67
CA ALA F 92 3.76 31.81 46.59
C ALA F 92 3.46 30.33 46.81
N VAL F 93 2.29 30.05 47.40
CA VAL F 93 1.90 28.70 47.75
C VAL F 93 0.83 28.23 46.76
N TYR F 94 0.98 27.01 46.27
CA TYR F 94 0.04 26.39 45.36
C TYR F 94 -0.69 25.25 46.06
N TYR F 95 -2.01 25.19 45.89
CA TYR F 95 -2.83 24.15 46.48
C TYR F 95 -3.34 23.22 45.39
N CYS F 96 -3.15 21.92 45.58
CA CYS F 96 -3.63 20.90 44.65
C CYS F 96 -4.99 20.41 45.17
N THR F 97 -6.06 20.91 44.55
CA THR F 97 -7.42 20.63 45.01
C THR F 97 -8.07 19.56 44.14
N ARG F 98 -8.93 18.76 44.77
CA ARG F 98 -9.63 17.68 44.08
C ARG F 98 -10.97 18.19 43.56
N GLY F 99 -11.27 17.85 42.30
CA GLY F 99 -12.52 18.21 41.67
C GLY F 99 -13.51 17.05 41.66
N GLY F 100 -14.65 17.31 41.03
CA GLY F 100 -15.72 16.33 40.94
C GLY F 100 -15.55 15.42 39.74
N THR F 101 -16.58 14.60 39.51
CA THR F 101 -16.59 13.69 38.38
C THR F 101 -16.86 14.46 37.08
N THR F 102 -16.41 13.89 35.97
CA THR F 102 -16.63 14.51 34.67
C THR F 102 -18.11 14.61 34.33
N PHE F 103 -18.95 13.75 34.92
CA PHE F 103 -20.37 13.73 34.60
C PHE F 103 -21.15 14.75 35.42
N VAL F 104 -21.08 14.65 36.74
CA VAL F 104 -21.86 15.53 37.61
C VAL F 104 -21.13 16.86 37.81
N ALA F 105 -19.89 16.80 38.28
CA ALA F 105 -18.98 17.94 38.42
C ALA F 105 -19.40 18.95 39.48
N GLU F 106 -20.53 18.73 40.16
CA GLU F 106 -21.00 19.67 41.19
C GLU F 106 -20.13 19.66 42.44
N PRO F 107 -19.45 18.54 42.82
CA PRO F 107 -18.68 18.56 44.07
C PRO F 107 -17.35 19.30 43.97
N TRP F 108 -17.15 20.08 42.90
CA TRP F 108 -15.87 20.74 42.67
C TRP F 108 -15.37 21.42 43.93
N LEU F 109 -14.05 21.45 44.09
CA LEU F 109 -13.40 22.04 45.27
C LEU F 109 -13.83 21.34 46.55
N ALA F 110 -14.13 20.04 46.47
CA ALA F 110 -14.63 19.31 47.63
C ALA F 110 -13.60 19.29 48.75
N TYR F 111 -12.34 19.01 48.42
CA TYR F 111 -11.30 18.82 49.42
C TYR F 111 -10.01 19.50 48.97
N TRP F 112 -9.20 19.88 49.95
CA TRP F 112 -7.92 20.54 49.72
C TRP F 112 -6.85 19.84 50.56
N GLY F 113 -5.62 20.33 50.43
CA GLY F 113 -4.52 19.85 51.23
C GLY F 113 -3.91 20.94 52.09
N GLN F 114 -2.58 21.05 52.06
CA GLN F 114 -1.88 22.10 52.77
C GLN F 114 -1.04 22.99 51.87
N GLY F 115 -0.71 22.56 50.65
CA GLY F 115 0.07 23.36 49.74
C GLY F 115 1.56 23.24 50.00
N THR F 116 2.33 23.90 49.14
CA THR F 116 3.78 23.92 49.23
C THR F 116 4.28 25.31 48.90
N LEU F 117 5.24 25.79 49.70
CA LEU F 117 5.78 27.13 49.55
C LEU F 117 6.87 27.11 48.50
N VAL F 118 6.60 27.72 47.35
CA VAL F 118 7.58 27.86 46.27
C VAL F 118 8.18 29.24 46.37
N ALA F 119 9.48 29.31 46.70
CA ALA F 119 10.18 30.58 46.88
C ALA F 119 11.49 30.49 46.07
N VAL F 120 11.42 30.87 44.80
CA VAL F 120 12.62 30.90 43.97
C VAL F 120 13.47 32.09 44.37
N SER F 121 14.75 31.83 44.65
CA SER F 121 15.66 32.87 45.10
C SER F 121 17.10 32.54 44.70
N GLU G 2 -44.67 4.59 16.07
CA GLU G 2 -44.39 4.15 17.43
C GLU G 2 -43.39 3.00 17.42
N ASN G 3 -43.56 2.07 16.47
CA ASN G 3 -42.64 0.95 16.36
C ASN G 3 -41.24 1.45 16.06
N LEU G 4 -40.28 1.07 16.91
CA LEU G 4 -38.93 1.59 16.80
C LEU G 4 -38.28 1.15 15.50
N TRP G 5 -37.33 1.95 15.03
CA TRP G 5 -36.55 1.67 13.83
C TRP G 5 -35.08 1.56 14.21
N VAL G 6 -34.23 1.40 13.20
CA VAL G 6 -32.80 1.20 13.40
C VAL G 6 -32.07 2.51 13.10
N THR G 7 -30.92 2.68 13.75
CA THR G 7 -30.05 3.83 13.53
C THR G 7 -28.61 3.35 13.39
N VAL G 8 -27.89 3.96 12.46
CA VAL G 8 -26.50 3.59 12.20
C VAL G 8 -25.60 4.45 13.08
N TYR G 9 -24.74 3.81 13.86
CA TYR G 9 -23.79 4.47 14.73
C TYR G 9 -22.38 4.15 14.27
N TYR G 10 -21.56 5.18 14.12
CA TYR G 10 -20.19 5.05 13.63
C TYR G 10 -19.21 5.48 14.70
N GLY G 11 -18.19 4.66 14.93
CA GLY G 11 -17.15 4.96 15.88
C GLY G 11 -17.44 4.55 17.31
N VAL G 12 -18.57 3.93 17.58
CA VAL G 12 -18.90 3.60 18.97
C VAL G 12 -17.86 2.60 19.50
N PRO G 13 -17.48 2.67 20.78
CA PRO G 13 -16.41 1.77 21.27
C PRO G 13 -16.85 0.31 21.25
N VAL G 14 -16.09 -0.49 20.51
CA VAL G 14 -16.31 -1.94 20.46
C VAL G 14 -14.95 -2.61 20.30
N TRP G 15 -14.79 -3.78 20.92
CA TRP G 15 -13.56 -4.54 20.88
C TRP G 15 -13.80 -5.94 20.34
N LYS G 16 -12.91 -6.39 19.47
CA LYS G 16 -12.90 -7.76 18.97
C LYS G 16 -11.49 -8.31 19.09
N ASP G 17 -11.38 -9.56 19.55
CA ASP G 17 -10.08 -10.17 19.77
C ASP G 17 -9.42 -10.55 18.45
N ALA G 18 -8.60 -9.64 17.91
CA ALA G 18 -7.85 -9.88 16.70
C ALA G 18 -6.41 -9.44 16.91
N GLU G 19 -5.49 -10.12 16.24
CA GLU G 19 -4.06 -9.92 16.46
C GLU G 19 -3.35 -9.85 15.12
N THR G 20 -2.51 -8.83 14.96
CA THR G 20 -1.87 -8.53 13.68
C THR G 20 -0.41 -8.15 13.93
N THR G 21 0.22 -7.59 12.90
CA THR G 21 1.62 -7.21 13.01
C THR G 21 1.73 -5.85 13.67
N LEU G 22 2.61 -5.75 14.66
CA LEU G 22 2.81 -4.51 15.40
C LEU G 22 3.91 -3.69 14.74
N PHE G 23 4.34 -2.62 15.40
CA PHE G 23 5.37 -1.74 14.89
C PHE G 23 6.38 -1.43 15.99
N CYS G 24 7.60 -1.11 15.58
CA CYS G 24 8.69 -0.85 16.51
C CYS G 24 8.93 0.65 16.65
N ALA G 25 9.30 1.06 17.86
CA ALA G 25 9.66 2.43 18.15
C ALA G 25 10.79 2.43 19.17
N SER G 26 11.80 3.25 18.94
CA SER G 26 12.97 3.32 19.80
C SER G 26 13.22 4.75 20.24
N ASP G 27 13.73 4.90 21.46
CA ASP G 27 14.02 6.21 22.01
C ASP G 27 15.30 6.77 21.40
N ALA G 28 15.47 8.09 21.54
CA ALA G 28 16.65 8.76 21.01
C ALA G 28 17.90 8.30 21.74
N HIS G 36 26.33 2.26 14.98
CA HIS G 36 25.14 1.46 14.68
C HIS G 36 24.83 0.49 15.79
N ASN G 37 23.62 -0.08 15.77
CA ASN G 37 23.17 -1.05 16.75
C ASN G 37 22.50 -2.20 16.03
N VAL G 38 22.07 -3.20 16.81
CA VAL G 38 21.44 -4.40 16.26
C VAL G 38 19.93 -4.36 16.41
N TRP G 39 19.43 -3.79 17.50
CA TRP G 39 17.99 -3.75 17.74
C TRP G 39 17.33 -2.60 16.99
N ALA G 40 17.71 -1.37 17.30
CA ALA G 40 17.06 -0.21 16.70
C ALA G 40 17.62 0.09 15.32
N THR G 41 18.93 0.16 15.20
CA THR G 41 19.61 0.50 13.94
C THR G 41 19.21 1.88 13.44
N HIS G 42 18.68 2.73 14.32
CA HIS G 42 18.19 4.06 13.94
C HIS G 42 17.21 3.96 12.77
N ALA G 43 16.35 2.94 12.83
CA ALA G 43 15.34 2.69 11.81
C ALA G 43 13.92 2.84 12.31
N CYS G 44 13.65 2.38 13.54
CA CYS G 44 12.30 2.52 14.09
C CYS G 44 11.96 3.98 14.32
N VAL G 45 10.72 4.34 14.05
CA VAL G 45 10.29 5.73 14.20
C VAL G 45 10.36 6.10 15.69
N PRO G 46 10.90 7.27 16.04
CA PRO G 46 10.97 7.63 17.46
C PRO G 46 9.58 7.78 18.07
N THR G 47 9.49 7.48 19.35
CA THR G 47 8.23 7.60 20.09
C THR G 47 8.27 8.87 20.93
N ASP G 48 7.22 9.68 20.82
CA ASP G 48 7.15 10.91 21.58
C ASP G 48 7.12 10.58 23.08
N PRO G 49 7.77 11.40 23.95
CA PRO G 49 7.84 11.09 25.38
C PRO G 49 6.62 11.53 26.18
N ASN G 50 5.43 11.24 25.64
CA ASN G 50 4.17 11.48 26.32
C ASN G 50 3.29 10.25 26.16
N PRO G 51 3.64 9.15 26.83
CA PRO G 51 2.85 7.92 26.70
C PRO G 51 1.51 8.05 27.39
N GLN G 52 0.55 8.67 26.72
CA GLN G 52 -0.76 8.97 27.31
C GLN G 52 -1.47 7.66 27.62
N GLU G 53 -1.49 7.28 28.89
CA GLU G 53 -2.22 6.12 29.36
C GLU G 53 -3.56 6.56 29.92
N ILE G 54 -4.62 5.87 29.52
CA ILE G 54 -5.98 6.25 29.85
C ILE G 54 -6.64 5.09 30.58
N HIS G 55 -7.30 5.39 31.69
CA HIS G 55 -7.94 4.38 32.52
C HIS G 55 -9.41 4.27 32.12
N LEU G 56 -9.85 3.06 31.80
CA LEU G 56 -11.24 2.78 31.47
C LEU G 56 -11.89 2.16 32.69
N GLU G 57 -12.84 2.87 33.29
CA GLU G 57 -13.53 2.39 34.47
C GLU G 57 -14.82 1.68 34.07
N ASN G 58 -15.44 1.00 35.05
CA ASN G 58 -16.69 0.30 34.83
C ASN G 58 -16.58 -0.70 33.67
N VAL G 59 -15.42 -1.37 33.58
CA VAL G 59 -15.16 -2.30 32.48
C VAL G 59 -14.20 -3.37 32.96
N THR G 60 -14.39 -4.58 32.42
CA THR G 60 -13.50 -5.71 32.66
C THR G 60 -13.17 -6.36 31.33
N GLU G 61 -11.96 -6.91 31.23
CA GLU G 61 -11.48 -7.51 29.99
C GLU G 61 -10.76 -8.81 30.30
N GLU G 62 -10.71 -9.68 29.30
CA GLU G 62 -10.07 -10.99 29.42
C GLU G 62 -8.71 -10.98 28.74
N PHE G 63 -7.73 -11.61 29.39
CA PHE G 63 -6.37 -11.70 28.89
C PHE G 63 -5.92 -13.14 28.90
N ASN G 64 -5.35 -13.59 27.78
CA ASN G 64 -4.94 -14.98 27.60
C ASN G 64 -3.42 -15.03 27.55
N MET G 65 -2.79 -15.12 28.71
CA MET G 65 -1.35 -15.29 28.77
C MET G 65 -0.98 -16.66 28.21
N TRP G 66 0.21 -16.72 27.60
CA TRP G 66 0.74 -17.88 26.88
C TRP G 66 0.02 -18.13 25.57
N LYS G 67 -0.99 -17.32 25.22
CA LYS G 67 -1.62 -17.36 23.91
C LYS G 67 -1.46 -16.05 23.15
N ASN G 68 -0.90 -15.03 23.78
CA ASN G 68 -0.68 -13.75 23.11
C ASN G 68 0.27 -13.91 21.94
N ASN G 69 -0.08 -13.29 20.80
CA ASN G 69 0.81 -13.31 19.65
C ASN G 69 1.95 -12.31 19.78
N MET G 70 1.87 -11.38 20.74
CA MET G 70 2.98 -10.46 20.95
C MET G 70 4.25 -11.22 21.32
N VAL G 71 4.11 -12.26 22.15
CA VAL G 71 5.26 -13.09 22.49
C VAL G 71 5.83 -13.75 21.23
N GLU G 72 4.94 -14.32 20.41
CA GLU G 72 5.39 -14.93 19.17
C GLU G 72 5.95 -13.89 18.21
N GLN G 73 5.30 -12.72 18.14
CA GLN G 73 5.76 -11.68 17.22
C GLN G 73 7.16 -11.20 17.57
N MET G 74 7.41 -10.99 18.86
CA MET G 74 8.75 -10.53 19.26
C MET G 74 9.79 -11.62 19.05
N HIS G 75 9.43 -12.88 19.31
CA HIS G 75 10.39 -13.96 19.15
C HIS G 75 10.88 -14.06 17.71
N THR G 76 9.96 -13.98 16.74
CA THR G 76 10.37 -14.02 15.34
C THR G 76 11.00 -12.71 14.90
N ASP G 77 10.62 -11.59 15.52
CA ASP G 77 11.13 -10.30 15.08
C ASP G 77 12.62 -10.18 15.35
N ILE G 78 13.06 -10.48 16.59
CA ILE G 78 14.46 -10.26 16.93
C ILE G 78 15.36 -11.25 16.18
N ILE G 79 14.87 -12.46 15.91
CA ILE G 79 15.66 -13.41 15.12
C ILE G 79 15.93 -12.83 13.74
N SER G 80 14.93 -12.18 13.14
CA SER G 80 15.15 -11.51 11.86
C SER G 80 16.19 -10.41 12.01
N LEU G 81 16.13 -9.66 13.11
CA LEU G 81 17.16 -8.64 13.36
C LEU G 81 18.53 -9.28 13.51
N TRP G 82 18.60 -10.41 14.21
CA TRP G 82 19.88 -11.10 14.36
C TRP G 82 20.45 -11.47 13.00
N ASP G 83 19.66 -12.15 12.16
CA ASP G 83 20.14 -12.56 10.85
C ASP G 83 20.52 -11.35 10.00
N GLN G 84 19.74 -10.27 10.11
CA GLN G 84 20.05 -9.07 9.34
C GLN G 84 21.40 -8.48 9.73
N SER G 85 21.72 -8.48 11.03
CA SER G 85 22.94 -7.85 11.51
C SER G 85 24.20 -8.67 11.24
N LEU G 86 24.06 -9.99 11.05
CA LEU G 86 25.23 -10.84 10.83
C LEU G 86 25.68 -10.91 9.38
N LYS G 87 24.81 -10.57 8.44
CA LYS G 87 25.18 -10.68 7.03
C LYS G 87 26.39 -9.83 6.65
N PRO G 88 26.48 -8.54 7.03
CA PRO G 88 27.55 -7.67 6.52
C PRO G 88 28.81 -7.65 7.38
N CYS G 89 29.45 -8.82 7.55
CA CYS G 89 30.83 -8.86 8.00
C CYS G 89 31.40 -10.24 7.71
N VAL G 90 32.70 -10.39 7.99
CA VAL G 90 33.50 -11.46 7.43
C VAL G 90 32.95 -12.82 7.84
N LYS G 91 32.94 -13.76 6.89
CA LYS G 91 32.71 -15.17 7.18
C LYS G 91 33.98 -15.82 7.68
N LEU G 92 33.83 -16.95 8.36
CA LEU G 92 34.95 -17.70 8.92
C LEU G 92 35.08 -19.08 8.27
N THR G 93 34.92 -19.14 6.95
CA THR G 93 35.10 -20.40 6.24
C THR G 93 36.50 -20.98 6.38
N PRO G 94 37.57 -20.20 6.19
CA PRO G 94 38.92 -20.79 6.18
C PRO G 94 39.51 -21.04 7.57
N LEU G 95 38.71 -21.01 8.62
CA LEU G 95 39.20 -21.27 9.97
C LEU G 95 39.04 -22.72 10.40
N CYS G 96 38.58 -23.60 9.50
CA CYS G 96 38.38 -25.00 9.82
C CYS G 96 39.61 -25.86 9.57
N VAL G 97 40.77 -25.25 9.33
CA VAL G 97 41.97 -26.02 9.12
C VAL G 97 42.31 -26.81 10.39
N THR G 98 43.15 -27.83 10.22
CA THR G 98 43.57 -28.64 11.35
C THR G 98 44.28 -27.79 12.38
N LEU G 99 43.99 -28.03 13.66
CA LEU G 99 44.56 -27.28 14.77
C LEU G 99 45.51 -28.18 15.53
N GLN G 100 46.81 -27.83 15.52
CA GLN G 100 47.80 -28.47 16.37
C GLN G 100 47.89 -27.66 17.65
N CYS G 101 47.24 -28.14 18.71
CA CYS G 101 47.06 -27.38 19.94
C CYS G 101 47.96 -27.92 21.04
N THR G 102 48.06 -27.12 22.11
CA THR G 102 48.88 -27.46 23.25
C THR G 102 48.26 -26.85 24.50
N ASN G 103 48.61 -27.40 25.65
CA ASN G 103 48.09 -26.90 26.91
C ASN G 103 48.72 -25.55 27.27
N VAL G 104 48.10 -24.86 28.22
CA VAL G 104 48.62 -23.61 28.76
C VAL G 104 49.04 -23.87 30.21
N THR G 105 50.28 -23.53 30.53
CA THR G 105 50.84 -23.82 31.85
C THR G 105 51.54 -22.61 32.48
N ASN G 106 51.36 -21.41 31.93
CA ASN G 106 52.01 -20.21 32.45
C ASN G 106 51.06 -19.55 33.46
N ASN G 107 51.33 -19.75 34.74
CA ASN G 107 50.55 -19.14 35.82
C ASN G 107 49.08 -19.53 35.70
N ILE G 108 48.81 -20.83 35.84
CA ILE G 108 47.47 -21.39 35.68
C ILE G 108 46.99 -21.87 37.04
N THR G 109 45.79 -21.44 37.42
CA THR G 109 45.18 -21.93 38.65
C THR G 109 44.73 -23.38 38.48
N ASP G 110 44.72 -24.11 39.60
CA ASP G 110 44.36 -25.52 39.54
C ASP G 110 42.93 -25.73 39.09
N ASP G 111 42.05 -24.76 39.34
CA ASP G 111 40.64 -24.92 39.00
C ASP G 111 40.39 -24.85 37.50
N MET G 112 41.29 -24.23 36.73
CA MET G 112 41.13 -24.08 35.29
C MET G 112 42.23 -24.81 34.52
N ARG G 113 42.83 -25.83 35.11
CA ARG G 113 43.90 -26.56 34.45
C ARG G 113 43.38 -27.20 33.17
N GLY G 114 44.03 -26.88 32.04
CA GLY G 114 43.70 -27.47 30.77
C GLY G 114 42.49 -26.87 30.07
N GLU G 115 41.91 -25.80 30.61
CA GLU G 115 40.75 -25.19 29.96
C GLU G 115 41.15 -24.48 28.68
N LEU G 116 42.01 -23.47 28.79
CA LEU G 116 42.53 -22.81 27.60
C LEU G 116 43.54 -23.71 26.90
N LYS G 117 43.51 -23.69 25.57
CA LYS G 117 44.38 -24.54 24.75
C LYS G 117 45.11 -23.65 23.74
N ASN G 118 46.38 -23.37 24.01
CA ASN G 118 47.20 -22.66 23.02
C ASN G 118 47.25 -23.47 21.74
N CYS G 119 46.98 -22.80 20.62
CA CYS G 119 46.82 -23.49 19.34
C CYS G 119 47.57 -22.74 18.25
N SER G 120 47.99 -23.51 17.23
CA SER G 120 48.62 -22.97 16.05
C SER G 120 48.02 -23.62 14.82
N PHE G 121 47.92 -22.86 13.74
CA PHE G 121 47.35 -23.37 12.50
C PHE G 121 47.88 -22.58 11.32
N ASN G 122 47.72 -23.15 10.13
CA ASN G 122 48.28 -22.62 8.89
C ASN G 122 47.27 -21.82 8.09
N MET G 123 46.43 -21.05 8.78
CA MET G 123 45.40 -20.27 8.12
C MET G 123 46.01 -19.31 7.11
N THR G 124 45.33 -19.16 5.96
CA THR G 124 45.87 -18.39 4.85
C THR G 124 45.84 -16.89 5.14
N THR G 125 46.71 -16.16 4.45
CA THR G 125 46.83 -14.72 4.57
C THR G 125 46.03 -14.04 3.46
N GLU G 126 46.18 -12.72 3.33
CA GLU G 126 45.40 -11.98 2.35
C GLU G 126 45.72 -12.42 0.93
N LEU G 127 47.00 -12.65 0.63
CA LEU G 127 47.39 -13.09 -0.70
C LEU G 127 46.97 -14.55 -0.91
N ARG G 128 46.36 -14.82 -2.05
CA ARG G 128 45.85 -16.17 -2.33
C ARG G 128 46.96 -17.19 -2.49
N ASP G 129 48.17 -16.77 -2.86
CA ASP G 129 49.27 -17.68 -3.14
C ASP G 129 50.28 -17.77 -2.01
N LYS G 130 49.94 -17.26 -0.83
CA LYS G 130 50.84 -17.29 0.32
C LYS G 130 50.07 -17.71 1.55
N LYS G 131 50.78 -18.40 2.45
CA LYS G 131 50.22 -18.87 3.72
C LYS G 131 50.95 -18.19 4.88
N GLN G 132 50.45 -18.43 6.09
CA GLN G 132 51.06 -17.86 7.27
C GLN G 132 50.74 -18.75 8.47
N LYS G 133 51.66 -18.78 9.43
CA LYS G 133 51.47 -19.50 10.68
C LYS G 133 51.00 -18.52 11.74
N VAL G 134 49.84 -18.80 12.34
CA VAL G 134 49.25 -17.94 13.35
C VAL G 134 48.84 -18.79 14.53
N TYR G 135 49.12 -18.31 15.74
CA TYR G 135 48.78 -19.00 16.98
C TYR G 135 47.70 -18.22 17.72
N SER G 136 46.79 -18.95 18.36
CA SER G 136 45.70 -18.35 19.10
C SER G 136 45.31 -19.27 20.25
N LEU G 137 44.66 -18.68 21.25
CA LEU G 137 44.21 -19.40 22.43
C LEU G 137 42.71 -19.64 22.34
N PHE G 138 42.30 -20.90 22.47
CA PHE G 138 40.91 -21.31 22.37
C PHE G 138 40.49 -22.03 23.65
N TYR G 139 39.24 -21.79 24.06
CA TYR G 139 38.71 -22.48 25.22
C TYR G 139 38.43 -23.94 24.89
N ARG G 140 38.40 -24.77 25.95
CA ARG G 140 38.20 -26.20 25.76
C ARG G 140 36.86 -26.50 25.09
N LEU G 141 35.86 -25.64 25.31
CA LEU G 141 34.52 -25.86 24.77
C LEU G 141 34.36 -25.37 23.34
N ASP G 142 35.47 -25.04 22.67
CA ASP G 142 35.43 -24.60 21.28
C ASP G 142 36.19 -25.52 20.33
N VAL G 143 36.88 -26.54 20.84
CA VAL G 143 37.67 -27.45 20.03
C VAL G 143 37.35 -28.88 20.43
N VAL G 144 37.61 -29.80 19.50
CA VAL G 144 37.37 -31.22 19.72
C VAL G 144 38.49 -31.99 19.03
N GLN G 145 38.95 -33.06 19.69
CA GLN G 145 40.00 -33.89 19.12
C GLN G 145 39.49 -34.64 17.88
N ILE G 146 40.37 -34.79 16.90
CA ILE G 146 40.04 -35.49 15.67
C ILE G 146 40.16 -36.99 15.88
N GLU G 160 45.43 -32.14 15.40
CA GLU G 160 44.87 -32.96 16.47
C GLU G 160 43.49 -32.48 16.88
N TYR G 161 43.23 -31.19 16.68
CA TYR G 161 41.99 -30.56 17.10
C TYR G 161 41.32 -29.85 15.92
N ARG G 162 39.99 -29.75 15.99
CA ARG G 162 39.21 -29.00 15.03
C ARG G 162 38.09 -28.28 15.77
N LEU G 163 37.60 -27.20 15.17
CA LEU G 163 36.57 -26.41 15.82
C LEU G 163 35.29 -27.22 15.98
N ILE G 164 34.53 -26.88 17.03
CA ILE G 164 33.31 -27.64 17.35
C ILE G 164 32.31 -27.54 16.21
N ASN G 165 32.20 -26.36 15.59
CA ASN G 165 31.21 -26.10 14.57
C ASN G 165 31.65 -26.48 13.16
N CYS G 166 32.85 -27.06 13.01
CA CYS G 166 33.36 -27.32 11.67
C CYS G 166 32.48 -28.30 10.91
N ASN G 167 32.14 -29.43 11.54
CA ASN G 167 31.30 -30.42 10.87
C ASN G 167 29.88 -29.91 10.66
N THR G 168 29.49 -28.85 11.37
CA THR G 168 28.24 -28.15 11.12
C THR G 168 28.53 -26.93 10.24
N SER G 169 27.47 -26.21 9.87
CA SER G 169 27.63 -25.04 9.02
C SER G 169 28.56 -24.02 9.68
N ALA G 170 29.54 -23.55 8.93
CA ALA G 170 30.43 -22.51 9.43
C ALA G 170 29.68 -21.19 9.54
N CYS G 171 30.05 -20.40 10.55
CA CYS G 171 29.35 -19.16 10.87
C CYS G 171 30.26 -17.97 10.71
N THR G 172 29.64 -16.79 10.72
CA THR G 172 30.32 -15.53 10.49
C THR G 172 30.97 -15.06 11.79
N GLN G 173 31.47 -13.83 11.80
CA GLN G 173 32.05 -13.22 12.99
C GLN G 173 31.26 -11.96 13.31
N ALA G 174 30.93 -11.78 14.58
CA ALA G 174 30.17 -10.62 15.02
C ALA G 174 30.87 -9.34 14.55
N CYS G 175 30.17 -8.56 13.73
CA CYS G 175 30.70 -7.30 13.22
C CYS G 175 31.26 -6.50 14.39
N PRO G 176 32.58 -6.33 14.50
CA PRO G 176 33.10 -5.61 15.68
C PRO G 176 32.91 -4.11 15.56
N LYS G 177 31.89 -3.61 16.26
CA LYS G 177 31.37 -2.24 16.20
C LYS G 177 29.89 -2.30 16.54
N VAL G 178 29.22 -3.34 16.04
CA VAL G 178 27.78 -3.53 16.25
C VAL G 178 27.65 -4.33 17.55
N SER G 179 27.60 -3.62 18.67
CA SER G 179 27.45 -4.27 19.96
C SER G 179 26.03 -4.78 20.12
N PHE G 180 25.87 -5.78 21.00
CA PHE G 180 24.60 -6.42 21.27
C PHE G 180 24.01 -5.99 22.61
N GLU G 181 24.41 -4.82 23.10
CA GLU G 181 23.94 -4.37 24.41
C GLU G 181 22.44 -4.10 24.34
N PRO G 182 21.63 -4.64 25.26
CA PRO G 182 20.18 -4.51 25.12
C PRO G 182 19.73 -3.06 25.14
N ILE G 183 18.78 -2.75 24.25
CA ILE G 183 18.14 -1.44 24.16
C ILE G 183 16.64 -1.63 24.35
N PRO G 184 15.99 -0.93 25.28
CA PRO G 184 14.54 -0.99 25.34
C PRO G 184 13.89 -0.70 23.99
N ILE G 185 12.86 -1.47 23.66
CA ILE G 185 12.14 -1.35 22.41
C ILE G 185 10.65 -1.17 22.72
N HIS G 186 10.02 -0.21 22.07
CA HIS G 186 8.60 0.07 22.26
C HIS G 186 7.81 -0.53 21.10
N TYR G 187 6.75 -1.25 21.44
CA TYR G 187 5.85 -1.85 20.46
C TYR G 187 4.55 -1.05 20.42
N CYS G 188 4.15 -0.63 19.22
CA CYS G 188 2.94 0.14 19.01
C CYS G 188 2.12 -0.50 17.89
N ALA G 189 0.82 -0.64 18.12
CA ALA G 189 -0.06 -1.22 17.12
C ALA G 189 -0.44 -0.20 16.05
N PRO G 190 -0.86 -0.65 14.88
CA PRO G 190 -1.26 0.29 13.82
C PRO G 190 -2.56 0.98 14.17
N ALA G 191 -2.89 1.98 13.37
CA ALA G 191 -4.15 2.69 13.54
C ALA G 191 -5.32 1.74 13.32
N GLY G 192 -6.39 1.93 14.08
CA GLY G 192 -7.52 1.02 14.06
C GLY G 192 -7.41 -0.13 15.03
N PHE G 193 -6.28 -0.27 15.72
CA PHE G 193 -6.08 -1.30 16.73
C PHE G 193 -5.63 -0.65 18.02
N ALA G 194 -5.90 -1.33 19.13
CA ALA G 194 -5.56 -0.81 20.46
C ALA G 194 -4.91 -1.91 21.28
N ILE G 195 -4.09 -1.49 22.25
CA ILE G 195 -3.40 -2.40 23.15
C ILE G 195 -3.90 -2.13 24.56
N LEU G 196 -4.42 -3.18 25.21
CA LEU G 196 -4.97 -3.08 26.55
C LEU G 196 -4.03 -3.73 27.55
N LYS G 197 -3.85 -3.08 28.70
CA LYS G 197 -2.99 -3.58 29.76
C LYS G 197 -3.75 -3.56 31.08
N CYS G 198 -3.73 -4.69 31.80
CA CYS G 198 -4.34 -4.72 33.12
C CYS G 198 -3.43 -4.00 34.12
N LYS G 199 -4.02 -3.69 35.28
CA LYS G 199 -3.29 -3.00 36.33
C LYS G 199 -3.53 -3.56 37.72
N ASP G 200 -4.37 -4.58 37.88
CA ASP G 200 -4.57 -5.17 39.20
C ASP G 200 -3.29 -5.84 39.68
N LYS G 201 -2.99 -5.67 40.97
CA LYS G 201 -1.73 -6.17 41.52
C LYS G 201 -1.78 -7.65 41.85
N LYS G 202 -2.96 -8.27 41.85
CA LYS G 202 -3.12 -9.70 42.10
C LYS G 202 -3.33 -10.49 40.81
N PHE G 203 -2.97 -9.91 39.67
CA PHE G 203 -3.27 -10.54 38.38
C PHE G 203 -2.60 -11.89 38.28
N ASN G 204 -3.37 -12.92 37.95
CA ASN G 204 -2.84 -14.25 37.69
C ASN G 204 -2.41 -14.33 36.23
N GLY G 205 -2.11 -15.54 35.76
CA GLY G 205 -1.77 -15.72 34.35
C GLY G 205 -2.93 -15.36 33.43
N THR G 206 -4.12 -15.84 33.77
CA THR G 206 -5.31 -15.60 32.97
C THR G 206 -6.49 -15.31 33.88
N GLY G 207 -7.24 -14.26 33.58
CA GLY G 207 -8.41 -13.92 34.34
C GLY G 207 -8.81 -12.46 34.15
N PRO G 208 -10.02 -12.11 34.57
CA PRO G 208 -10.47 -10.72 34.43
C PRO G 208 -9.69 -9.78 35.34
N CYS G 209 -9.52 -8.54 34.87
CA CYS G 209 -8.85 -7.49 35.63
C CYS G 209 -9.78 -6.29 35.70
N PRO G 210 -10.19 -5.83 36.88
CA PRO G 210 -11.10 -4.68 36.96
C PRO G 210 -10.42 -3.32 36.83
N SER G 211 -9.16 -3.28 36.38
CA SER G 211 -8.41 -2.04 36.20
C SER G 211 -7.85 -1.97 34.79
N VAL G 212 -8.68 -2.29 33.80
CA VAL G 212 -8.22 -2.31 32.42
C VAL G 212 -7.86 -0.91 31.97
N SER G 213 -6.79 -0.80 31.19
CA SER G 213 -6.38 0.46 30.60
C SER G 213 -5.75 0.18 29.24
N THR G 214 -5.73 1.20 28.39
CA THR G 214 -5.23 1.07 27.03
C THR G 214 -4.17 2.13 26.76
N VAL G 215 -3.14 1.74 26.01
CA VAL G 215 -2.06 2.64 25.62
C VAL G 215 -1.60 2.26 24.22
N GLN G 216 -1.22 3.27 23.44
CA GLN G 216 -0.83 3.01 22.06
C GLN G 216 0.53 2.32 21.97
N CYS G 217 1.40 2.53 22.94
CA CYS G 217 2.74 1.96 22.94
C CYS G 217 3.07 1.42 24.32
N THR G 218 3.72 0.26 24.35
CA THR G 218 4.13 -0.34 25.61
C THR G 218 5.41 0.29 26.12
N HIS G 219 5.67 0.12 27.41
CA HIS G 219 6.86 0.66 28.03
C HIS G 219 8.10 -0.04 27.49
N GLY G 220 9.27 0.45 27.90
CA GLY G 220 10.53 -0.13 27.46
C GLY G 220 10.65 -1.59 27.83
N ILE G 221 10.92 -2.43 26.83
CA ILE G 221 11.08 -3.87 27.02
C ILE G 221 12.50 -4.23 26.62
N LYS G 222 13.29 -4.68 27.59
CA LYS G 222 14.67 -5.06 27.32
C LYS G 222 14.71 -6.49 26.78
N PRO G 223 15.27 -6.72 25.59
CA PRO G 223 15.33 -8.09 25.06
C PRO G 223 16.49 -8.91 25.61
N VAL G 224 17.09 -8.45 26.71
CA VAL G 224 18.21 -9.14 27.34
C VAL G 224 17.86 -10.62 27.51
N VAL G 225 18.87 -11.48 27.42
CA VAL G 225 18.65 -12.92 27.29
C VAL G 225 19.13 -13.62 28.55
N SER G 226 18.50 -14.74 28.85
CA SER G 226 18.88 -15.61 29.97
C SER G 226 18.11 -16.91 29.82
N THR G 227 18.42 -17.87 30.69
CA THR G 227 17.77 -19.18 30.65
C THR G 227 17.23 -19.58 32.02
N GLN G 228 17.88 -19.15 33.09
CA GLN G 228 17.50 -19.56 34.44
C GLN G 228 17.07 -18.39 35.30
N LEU G 229 17.86 -17.31 35.35
CA LEU G 229 17.54 -16.13 36.15
C LEU G 229 17.26 -14.95 35.22
N LEU G 230 16.10 -14.34 35.39
CA LEU G 230 15.78 -13.15 34.62
C LEU G 230 16.71 -12.00 35.02
N LEU G 231 17.20 -11.28 34.02
CA LEU G 231 18.12 -10.17 34.23
C LEU G 231 17.49 -8.89 33.70
N ASN G 232 17.53 -7.83 34.52
CA ASN G 232 17.05 -6.52 34.13
C ASN G 232 15.58 -6.56 33.70
N GLY G 233 14.80 -7.43 34.32
CA GLY G 233 13.37 -7.49 34.03
C GLY G 233 12.59 -6.44 34.79
N SER G 234 11.30 -6.36 34.47
CA SER G 234 10.39 -5.45 35.15
C SER G 234 9.82 -6.16 36.37
N LEU G 235 10.13 -5.64 37.55
CA LEU G 235 9.73 -6.31 38.78
C LEU G 235 8.22 -6.18 39.00
N ALA G 236 7.71 -7.04 39.87
CA ALA G 236 6.30 -7.00 40.22
C ALA G 236 5.97 -5.71 40.97
N GLU G 237 4.68 -5.52 41.24
CA GLU G 237 4.22 -4.28 41.87
C GLU G 237 4.37 -4.33 43.39
N GLU G 238 3.71 -5.29 44.04
CA GLU G 238 3.67 -5.38 45.49
C GLU G 238 4.29 -6.65 46.02
N GLU G 239 3.87 -7.81 45.54
CA GLU G 239 4.30 -9.10 46.09
C GLU G 239 4.79 -10.00 44.97
N VAL G 240 5.54 -11.03 45.36
CA VAL G 240 6.03 -12.01 44.39
C VAL G 240 4.85 -12.74 43.78
N MET G 241 4.81 -12.78 42.45
CA MET G 241 3.70 -13.37 41.71
C MET G 241 4.16 -14.66 41.03
N ILE G 242 3.37 -15.71 41.20
CA ILE G 242 3.61 -16.98 40.53
C ILE G 242 2.63 -17.12 39.37
N ARG G 243 3.06 -16.70 38.18
CA ARG G 243 2.21 -16.73 37.00
C ARG G 243 2.40 -18.07 36.28
N SER G 244 1.34 -18.87 36.22
CA SER G 244 1.43 -20.17 35.59
C SER G 244 0.04 -20.62 35.15
N GLU G 245 -0.02 -21.24 33.98
CA GLU G 245 -1.20 -22.00 33.55
C GLU G 245 -1.13 -23.34 34.26
N ASN G 246 -1.86 -24.35 33.76
CA ASN G 246 -2.11 -25.59 34.50
C ASN G 246 -0.94 -25.97 35.38
N ILE G 247 -1.18 -26.07 36.69
CA ILE G 247 -0.11 -26.14 37.68
C ILE G 247 0.07 -27.57 38.15
N THR G 248 -1.03 -28.32 38.23
CA THR G 248 -0.93 -29.73 38.55
C THR G 248 -0.14 -30.50 37.49
N ASN G 249 -0.05 -29.94 36.28
CA ASN G 249 0.76 -30.55 35.23
C ASN G 249 2.22 -30.11 35.39
N ASN G 250 3.10 -31.07 35.65
CA ASN G 250 4.51 -30.77 35.83
C ASN G 250 5.23 -30.51 34.51
N ALA G 251 4.60 -30.80 33.37
CA ALA G 251 5.27 -30.69 32.09
C ALA G 251 5.50 -29.25 31.64
N LYS G 252 4.85 -28.27 32.26
CA LYS G 252 4.94 -26.88 31.84
C LYS G 252 5.66 -26.06 32.91
N ASN G 253 6.39 -25.05 32.45
CA ASN G 253 7.23 -24.27 33.34
C ASN G 253 6.40 -23.39 34.27
N ILE G 254 7.02 -23.01 35.39
CA ILE G 254 6.42 -22.12 36.37
C ILE G 254 7.26 -20.84 36.39
N LEU G 255 6.61 -19.70 36.16
CA LEU G 255 7.29 -18.42 36.05
C LEU G 255 7.09 -17.63 37.33
N VAL G 256 8.19 -17.15 37.91
CA VAL G 256 8.17 -16.43 39.18
C VAL G 256 8.78 -15.05 38.95
N GLN G 257 8.11 -14.03 39.46
CA GLN G 257 8.56 -12.64 39.36
C GLN G 257 8.70 -12.06 40.76
N PHE G 258 9.90 -11.59 41.09
CA PHE G 258 10.16 -11.05 42.41
C PHE G 258 9.57 -9.65 42.55
N ASN G 259 9.77 -9.05 43.73
CA ASN G 259 9.28 -7.70 44.02
C ASN G 259 10.38 -6.75 44.44
N THR G 260 11.50 -7.23 44.99
CA THR G 260 12.65 -6.42 45.30
C THR G 260 13.87 -7.00 44.59
N PRO G 261 14.60 -6.20 43.80
CA PRO G 261 15.70 -6.78 43.01
C PRO G 261 16.81 -7.31 43.92
N VAL G 262 17.46 -8.38 43.44
CA VAL G 262 18.62 -8.97 44.10
C VAL G 262 19.82 -8.68 43.22
N GLN G 263 20.75 -7.88 43.72
CA GLN G 263 21.91 -7.49 42.93
C GLN G 263 22.78 -8.71 42.63
N ILE G 264 23.25 -8.80 41.39
CA ILE G 264 24.14 -9.86 40.95
C ILE G 264 25.37 -9.21 40.31
N ASN G 265 26.55 -9.66 40.73
CA ASN G 265 27.82 -9.19 40.20
C ASN G 265 28.45 -10.30 39.38
N CYS G 266 28.89 -9.98 38.15
CA CYS G 266 29.61 -10.91 37.31
C CYS G 266 30.81 -10.19 36.70
N THR G 267 31.95 -10.89 36.65
CA THR G 267 33.17 -10.29 36.16
C THR G 267 34.04 -11.35 35.51
N ARG G 268 34.88 -10.91 34.57
CA ARG G 268 35.90 -11.75 33.97
C ARG G 268 37.27 -11.26 34.41
N PRO G 269 38.01 -12.00 35.25
CA PRO G 269 39.24 -11.44 35.82
C PRO G 269 40.40 -11.36 34.85
N ASN G 270 40.39 -12.13 33.76
CA ASN G 270 41.53 -12.17 32.86
C ASN G 270 41.71 -10.84 32.14
N ASN G 271 42.97 -10.44 31.95
CA ASN G 271 43.32 -9.26 31.17
C ASN G 271 43.67 -9.72 29.76
N ASN G 272 42.62 -10.05 29.00
CA ASN G 272 42.82 -10.60 27.66
C ASN G 272 43.21 -9.51 26.68
N THR G 273 43.89 -9.93 25.61
CA THR G 273 44.31 -9.04 24.53
C THR G 273 43.87 -9.62 23.20
N ARG G 274 43.61 -8.73 22.24
CA ARG G 274 43.06 -9.10 20.95
C ARG G 274 44.12 -8.96 19.86
N LYS G 275 44.19 -9.95 18.99
CA LYS G 275 45.08 -9.95 17.84
C LYS G 275 44.24 -9.99 16.57
N SER G 276 44.60 -9.14 15.61
CA SER G 276 43.89 -9.06 14.34
C SER G 276 44.69 -9.79 13.27
N ILE G 277 44.03 -10.75 12.60
CA ILE G 277 44.66 -11.54 11.54
C ILE G 277 43.87 -11.33 10.26
N ARG G 278 44.57 -10.96 9.19
CA ARG G 278 43.94 -10.78 7.89
C ARG G 278 43.75 -12.14 7.22
N ILE G 279 42.54 -12.42 6.77
CA ILE G 279 42.19 -13.73 6.21
C ILE G 279 42.14 -13.63 4.69
N GLY G 280 41.68 -12.49 4.18
CA GLY G 280 41.51 -12.32 2.76
C GLY G 280 41.38 -10.85 2.39
N PRO G 281 40.96 -10.59 1.15
CA PRO G 281 40.83 -9.19 0.72
C PRO G 281 39.78 -8.44 1.52
N GLY G 282 40.22 -7.46 2.29
CA GLY G 282 39.30 -6.67 3.11
C GLY G 282 38.50 -7.50 4.08
N GLN G 283 39.12 -8.54 4.63
CA GLN G 283 38.44 -9.44 5.55
C GLN G 283 39.41 -9.83 6.65
N ALA G 284 39.14 -9.42 7.88
CA ALA G 284 40.02 -9.63 9.00
C ALA G 284 39.32 -10.48 10.06
N PHE G 285 40.11 -11.31 10.74
CA PHE G 285 39.63 -12.14 11.84
C PHE G 285 40.41 -11.79 13.10
N TYR G 286 39.72 -11.69 14.22
CA TYR G 286 40.30 -11.32 15.49
C TYR G 286 40.40 -12.55 16.38
N ALA G 287 41.60 -12.79 16.92
CA ALA G 287 41.89 -13.96 17.73
C ALA G 287 42.17 -13.53 19.17
N THR G 288 42.43 -14.53 20.01
CA THR G 288 42.70 -14.31 21.43
C THR G 288 44.18 -14.45 21.73
N GLY G 289 44.59 -13.86 22.85
CA GLY G 289 45.95 -13.96 23.32
C GLY G 289 46.88 -12.99 22.61
N ASP G 290 48.11 -12.89 23.13
CA ASP G 290 48.61 -13.60 24.31
C ASP G 290 48.06 -12.98 25.59
N ILE G 291 47.57 -13.83 26.49
CA ILE G 291 46.96 -13.33 27.72
C ILE G 291 48.02 -12.71 28.62
N ILE G 292 47.59 -11.75 29.42
CA ILE G 292 48.47 -11.01 30.34
C ILE G 292 47.94 -11.20 31.76
N GLY G 293 48.84 -11.47 32.69
CA GLY G 293 48.48 -11.58 34.09
C GLY G 293 48.16 -13.01 34.51
N ASP G 294 47.44 -13.11 35.62
CA ASP G 294 47.10 -14.40 36.19
C ASP G 294 45.98 -15.06 35.39
N ILE G 295 45.69 -16.31 35.75
CA ILE G 295 44.65 -17.11 35.11
C ILE G 295 43.66 -17.49 36.20
N ARG G 296 42.55 -16.75 36.28
CA ARG G 296 41.54 -16.96 37.30
C ARG G 296 40.19 -17.21 36.65
N GLN G 297 39.41 -18.11 37.25
CA GLN G 297 38.11 -18.47 36.69
C GLN G 297 37.12 -17.32 36.83
N ALA G 298 36.30 -17.13 35.80
CA ALA G 298 35.22 -16.17 35.89
C ALA G 298 34.24 -16.57 36.98
N HIS G 299 33.78 -15.59 37.75
CA HIS G 299 32.90 -15.86 38.87
C HIS G 299 31.85 -14.76 38.97
N CYS G 300 30.68 -15.15 39.49
CA CYS G 300 29.59 -14.22 39.76
C CYS G 300 29.27 -14.25 41.25
N ASN G 301 28.77 -13.12 41.76
CA ASN G 301 28.54 -12.96 43.19
C ASN G 301 27.13 -12.45 43.44
N VAL G 302 26.48 -13.04 44.44
CA VAL G 302 25.16 -12.60 44.90
C VAL G 302 25.15 -12.66 46.42
N SER G 303 24.56 -11.64 47.04
CA SER G 303 24.56 -11.56 48.50
C SER G 303 23.83 -12.76 49.10
N LYS G 304 24.41 -13.32 50.16
CA LYS G 304 23.80 -14.48 50.82
C LYS G 304 22.53 -14.08 51.55
N ALA G 305 22.59 -13.00 52.34
CA ALA G 305 21.43 -12.60 53.12
C ALA G 305 20.25 -12.24 52.22
N THR G 306 20.51 -11.51 51.14
CA THR G 306 19.42 -11.12 50.24
C THR G 306 18.78 -12.32 49.58
N TRP G 307 19.60 -13.28 49.13
CA TRP G 307 19.05 -14.44 48.42
C TRP G 307 18.19 -15.29 49.36
N ASN G 308 18.64 -15.50 50.59
CA ASN G 308 17.84 -16.30 51.52
C ASN G 308 16.49 -15.64 51.78
N GLU G 309 16.47 -14.33 51.97
CA GLU G 309 15.21 -13.62 52.15
C GLU G 309 14.35 -13.73 50.89
N THR G 310 14.96 -13.57 49.72
CA THR G 310 14.19 -13.65 48.47
C THR G 310 13.58 -15.03 48.29
N LEU G 311 14.37 -16.08 48.54
CA LEU G 311 13.82 -17.43 48.42
C LEU G 311 12.74 -17.68 49.46
N GLY G 312 12.94 -17.18 50.68
CA GLY G 312 11.93 -17.35 51.71
C GLY G 312 10.60 -16.75 51.32
N LYS G 313 10.63 -15.59 50.65
CA LYS G 313 9.40 -14.97 50.19
C LYS G 313 8.76 -15.78 49.07
N VAL G 314 9.58 -16.36 48.19
CA VAL G 314 9.03 -17.13 47.07
C VAL G 314 8.28 -18.36 47.59
N VAL G 315 8.87 -19.07 48.55
CA VAL G 315 8.21 -20.25 49.08
C VAL G 315 6.95 -19.87 49.84
N LYS G 316 6.96 -18.73 50.53
CA LYS G 316 5.78 -18.30 51.28
C LYS G 316 4.59 -18.13 50.35
N GLN G 317 4.77 -17.39 49.25
CA GLN G 317 3.68 -17.25 48.28
C GLN G 317 3.41 -18.57 47.57
N LEU G 318 4.47 -19.34 47.29
CA LEU G 318 4.29 -20.63 46.63
C LEU G 318 3.52 -21.60 47.50
N ARG G 319 3.69 -21.52 48.82
CA ARG G 319 2.99 -22.42 49.72
C ARG G 319 1.49 -22.21 49.73
N LYS G 320 1.01 -21.06 49.22
CA LYS G 320 -0.42 -20.84 49.15
C LYS G 320 -1.10 -21.68 48.08
N HIS G 321 -0.34 -22.17 47.10
CA HIS G 321 -0.88 -23.01 46.05
C HIS G 321 -0.64 -24.49 46.28
N PHE G 322 0.07 -24.87 47.35
CA PHE G 322 0.37 -26.26 47.65
C PHE G 322 0.15 -26.49 49.14
N GLY G 323 0.42 -27.71 49.59
CA GLY G 323 0.23 -28.03 50.98
C GLY G 323 1.11 -27.18 51.89
N ASN G 324 0.56 -26.84 53.06
CA ASN G 324 1.30 -26.03 54.02
C ASN G 324 2.38 -26.83 54.73
N ASN G 325 2.10 -28.10 55.02
CA ASN G 325 3.05 -28.95 55.74
C ASN G 325 4.08 -29.59 54.81
N THR G 326 3.94 -29.43 53.50
CA THR G 326 4.90 -30.03 52.57
C THR G 326 6.28 -29.39 52.75
N ILE G 327 7.32 -30.21 52.67
CA ILE G 327 8.70 -29.76 52.84
C ILE G 327 9.22 -29.39 51.45
N ILE G 328 9.26 -28.09 51.17
CA ILE G 328 9.70 -27.61 49.86
C ILE G 328 11.22 -27.68 49.80
N ARG G 329 11.73 -28.31 48.74
CA ARG G 329 13.17 -28.46 48.53
C ARG G 329 13.56 -27.82 47.20
N PHE G 330 14.85 -27.55 47.06
CA PHE G 330 15.41 -27.00 45.84
C PHE G 330 16.65 -27.78 45.44
N ALA G 331 16.92 -27.84 44.14
CA ALA G 331 18.06 -28.57 43.62
C ALA G 331 18.46 -27.97 42.28
N ASN G 332 19.67 -28.31 41.84
CA ASN G 332 20.17 -27.82 40.56
C ASN G 332 19.38 -28.47 39.42
N SER G 333 19.75 -28.11 38.19
CA SER G 333 19.05 -28.62 37.03
C SER G 333 19.18 -30.13 36.93
N SER G 334 18.40 -30.72 36.03
CA SER G 334 18.36 -32.16 35.84
C SER G 334 19.32 -32.64 34.76
N GLY G 335 20.38 -31.88 34.48
CA GLY G 335 21.35 -32.27 33.48
C GLY G 335 20.86 -32.03 32.06
N GLY G 336 21.74 -32.34 31.11
CA GLY G 336 21.44 -32.16 29.70
C GLY G 336 22.51 -31.39 28.98
N ASP G 337 22.13 -30.74 27.88
CA ASP G 337 23.09 -29.96 27.10
C ASP G 337 23.50 -28.71 27.87
N LEU G 338 24.69 -28.20 27.53
CA LEU G 338 25.20 -27.02 28.21
C LEU G 338 24.33 -25.79 27.95
N GLU G 339 23.64 -25.75 26.81
CA GLU G 339 22.83 -24.58 26.48
C GLU G 339 21.72 -24.36 27.49
N VAL G 340 21.06 -25.44 27.91
CA VAL G 340 19.92 -25.34 28.82
C VAL G 340 20.28 -25.72 30.26
N THR G 341 21.39 -26.41 30.48
CA THR G 341 21.73 -26.85 31.82
C THR G 341 22.25 -25.72 32.70
N THR G 342 22.83 -24.67 32.10
CA THR G 342 23.52 -23.63 32.84
C THR G 342 22.94 -22.26 32.51
N HIS G 343 23.14 -21.33 33.44
CA HIS G 343 22.70 -19.96 33.25
C HIS G 343 23.53 -19.30 32.15
N SER G 344 22.87 -18.45 31.35
CA SER G 344 23.51 -17.79 30.22
C SER G 344 23.17 -16.31 30.22
N PHE G 345 24.11 -15.51 29.75
CA PHE G 345 23.89 -14.08 29.55
C PHE G 345 24.99 -13.54 28.64
N ASN G 346 24.80 -12.31 28.18
CA ASN G 346 25.64 -11.69 27.16
C ASN G 346 26.16 -10.34 27.66
N CYS G 347 26.69 -10.32 28.87
CA CYS G 347 27.23 -9.09 29.44
C CYS G 347 28.52 -8.71 28.76
N GLY G 348 28.61 -7.44 28.34
CA GLY G 348 29.82 -6.93 27.74
C GLY G 348 30.18 -7.52 26.40
N GLY G 349 29.23 -8.21 25.74
CA GLY G 349 29.49 -8.81 24.45
C GLY G 349 30.19 -10.14 24.50
N GLU G 350 30.53 -10.64 25.69
CA GLU G 350 31.17 -11.94 25.86
C GLU G 350 30.22 -12.85 26.60
N PHE G 351 29.97 -14.03 26.03
CA PHE G 351 28.97 -14.94 26.57
C PHE G 351 29.53 -15.71 27.76
N PHE G 352 28.67 -15.94 28.76
CA PHE G 352 29.04 -16.70 29.95
C PHE G 352 28.03 -17.82 30.15
N TYR G 353 28.53 -19.03 30.37
CA TYR G 353 27.73 -20.15 30.81
C TYR G 353 28.17 -20.49 32.24
N CYS G 354 27.23 -20.43 33.18
CA CYS G 354 27.55 -20.49 34.60
C CYS G 354 26.77 -21.60 35.28
N ASN G 355 27.44 -22.28 36.20
CA ASN G 355 26.85 -23.37 36.96
C ASN G 355 26.27 -22.80 38.26
N THR G 356 24.94 -22.89 38.40
CA THR G 356 24.22 -22.26 39.49
C THR G 356 23.79 -23.26 40.56
N SER G 357 24.62 -24.26 40.84
CA SER G 357 24.27 -25.25 41.84
C SER G 357 24.23 -24.65 43.25
N GLY G 358 24.89 -23.51 43.48
CA GLY G 358 24.95 -22.94 44.81
C GLY G 358 23.73 -22.13 45.21
N LEU G 359 22.90 -21.74 44.26
CA LEU G 359 21.72 -20.93 44.55
C LEU G 359 20.48 -21.74 44.86
N PHE G 360 20.54 -23.07 44.76
CA PHE G 360 19.37 -23.91 44.99
C PHE G 360 19.67 -25.05 45.96
N ASN G 361 20.70 -24.92 46.79
CA ASN G 361 21.09 -25.96 47.74
C ASN G 361 20.53 -25.61 49.11
N SER G 362 19.23 -25.84 49.29
CA SER G 362 18.58 -25.55 50.55
C SER G 362 17.28 -26.34 50.65
N THR G 363 16.80 -26.48 51.89
CA THR G 363 15.53 -27.10 52.18
C THR G 363 14.76 -26.22 53.17
N TRP G 364 13.44 -26.21 53.03
CA TRP G 364 12.58 -25.33 53.82
C TRP G 364 11.63 -26.17 54.65
N ILE G 365 11.70 -26.01 55.98
CA ILE G 365 10.80 -26.68 56.91
C ILE G 365 9.74 -25.67 57.34
N SER G 366 8.54 -26.18 57.59
CA SER G 366 7.45 -25.33 58.07
C SER G 366 7.83 -24.70 59.40
N ASN G 367 7.53 -23.42 59.53
CA ASN G 367 7.88 -22.67 60.73
C ASN G 367 9.40 -22.65 60.94
N ASN G 379 30.50 -14.77 53.66
CA ASN G 379 29.12 -14.81 54.12
C ASN G 379 28.26 -13.79 53.35
N ASP G 380 28.91 -12.82 52.73
CA ASP G 380 28.22 -11.76 52.01
C ASP G 380 28.15 -12.01 50.51
N SER G 381 28.57 -13.19 50.05
CA SER G 381 28.56 -13.48 48.62
C SER G 381 28.61 -14.99 48.41
N ILE G 382 28.23 -15.40 47.21
CA ILE G 382 28.33 -16.79 46.77
C ILE G 382 29.24 -16.82 45.56
N THR G 383 30.23 -17.72 45.59
CA THR G 383 31.17 -17.87 44.48
C THR G 383 30.63 -18.88 43.49
N LEU G 384 30.40 -18.44 42.25
CA LEU G 384 29.85 -19.28 41.20
C LEU G 384 30.89 -19.50 40.11
N PRO G 385 31.56 -20.65 40.06
CA PRO G 385 32.47 -20.92 38.94
C PRO G 385 31.72 -20.90 37.61
N CYS G 386 32.04 -19.92 36.78
CA CYS G 386 31.37 -19.71 35.51
C CYS G 386 32.14 -20.42 34.39
N ARG G 387 31.66 -20.24 33.16
CA ARG G 387 32.33 -20.79 31.98
C ARG G 387 32.08 -19.86 30.80
N ILE G 388 32.98 -19.92 29.83
CA ILE G 388 32.93 -19.05 28.66
C ILE G 388 33.06 -19.92 27.41
N LYS G 389 32.32 -19.56 26.37
CA LYS G 389 32.32 -20.30 25.11
C LYS G 389 32.21 -19.28 23.98
N GLN G 390 33.34 -18.98 23.33
CA GLN G 390 33.35 -17.96 22.29
C GLN G 390 32.46 -18.34 21.11
N ILE G 391 32.56 -19.58 20.65
CA ILE G 391 31.68 -20.06 19.59
C ILE G 391 30.29 -20.20 20.18
N ILE G 392 29.31 -19.53 19.57
CA ILE G 392 27.97 -19.44 20.12
C ILE G 392 26.98 -20.01 19.11
N ASN G 393 26.15 -20.94 19.58
CA ASN G 393 24.99 -21.40 18.84
C ASN G 393 23.76 -20.72 19.41
N MET G 394 23.10 -19.91 18.59
CA MET G 394 21.93 -19.15 19.00
C MET G 394 20.72 -20.08 18.98
N TRP G 395 19.51 -19.53 18.93
CA TRP G 395 18.26 -20.28 19.08
C TRP G 395 18.35 -21.64 18.39
N GLN G 396 17.66 -22.63 18.94
CA GLN G 396 17.95 -24.04 18.67
C GLN G 396 17.86 -24.39 17.19
N ARG G 397 17.51 -23.44 16.35
CA ARG G 397 17.78 -23.55 14.92
C ARG G 397 19.26 -23.87 14.77
N ILE G 398 19.57 -25.08 14.28
CA ILE G 398 20.94 -25.59 14.35
C ILE G 398 21.80 -25.14 13.17
N GLY G 399 21.20 -24.62 12.11
CA GLY G 399 21.97 -24.23 10.94
C GLY G 399 22.72 -22.93 11.05
N GLN G 400 22.57 -22.21 12.15
CA GLN G 400 23.20 -20.92 12.34
C GLN G 400 24.18 -20.96 13.52
N CYS G 401 24.98 -19.90 13.60
CA CYS G 401 26.07 -19.77 14.56
C CYS G 401 26.70 -18.39 14.37
N MET G 402 27.60 -18.04 15.28
CA MET G 402 28.31 -16.78 15.20
C MET G 402 29.56 -16.85 16.07
N TYR G 403 30.48 -15.93 15.82
CA TYR G 403 31.72 -15.81 16.57
C TYR G 403 31.67 -14.61 17.50
N ALA G 404 32.23 -14.77 18.70
CA ALA G 404 32.27 -13.70 19.69
C ALA G 404 33.72 -13.29 19.93
N PRO G 405 34.22 -12.22 19.30
CA PRO G 405 35.61 -11.84 19.49
C PRO G 405 35.85 -11.36 20.91
N PRO G 406 37.09 -11.46 21.40
CA PRO G 406 37.37 -11.02 22.77
C PRO G 406 37.40 -9.50 22.87
N ILE G 407 37.41 -9.03 24.11
CA ILE G 407 37.49 -7.61 24.42
C ILE G 407 38.67 -7.39 25.37
N GLN G 408 39.47 -6.37 25.09
CA GLN G 408 40.65 -6.10 25.90
C GLN G 408 40.26 -5.76 27.33
N GLY G 409 41.08 -6.22 28.28
CA GLY G 409 40.90 -5.88 29.67
C GLY G 409 39.82 -6.68 30.35
N VAL G 410 39.69 -6.44 31.66
CA VAL G 410 38.66 -7.12 32.44
C VAL G 410 37.29 -6.53 32.12
N ILE G 411 36.26 -7.33 32.37
CA ILE G 411 34.87 -6.95 32.12
C ILE G 411 34.11 -7.06 33.44
N ARG G 412 33.40 -6.00 33.81
CA ARG G 412 32.58 -5.98 35.02
C ARG G 412 31.11 -5.95 34.64
N CYS G 413 30.28 -6.55 35.49
CA CYS G 413 28.85 -6.63 35.25
C CYS G 413 28.09 -6.32 36.52
N VAL G 414 27.02 -5.54 36.39
CA VAL G 414 26.10 -5.24 37.49
C VAL G 414 24.69 -5.35 36.91
N SER G 415 23.96 -6.37 37.34
CA SER G 415 22.60 -6.62 36.86
C SER G 415 21.70 -6.87 38.05
N ASN G 416 20.40 -7.02 37.76
CA ASN G 416 19.38 -7.23 38.77
C ASN G 416 18.69 -8.57 38.50
N ILE G 417 18.50 -9.35 39.57
CA ILE G 417 17.74 -10.58 39.49
C ILE G 417 16.28 -10.26 39.80
N THR G 418 15.39 -10.54 38.86
CA THR G 418 13.98 -10.20 38.99
C THR G 418 13.07 -11.41 39.09
N GLY G 419 13.55 -12.61 38.81
CA GLY G 419 12.71 -13.78 38.88
C GLY G 419 13.46 -15.03 38.43
N LEU G 420 12.72 -16.14 38.45
CA LEU G 420 13.27 -17.44 38.09
C LEU G 420 12.27 -18.15 37.18
N ILE G 421 12.78 -19.09 36.40
CA ILE G 421 11.96 -19.95 35.56
C ILE G 421 12.24 -21.38 36.02
N LEU G 422 11.44 -21.86 36.95
CA LEU G 422 11.61 -23.20 37.51
C LEU G 422 10.77 -24.21 36.75
N THR G 423 11.01 -25.49 37.04
CA THR G 423 10.27 -26.59 36.45
C THR G 423 9.90 -27.58 37.54
N ARG G 424 8.73 -28.21 37.38
CA ARG G 424 8.20 -29.13 38.37
C ARG G 424 8.65 -30.55 38.05
N ASP G 425 9.21 -31.23 39.05
CA ASP G 425 9.68 -32.59 38.88
C ASP G 425 8.54 -33.59 39.03
N GLY G 426 8.54 -34.62 38.19
CA GLY G 426 7.52 -35.63 38.22
C GLY G 426 7.82 -36.75 39.21
N GLY G 427 6.92 -37.72 39.24
CA GLY G 427 7.07 -38.86 40.11
C GLY G 427 6.68 -38.62 41.56
N SER G 428 6.11 -37.46 41.87
CA SER G 428 5.71 -37.18 43.24
C SER G 428 4.61 -38.13 43.68
N THR G 429 4.72 -38.63 44.91
CA THR G 429 3.77 -39.57 45.49
C THR G 429 3.00 -38.87 46.60
N ASN G 430 1.67 -38.83 46.49
CA ASN G 430 0.78 -38.24 47.46
C ASN G 430 0.95 -36.72 47.59
N SER G 431 1.71 -36.10 46.69
CA SER G 431 1.94 -34.65 46.71
C SER G 431 2.44 -34.19 48.08
N THR G 432 3.59 -34.72 48.46
CA THR G 432 4.24 -34.38 49.73
C THR G 432 5.72 -34.13 49.48
N THR G 433 6.26 -33.12 50.16
CA THR G 433 7.66 -32.73 50.03
C THR G 433 8.01 -32.49 48.56
N GLU G 434 7.32 -31.52 47.99
CA GLU G 434 7.47 -31.19 46.57
C GLU G 434 8.71 -30.33 46.37
N THR G 435 9.39 -30.54 45.23
CA THR G 435 10.60 -29.81 44.90
C THR G 435 10.53 -29.31 43.47
N PHE G 436 11.27 -28.24 43.21
CA PHE G 436 11.37 -27.64 41.88
C PHE G 436 12.84 -27.46 41.52
N ARG G 437 13.12 -27.47 40.22
CA ARG G 437 14.45 -27.26 39.71
C ARG G 437 14.43 -26.21 38.60
N PRO G 438 15.48 -25.43 38.46
CA PRO G 438 15.55 -24.50 37.32
C PRO G 438 15.66 -25.26 36.01
N GLY G 439 15.12 -24.66 34.96
CA GLY G 439 15.12 -25.31 33.66
C GLY G 439 14.52 -24.45 32.58
N GLY G 440 13.68 -25.05 31.74
CA GLY G 440 13.10 -24.31 30.64
C GLY G 440 14.17 -23.85 29.67
N GLY G 441 14.46 -22.56 29.67
CA GLY G 441 15.46 -21.99 28.79
C GLY G 441 14.92 -21.49 27.47
N ASP G 442 13.64 -21.73 27.17
CA ASP G 442 13.06 -21.21 25.95
C ASP G 442 12.97 -19.69 26.03
N MET G 443 13.37 -19.02 24.95
CA MET G 443 13.40 -17.56 24.96
C MET G 443 12.02 -16.94 25.07
N ARG G 444 10.97 -17.67 24.68
CA ARG G 444 9.63 -17.11 24.73
C ARG G 444 9.22 -16.79 26.17
N ASP G 445 9.57 -17.66 27.11
CA ASP G 445 9.16 -17.45 28.50
C ASP G 445 9.74 -16.17 29.08
N ASN G 446 10.96 -15.80 28.66
CA ASN G 446 11.58 -14.59 29.21
C ASN G 446 10.76 -13.35 28.89
N TRP G 447 10.27 -13.24 27.65
CA TRP G 447 9.45 -12.09 27.29
C TRP G 447 8.03 -12.20 27.83
N ARG G 448 7.55 -13.42 28.05
CA ARG G 448 6.21 -13.58 28.61
C ARG G 448 6.08 -12.86 29.95
N SER G 449 7.17 -12.78 30.71
CA SER G 449 7.15 -12.04 31.96
C SER G 449 6.99 -10.54 31.74
N GLU G 450 7.20 -10.06 30.51
CA GLU G 450 7.07 -8.65 30.18
C GLU G 450 5.86 -8.32 29.33
N LEU G 451 5.30 -9.30 28.61
CA LEU G 451 4.17 -9.07 27.72
C LEU G 451 2.87 -9.67 28.26
N TYR G 452 2.87 -10.16 29.49
CA TYR G 452 1.66 -10.78 30.03
C TYR G 452 0.53 -9.77 30.20
N LYS G 453 0.86 -8.50 30.48
CA LYS G 453 -0.18 -7.51 30.68
C LYS G 453 -0.80 -7.07 29.36
N TYR G 454 0.00 -6.99 28.30
CA TYR G 454 -0.42 -6.33 27.07
C TYR G 454 -1.03 -7.32 26.09
N LYS G 455 -2.19 -6.97 25.56
CA LYS G 455 -2.85 -7.74 24.51
C LYS G 455 -3.38 -6.76 23.46
N VAL G 456 -3.54 -7.26 22.24
CA VAL G 456 -3.93 -6.44 21.09
C VAL G 456 -5.39 -6.73 20.77
N VAL G 457 -6.16 -5.67 20.55
CA VAL G 457 -7.58 -5.77 20.24
C VAL G 457 -7.88 -4.92 19.01
N LYS G 458 -9.02 -5.21 18.39
CA LYS G 458 -9.46 -4.53 17.18
C LYS G 458 -10.68 -3.68 17.48
N ILE G 459 -10.77 -2.53 16.82
CA ILE G 459 -11.87 -1.59 17.02
C ILE G 459 -12.94 -1.83 15.96
N GLU G 460 -14.18 -1.98 16.42
CA GLU G 460 -15.32 -2.15 15.52
C GLU G 460 -16.18 -0.89 15.56
N PRO G 461 -15.83 0.16 14.83
CA PRO G 461 -16.58 1.43 14.95
C PRO G 461 -18.04 1.30 14.56
N LEU G 462 -18.37 0.47 13.58
CA LEU G 462 -19.74 0.40 13.08
C LEU G 462 -20.66 -0.22 14.13
N GLY G 463 -21.92 0.18 14.10
CA GLY G 463 -22.90 -0.36 15.01
C GLY G 463 -24.29 0.11 14.65
N VAL G 464 -25.28 -0.62 15.17
CA VAL G 464 -26.69 -0.33 14.93
C VAL G 464 -27.40 -0.28 16.28
N ALA G 465 -28.27 0.71 16.46
CA ALA G 465 -29.00 0.90 17.72
C ALA G 465 -30.48 1.03 17.41
N PRO G 466 -31.36 0.35 18.19
CA PRO G 466 -32.80 0.49 17.93
C PRO G 466 -33.42 1.66 18.69
N THR G 467 -34.09 2.55 17.97
CA THR G 467 -34.83 3.65 18.57
C THR G 467 -35.88 4.10 17.56
N ARG G 468 -36.54 5.22 17.86
CA ARG G 468 -37.62 5.73 17.01
C ARG G 468 -37.01 6.72 16.02
N CYS G 469 -36.82 6.27 14.77
CA CYS G 469 -36.27 7.08 13.71
C CYS G 469 -37.23 7.13 12.52
N LYS G 470 -37.40 8.32 11.97
CA LYS G 470 -38.17 8.54 10.73
C LYS G 470 -37.31 9.35 9.79
N ARG G 471 -36.71 8.70 8.79
CA ARG G 471 -35.87 9.39 7.84
C ARG G 471 -36.68 10.44 7.07
N ARG G 472 -36.07 11.58 6.83
CA ARG G 472 -36.72 12.69 6.12
C ARG G 472 -36.78 12.34 4.64
N VAL G 473 -37.93 11.82 4.19
CA VAL G 473 -38.09 11.44 2.79
C VAL G 473 -38.18 12.70 1.95
N VAL G 474 -37.42 12.73 0.85
CA VAL G 474 -37.41 13.86 -0.05
C VAL G 474 -38.67 13.96 -0.88
N ALA H 1 -18.33 24.86 35.72
CA ALA H 1 -18.66 23.51 35.31
C ALA H 1 -17.93 23.13 34.03
N VAL H 2 -16.64 22.77 34.18
CA VAL H 2 -15.85 22.34 33.03
C VAL H 2 -15.98 20.85 32.77
N GLY H 3 -16.41 20.07 33.76
CA GLY H 3 -16.53 18.63 33.60
C GLY H 3 -17.87 18.21 33.05
N ILE H 4 -17.92 17.98 31.74
CA ILE H 4 -19.10 17.47 31.05
C ILE H 4 -18.69 16.20 30.32
N GLY H 5 -19.58 15.20 30.33
CA GLY H 5 -19.31 13.99 29.58
C GLY H 5 -19.07 14.35 28.13
N ALA H 6 -17.82 14.28 27.69
CA ALA H 6 -17.44 14.84 26.40
C ALA H 6 -16.16 14.16 25.92
N VAL H 7 -15.51 14.76 24.93
CA VAL H 7 -14.35 14.13 24.28
C VAL H 7 -13.25 13.84 25.29
N PHE H 8 -13.01 14.77 26.22
CA PHE H 8 -11.83 14.63 27.09
C PHE H 8 -11.92 13.43 28.03
N LEU H 9 -12.99 12.63 27.97
CA LEU H 9 -13.00 11.36 28.68
C LEU H 9 -12.00 10.37 28.09
N GLY H 10 -11.51 10.63 26.89
CA GLY H 10 -10.43 9.87 26.30
C GLY H 10 -10.90 8.96 25.18
N PHE H 11 -9.99 8.67 24.26
CA PHE H 11 -10.24 7.67 23.22
C PHE H 11 -10.63 6.35 23.87
N LEU H 12 -11.72 5.76 23.40
CA LEU H 12 -12.32 4.57 23.99
C LEU H 12 -12.80 4.80 25.42
N GLY H 13 -12.81 6.05 25.88
CA GLY H 13 -13.18 6.32 27.26
C GLY H 13 -14.65 6.06 27.54
N ALA H 14 -15.51 6.21 26.53
CA ALA H 14 -16.93 5.98 26.71
C ALA H 14 -17.28 4.50 26.84
N ALA H 15 -16.33 3.60 26.60
CA ALA H 15 -16.61 2.17 26.68
C ALA H 15 -17.07 1.75 28.07
N GLY H 16 -16.77 2.55 29.10
CA GLY H 16 -17.18 2.25 30.45
C GLY H 16 -18.48 2.92 30.85
N SER H 17 -18.92 3.89 30.05
CA SER H 17 -20.14 4.63 30.34
C SER H 17 -21.33 3.99 29.63
N THR H 18 -22.53 4.48 29.97
CA THR H 18 -23.74 3.98 29.36
C THR H 18 -23.80 4.36 27.88
N MET H 19 -24.66 3.67 27.15
CA MET H 19 -24.77 3.91 25.72
C MET H 19 -25.20 5.34 25.42
N GLY H 20 -26.15 5.87 26.20
CA GLY H 20 -26.61 7.23 25.96
C GLY H 20 -25.51 8.25 26.12
N ALA H 21 -24.68 8.11 27.16
CA ALA H 21 -23.59 9.05 27.38
C ALA H 21 -22.45 8.85 26.39
N ALA H 22 -22.40 7.71 25.71
CA ALA H 22 -21.33 7.45 24.75
C ALA H 22 -21.60 8.06 23.38
N SER H 23 -22.81 8.56 23.13
CA SER H 23 -23.12 9.12 21.82
C SER H 23 -22.29 10.37 21.53
N MET H 24 -22.05 11.20 22.54
CA MET H 24 -21.29 12.43 22.35
C MET H 24 -19.80 12.19 22.18
N THR H 25 -19.32 10.97 22.41
CA THR H 25 -17.91 10.63 22.29
C THR H 25 -17.61 9.86 21.01
N LEU H 26 -18.45 10.00 19.99
CA LEU H 26 -18.26 9.28 18.73
C LEU H 26 -17.31 10.02 17.77
N THR H 27 -16.89 11.23 18.11
CA THR H 27 -15.97 11.97 17.26
C THR H 27 -14.50 11.71 17.59
N VAL H 28 -14.18 11.45 18.85
CA VAL H 28 -12.83 11.08 19.23
C VAL H 28 -12.45 9.69 18.72
N GLN H 29 -13.43 8.91 18.28
CA GLN H 29 -13.20 7.54 17.84
C GLN H 29 -12.84 7.45 16.37
N ALA H 30 -13.47 8.27 15.53
CA ALA H 30 -13.17 8.24 14.09
C ALA H 30 -11.83 8.89 13.77
N ARG H 31 -11.32 9.75 14.65
CA ARG H 31 -10.07 10.45 14.37
C ARG H 31 -8.85 9.54 14.51
N ASN H 32 -8.93 8.51 15.36
CA ASN H 32 -7.79 7.65 15.66
C ASN H 32 -7.77 6.38 14.81
N LEU H 33 -8.28 6.43 13.59
CA LEU H 33 -8.28 5.27 12.69
C LEU H 33 -7.26 5.38 11.57
N LEU H 34 -6.72 6.57 11.31
CA LEU H 34 -5.77 6.78 10.22
C LEU H 34 -4.42 7.30 10.70
N SER H 35 -4.40 8.29 11.58
CA SER H 35 -3.17 8.94 11.98
C SER H 35 -2.37 8.03 12.92
N GLY H 36 -1.26 8.55 13.45
CA GLY H 36 -0.40 7.82 14.36
C GLY H 36 0.88 7.30 13.75
N ILE H 37 0.95 7.22 12.42
CA ILE H 37 2.15 6.73 11.74
C ILE H 37 2.55 7.74 10.66
N VAL H 38 2.18 9.00 10.87
CA VAL H 38 2.45 10.02 9.86
C VAL H 38 3.95 10.19 9.64
N GLN H 39 4.72 10.20 10.72
CA GLN H 39 6.16 10.39 10.64
C GLN H 39 6.87 9.06 10.44
N GLN H 40 7.85 9.05 9.54
CA GLN H 40 8.63 7.85 9.27
C GLN H 40 9.98 7.91 9.97
N LEU H 57 16.32 -2.14 2.89
CA LEU H 57 15.91 -2.66 4.19
C LEU H 57 14.57 -3.38 4.07
N THR H 58 14.50 -4.59 4.62
CA THR H 58 13.29 -5.41 4.57
C THR H 58 12.49 -5.32 5.86
N VAL H 59 13.12 -5.61 7.00
CA VAL H 59 12.41 -5.56 8.27
C VAL H 59 11.99 -4.12 8.56
N TRP H 60 10.73 -3.96 8.96
CA TRP H 60 10.08 -2.68 9.24
C TRP H 60 9.84 -1.85 7.98
N GLY H 61 10.28 -2.31 6.82
CA GLY H 61 9.95 -1.65 5.56
C GLY H 61 8.66 -2.19 4.99
N ILE H 62 8.60 -3.51 4.80
CA ILE H 62 7.37 -4.14 4.35
C ILE H 62 6.31 -4.09 5.44
N LYS H 63 6.73 -4.24 6.71
CA LYS H 63 5.78 -4.20 7.81
C LYS H 63 5.06 -2.86 7.86
N GLN H 64 5.80 -1.77 7.68
CA GLN H 64 5.15 -0.45 7.65
C GLN H 64 4.15 -0.35 6.51
N LEU H 65 4.52 -0.85 5.33
CA LEU H 65 3.60 -0.83 4.20
C LEU H 65 2.38 -1.70 4.46
N GLN H 66 2.60 -2.90 5.01
CA GLN H 66 1.47 -3.78 5.29
C GLN H 66 0.52 -3.18 6.31
N ALA H 67 1.07 -2.59 7.37
CA ALA H 67 0.23 -1.98 8.40
C ALA H 67 -0.53 -0.78 7.84
N ARG H 68 0.15 0.09 7.10
CA ARG H 68 -0.49 1.28 6.57
C ARG H 68 -1.62 0.91 5.61
N VAL H 69 -1.37 -0.04 4.70
CA VAL H 69 -2.39 -0.41 3.72
C VAL H 69 -3.59 -1.02 4.44
N LEU H 70 -3.35 -1.89 5.42
CA LEU H 70 -4.46 -2.52 6.14
C LEU H 70 -5.32 -1.46 6.84
N ALA H 71 -4.67 -0.48 7.49
CA ALA H 71 -5.43 0.57 8.17
C ALA H 71 -6.27 1.37 7.16
N VAL H 72 -5.68 1.71 6.01
CA VAL H 72 -6.43 2.42 4.99
C VAL H 72 -7.55 1.54 4.45
N GLU H 73 -7.26 0.27 4.18
CA GLU H 73 -8.28 -0.62 3.63
C GLU H 73 -9.43 -0.81 4.61
N ARG H 74 -9.13 -0.97 5.89
CA ARG H 74 -10.18 -1.21 6.88
C ARG H 74 -11.12 -0.01 6.96
N TYR H 75 -10.57 1.21 7.01
CA TYR H 75 -11.40 2.39 7.10
C TYR H 75 -12.27 2.55 5.85
N LEU H 76 -11.71 2.29 4.67
CA LEU H 76 -12.48 2.44 3.43
C LEU H 76 -13.66 1.48 3.40
N ARG H 77 -13.50 0.28 3.97
CA ARG H 77 -14.59 -0.69 3.96
C ARG H 77 -15.81 -0.13 4.69
N ASP H 78 -15.59 0.54 5.82
CA ASP H 78 -16.70 1.18 6.53
C ASP H 78 -17.24 2.38 5.77
N GLN H 79 -16.36 3.19 5.18
CA GLN H 79 -16.81 4.34 4.41
C GLN H 79 -17.64 3.89 3.21
N GLN H 80 -17.18 2.86 2.49
CA GLN H 80 -17.99 2.30 1.42
C GLN H 80 -19.30 1.73 1.96
N LEU H 81 -19.23 1.03 3.10
CA LEU H 81 -20.42 0.43 3.67
C LEU H 81 -21.45 1.49 4.02
N LEU H 82 -21.01 2.60 4.62
CA LEU H 82 -21.92 3.70 4.89
C LEU H 82 -22.41 4.36 3.62
N GLY H 83 -21.57 4.37 2.58
CA GLY H 83 -21.98 4.97 1.31
C GLY H 83 -23.14 4.24 0.67
N ILE H 84 -23.10 2.90 0.70
CA ILE H 84 -24.19 2.12 0.12
C ILE H 84 -25.48 2.36 0.90
N TRP H 85 -25.39 2.41 2.22
CA TRP H 85 -26.58 2.65 3.05
C TRP H 85 -27.13 4.06 2.90
N GLY H 86 -26.37 4.98 2.29
CA GLY H 86 -26.81 6.35 2.16
C GLY H 86 -26.58 7.22 3.37
N CYS H 87 -25.93 6.70 4.41
CA CYS H 87 -25.63 7.47 5.61
C CYS H 87 -24.25 8.11 5.58
N SER H 88 -23.51 7.97 4.48
CA SER H 88 -22.18 8.54 4.41
C SER H 88 -22.24 10.07 4.50
N GLY H 89 -21.23 10.64 5.14
CA GLY H 89 -21.18 12.07 5.38
C GLY H 89 -21.90 12.53 6.63
N LYS H 90 -22.60 11.62 7.31
CA LYS H 90 -23.27 11.91 8.57
C LYS H 90 -22.80 10.91 9.60
N LEU H 91 -22.21 11.40 10.69
CA LEU H 91 -21.67 10.50 11.70
C LEU H 91 -22.79 9.69 12.36
N ILE H 92 -23.92 10.34 12.64
CA ILE H 92 -25.09 9.69 13.22
C ILE H 92 -26.23 9.83 12.23
N CYS H 93 -26.55 8.74 11.54
CA CYS H 93 -27.61 8.72 10.54
C CYS H 93 -28.47 7.47 10.73
N CYS H 94 -29.74 7.59 10.38
CA CYS H 94 -30.68 6.48 10.49
C CYS H 94 -31.65 6.51 9.33
N THR H 95 -31.96 5.33 8.80
CA THR H 95 -32.88 5.19 7.68
C THR H 95 -34.29 4.94 8.21
N ASN H 96 -35.22 4.62 7.31
CA ASN H 96 -36.62 4.39 7.64
C ASN H 96 -36.94 2.91 7.81
N VAL H 97 -35.94 2.05 7.81
CA VAL H 97 -36.18 0.60 7.83
C VAL H 97 -36.64 0.19 9.22
N PRO H 98 -37.77 -0.53 9.34
CA PRO H 98 -38.10 -1.15 10.63
C PRO H 98 -37.28 -2.40 10.86
N TRP H 99 -37.31 -2.89 12.10
CA TRP H 99 -36.56 -4.05 12.51
C TRP H 99 -37.46 -5.05 13.23
N ASN H 100 -37.17 -6.33 13.04
CA ASN H 100 -37.95 -7.37 13.71
C ASN H 100 -37.83 -7.23 15.22
N SER H 101 -38.96 -6.97 15.88
CA SER H 101 -38.94 -6.69 17.31
C SER H 101 -38.44 -7.87 18.13
N SER H 102 -38.47 -9.08 17.57
CA SER H 102 -38.04 -10.26 18.32
C SER H 102 -36.56 -10.21 18.70
N TRP H 103 -35.76 -9.41 17.99
CA TRP H 103 -34.33 -9.37 18.26
C TRP H 103 -34.04 -8.83 19.67
N SER H 104 -34.78 -7.79 20.09
CA SER H 104 -34.57 -7.22 21.41
C SER H 104 -35.88 -6.56 21.86
N ASN H 105 -36.61 -7.23 22.75
CA ASN H 105 -37.84 -6.68 23.30
C ASN H 105 -37.50 -5.85 24.54
N ARG H 106 -36.96 -4.66 24.28
CA ARG H 106 -36.53 -3.76 25.33
C ARG H 106 -36.97 -2.34 25.00
N ASN H 107 -37.14 -1.53 26.04
CA ASN H 107 -37.53 -0.14 25.90
C ASN H 107 -36.30 0.74 25.69
N LEU H 108 -36.54 1.95 25.16
CA LEU H 108 -35.45 2.89 24.93
C LEU H 108 -34.70 3.18 26.23
N SER H 109 -35.43 3.48 27.30
CA SER H 109 -34.78 3.71 28.59
C SER H 109 -34.07 2.45 29.09
N GLU H 110 -34.53 1.28 28.68
CA GLU H 110 -33.94 0.02 29.10
C GLU H 110 -32.70 -0.35 28.30
N ILE H 111 -32.37 0.42 27.27
CA ILE H 111 -31.21 0.13 26.41
C ILE H 111 -30.11 1.17 26.61
N TRP H 112 -30.47 2.45 26.61
CA TRP H 112 -29.48 3.52 26.52
C TRP H 112 -28.89 3.92 27.86
N ASP H 113 -29.72 4.09 28.89
CA ASP H 113 -29.30 4.71 30.14
C ASP H 113 -29.15 3.71 31.28
N ASN H 114 -29.06 2.41 30.98
CA ASN H 114 -28.93 1.41 32.03
C ASN H 114 -27.97 0.28 31.71
N MET H 115 -27.23 0.35 30.59
CA MET H 115 -26.36 -0.76 30.21
C MET H 115 -25.28 -0.25 29.27
N THR H 116 -24.09 -0.82 29.40
CA THR H 116 -22.94 -0.43 28.60
C THR H 116 -23.05 -0.99 27.18
N TRP H 117 -22.35 -0.35 26.25
CA TRP H 117 -22.43 -0.75 24.85
C TRP H 117 -21.60 -2.00 24.57
N LEU H 118 -20.57 -2.27 25.38
CA LEU H 118 -19.65 -3.36 25.06
C LEU H 118 -20.37 -4.71 25.01
N GLN H 119 -21.12 -5.03 26.07
CA GLN H 119 -21.88 -6.28 26.07
C GLN H 119 -23.10 -6.22 25.17
N TRP H 120 -23.51 -5.03 24.74
CA TRP H 120 -24.65 -4.93 23.82
C TRP H 120 -24.33 -5.63 22.50
N ASP H 121 -23.22 -5.27 21.87
CA ASP H 121 -22.91 -5.81 20.55
C ASP H 121 -22.81 -7.34 20.57
N LYS H 122 -22.45 -7.92 21.71
CA LYS H 122 -22.34 -9.37 21.79
C LYS H 122 -23.69 -10.04 21.58
N GLU H 123 -24.74 -9.49 22.18
CA GLU H 123 -26.05 -10.13 22.10
C GLU H 123 -26.60 -10.11 20.68
N ILE H 124 -26.46 -8.98 19.98
CA ILE H 124 -27.05 -8.81 18.65
C ILE H 124 -26.03 -9.06 17.54
N SER H 125 -24.84 -9.55 17.86
CA SER H 125 -23.87 -9.88 16.82
C SER H 125 -24.39 -10.96 15.88
N ASN H 126 -25.36 -11.76 16.31
CA ASN H 126 -25.87 -12.83 15.46
C ASN H 126 -26.55 -12.27 14.21
N TYR H 127 -27.28 -11.18 14.35
CA TYR H 127 -28.08 -10.62 13.26
C TYR H 127 -27.39 -9.42 12.61
N THR H 128 -26.07 -9.30 12.74
CA THR H 128 -25.37 -8.17 12.13
C THR H 128 -25.51 -8.19 10.61
N GLN H 129 -25.39 -9.37 10.00
CA GLN H 129 -25.56 -9.46 8.56
C GLN H 129 -27.03 -9.32 8.16
N ILE H 130 -27.93 -9.85 8.98
CA ILE H 130 -29.36 -9.75 8.69
C ILE H 130 -29.82 -8.30 8.74
N ILE H 131 -29.44 -7.59 9.80
CA ILE H 131 -29.84 -6.18 9.91
C ILE H 131 -29.19 -5.37 8.79
N TYR H 132 -27.95 -5.69 8.43
CA TYR H 132 -27.34 -5.09 7.26
C TYR H 132 -28.09 -5.48 5.99
N GLY H 133 -28.67 -6.68 5.97
CA GLY H 133 -29.38 -7.16 4.80
C GLY H 133 -30.66 -6.41 4.50
N LEU H 134 -31.09 -5.51 5.38
CA LEU H 134 -32.25 -4.67 5.15
C LEU H 134 -31.90 -3.22 4.85
N LEU H 135 -30.74 -2.74 5.30
CA LEU H 135 -30.40 -1.33 5.12
C LEU H 135 -30.21 -0.97 3.65
N GLU H 136 -29.39 -1.75 2.93
CA GLU H 136 -29.10 -1.42 1.54
C GLU H 136 -30.33 -1.56 0.66
N GLU H 137 -31.20 -2.54 0.96
CA GLU H 137 -32.41 -2.70 0.16
C GLU H 137 -33.30 -1.48 0.28
N SER H 138 -33.47 -0.94 1.49
CA SER H 138 -34.28 0.25 1.67
C SER H 138 -33.65 1.45 0.97
N GLN H 139 -32.33 1.62 1.09
CA GLN H 139 -31.66 2.77 0.49
C GLN H 139 -31.84 2.76 -1.03
N ASN H 140 -31.65 1.61 -1.66
CA ASN H 140 -31.91 1.51 -3.09
C ASN H 140 -33.38 1.73 -3.39
N GLN H 141 -34.26 1.20 -2.53
CA GLN H 141 -35.69 1.43 -2.71
C GLN H 141 -36.02 2.90 -2.54
N GLN H 142 -35.35 3.58 -1.60
CA GLN H 142 -35.54 5.03 -1.46
C GLN H 142 -35.13 5.75 -2.73
N GLU H 143 -33.99 5.36 -3.32
CA GLU H 143 -33.54 6.00 -4.55
C GLU H 143 -34.51 5.77 -5.69
N LYS H 144 -35.08 4.56 -5.78
CA LYS H 144 -36.04 4.27 -6.83
C LYS H 144 -37.28 5.14 -6.70
N ASN H 145 -37.78 5.32 -5.47
CA ASN H 145 -38.91 6.22 -5.27
C ASN H 145 -38.56 7.64 -5.67
N GLU H 146 -37.36 8.10 -5.30
CA GLU H 146 -36.91 9.41 -5.74
C GLU H 146 -36.85 9.47 -7.26
N GLN H 147 -36.42 8.38 -7.91
CA GLN H 147 -36.41 8.34 -9.36
C GLN H 147 -37.83 8.48 -9.91
N ASP H 148 -38.80 7.83 -9.26
CA ASP H 148 -40.19 7.95 -9.69
C ASP H 148 -40.70 9.38 -9.54
N LEU H 149 -40.47 9.97 -8.36
CA LEU H 149 -40.78 11.38 -8.17
C LEU H 149 -39.96 12.25 -9.11
N LEU H 150 -38.68 11.90 -9.27
CA LEU H 150 -37.81 12.61 -10.20
C LEU H 150 -38.42 12.66 -11.59
N ALA H 151 -38.89 11.52 -12.09
CA ALA H 151 -39.48 11.46 -13.43
C ALA H 151 -40.89 12.01 -13.41
N ASP I 1 -23.92 27.48 -34.66
CA ASP I 1 -23.49 28.66 -33.87
C ASP I 1 -24.11 29.94 -34.41
N VAL I 2 -23.84 31.06 -33.77
CA VAL I 2 -24.37 32.35 -34.21
C VAL I 2 -23.62 32.78 -35.46
N VAL I 3 -24.33 32.89 -36.57
CA VAL I 3 -23.74 33.26 -37.85
C VAL I 3 -23.75 34.78 -37.96
N MET I 4 -22.86 35.31 -38.80
CA MET I 4 -22.71 36.75 -39.01
C MET I 4 -22.84 37.01 -40.51
N THR I 5 -23.99 37.56 -40.90
CA THR I 5 -24.27 37.88 -42.30
C THR I 5 -24.39 39.40 -42.47
N GLN I 6 -23.99 39.87 -43.64
CA GLN I 6 -24.04 41.29 -43.97
C GLN I 6 -24.77 41.45 -45.29
N THR I 7 -25.76 42.34 -45.32
CA THR I 7 -26.55 42.52 -46.53
C THR I 7 -25.72 42.96 -47.73
N PRO I 8 -24.76 43.91 -47.63
CA PRO I 8 -24.11 44.41 -48.85
C PRO I 8 -22.99 43.48 -49.30
N LEU I 9 -23.23 42.76 -50.40
CA LEU I 9 -22.17 41.97 -51.01
C LEU I 9 -21.28 42.84 -51.89
N THR I 10 -21.89 43.78 -52.62
CA THR I 10 -21.16 44.78 -53.39
C THR I 10 -21.78 46.14 -53.10
N LEU I 11 -20.92 47.14 -52.91
CA LEU I 11 -21.34 48.49 -52.54
C LEU I 11 -20.64 49.48 -53.45
N SER I 12 -21.35 50.01 -54.43
CA SER I 12 -20.80 50.96 -55.39
C SER I 12 -20.93 52.36 -54.82
N VAL I 13 -19.80 53.04 -54.65
CA VAL I 13 -19.77 54.36 -54.03
C VAL I 13 -18.74 55.21 -54.75
N THR I 14 -19.05 56.50 -54.90
CA THR I 14 -18.12 57.48 -55.45
C THR I 14 -17.56 58.33 -54.31
N ILE I 15 -16.38 58.92 -54.57
CA ILE I 15 -15.73 59.73 -53.54
C ILE I 15 -16.62 60.91 -53.19
N GLY I 16 -16.90 61.04 -51.90
CA GLY I 16 -17.72 62.13 -51.40
C GLY I 16 -19.17 61.80 -51.18
N GLN I 17 -19.51 60.56 -50.83
CA GLN I 17 -20.87 60.15 -50.57
C GLN I 17 -20.90 59.30 -49.31
N PRO I 18 -22.05 59.20 -48.64
CA PRO I 18 -22.12 58.43 -47.40
C PRO I 18 -22.31 56.94 -47.69
N ALA I 19 -21.49 56.11 -47.05
CA ALA I 19 -21.53 54.66 -47.22
C ALA I 19 -22.21 54.02 -46.03
N SER I 20 -22.97 52.96 -46.29
CA SER I 20 -23.72 52.24 -45.27
C SER I 20 -23.39 50.76 -45.34
N ILE I 21 -23.11 50.17 -44.18
CA ILE I 21 -22.85 48.74 -44.07
C ILE I 21 -23.42 48.25 -42.75
N SER I 22 -23.99 47.05 -42.76
CA SER I 22 -24.66 46.50 -41.59
C SER I 22 -24.33 45.03 -41.45
N CYS I 23 -24.56 44.50 -40.23
CA CYS I 23 -24.33 43.10 -39.94
C CYS I 23 -25.43 42.61 -39.01
N LYS I 24 -25.59 41.29 -38.96
CA LYS I 24 -26.65 40.67 -38.19
C LYS I 24 -26.08 39.52 -37.36
N SER I 25 -26.74 39.22 -36.24
CA SER I 25 -26.41 38.09 -35.39
C SER I 25 -27.67 37.26 -35.18
N SER I 26 -27.55 35.94 -35.34
CA SER I 26 -28.71 35.07 -35.17
C SER I 26 -29.28 35.18 -33.76
N GLN I 27 -28.41 35.20 -32.75
CA GLN I 27 -28.80 35.33 -31.36
C GLN I 27 -28.22 36.61 -30.78
N SER I 28 -28.95 37.22 -29.86
CA SER I 28 -28.48 38.45 -29.24
C SER I 28 -27.13 38.23 -28.55
N LEU I 29 -26.24 39.19 -28.71
CA LEU I 29 -24.88 39.08 -28.21
C LEU I 29 -24.67 39.80 -26.88
N LEU I 30 -25.75 40.28 -26.25
CA LEU I 30 -25.61 40.96 -24.96
C LEU I 30 -25.06 40.01 -23.91
N ASP I 31 -23.82 40.26 -23.49
CA ASP I 31 -23.18 39.41 -22.49
C ASP I 31 -23.70 39.74 -21.10
N SER I 32 -23.51 38.79 -20.18
CA SER I 32 -24.00 38.97 -18.82
C SER I 32 -23.39 40.19 -18.17
N ASP I 33 -22.12 40.48 -18.45
CA ASP I 33 -21.47 41.64 -17.85
C ASP I 33 -22.10 42.95 -18.30
N GLY I 34 -22.81 42.95 -19.44
CA GLY I 34 -23.47 44.14 -19.92
C GLY I 34 -22.67 44.87 -20.98
N LYS I 35 -22.08 44.13 -21.91
CA LYS I 35 -21.27 44.71 -22.98
C LYS I 35 -21.39 43.85 -24.23
N THR I 36 -21.10 44.47 -25.36
CA THR I 36 -21.06 43.79 -26.66
C THR I 36 -19.66 43.95 -27.22
N TYR I 37 -18.91 42.86 -27.29
CA TYR I 37 -17.51 42.89 -27.69
C TYR I 37 -17.34 42.77 -29.21
N LEU I 38 -18.37 43.09 -29.98
CA LEU I 38 -18.29 42.98 -31.43
C LEU I 38 -17.21 43.91 -31.98
N ASN I 39 -16.47 43.43 -32.97
CA ASN I 39 -15.40 44.19 -33.60
C ASN I 39 -15.69 44.35 -35.09
N TRP I 40 -15.50 45.57 -35.59
CA TRP I 40 -15.59 45.87 -37.03
C TRP I 40 -14.18 46.14 -37.53
N LEU I 41 -13.62 45.19 -38.27
CA LEU I 41 -12.28 45.29 -38.82
C LEU I 41 -12.33 45.38 -40.34
N LEU I 42 -11.55 46.30 -40.90
CA LEU I 42 -11.46 46.51 -42.34
C LEU I 42 -10.14 45.90 -42.81
N GLN I 43 -10.22 44.70 -43.38
CA GLN I 43 -9.03 44.02 -43.84
C GLN I 43 -8.54 44.66 -45.14
N ARG I 44 -7.33 45.19 -45.12
CA ARG I 44 -6.77 45.83 -46.29
C ARG I 44 -6.45 44.78 -47.36
N PRO I 45 -6.40 45.18 -48.63
CA PRO I 45 -6.14 44.21 -49.72
C PRO I 45 -4.67 43.80 -49.81
N GLY I 46 -4.29 42.83 -48.98
CA GLY I 46 -2.95 42.29 -48.94
C GLY I 46 -2.15 42.66 -47.72
N GLN I 47 -2.58 43.67 -46.97
CA GLN I 47 -1.89 44.07 -45.75
C GLN I 47 -2.45 43.30 -44.55
N SER I 48 -1.82 43.50 -43.40
CA SER I 48 -2.26 42.82 -42.19
C SER I 48 -3.64 43.32 -41.78
N PRO I 49 -4.49 42.44 -41.23
CA PRO I 49 -5.81 42.91 -40.76
C PRO I 49 -5.67 43.99 -39.71
N LYS I 50 -6.58 44.96 -39.76
CA LYS I 50 -6.59 46.08 -38.82
C LYS I 50 -8.01 46.29 -38.34
N ARG I 51 -8.19 46.36 -37.02
CA ARG I 51 -9.48 46.66 -36.44
C ARG I 51 -9.81 48.13 -36.61
N LEU I 52 -11.10 48.43 -36.78
CA LEU I 52 -11.59 49.80 -36.86
C LEU I 52 -12.50 50.18 -35.71
N ILE I 53 -13.37 49.27 -35.26
CA ILE I 53 -14.26 49.52 -34.13
C ILE I 53 -14.20 48.32 -33.20
N TYR I 54 -14.04 48.59 -31.91
CA TYR I 54 -14.16 47.58 -30.86
C TYR I 54 -15.10 48.13 -29.79
N LEU I 55 -15.98 47.27 -29.27
CA LEU I 55 -17.01 47.72 -28.34
C LEU I 55 -17.85 48.81 -29.00
N VAL I 56 -18.63 48.38 -29.99
CA VAL I 56 -19.10 49.19 -31.11
C VAL I 56 -19.46 50.62 -30.69
N SER I 57 -19.96 50.79 -29.47
CA SER I 57 -20.16 52.15 -28.96
C SER I 57 -18.84 52.90 -28.90
N LYS I 58 -17.78 52.24 -28.41
CA LYS I 58 -16.45 52.83 -28.37
C LYS I 58 -15.77 52.70 -29.74
N LEU I 59 -14.72 53.49 -29.93
CA LEU I 59 -13.95 53.50 -31.17
C LEU I 59 -12.47 53.35 -30.84
N ASP I 60 -11.72 52.87 -31.82
CA ASP I 60 -10.31 52.57 -31.64
C ASP I 60 -9.46 53.83 -31.69
N SER I 61 -8.15 53.67 -31.56
CA SER I 61 -7.22 54.78 -31.64
C SER I 61 -7.09 55.27 -33.08
N GLY I 62 -6.52 56.46 -33.23
CA GLY I 62 -6.40 57.06 -34.55
C GLY I 62 -7.77 57.29 -35.15
N VAL I 63 -8.67 57.88 -34.37
CA VAL I 63 -10.09 57.94 -34.69
C VAL I 63 -10.30 58.63 -36.04
N PRO I 64 -10.94 57.96 -37.01
CA PRO I 64 -11.41 58.68 -38.20
C PRO I 64 -12.81 59.25 -37.98
N ASP I 65 -12.99 60.53 -38.30
CA ASP I 65 -14.27 61.18 -38.02
C ASP I 65 -15.41 60.55 -38.83
N ARG I 66 -15.12 60.10 -40.05
CA ARG I 66 -16.18 59.57 -40.91
C ARG I 66 -16.82 58.33 -40.31
N PHE I 67 -16.01 57.43 -39.76
CA PHE I 67 -16.55 56.18 -39.22
C PHE I 67 -17.29 56.45 -37.91
N THR I 68 -18.52 55.93 -37.82
CA THR I 68 -19.35 56.08 -36.63
C THR I 68 -20.05 54.74 -36.39
N GLY I 69 -19.51 53.95 -35.47
CA GLY I 69 -20.11 52.66 -35.15
C GLY I 69 -21.34 52.81 -34.27
N SER I 70 -22.37 52.02 -34.57
CA SER I 70 -23.60 52.03 -33.80
C SER I 70 -24.30 50.70 -33.99
N GLY I 71 -25.24 50.43 -33.08
CA GLY I 71 -26.01 49.20 -33.11
C GLY I 71 -25.89 48.39 -31.85
N SER I 72 -26.92 47.60 -31.54
CA SER I 72 -26.91 46.76 -30.36
C SER I 72 -27.86 45.59 -30.59
N GLY I 73 -27.70 44.56 -29.76
CA GLY I 73 -28.53 43.37 -29.86
C GLY I 73 -28.32 42.62 -31.15
N THR I 74 -29.31 42.66 -32.05
CA THR I 74 -29.23 41.91 -33.30
C THR I 74 -28.68 42.75 -34.45
N ASP I 75 -28.93 44.06 -34.44
CA ASP I 75 -28.53 44.93 -35.55
C ASP I 75 -27.22 45.63 -35.21
N PHE I 76 -26.29 45.61 -36.16
CA PHE I 76 -25.03 46.32 -36.07
C PHE I 76 -24.79 47.07 -37.36
N THR I 77 -24.32 48.31 -37.23
CA THR I 77 -24.14 49.17 -38.40
C THR I 77 -22.91 50.06 -38.20
N LEU I 78 -22.38 50.54 -39.33
CA LEU I 78 -21.23 51.44 -39.33
C LEU I 78 -21.41 52.42 -40.48
N LYS I 79 -21.63 53.69 -40.14
CA LYS I 79 -21.89 54.72 -41.14
C LYS I 79 -20.62 55.51 -41.42
N ILE I 80 -20.33 55.71 -42.70
CA ILE I 80 -19.18 56.49 -43.15
C ILE I 80 -19.71 57.68 -43.94
N SER I 81 -19.30 58.89 -43.55
CA SER I 81 -19.83 60.09 -44.19
C SER I 81 -19.22 60.28 -45.58
N ARG I 82 -17.91 60.06 -45.71
CA ARG I 82 -17.20 60.28 -46.97
C ARG I 82 -16.36 59.06 -47.29
N VAL I 83 -16.15 58.83 -48.58
CA VAL I 83 -15.43 57.66 -49.08
C VAL I 83 -14.01 58.07 -49.45
N GLU I 84 -13.04 57.27 -49.04
CA GLU I 84 -11.63 57.45 -49.38
C GLU I 84 -11.08 56.12 -49.87
N ALA I 85 -9.91 56.17 -50.50
CA ALA I 85 -9.27 54.94 -50.97
C ALA I 85 -9.13 53.92 -49.87
N GLU I 86 -8.88 54.39 -48.63
CA GLU I 86 -8.81 53.46 -47.50
C GLU I 86 -10.15 52.79 -47.26
N ASP I 87 -11.25 53.54 -47.39
CA ASP I 87 -12.57 52.96 -47.17
C ASP I 87 -12.83 51.79 -48.11
N LEU I 88 -12.34 51.88 -49.35
CA LEU I 88 -12.50 50.79 -50.30
C LEU I 88 -11.80 49.54 -49.79
N GLY I 89 -12.57 48.52 -49.47
CA GLY I 89 -12.00 47.30 -48.94
C GLY I 89 -13.10 46.33 -48.53
N ILE I 90 -12.77 45.45 -47.58
CA ILE I 90 -13.68 44.43 -47.09
C ILE I 90 -13.82 44.61 -45.58
N TYR I 91 -15.06 44.70 -45.11
CA TYR I 91 -15.36 44.85 -43.69
C TYR I 91 -15.85 43.52 -43.12
N TYR I 92 -15.43 43.22 -41.90
CA TYR I 92 -15.82 41.99 -41.22
C TYR I 92 -16.38 42.32 -39.84
N CYS I 93 -17.57 41.80 -39.56
CA CYS I 93 -18.18 41.93 -38.24
C CYS I 93 -17.84 40.69 -37.43
N TRP I 94 -17.16 40.88 -36.31
CA TRP I 94 -16.64 39.79 -35.49
C TRP I 94 -17.35 39.80 -34.14
N GLN I 95 -18.05 38.71 -33.83
CA GLN I 95 -18.67 38.55 -32.53
C GLN I 95 -17.63 38.18 -31.48
N GLY I 96 -17.87 38.64 -30.25
CA GLY I 96 -16.93 38.42 -29.17
C GLY I 96 -17.57 37.98 -27.87
N THR I 97 -18.64 37.20 -27.95
CA THR I 97 -19.34 36.75 -26.75
C THR I 97 -19.52 35.24 -26.71
N HIS I 98 -19.73 34.58 -27.84
CA HIS I 98 -19.99 33.16 -27.90
C HIS I 98 -18.82 32.41 -28.55
N PHE I 99 -18.88 31.08 -28.46
CA PHE I 99 -17.90 30.19 -29.07
C PHE I 99 -18.48 29.57 -30.33
N PRO I 100 -17.80 29.63 -31.49
CA PRO I 100 -16.49 30.22 -31.74
C PRO I 100 -16.57 31.72 -31.96
N GLN I 101 -15.42 32.41 -31.97
CA GLN I 101 -15.40 33.86 -32.20
C GLN I 101 -15.46 34.16 -33.69
N THR I 102 -16.61 33.82 -34.28
CA THR I 102 -16.77 33.89 -35.73
C THR I 102 -16.62 35.33 -36.22
N PHE I 103 -16.03 35.46 -37.41
CA PHE I 103 -15.90 36.75 -38.08
C PHE I 103 -17.13 37.01 -38.94
N GLY I 104 -17.14 38.15 -39.63
CA GLY I 104 -18.22 38.47 -40.55
C GLY I 104 -18.09 37.75 -41.87
N GLY I 105 -19.19 37.79 -42.65
CA GLY I 105 -19.17 37.20 -43.97
C GLY I 105 -18.42 38.01 -45.01
N GLY I 106 -18.24 39.30 -44.77
CA GLY I 106 -17.47 40.13 -45.68
C GLY I 106 -18.33 40.93 -46.64
N THR I 107 -18.24 42.25 -46.57
CA THR I 107 -18.91 43.15 -47.50
C THR I 107 -17.86 43.91 -48.29
N ARG I 108 -17.96 43.84 -49.62
CA ARG I 108 -16.96 44.39 -50.51
C ARG I 108 -17.38 45.78 -50.98
N LEU I 109 -16.46 46.74 -50.90
CA LEU I 109 -16.68 48.10 -51.37
C LEU I 109 -15.81 48.31 -52.60
N GLU I 110 -16.44 48.44 -53.76
CA GLU I 110 -15.73 48.59 -55.02
C GLU I 110 -16.43 49.63 -55.89
N ILE I 111 -15.67 50.24 -56.79
CA ILE I 111 -16.18 51.25 -57.71
C ILE I 111 -16.41 50.61 -59.06
N LYS I 112 -17.63 50.73 -59.58
CA LYS I 112 -17.99 50.17 -60.87
C LYS I 112 -18.58 51.24 -61.78
N GLN J 1 7.14 48.38 -28.86
CA GLN J 1 5.94 48.10 -29.70
C GLN J 1 5.58 46.62 -29.66
N VAL J 2 4.29 46.33 -29.66
CA VAL J 2 3.80 44.94 -29.64
C VAL J 2 3.86 44.41 -31.07
N GLN J 3 4.78 43.49 -31.33
CA GLN J 3 4.97 42.93 -32.66
C GLN J 3 4.98 41.41 -32.57
N LEU J 4 4.45 40.76 -33.62
CA LEU J 4 4.41 39.30 -33.72
C LEU J 4 5.15 38.90 -34.98
N GLN J 5 6.46 38.69 -34.84
CA GLN J 5 7.28 38.33 -35.99
C GLN J 5 6.87 36.97 -36.53
N GLN J 6 6.80 36.87 -37.86
CA GLN J 6 6.45 35.63 -38.54
C GLN J 6 7.42 35.37 -39.68
N PRO J 7 7.65 34.11 -40.03
CA PRO J 7 8.47 33.81 -41.21
C PRO J 7 7.83 34.34 -42.48
N GLY J 8 8.67 34.67 -43.46
CA GLY J 8 8.20 35.20 -44.72
C GLY J 8 7.34 34.22 -45.50
N ALA J 9 7.94 33.12 -45.94
CA ALA J 9 7.20 32.12 -46.70
C ALA J 9 7.95 30.79 -46.63
N GLU J 10 7.19 29.70 -46.59
CA GLU J 10 7.73 28.35 -46.54
C GLU J 10 7.16 27.54 -47.68
N PHE J 11 8.04 26.84 -48.41
CA PHE J 11 7.65 25.95 -49.51
C PHE J 11 7.89 24.52 -49.05
N VAL J 12 6.81 23.78 -48.85
CA VAL J 12 6.89 22.41 -48.34
C VAL J 12 6.37 21.46 -49.42
N LYS J 13 6.52 20.16 -49.16
CA LYS J 13 6.15 19.10 -50.07
C LYS J 13 5.03 18.27 -49.46
N PRO J 14 4.16 17.66 -50.28
CA PRO J 14 3.15 16.75 -49.72
C PRO J 14 3.81 15.65 -48.91
N GLY J 15 3.19 15.31 -47.78
CA GLY J 15 3.73 14.32 -46.88
C GLY J 15 4.77 14.83 -45.92
N ALA J 16 5.11 16.11 -45.97
CA ALA J 16 6.10 16.71 -45.09
C ALA J 16 5.41 17.42 -43.93
N SER J 17 6.19 18.11 -43.11
CA SER J 17 5.70 18.83 -41.96
C SER J 17 6.28 20.24 -41.95
N VAL J 18 5.66 21.11 -41.16
CA VAL J 18 6.07 22.51 -41.05
C VAL J 18 6.20 22.88 -39.58
N ARG J 19 7.02 23.87 -39.31
CA ARG J 19 7.22 24.43 -37.97
C ARG J 19 6.84 25.91 -38.04
N MET J 20 5.55 26.19 -37.83
CA MET J 20 5.02 27.55 -37.98
C MET J 20 5.29 28.31 -36.68
N SER J 21 6.37 29.09 -36.67
CA SER J 21 6.77 29.84 -35.49
C SER J 21 6.06 31.19 -35.45
N CYS J 22 6.03 31.78 -34.26
CA CYS J 22 5.45 33.12 -34.07
C CYS J 22 6.15 33.75 -32.88
N LYS J 23 7.08 34.67 -33.15
CA LYS J 23 7.88 35.28 -32.10
C LYS J 23 7.07 36.34 -31.36
N ALA J 24 7.31 36.44 -30.05
CA ALA J 24 6.67 37.43 -29.20
C ALA J 24 7.71 38.41 -28.69
N SER J 25 7.43 39.70 -28.82
CA SER J 25 8.37 40.73 -28.40
C SER J 25 7.60 41.99 -28.02
N GLY J 26 8.20 42.78 -27.12
CA GLY J 26 7.62 44.04 -26.73
C GLY J 26 6.44 43.95 -25.80
N TYR J 27 6.29 42.84 -25.09
CA TYR J 27 5.17 42.65 -24.16
C TYR J 27 5.45 41.40 -23.34
N THR J 28 4.50 41.06 -22.47
CA THR J 28 4.59 39.87 -21.62
C THR J 28 3.83 38.74 -22.29
N PHE J 29 4.53 37.66 -22.62
CA PHE J 29 3.96 36.55 -23.37
C PHE J 29 3.18 35.57 -22.51
N THR J 30 3.31 35.66 -21.19
CA THR J 30 2.72 34.66 -20.30
C THR J 30 1.26 34.93 -19.97
N SER J 31 0.69 36.02 -20.46
CA SER J 31 -0.70 36.39 -20.15
C SER J 31 -1.59 36.41 -21.37
N TYR J 32 -1.20 37.12 -22.42
CA TYR J 32 -2.07 37.31 -23.58
C TYR J 32 -2.31 35.98 -24.30
N TRP J 33 -3.53 35.81 -24.78
CA TRP J 33 -3.87 34.66 -25.62
C TRP J 33 -3.20 34.78 -26.99
N ILE J 34 -3.01 33.64 -27.63
CA ILE J 34 -2.48 33.59 -28.99
C ILE J 34 -3.44 32.74 -29.82
N ALA J 35 -3.81 33.25 -30.99
CA ALA J 35 -4.69 32.53 -31.90
C ALA J 35 -4.18 32.71 -33.32
N TRP J 36 -4.55 31.76 -34.18
CA TRP J 36 -4.17 31.77 -35.58
C TRP J 36 -5.40 32.07 -36.44
N VAL J 37 -5.16 32.69 -37.60
CA VAL J 37 -6.22 33.12 -38.49
C VAL J 37 -5.80 32.84 -39.94
N LYS J 38 -6.75 32.41 -40.75
CA LYS J 38 -6.54 32.15 -42.17
C LYS J 38 -7.10 33.30 -42.99
N GLN J 39 -6.39 33.66 -44.05
CA GLN J 39 -6.74 34.81 -44.90
C GLN J 39 -6.71 34.40 -46.37
N ARG J 40 -7.39 33.31 -46.69
CA ARG J 40 -7.54 32.88 -48.08
C ARG J 40 -7.99 34.07 -48.93
N PRO J 41 -7.27 34.40 -50.01
CA PRO J 41 -7.66 35.60 -50.79
C PRO J 41 -9.09 35.56 -51.30
N GLY J 42 -9.57 34.40 -51.72
CA GLY J 42 -10.91 34.25 -52.25
C GLY J 42 -11.97 33.90 -51.23
N GLN J 43 -11.64 33.85 -49.95
CA GLN J 43 -12.60 33.47 -48.91
C GLN J 43 -12.39 34.35 -47.69
N GLY J 44 -13.41 34.40 -46.84
CA GLY J 44 -13.34 35.20 -45.64
C GLY J 44 -12.44 34.59 -44.58
N LEU J 45 -12.20 35.36 -43.53
CA LEU J 45 -11.33 34.92 -42.45
C LEU J 45 -11.95 33.72 -41.74
N GLU J 46 -11.10 32.78 -41.33
CA GLU J 46 -11.53 31.56 -40.65
C GLU J 46 -10.79 31.41 -39.33
N TRP J 47 -11.48 30.89 -38.33
CA TRP J 47 -10.87 30.64 -37.03
C TRP J 47 -10.17 29.28 -37.05
N ILE J 48 -8.87 29.29 -36.76
CA ILE J 48 -8.05 28.09 -36.85
C ILE J 48 -7.91 27.45 -35.47
N GLY J 49 -7.43 28.21 -34.50
CA GLY J 49 -7.26 27.67 -33.17
C GLY J 49 -6.86 28.76 -32.19
N ASP J 50 -6.53 28.32 -30.98
CA ASP J 50 -6.12 29.23 -29.93
C ASP J 50 -5.22 28.48 -28.96
N ILE J 51 -4.12 29.10 -28.57
CA ILE J 51 -3.19 28.56 -27.59
C ILE J 51 -2.98 29.60 -26.51
N TYR J 52 -3.07 29.11 -25.26
CA TYR J 52 -2.91 29.96 -24.07
C TYR J 52 -1.47 29.91 -23.57
N PRO J 53 -0.66 30.98 -23.74
CA PRO J 53 0.75 30.91 -23.38
C PRO J 53 0.86 31.03 -21.87
N GLY J 54 0.35 30.05 -21.15
CA GLY J 54 0.50 30.01 -19.70
C GLY J 54 0.37 28.57 -19.31
N SER J 55 -0.81 28.19 -18.87
CA SER J 55 -1.08 26.81 -18.47
C SER J 55 -0.86 25.79 -19.58
N GLY J 56 -0.80 26.21 -20.85
CA GLY J 56 -0.62 25.28 -21.94
C GLY J 56 -1.91 24.68 -22.43
N TYR J 57 -3.03 25.14 -21.89
CA TYR J 57 -4.33 24.64 -22.32
C TYR J 57 -4.55 24.96 -23.79
N THR J 58 -5.09 23.98 -24.53
CA THR J 58 -5.28 24.08 -25.96
C THR J 58 -6.75 23.85 -26.31
N ASN J 59 -7.26 24.65 -27.24
CA ASN J 59 -8.61 24.49 -27.76
C ASN J 59 -8.54 24.50 -29.29
N TYR J 60 -9.41 23.70 -29.91
CA TYR J 60 -9.41 23.51 -31.35
C TYR J 60 -10.82 23.66 -31.89
N ASN J 61 -10.90 24.11 -33.15
CA ASN J 61 -12.19 24.33 -33.79
C ASN J 61 -12.87 22.99 -34.06
N GLY J 62 -14.20 23.02 -34.10
CA GLY J 62 -14.94 21.78 -34.31
C GLY J 62 -14.68 21.15 -35.66
N LYS J 63 -14.49 21.96 -36.70
CA LYS J 63 -14.29 21.44 -38.05
C LYS J 63 -12.95 20.75 -38.24
N PHE J 64 -12.03 20.88 -37.28
CA PHE J 64 -10.66 20.41 -37.46
C PHE J 64 -10.40 19.04 -36.84
N LYS J 65 -11.34 18.50 -36.06
CA LYS J 65 -11.20 17.19 -35.40
C LYS J 65 -9.79 16.98 -34.84
N ASN J 66 -9.18 18.04 -34.31
CA ASN J 66 -7.85 17.97 -33.72
C ASN J 66 -6.82 17.45 -34.73
N ARG J 67 -6.71 18.15 -35.85
CA ARG J 67 -5.69 17.86 -36.84
C ARG J 67 -4.36 18.56 -36.56
N ALA J 68 -4.32 19.46 -35.58
CA ALA J 68 -3.14 20.26 -35.30
C ALA J 68 -2.74 20.09 -33.84
N THR J 69 -1.43 20.19 -33.60
CA THR J 69 -0.86 20.18 -32.25
C THR J 69 -0.19 21.53 -32.01
N LEU J 70 -0.57 22.20 -30.93
CA LEU J 70 -0.10 23.54 -30.63
C LEU J 70 0.89 23.48 -29.48
N THR J 71 2.04 24.13 -29.65
CA THR J 71 3.08 24.15 -28.64
C THR J 71 3.59 25.58 -28.48
N VAL J 72 3.99 25.92 -27.26
CA VAL J 72 4.52 27.24 -26.94
C VAL J 72 5.78 27.08 -26.10
N ASP J 73 6.59 28.14 -26.07
CA ASP J 73 7.82 28.16 -25.28
C ASP J 73 7.86 29.46 -24.50
N THR J 74 7.82 29.36 -23.18
CA THR J 74 7.85 30.54 -22.32
C THR J 74 9.26 31.09 -22.11
N SER J 75 10.29 30.33 -22.48
CA SER J 75 11.66 30.81 -22.30
C SER J 75 12.07 31.75 -23.43
N SER J 76 11.85 31.35 -24.67
CA SER J 76 12.22 32.16 -25.83
C SER J 76 11.08 33.05 -26.32
N ASN J 77 9.92 33.01 -25.67
CA ASN J 77 8.76 33.82 -26.06
C ASN J 77 8.38 33.54 -27.51
N THR J 78 8.02 32.28 -27.76
CA THR J 78 7.67 31.84 -29.11
C THR J 78 6.47 30.91 -29.03
N ALA J 79 5.77 30.81 -30.16
CA ALA J 79 4.63 29.91 -30.30
C ALA J 79 4.80 29.11 -31.58
N TYR J 80 4.37 27.84 -31.55
CA TYR J 80 4.52 26.93 -32.67
C TYR J 80 3.21 26.22 -32.94
N MET J 81 3.04 25.78 -34.18
CA MET J 81 1.82 25.11 -34.61
C MET J 81 2.16 24.03 -35.62
N GLN J 82 1.52 22.87 -35.47
CA GLN J 82 1.58 21.79 -36.44
C GLN J 82 0.28 21.75 -37.23
N LEU J 83 0.32 21.17 -38.42
CA LEU J 83 -0.82 21.27 -39.32
C LEU J 83 -1.93 20.29 -38.93
N SER J 84 -1.67 18.99 -38.92
CA SER J 84 -0.45 18.25 -39.25
C SER J 84 -0.62 17.59 -40.62
N SER J 85 0.37 17.78 -41.50
CA SER J 85 0.35 17.21 -42.84
C SER J 85 -0.88 17.67 -43.63
N LEU J 86 -0.94 18.98 -43.87
CA LEU J 86 -2.02 19.56 -44.66
C LEU J 86 -1.88 19.13 -46.12
N THR J 87 -2.85 19.56 -46.94
CA THR J 87 -2.87 19.20 -48.35
C THR J 87 -2.95 20.43 -49.24
N SER J 88 -3.17 20.22 -50.53
CA SER J 88 -3.01 21.30 -51.51
C SER J 88 -4.03 22.42 -51.28
N GLU J 89 -5.30 22.07 -51.13
CA GLU J 89 -6.34 23.10 -51.10
C GLU J 89 -6.20 24.03 -49.90
N ASP J 90 -5.44 23.63 -48.88
CA ASP J 90 -5.21 24.46 -47.70
C ASP J 90 -3.96 25.32 -47.83
N SER J 91 -3.54 25.64 -49.05
CA SER J 91 -2.35 26.45 -49.28
C SER J 91 -2.75 27.92 -49.25
N ALA J 92 -2.46 28.58 -48.14
CA ALA J 92 -2.77 30.00 -47.99
C ALA J 92 -1.86 30.57 -46.89
N VAL J 93 -2.19 31.77 -46.42
CA VAL J 93 -1.38 32.48 -45.44
C VAL J 93 -2.09 32.43 -44.10
N TYR J 94 -1.32 32.14 -43.05
CA TYR J 94 -1.82 32.08 -41.67
C TYR J 94 -1.23 33.23 -40.87
N TYR J 95 -2.08 33.88 -40.07
CA TYR J 95 -1.67 35.00 -39.23
C TYR J 95 -1.74 34.59 -37.77
N CYS J 96 -0.65 34.83 -37.03
CA CYS J 96 -0.60 34.56 -35.59
C CYS J 96 -0.96 35.86 -34.87
N THR J 97 -2.20 35.95 -34.40
CA THR J 97 -2.73 37.16 -33.77
C THR J 97 -2.73 37.01 -32.25
N ARG J 98 -2.50 38.13 -31.58
CA ARG J 98 -2.44 38.16 -30.12
C ARG J 98 -3.82 38.47 -29.55
N GLY J 99 -4.24 37.67 -28.57
CA GLY J 99 -5.50 37.88 -27.89
C GLY J 99 -5.32 38.70 -26.61
N GLY J 100 -6.42 38.83 -25.88
CA GLY J 100 -6.45 39.58 -24.64
C GLY J 100 -6.12 38.70 -23.44
N THR J 101 -6.39 39.25 -22.27
CA THR J 101 -6.18 38.52 -21.03
C THR J 101 -7.34 37.58 -20.76
N THR J 102 -7.04 36.49 -20.03
CA THR J 102 -8.07 35.49 -19.74
C THR J 102 -9.15 36.03 -18.81
N PHE J 103 -8.91 37.16 -18.15
CA PHE J 103 -9.92 37.77 -17.28
C PHE J 103 -10.83 38.73 -18.06
N VAL J 104 -10.24 39.73 -18.71
CA VAL J 104 -11.03 40.76 -19.37
C VAL J 104 -11.45 40.29 -20.76
N ALA J 105 -10.49 39.93 -21.61
CA ALA J 105 -10.69 39.33 -22.92
C ALA J 105 -11.32 40.27 -23.94
N GLU J 106 -11.53 41.54 -23.60
CA GLU J 106 -12.10 42.51 -24.53
C GLU J 106 -11.13 42.95 -25.62
N PRO J 107 -9.80 43.00 -25.39
CA PRO J 107 -8.92 43.57 -26.41
C PRO J 107 -8.53 42.59 -27.51
N TRP J 108 -9.28 41.49 -27.64
CA TRP J 108 -8.91 40.42 -28.55
C TRP J 108 -8.63 41.01 -29.92
N LEU J 109 -7.75 40.36 -30.68
CA LEU J 109 -7.34 40.85 -32.00
C LEU J 109 -6.68 42.22 -31.91
N ALA J 110 -6.01 42.50 -30.79
CA ALA J 110 -5.37 43.82 -30.62
C ALA J 110 -4.30 44.05 -31.68
N TYR J 111 -3.47 43.04 -31.94
CA TYR J 111 -2.31 43.19 -32.80
C TYR J 111 -2.15 41.97 -33.70
N TRP J 112 -1.54 42.18 -34.85
CA TRP J 112 -1.27 41.13 -35.82
C TRP J 112 0.18 41.22 -36.28
N GLY J 113 0.57 40.31 -37.18
CA GLY J 113 1.89 40.33 -37.77
C GLY J 113 1.84 40.48 -39.27
N GLN J 114 2.59 39.65 -39.99
CA GLN J 114 2.58 39.64 -41.44
C GLN J 114 2.18 38.30 -42.04
N GLY J 115 2.24 37.21 -41.28
CA GLY J 115 1.86 35.91 -41.77
C GLY J 115 2.98 35.22 -42.53
N THR J 116 2.67 34.00 -42.97
CA THR J 116 3.62 33.19 -43.72
C THR J 116 2.86 32.42 -44.79
N LEU J 117 3.42 32.40 -46.00
CA LEU J 117 2.79 31.77 -47.15
C LEU J 117 3.13 30.28 -47.13
N VAL J 118 2.11 29.46 -46.87
CA VAL J 118 2.25 28.01 -46.88
C VAL J 118 1.71 27.52 -48.22
N ALA J 119 2.59 26.99 -49.07
CA ALA J 119 2.24 26.51 -50.40
C ALA J 119 2.83 25.11 -50.57
N VAL J 120 2.05 24.10 -50.17
CA VAL J 120 2.50 22.72 -50.35
C VAL J 120 2.36 22.35 -51.81
N SER J 121 3.45 21.83 -52.39
CA SER J 121 3.48 21.49 -53.81
C SER J 121 4.45 20.36 -54.08
N GLU K 2 -25.61 39.18 10.39
CA GLU K 2 -24.63 40.15 9.90
C GLU K 2 -23.21 39.70 10.25
N ASN K 3 -23.03 39.21 11.46
CA ASN K 3 -21.72 38.74 11.90
C ASN K 3 -21.27 37.58 11.01
N LEU K 4 -20.11 37.73 10.39
CA LEU K 4 -19.65 36.75 9.41
C LEU K 4 -19.38 35.41 10.08
N TRP K 5 -19.55 34.34 9.31
CA TRP K 5 -19.30 32.97 9.74
C TRP K 5 -18.15 32.40 8.91
N VAL K 6 -17.84 31.12 9.16
CA VAL K 6 -16.73 30.46 8.49
C VAL K 6 -17.29 29.59 7.37
N THR K 7 -16.45 29.38 6.35
CA THR K 7 -16.78 28.51 5.22
C THR K 7 -15.60 27.59 4.95
N VAL K 8 -15.89 26.35 4.61
CA VAL K 8 -14.87 25.35 4.33
C VAL K 8 -14.58 25.37 2.83
N TYR K 9 -13.31 25.54 2.47
CA TYR K 9 -12.86 25.56 1.09
C TYR K 9 -11.91 24.39 0.86
N TYR K 10 -12.15 23.63 -0.20
CA TYR K 10 -11.39 22.43 -0.52
C TYR K 10 -10.67 22.63 -1.84
N GLY K 11 -9.38 22.31 -1.87
CA GLY K 11 -8.59 22.38 -3.08
C GLY K 11 -7.97 23.73 -3.37
N VAL K 12 -8.18 24.73 -2.52
CA VAL K 12 -7.65 26.06 -2.83
C VAL K 12 -6.13 26.00 -2.89
N PRO K 13 -5.47 26.73 -3.80
CA PRO K 13 -4.01 26.60 -3.93
C PRO K 13 -3.29 27.05 -2.67
N VAL K 14 -2.53 26.13 -2.09
CA VAL K 14 -1.69 26.42 -0.92
C VAL K 14 -0.42 25.58 -1.03
N TRP K 15 0.71 26.14 -0.60
CA TRP K 15 2.00 25.46 -0.66
C TRP K 15 2.60 25.38 0.73
N LYS K 16 3.17 24.22 1.04
CA LYS K 16 3.93 24.00 2.27
C LYS K 16 5.24 23.33 1.92
N ASP K 17 6.33 23.80 2.54
CA ASP K 17 7.65 23.27 2.24
C ASP K 17 7.84 21.89 2.85
N ALA K 18 7.60 20.85 2.06
CA ALA K 18 7.81 19.47 2.48
C ALA K 18 8.52 18.71 1.37
N GLU K 19 9.29 17.70 1.77
CA GLU K 19 10.12 16.93 0.84
C GLU K 19 9.92 15.44 1.11
N THR K 20 9.76 14.67 0.04
CA THR K 20 9.49 13.24 0.15
C THR K 20 10.24 12.52 -0.96
N THR K 21 9.89 11.26 -1.18
CA THR K 21 10.55 10.44 -2.19
C THR K 21 9.92 10.72 -3.56
N LEU K 22 10.78 10.96 -4.55
CA LEU K 22 10.32 11.25 -5.90
C LEU K 22 10.20 9.95 -6.70
N PHE K 23 9.97 10.06 -8.00
CA PHE K 23 9.82 8.91 -8.88
C PHE K 23 10.64 9.13 -10.15
N CYS K 24 11.04 8.02 -10.77
CA CYS K 24 11.88 8.05 -11.95
C CYS K 24 11.05 7.81 -13.21
N ALA K 25 11.44 8.48 -14.29
CA ALA K 25 10.82 8.30 -15.59
C ALA K 25 11.90 8.43 -16.66
N SER K 26 11.90 7.50 -17.62
CA SER K 26 12.90 7.46 -18.67
C SER K 26 12.23 7.46 -20.03
N ASP K 27 12.89 8.09 -21.00
CA ASP K 27 12.37 8.15 -22.36
C ASP K 27 12.57 6.82 -23.07
N ALA K 28 11.84 6.64 -24.16
CA ALA K 28 11.92 5.42 -24.95
C ALA K 28 13.30 5.30 -25.60
N HIS K 36 20.31 -4.23 -21.99
CA HIS K 36 19.99 -3.65 -20.70
C HIS K 36 20.87 -2.43 -20.42
N ASN K 37 20.48 -1.65 -19.41
CA ASN K 37 21.21 -0.45 -19.00
C ASN K 37 21.33 -0.45 -17.48
N VAL K 38 22.02 0.55 -16.96
CA VAL K 38 22.26 0.67 -15.53
C VAL K 38 21.34 1.70 -14.88
N TRP K 39 21.02 2.78 -15.60
CA TRP K 39 20.17 3.82 -15.04
C TRP K 39 18.70 3.46 -15.16
N ALA K 40 18.20 3.32 -16.39
CA ALA K 40 16.78 3.07 -16.59
C ALA K 40 16.43 1.60 -16.38
N THR K 41 17.17 0.70 -17.00
CA THR K 41 16.91 -0.74 -16.94
C THR K 41 15.52 -1.09 -17.48
N HIS K 42 14.93 -0.21 -18.27
CA HIS K 42 13.58 -0.40 -18.78
C HIS K 42 12.60 -0.71 -17.65
N ALA K 43 12.77 0.00 -16.54
CA ALA K 43 11.93 -0.16 -15.36
C ALA K 43 11.12 1.08 -15.02
N CYS K 44 11.69 2.27 -15.18
CA CYS K 44 10.96 3.50 -14.90
C CYS K 44 9.82 3.67 -15.89
N VAL K 45 8.70 4.16 -15.40
CA VAL K 45 7.52 4.36 -16.26
C VAL K 45 7.84 5.42 -17.30
N PRO K 46 7.53 5.21 -18.58
CA PRO K 46 7.84 6.23 -19.59
C PRO K 46 7.07 7.51 -19.33
N THR K 47 7.68 8.63 -19.71
CA THR K 47 7.07 9.95 -19.55
C THR K 47 6.54 10.41 -20.90
N ASP K 48 5.28 10.84 -20.90
CA ASP K 48 4.67 11.31 -22.15
C ASP K 48 5.42 12.55 -22.64
N PRO K 49 5.57 12.72 -23.98
CA PRO K 49 6.35 13.84 -24.52
C PRO K 49 5.57 15.14 -24.63
N ASN K 50 4.84 15.48 -23.58
CA ASN K 50 4.12 16.75 -23.47
C ASN K 50 4.35 17.33 -22.09
N PRO K 51 5.57 17.79 -21.81
CA PRO K 51 5.87 18.34 -20.48
C PRO K 51 5.19 19.68 -20.26
N GLN K 52 3.91 19.64 -19.90
CA GLN K 52 3.11 20.85 -19.77
C GLN K 52 3.66 21.70 -18.63
N GLU K 53 4.35 22.77 -18.99
CA GLU K 53 4.85 23.74 -18.02
C GLU K 53 3.90 24.92 -17.96
N ILE K 54 3.57 25.35 -16.76
CA ILE K 54 2.57 26.39 -16.53
C ILE K 54 3.22 27.52 -15.75
N HIS K 55 3.00 28.75 -16.21
CA HIS K 55 3.60 29.94 -15.61
C HIS K 55 2.62 30.54 -14.63
N LEU K 56 3.06 30.71 -13.38
CA LEU K 56 2.26 31.34 -12.35
C LEU K 56 2.71 32.79 -12.20
N GLU K 57 1.84 33.72 -12.55
CA GLU K 57 2.14 35.14 -12.47
C GLU K 57 1.67 35.70 -11.13
N ASN K 58 2.12 36.92 -10.83
CA ASN K 58 1.73 37.61 -9.59
C ASN K 58 2.08 36.77 -8.36
N VAL K 59 3.23 36.09 -8.39
CA VAL K 59 3.64 35.22 -7.30
C VAL K 59 5.16 35.24 -7.21
N THR K 60 5.65 35.03 -5.99
CA THR K 60 7.07 34.85 -5.72
C THR K 60 7.24 33.68 -4.76
N GLU K 61 8.35 32.95 -4.92
CA GLU K 61 8.61 31.77 -4.12
C GLU K 61 10.09 31.75 -3.71
N GLU K 62 10.36 31.07 -2.60
CA GLU K 62 11.71 30.97 -2.06
C GLU K 62 12.33 29.63 -2.40
N PHE K 63 13.58 29.67 -2.84
CA PHE K 63 14.34 28.48 -3.21
C PHE K 63 15.61 28.41 -2.37
N ASN K 64 15.86 27.24 -1.80
CA ASN K 64 17.00 27.03 -0.89
C ASN K 64 17.97 26.06 -1.56
N MET K 65 18.87 26.60 -2.36
CA MET K 65 19.92 25.79 -2.96
C MET K 65 20.88 25.31 -1.86
N TRP K 66 21.46 24.13 -2.09
CA TRP K 66 22.34 23.42 -1.16
C TRP K 66 21.57 22.85 0.03
N LYS K 67 20.25 23.08 0.13
CA LYS K 67 19.41 22.44 1.12
C LYS K 67 18.34 21.56 0.47
N ASN K 68 18.24 21.57 -0.85
CA ASN K 68 17.24 20.75 -1.54
C ASN K 68 17.51 19.27 -1.28
N ASN K 69 16.45 18.52 -0.97
CA ASN K 69 16.57 17.09 -0.81
C ASN K 69 16.64 16.34 -2.12
N MET K 70 16.33 17.00 -3.24
CA MET K 70 16.48 16.36 -4.54
C MET K 70 17.94 15.98 -4.79
N VAL K 71 18.88 16.86 -4.41
CA VAL K 71 20.29 16.54 -4.57
C VAL K 71 20.65 15.32 -3.75
N GLU K 72 20.21 15.28 -2.48
CA GLU K 72 20.47 14.13 -1.64
C GLU K 72 19.77 12.89 -2.18
N GLN K 73 18.52 13.05 -2.65
CA GLN K 73 17.77 11.90 -3.14
C GLN K 73 18.45 11.27 -4.35
N MET K 74 18.92 12.08 -5.29
CA MET K 74 19.58 11.54 -6.47
C MET K 74 20.91 10.89 -6.10
N HIS K 75 21.64 11.48 -5.15
CA HIS K 75 22.94 10.93 -4.77
C HIS K 75 22.79 9.51 -4.22
N THR K 76 21.81 9.31 -3.34
CA THR K 76 21.59 7.97 -2.80
C THR K 76 20.93 7.05 -3.81
N ASP K 77 20.13 7.61 -4.73
CA ASP K 77 19.41 6.78 -5.69
C ASP K 77 20.36 6.07 -6.64
N ILE K 78 21.29 6.81 -7.26
CA ILE K 78 22.15 6.21 -8.27
C ILE K 78 23.12 5.22 -7.63
N ILE K 79 23.56 5.47 -6.39
CA ILE K 79 24.42 4.51 -5.71
C ILE K 79 23.70 3.18 -5.56
N SER K 80 22.41 3.22 -5.24
CA SER K 80 21.63 1.99 -5.18
C SER K 80 21.59 1.31 -6.54
N LEU K 81 21.46 2.09 -7.61
CA LEU K 81 21.50 1.51 -8.96
C LEU K 81 22.87 0.90 -9.25
N TRP K 82 23.94 1.57 -8.82
CA TRP K 82 25.28 1.03 -9.02
C TRP K 82 25.43 -0.33 -8.34
N ASP K 83 25.03 -0.42 -7.08
CA ASP K 83 25.12 -1.69 -6.37
C ASP K 83 24.21 -2.74 -7.01
N GLN K 84 23.02 -2.34 -7.45
CA GLN K 84 22.10 -3.28 -8.06
C GLN K 84 22.67 -3.87 -9.34
N SER K 85 23.33 -3.05 -10.16
CA SER K 85 23.84 -3.50 -11.44
C SER K 85 25.10 -4.33 -11.33
N LEU K 86 25.82 -4.23 -10.21
CA LEU K 86 27.08 -4.96 -10.05
C LEU K 86 26.89 -6.36 -9.49
N LYS K 87 25.77 -6.62 -8.81
CA LYS K 87 25.58 -7.93 -8.19
C LYS K 87 25.62 -9.08 -9.19
N PRO K 88 24.91 -9.04 -10.35
CA PRO K 88 24.81 -10.21 -11.23
C PRO K 88 25.90 -10.29 -12.29
N CYS K 89 27.15 -10.43 -11.87
CA CYS K 89 28.21 -10.92 -12.74
C CYS K 89 29.44 -11.25 -11.91
N VAL K 90 30.46 -11.78 -12.60
CA VAL K 90 31.51 -12.55 -11.94
C VAL K 90 32.25 -11.71 -10.91
N LYS K 91 32.50 -12.32 -9.74
CA LYS K 91 33.44 -11.74 -8.78
C LYS K 91 34.86 -12.06 -9.19
N LEU K 92 35.81 -11.27 -8.67
CA LEU K 92 37.23 -11.41 -8.99
C LEU K 92 38.04 -11.80 -7.76
N THR K 93 37.51 -12.73 -6.96
CA THR K 93 38.25 -13.22 -5.80
C THR K 93 39.57 -13.87 -6.17
N PRO K 94 39.65 -14.76 -7.16
CA PRO K 94 40.89 -15.50 -7.41
C PRO K 94 41.95 -14.75 -8.20
N LEU K 95 41.83 -13.44 -8.36
CA LEU K 95 42.83 -12.66 -9.09
C LEU K 95 43.88 -12.03 -8.19
N CYS K 96 43.84 -12.29 -6.88
CA CYS K 96 44.80 -11.72 -5.95
C CYS K 96 46.07 -12.56 -5.81
N VAL K 97 46.29 -13.50 -6.73
CA VAL K 97 47.50 -14.30 -6.66
C VAL K 97 48.73 -13.41 -6.91
N THR K 98 49.89 -13.93 -6.53
CA THR K 98 51.12 -13.18 -6.71
C THR K 98 51.37 -12.92 -8.19
N LEU K 99 51.78 -11.69 -8.50
CA LEU K 99 52.00 -11.25 -9.87
C LEU K 99 53.50 -11.09 -10.09
N GLN K 100 54.07 -11.96 -10.93
CA GLN K 100 55.45 -11.82 -11.39
C GLN K 100 55.41 -10.97 -12.65
N CYS K 101 55.70 -9.67 -12.50
CA CYS K 101 55.50 -8.70 -13.56
C CYS K 101 56.84 -8.32 -14.18
N THR K 102 56.74 -7.66 -15.34
CA THR K 102 57.91 -7.20 -16.07
C THR K 102 57.55 -5.93 -16.82
N ASN K 103 58.58 -5.15 -17.16
CA ASN K 103 58.37 -3.91 -17.89
C ASN K 103 57.98 -4.20 -19.34
N VAL K 104 57.43 -3.19 -19.99
CA VAL K 104 57.09 -3.24 -21.42
C VAL K 104 58.07 -2.33 -22.14
N THR K 105 58.74 -2.87 -23.16
CA THR K 105 59.78 -2.14 -23.89
C THR K 105 59.61 -2.23 -25.40
N ASN K 106 58.48 -2.73 -25.89
CA ASN K 106 58.26 -2.87 -27.33
C ASN K 106 57.57 -1.61 -27.83
N ASN K 107 58.34 -0.74 -28.48
CA ASN K 107 57.82 0.49 -29.07
C ASN K 107 57.10 1.35 -28.02
N ILE K 108 57.88 1.80 -27.03
CA ILE K 108 57.38 2.57 -25.91
C ILE K 108 57.89 4.00 -26.03
N THR K 109 56.99 4.96 -25.93
CA THR K 109 57.38 6.36 -25.91
C THR K 109 58.03 6.70 -24.57
N ASP K 110 58.94 7.68 -24.60
CA ASP K 110 59.66 8.06 -23.40
C ASP K 110 58.72 8.59 -22.32
N ASP K 111 57.61 9.23 -22.72
CA ASP K 111 56.70 9.82 -21.75
C ASP K 111 55.97 8.77 -20.92
N MET K 112 55.80 7.55 -21.45
CA MET K 112 55.08 6.49 -20.74
C MET K 112 56.00 5.33 -20.38
N ARG K 113 57.30 5.58 -20.26
CA ARG K 113 58.23 4.52 -19.89
C ARG K 113 57.88 3.97 -18.52
N GLY K 114 57.72 2.65 -18.44
CA GLY K 114 57.40 1.99 -17.19
C GLY K 114 55.99 2.20 -16.69
N GLU K 115 55.05 2.55 -17.55
CA GLU K 115 53.66 2.70 -17.12
C GLU K 115 52.93 1.36 -17.15
N LEU K 116 52.87 0.73 -18.33
CA LEU K 116 52.30 -0.60 -18.43
C LEU K 116 53.29 -1.63 -17.91
N LYS K 117 52.77 -2.66 -17.24
CA LYS K 117 53.59 -3.72 -16.66
C LYS K 117 53.07 -5.06 -17.17
N ASN K 118 53.78 -5.65 -18.13
CA ASN K 118 53.47 -7.01 -18.55
C ASN K 118 53.60 -7.95 -17.36
N CYS K 119 52.56 -8.75 -17.13
CA CYS K 119 52.48 -9.58 -15.93
C CYS K 119 52.05 -10.98 -16.28
N SER K 120 52.46 -11.93 -15.45
CA SER K 120 52.07 -13.33 -15.56
C SER K 120 51.67 -13.84 -14.18
N PHE K 121 50.73 -14.78 -14.16
CA PHE K 121 50.24 -15.31 -12.90
C PHE K 121 49.65 -16.69 -13.14
N ASN K 122 49.45 -17.41 -12.03
CA ASN K 122 49.00 -18.81 -12.05
C ASN K 122 47.52 -18.93 -11.70
N MET K 123 46.71 -18.01 -12.19
CA MET K 123 45.28 -17.99 -11.86
C MET K 123 44.60 -19.27 -12.34
N THR K 124 43.58 -19.70 -11.60
CA THR K 124 42.96 -20.99 -11.83
C THR K 124 42.10 -20.99 -13.10
N THR K 125 41.91 -22.19 -13.65
CA THR K 125 41.05 -22.41 -14.80
C THR K 125 39.67 -22.87 -14.32
N GLU K 126 38.82 -23.29 -15.27
CA GLU K 126 37.46 -23.68 -14.91
C GLU K 126 37.46 -24.93 -14.03
N LEU K 127 38.31 -25.91 -14.34
CA LEU K 127 38.38 -27.12 -13.54
C LEU K 127 39.04 -26.83 -12.20
N ARG K 128 38.43 -27.31 -11.12
CA ARG K 128 38.93 -27.02 -9.78
C ARG K 128 40.26 -27.68 -9.49
N ASP K 129 40.61 -28.73 -10.22
CA ASP K 129 41.82 -29.51 -9.94
C ASP K 129 42.94 -29.22 -10.95
N LYS K 130 42.84 -28.12 -11.70
CA LYS K 130 43.86 -27.76 -12.66
C LYS K 130 44.14 -26.27 -12.60
N LYS K 131 45.37 -25.89 -12.91
CA LYS K 131 45.81 -24.51 -12.95
C LYS K 131 46.16 -24.12 -14.37
N GLN K 132 46.49 -22.84 -14.57
CA GLN K 132 46.91 -22.37 -15.88
C GLN K 132 47.74 -21.10 -15.70
N LYS K 133 48.68 -20.90 -16.63
CA LYS K 133 49.52 -19.71 -16.65
C LYS K 133 48.92 -18.72 -17.64
N VAL K 134 48.59 -17.53 -17.17
CA VAL K 134 47.97 -16.48 -17.98
C VAL K 134 48.75 -15.19 -17.78
N TYR K 135 49.02 -14.50 -18.88
CA TYR K 135 49.73 -13.23 -18.86
C TYR K 135 48.80 -12.10 -19.29
N SER K 136 48.95 -10.95 -18.65
CA SER K 136 48.12 -9.80 -18.94
C SER K 136 48.92 -8.52 -18.67
N LEU K 137 48.47 -7.43 -19.25
CA LEU K 137 49.11 -6.13 -19.12
C LEU K 137 48.30 -5.25 -18.18
N PHE K 138 48.95 -4.72 -17.15
CA PHE K 138 48.31 -3.89 -16.13
C PHE K 138 49.01 -2.55 -16.07
N TYR K 139 48.24 -1.50 -15.82
CA TYR K 139 48.81 -0.16 -15.66
C TYR K 139 49.52 -0.05 -14.32
N ARG K 140 50.45 0.91 -14.24
CA ARG K 140 51.23 1.10 -13.03
C ARG K 140 50.34 1.41 -11.83
N LEU K 141 49.20 2.08 -12.06
CA LEU K 141 48.30 2.47 -10.98
C LEU K 141 47.34 1.36 -10.58
N ASP K 142 47.63 0.11 -10.94
CA ASP K 142 46.81 -1.02 -10.54
C ASP K 142 47.58 -2.10 -9.80
N VAL K 143 48.89 -1.96 -9.65
CA VAL K 143 49.72 -2.96 -8.98
C VAL K 143 50.65 -2.24 -8.01
N VAL K 144 51.07 -2.99 -6.98
CA VAL K 144 51.98 -2.47 -5.96
C VAL K 144 52.97 -3.58 -5.62
N GLN K 145 54.24 -3.19 -5.44
CA GLN K 145 55.26 -4.15 -5.06
C GLN K 145 55.00 -4.70 -3.66
N ILE K 146 55.34 -5.97 -3.47
CA ILE K 146 55.16 -6.62 -2.17
C ILE K 146 56.36 -6.30 -1.28
N GLU K 160 56.09 -10.63 -7.16
CA GLU K 160 56.69 -9.36 -6.82
C GLU K 160 55.64 -8.26 -6.68
N TYR K 161 54.52 -8.42 -7.39
CA TYR K 161 53.48 -7.42 -7.44
C TYR K 161 52.15 -8.03 -6.99
N ARG K 162 51.27 -7.16 -6.50
CA ARG K 162 49.90 -7.54 -6.16
C ARG K 162 48.99 -6.37 -6.53
N LEU K 163 47.71 -6.70 -6.74
CA LEU K 163 46.75 -5.66 -7.11
C LEU K 163 46.59 -4.66 -5.99
N ILE K 164 46.29 -3.40 -6.37
CA ILE K 164 46.17 -2.33 -5.39
C ILE K 164 45.05 -2.64 -4.40
N ASN K 165 43.97 -3.25 -4.87
CA ASN K 165 42.79 -3.48 -4.05
C ASN K 165 42.84 -4.81 -3.29
N CYS K 166 43.94 -5.56 -3.40
CA CYS K 166 43.97 -6.89 -2.81
C CYS K 166 43.82 -6.84 -1.29
N ASN K 167 44.55 -5.93 -0.63
CA ASN K 167 44.45 -5.83 0.82
C ASN K 167 43.12 -5.21 1.26
N THR K 168 42.40 -4.59 0.33
CA THR K 168 41.05 -4.10 0.56
C THR K 168 40.08 -5.13 -0.03
N SER K 169 38.78 -4.96 0.24
CA SER K 169 37.79 -5.90 -0.23
C SER K 169 37.89 -6.07 -1.74
N ALA K 170 37.91 -7.32 -2.17
CA ALA K 170 37.93 -7.61 -3.60
C ALA K 170 36.59 -7.23 -4.22
N CYS K 171 36.64 -6.80 -5.46
CA CYS K 171 35.46 -6.28 -6.17
C CYS K 171 35.16 -7.11 -7.40
N THR K 172 33.95 -6.90 -7.92
CA THR K 172 33.43 -7.67 -9.04
C THR K 172 33.98 -7.09 -10.34
N GLN K 173 33.45 -7.57 -11.47
CA GLN K 173 33.82 -7.08 -12.79
C GLN K 173 32.58 -6.50 -13.46
N ALA K 174 32.74 -5.33 -14.07
CA ALA K 174 31.63 -4.69 -14.74
C ALA K 174 31.01 -5.64 -15.75
N CYS K 175 29.73 -5.95 -15.55
CA CYS K 175 28.99 -6.85 -16.43
C CYS K 175 29.21 -6.40 -17.87
N PRO K 176 29.96 -7.15 -18.71
CA PRO K 176 30.22 -6.66 -20.06
C PRO K 176 29.03 -6.85 -20.98
N LYS K 177 28.29 -5.76 -21.19
CA LYS K 177 27.01 -5.69 -21.88
C LYS K 177 26.23 -4.53 -21.29
N VAL K 178 26.33 -4.38 -19.97
CA VAL K 178 25.63 -3.31 -19.24
C VAL K 178 26.56 -2.11 -19.26
N SER K 179 26.47 -1.30 -20.31
CA SER K 179 27.30 -0.11 -20.42
C SER K 179 26.82 0.96 -19.43
N PHE K 180 27.74 1.86 -19.09
CA PHE K 180 27.47 2.93 -18.14
C PHE K 180 27.30 4.27 -18.85
N GLU K 181 26.91 4.24 -20.12
CA GLU K 181 26.74 5.48 -20.87
C GLU K 181 25.61 6.31 -20.25
N PRO K 182 25.81 7.61 -19.99
CA PRO K 182 24.77 8.38 -19.32
C PRO K 182 23.48 8.41 -20.12
N ILE K 183 22.36 8.38 -19.41
CA ILE K 183 21.03 8.48 -20.02
C ILE K 183 20.22 9.51 -19.25
N PRO K 184 19.62 10.50 -19.90
CA PRO K 184 18.78 11.46 -19.16
C PRO K 184 17.70 10.75 -18.36
N ILE K 185 17.47 11.24 -17.14
CA ILE K 185 16.49 10.68 -16.23
C ILE K 185 15.56 11.80 -15.79
N HIS K 186 14.25 11.53 -15.83
CA HIS K 186 13.24 12.50 -15.44
C HIS K 186 12.74 12.16 -14.05
N TYR K 187 12.72 13.16 -13.17
CA TYR K 187 12.20 13.02 -11.81
C TYR K 187 10.83 13.66 -11.72
N CYS K 188 9.85 12.89 -11.23
CA CYS K 188 8.48 13.34 -11.08
C CYS K 188 8.01 13.06 -9.66
N ALA K 189 7.37 14.04 -9.04
CA ALA K 189 6.86 13.87 -7.69
C ALA K 189 5.54 13.11 -7.71
N PRO K 190 5.16 12.51 -6.58
CA PRO K 190 3.88 11.79 -6.54
C PRO K 190 2.70 12.76 -6.57
N ALA K 191 1.51 12.18 -6.72
CA ALA K 191 0.30 12.98 -6.67
C ALA K 191 0.15 13.63 -5.30
N GLY K 192 -0.37 14.85 -5.28
CA GLY K 192 -0.46 15.64 -4.08
C GLY K 192 0.75 16.50 -3.79
N PHE K 193 1.80 16.40 -4.61
CA PHE K 193 3.00 17.21 -4.48
C PHE K 193 3.29 17.88 -5.81
N ALA K 194 3.99 19.01 -5.76
CA ALA K 194 4.33 19.77 -6.95
C ALA K 194 5.80 20.17 -6.90
N ILE K 195 6.37 20.39 -8.08
CA ILE K 195 7.77 20.80 -8.23
C ILE K 195 7.77 22.17 -8.89
N LEU K 196 8.41 23.13 -8.23
CA LEU K 196 8.47 24.51 -8.71
C LEU K 196 9.88 24.81 -9.23
N LYS K 197 9.95 25.51 -10.35
CA LYS K 197 11.22 25.89 -10.97
C LYS K 197 11.21 27.38 -11.28
N CYS K 198 12.27 28.07 -10.86
CA CYS K 198 12.41 29.48 -11.21
C CYS K 198 12.84 29.62 -12.66
N LYS K 199 12.69 30.85 -13.18
CA LYS K 199 13.06 31.13 -14.56
C LYS K 199 13.82 32.44 -14.74
N ASP K 200 14.03 33.20 -13.67
CA ASP K 200 14.78 34.46 -13.80
C ASP K 200 16.21 34.16 -14.19
N LYS K 201 16.72 34.90 -15.18
CA LYS K 201 18.07 34.69 -15.68
C LYS K 201 19.14 35.22 -14.74
N LYS K 202 18.78 36.01 -13.73
CA LYS K 202 19.72 36.53 -12.76
C LYS K 202 19.67 35.76 -11.44
N PHE K 203 19.09 34.55 -11.45
CA PHE K 203 18.89 33.81 -10.22
C PHE K 203 20.21 33.51 -9.55
N ASN K 204 20.31 33.87 -8.27
CA ASN K 204 21.47 33.54 -7.46
C ASN K 204 21.28 32.15 -6.86
N GLY K 205 22.13 31.78 -5.90
CA GLY K 205 21.96 30.49 -5.25
C GLY K 205 20.66 30.41 -4.47
N THR K 206 20.34 31.46 -3.72
CA THR K 206 19.14 31.49 -2.91
C THR K 206 18.53 32.87 -2.96
N GLY K 207 17.21 32.94 -3.14
CA GLY K 207 16.50 34.19 -3.15
C GLY K 207 15.20 34.11 -3.93
N PRO K 208 14.30 35.07 -3.72
CA PRO K 208 13.02 35.06 -4.44
C PRO K 208 13.21 35.16 -5.94
N CYS K 209 12.33 34.48 -6.67
CA CYS K 209 12.31 34.52 -8.13
C CYS K 209 10.94 35.00 -8.59
N PRO K 210 10.83 36.10 -9.33
CA PRO K 210 9.50 36.57 -9.77
C PRO K 210 8.97 35.87 -11.01
N SER K 211 9.55 34.75 -11.42
CA SER K 211 9.11 34.00 -12.59
C SER K 211 8.88 32.54 -12.22
N VAL K 212 8.18 32.31 -11.10
CA VAL K 212 7.96 30.96 -10.60
C VAL K 212 7.09 30.19 -11.59
N SER K 213 7.40 28.91 -11.76
CA SER K 213 6.59 28.01 -12.57
C SER K 213 6.67 26.62 -11.96
N THR K 214 5.67 25.79 -12.28
CA THR K 214 5.58 24.44 -11.75
C THR K 214 5.43 23.44 -12.89
N VAL K 215 6.07 22.29 -12.74
CA VAL K 215 6.01 21.22 -13.73
C VAL K 215 6.09 19.89 -13.00
N GLN K 216 5.33 18.91 -13.49
CA GLN K 216 5.27 17.63 -12.81
C GLN K 216 6.57 16.85 -12.92
N CYS K 217 7.29 16.99 -14.03
CA CYS K 217 8.53 16.28 -14.26
C CYS K 217 9.61 17.24 -14.72
N THR K 218 10.83 17.03 -14.24
CA THR K 218 11.95 17.88 -14.64
C THR K 218 12.51 17.41 -15.99
N HIS K 219 13.25 18.31 -16.63
CA HIS K 219 13.85 18.01 -17.91
C HIS K 219 14.91 16.93 -17.75
N GLY K 220 15.46 16.47 -18.88
CA GLY K 220 16.48 15.45 -18.87
C GLY K 220 17.70 15.85 -18.07
N ILE K 221 18.09 15.02 -17.11
CA ILE K 221 19.25 15.27 -16.26
C ILE K 221 20.24 14.14 -16.50
N LYS K 222 21.39 14.48 -17.07
CA LYS K 222 22.42 13.48 -17.34
C LYS K 222 23.25 13.26 -16.08
N PRO K 223 23.35 12.03 -15.56
CA PRO K 223 24.12 11.81 -14.34
C PRO K 223 25.61 11.65 -14.59
N VAL K 224 26.09 12.08 -15.76
CA VAL K 224 27.49 11.97 -16.13
C VAL K 224 28.36 12.52 -15.01
N VAL K 225 29.57 11.96 -14.86
CA VAL K 225 30.39 12.16 -13.67
C VAL K 225 31.60 13.00 -14.05
N SER K 226 32.05 13.81 -13.09
CA SER K 226 33.27 14.60 -13.22
C SER K 226 33.64 15.12 -11.84
N THR K 227 34.83 15.73 -11.74
CA THR K 227 35.31 16.25 -10.47
C THR K 227 35.75 17.71 -10.59
N GLN K 228 36.25 18.09 -11.76
CA GLN K 228 36.77 19.44 -11.96
C GLN K 228 36.00 20.22 -13.02
N LEU K 229 35.78 19.63 -14.19
CA LEU K 229 35.06 20.27 -15.28
C LEU K 229 33.75 19.55 -15.52
N LEU K 230 32.64 20.30 -15.48
CA LEU K 230 31.34 19.72 -15.77
C LEU K 230 31.28 19.31 -17.25
N LEU K 231 30.74 18.12 -17.50
CA LEU K 231 30.63 17.58 -18.84
C LEU K 231 29.16 17.38 -19.19
N ASN K 232 28.76 17.83 -20.37
CA ASN K 232 27.40 17.63 -20.88
C ASN K 232 26.35 18.19 -19.91
N GLY K 233 26.69 19.27 -19.22
CA GLY K 233 25.74 19.92 -18.33
C GLY K 233 24.79 20.84 -19.08
N SER K 234 23.81 21.35 -18.37
CA SER K 234 22.85 22.30 -18.90
C SER K 234 23.41 23.71 -18.73
N LEU K 235 23.69 24.38 -19.85
CA LEU K 235 24.32 25.68 -19.79
C LEU K 235 23.36 26.73 -19.26
N ALA K 236 23.93 27.86 -18.84
CA ALA K 236 23.13 28.98 -18.35
C ALA K 236 22.32 29.58 -19.49
N GLU K 237 21.47 30.55 -19.14
CA GLU K 237 20.59 31.15 -20.12
C GLU K 237 21.29 32.26 -20.91
N GLU K 238 21.76 33.30 -20.23
CA GLU K 238 22.32 34.47 -20.88
C GLU K 238 23.78 34.70 -20.54
N GLU K 239 24.13 34.73 -19.25
CA GLU K 239 25.48 35.08 -18.82
C GLU K 239 26.00 34.03 -17.85
N VAL K 240 27.32 34.04 -17.68
CA VAL K 240 27.96 33.12 -16.73
C VAL K 240 27.48 33.45 -15.33
N MET K 241 27.02 32.43 -14.61
CA MET K 241 26.47 32.59 -13.27
C MET K 241 27.40 31.96 -12.24
N ILE K 242 27.68 32.69 -11.17
CA ILE K 242 28.48 32.17 -10.07
C ILE K 242 27.56 31.89 -8.89
N ARG K 243 27.08 30.65 -8.80
CA ARG K 243 26.15 30.25 -7.76
C ARG K 243 26.93 29.75 -6.56
N SER K 244 26.80 30.43 -5.42
CA SER K 244 27.53 30.06 -4.23
C SER K 244 26.81 30.57 -3.00
N GLU K 245 26.86 29.77 -1.93
CA GLU K 245 26.47 30.22 -0.60
C GLU K 245 27.63 31.04 -0.04
N ASN K 246 27.69 31.22 1.27
CA ASN K 246 28.63 32.15 1.91
C ASN K 246 29.95 32.20 1.15
N ILE K 247 30.31 33.39 0.68
CA ILE K 247 31.38 33.54 -0.30
C ILE K 247 32.65 34.02 0.39
N THR K 248 32.50 34.85 1.42
CA THR K 248 33.65 35.23 2.22
C THR K 248 34.27 34.04 2.92
N ASN K 249 33.52 32.95 3.10
CA ASN K 249 34.06 31.72 3.65
C ASN K 249 34.72 30.91 2.55
N ASN K 250 36.02 30.65 2.69
CA ASN K 250 36.76 29.90 1.70
C ASN K 250 36.52 28.39 1.77
N ALA K 251 35.90 27.91 2.85
CA ALA K 251 35.77 26.47 3.06
C ALA K 251 34.74 25.82 2.15
N LYS K 252 33.90 26.59 1.47
CA LYS K 252 32.83 26.04 0.64
C LYS K 252 33.14 26.33 -0.82
N ASN K 253 32.80 25.37 -1.69
CA ASN K 253 33.16 25.45 -3.09
C ASN K 253 32.36 26.54 -3.79
N ILE K 254 32.93 27.04 -4.89
CA ILE K 254 32.28 28.02 -5.76
C ILE K 254 31.92 27.31 -7.06
N LEU K 255 30.65 27.35 -7.42
CA LEU K 255 30.14 26.67 -8.60
C LEU K 255 29.92 27.69 -9.72
N VAL K 256 30.52 27.43 -10.88
CA VAL K 256 30.46 28.35 -12.02
C VAL K 256 29.82 27.61 -13.19
N GLN K 257 28.86 28.27 -13.84
CA GLN K 257 28.16 27.73 -15.00
C GLN K 257 28.37 28.67 -16.17
N PHE K 258 28.92 28.14 -17.26
CA PHE K 258 29.19 28.94 -18.44
C PHE K 258 27.91 29.20 -19.22
N ASN K 259 28.04 29.95 -20.33
CA ASN K 259 26.92 30.26 -21.20
C ASN K 259 27.10 29.80 -22.63
N THR K 260 28.33 29.60 -23.10
CA THR K 260 28.62 29.03 -24.40
C THR K 260 29.52 27.81 -24.22
N PRO K 261 29.16 26.65 -24.75
CA PRO K 261 29.95 25.45 -24.50
C PRO K 261 31.34 25.57 -25.10
N VAL K 262 32.31 24.96 -24.43
CA VAL K 262 33.69 24.86 -24.91
C VAL K 262 33.94 23.41 -25.25
N GLN K 263 34.15 23.12 -26.54
CA GLN K 263 34.31 21.75 -26.98
C GLN K 263 35.58 21.14 -26.39
N ILE K 264 35.46 19.89 -25.93
CA ILE K 264 36.58 19.15 -25.38
C ILE K 264 36.70 17.83 -26.14
N ASN K 265 37.91 17.52 -26.59
CA ASN K 265 38.20 16.27 -27.28
C ASN K 265 39.07 15.40 -26.39
N CYS K 266 38.69 14.14 -26.24
CA CYS K 266 39.48 13.17 -25.50
C CYS K 266 39.52 11.88 -26.29
N THR K 267 40.69 11.24 -26.35
CA THR K 267 40.86 10.03 -27.14
C THR K 267 41.91 9.16 -26.49
N ARG K 268 41.79 7.85 -26.73
CA ARG K 268 42.80 6.88 -26.33
C ARG K 268 43.50 6.34 -27.57
N PRO K 269 44.78 6.64 -27.80
CA PRO K 269 45.40 6.27 -29.09
C PRO K 269 45.73 4.79 -29.21
N ASN K 270 45.83 4.05 -28.11
CA ASN K 270 46.25 2.66 -28.18
C ASN K 270 45.18 1.81 -28.85
N ASN K 271 45.63 0.84 -29.64
CA ASN K 271 44.74 -0.14 -30.27
C ASN K 271 44.76 -1.40 -29.40
N ASN K 272 44.06 -1.32 -28.27
CA ASN K 272 44.05 -2.41 -27.31
C ASN K 272 43.22 -3.57 -27.81
N THR K 273 43.54 -4.77 -27.31
CA THR K 273 42.79 -5.98 -27.60
C THR K 273 42.42 -6.66 -26.29
N ARG K 274 41.34 -7.45 -26.33
CA ARG K 274 40.80 -8.08 -25.14
C ARG K 274 40.97 -9.58 -25.22
N LYS K 275 41.39 -10.18 -24.11
CA LYS K 275 41.54 -11.62 -23.97
C LYS K 275 40.59 -12.11 -22.90
N SER K 276 39.87 -13.19 -23.18
CA SER K 276 38.92 -13.77 -22.26
C SER K 276 39.53 -14.99 -21.59
N ILE K 277 39.55 -14.99 -20.25
CA ILE K 277 40.10 -16.08 -19.46
C ILE K 277 39.01 -16.62 -18.56
N ARG K 278 38.78 -17.93 -18.63
CA ARG K 278 37.79 -18.58 -17.78
C ARG K 278 38.36 -18.78 -16.38
N ILE K 279 37.59 -18.39 -15.37
CA ILE K 279 38.06 -18.41 -13.98
C ILE K 279 37.41 -19.59 -13.26
N GLY K 280 36.18 -19.91 -13.63
CA GLY K 280 35.44 -20.96 -12.98
C GLY K 280 34.27 -21.44 -13.82
N PRO K 281 33.38 -22.23 -13.23
CA PRO K 281 32.22 -22.72 -13.98
C PRO K 281 31.28 -21.58 -14.38
N GLY K 282 31.22 -21.30 -15.68
CA GLY K 282 30.37 -20.21 -16.16
C GLY K 282 30.75 -18.86 -15.61
N GLN K 283 32.05 -18.61 -15.41
CA GLN K 283 32.54 -17.34 -14.90
C GLN K 283 33.81 -17.01 -15.64
N ALA K 284 33.79 -15.91 -16.40
CA ALA K 284 34.91 -15.52 -17.25
C ALA K 284 35.41 -14.14 -16.86
N PHE K 285 36.73 -13.96 -16.99
CA PHE K 285 37.39 -12.70 -16.73
C PHE K 285 38.10 -12.24 -18.00
N TYR K 286 38.01 -10.94 -18.29
CA TYR K 286 38.59 -10.35 -19.48
C TYR K 286 39.83 -9.55 -19.10
N ALA K 287 40.93 -9.82 -19.78
CA ALA K 287 42.21 -9.18 -19.51
C ALA K 287 42.60 -8.27 -20.67
N THR K 288 43.74 -7.61 -20.51
CA THR K 288 44.25 -6.68 -21.50
C THR K 288 45.39 -7.32 -22.29
N GLY K 289 45.62 -6.80 -23.49
CA GLY K 289 46.72 -7.24 -24.32
C GLY K 289 46.39 -8.49 -25.11
N ASP K 290 47.30 -8.85 -26.02
CA ASP K 290 48.54 -8.13 -26.33
C ASP K 290 48.25 -6.87 -27.15
N ILE K 291 48.84 -5.75 -26.74
CA ILE K 291 48.57 -4.49 -27.41
C ILE K 291 49.14 -4.52 -28.82
N ILE K 292 48.51 -3.75 -29.71
CA ILE K 292 48.91 -3.67 -31.11
C ILE K 292 49.21 -2.22 -31.44
N GLY K 293 50.32 -1.99 -32.13
CA GLY K 293 50.68 -0.66 -32.58
C GLY K 293 51.59 0.07 -31.60
N ASP K 294 51.65 1.38 -31.80
CA ASP K 294 52.53 2.22 -30.99
C ASP K 294 51.96 2.41 -29.59
N ILE K 295 52.79 2.96 -28.71
CA ILE K 295 52.44 3.21 -27.32
C ILE K 295 52.47 4.72 -27.12
N ARG K 296 51.29 5.34 -27.11
CA ARG K 296 51.17 6.79 -26.98
C ARG K 296 50.24 7.13 -25.81
N GLN K 297 50.58 8.21 -25.11
CA GLN K 297 49.81 8.61 -23.94
C GLN K 297 48.45 9.15 -24.35
N ALA K 298 47.42 8.81 -23.57
CA ALA K 298 46.10 9.37 -23.78
C ALA K 298 46.15 10.88 -23.53
N HIS K 299 45.50 11.63 -24.42
CA HIS K 299 45.52 13.08 -24.34
C HIS K 299 44.15 13.64 -24.69
N CYS K 300 43.83 14.79 -24.11
CA CYS K 300 42.62 15.53 -24.41
C CYS K 300 43.00 16.87 -25.03
N ASN K 301 42.06 17.47 -25.76
CA ASN K 301 42.31 18.70 -26.50
C ASN K 301 41.16 19.68 -26.30
N VAL K 302 41.53 20.94 -26.04
CA VAL K 302 40.57 22.03 -25.94
C VAL K 302 41.16 23.24 -26.65
N SER K 303 40.32 23.96 -27.39
CA SER K 303 40.79 25.08 -28.18
C SER K 303 41.38 26.16 -27.27
N LYS K 304 42.52 26.72 -27.68
CA LYS K 304 43.16 27.76 -26.89
C LYS K 304 42.36 29.05 -26.92
N ALA K 305 41.93 29.47 -28.12
CA ALA K 305 41.22 30.74 -28.25
C ALA K 305 39.91 30.72 -27.46
N THR K 306 39.16 29.61 -27.57
CA THR K 306 37.88 29.54 -26.87
C THR K 306 38.06 29.57 -25.36
N TRP K 307 39.05 28.84 -24.85
CA TRP K 307 39.26 28.78 -23.41
C TRP K 307 39.64 30.14 -22.84
N ASN K 308 40.52 30.87 -23.53
CA ASN K 308 40.91 32.19 -23.04
C ASN K 308 39.71 33.12 -22.99
N GLU K 309 38.86 33.09 -24.01
CA GLU K 309 37.64 33.89 -23.98
C GLU K 309 36.72 33.45 -22.86
N THR K 310 36.57 32.14 -22.67
CA THR K 310 35.67 31.65 -21.62
C THR K 310 36.18 32.06 -20.25
N LEU K 311 37.49 31.91 -20.00
CA LEU K 311 38.04 32.33 -18.72
C LEU K 311 37.92 33.83 -18.54
N GLY K 312 38.13 34.60 -19.60
CA GLY K 312 37.99 36.05 -19.50
C GLY K 312 36.59 36.46 -19.10
N LYS K 313 35.58 35.77 -19.62
CA LYS K 313 34.20 36.06 -19.23
C LYS K 313 33.95 35.68 -17.77
N VAL K 314 34.53 34.58 -17.31
CA VAL K 314 34.32 34.14 -15.93
C VAL K 314 34.86 35.17 -14.96
N VAL K 315 36.08 35.65 -15.19
CA VAL K 315 36.67 36.63 -14.29
C VAL K 315 35.89 37.94 -14.33
N LYS K 316 35.38 38.31 -15.51
CA LYS K 316 34.62 39.55 -15.62
C LYS K 316 33.41 39.53 -14.68
N GLN K 317 32.65 38.44 -14.69
CA GLN K 317 31.53 38.31 -13.77
C GLN K 317 32.01 38.10 -12.34
N LEU K 318 33.10 37.35 -12.17
CA LEU K 318 33.64 37.13 -10.83
C LEU K 318 34.15 38.43 -10.21
N ARG K 319 34.64 39.34 -11.04
CA ARG K 319 35.15 40.61 -10.52
C ARG K 319 34.05 41.50 -9.97
N LYS K 320 32.77 41.22 -10.28
CA LYS K 320 31.67 41.98 -9.71
C LYS K 320 31.44 41.66 -8.24
N HIS K 321 31.94 40.52 -7.76
CA HIS K 321 31.79 40.12 -6.37
C HIS K 321 33.05 40.37 -5.53
N PHE K 322 34.14 40.82 -6.16
CA PHE K 322 35.39 41.09 -5.46
C PHE K 322 35.94 42.42 -5.95
N GLY K 323 37.12 42.78 -5.44
CA GLY K 323 37.72 44.04 -5.83
C GLY K 323 38.01 44.10 -7.31
N ASN K 324 37.84 45.30 -7.87
CA ASN K 324 38.10 45.49 -9.30
C ASN K 324 39.59 45.51 -9.61
N ASN K 325 40.39 46.09 -8.72
CA ASN K 325 41.83 46.19 -8.94
C ASN K 325 42.58 44.94 -8.53
N THR K 326 41.92 43.97 -7.91
CA THR K 326 42.60 42.75 -7.49
C THR K 326 43.09 41.97 -8.70
N ILE K 327 44.28 41.38 -8.57
CA ILE K 327 44.91 40.62 -9.64
C ILE K 327 44.49 39.16 -9.46
N ILE K 328 43.52 38.73 -10.26
CA ILE K 328 43.00 37.37 -10.17
C ILE K 328 43.98 36.41 -10.82
N ARG K 329 44.33 35.34 -10.11
CA ARG K 329 45.25 34.33 -10.59
C ARG K 329 44.59 32.97 -10.55
N PHE K 330 45.14 32.04 -11.34
CA PHE K 330 44.67 30.66 -11.38
C PHE K 330 45.85 29.72 -11.23
N ALA K 331 45.59 28.54 -10.66
CA ALA K 331 46.63 27.55 -10.44
C ALA K 331 45.99 26.18 -10.37
N ASN K 332 46.83 25.15 -10.52
CA ASN K 332 46.35 23.78 -10.46
C ASN K 332 45.90 23.44 -9.04
N SER K 333 45.43 22.21 -8.86
CA SER K 333 44.92 21.79 -7.58
C SER K 333 46.02 21.84 -6.51
N SER K 334 45.60 21.68 -5.25
CA SER K 334 46.50 21.74 -4.11
C SER K 334 47.04 20.37 -3.71
N GLY K 335 47.03 19.40 -4.62
CA GLY K 335 47.54 18.08 -4.32
C GLY K 335 46.56 17.24 -3.55
N GLY K 336 46.97 15.99 -3.30
CA GLY K 336 46.15 15.05 -2.56
C GLY K 336 46.03 13.71 -3.26
N ASP K 337 44.99 12.95 -2.91
CA ASP K 337 44.79 11.64 -3.52
C ASP K 337 44.44 11.80 -5.00
N LEU K 338 44.74 10.75 -5.78
CA LEU K 338 44.52 10.80 -7.21
C LEU K 338 43.05 10.99 -7.56
N GLU K 339 42.14 10.57 -6.67
CA GLU K 339 40.72 10.64 -6.99
C GLU K 339 40.26 12.09 -7.15
N VAL K 340 40.74 12.98 -6.29
CA VAL K 340 40.25 14.36 -6.26
C VAL K 340 41.18 15.35 -6.96
N THR K 341 42.48 15.06 -7.02
CA THR K 341 43.43 16.03 -7.57
C THR K 341 43.32 16.17 -9.08
N THR K 342 42.78 15.17 -9.77
CA THR K 342 42.77 15.15 -11.23
C THR K 342 41.35 15.03 -11.76
N HIS K 343 41.18 15.52 -12.99
CA HIS K 343 39.89 15.43 -13.65
C HIS K 343 39.54 13.97 -13.96
N SER K 344 38.27 13.63 -13.84
CA SER K 344 37.80 12.27 -14.05
C SER K 344 36.57 12.27 -14.94
N PHE K 345 36.43 11.22 -15.74
CA PHE K 345 35.24 11.00 -16.54
C PHE K 345 35.22 9.55 -17.01
N ASN K 346 34.09 9.14 -17.56
CA ASN K 346 33.81 7.73 -17.88
C ASN K 346 33.39 7.62 -19.35
N CYS K 347 34.16 8.23 -20.23
CA CYS K 347 33.86 8.18 -21.66
C CYS K 347 34.17 6.82 -22.22
N GLY K 348 33.21 6.25 -22.95
CA GLY K 348 33.41 4.97 -23.60
C GLY K 348 33.55 3.79 -22.68
N GLY K 349 33.19 3.94 -21.41
CA GLY K 349 33.32 2.87 -20.46
C GLY K 349 34.70 2.68 -19.87
N GLU K 350 35.67 3.48 -20.29
CA GLU K 350 37.04 3.41 -19.77
C GLU K 350 37.33 4.70 -19.02
N PHE K 351 37.78 4.56 -17.77
CA PHE K 351 37.99 5.71 -16.90
C PHE K 351 39.28 6.41 -17.24
N PHE K 352 39.27 7.74 -17.15
CA PHE K 352 40.44 8.58 -17.39
C PHE K 352 40.66 9.49 -16.20
N TYR K 353 41.89 9.50 -15.69
CA TYR K 353 42.33 10.48 -14.69
C TYR K 353 43.34 11.38 -15.35
N CYS K 354 43.04 12.67 -15.45
CA CYS K 354 43.80 13.56 -16.31
C CYS K 354 44.29 14.77 -15.53
N ASN K 355 45.52 15.20 -15.83
CA ASN K 355 46.18 16.30 -15.14
C ASN K 355 45.91 17.60 -15.90
N THR K 356 45.19 18.52 -15.26
CA THR K 356 44.67 19.73 -15.89
C THR K 356 45.47 20.96 -15.50
N SER K 357 46.78 20.81 -15.33
CA SER K 357 47.62 21.95 -14.96
C SER K 357 47.69 22.99 -16.07
N GLY K 358 47.36 22.63 -17.31
CA GLY K 358 47.47 23.56 -18.41
C GLY K 358 46.29 24.49 -18.58
N LEU K 359 45.17 24.20 -17.92
CA LEU K 359 43.96 25.01 -18.05
C LEU K 359 43.86 26.10 -16.99
N PHE K 360 44.84 26.22 -16.10
CA PHE K 360 44.78 27.20 -15.03
C PHE K 360 46.10 27.95 -14.87
N ASN K 361 46.96 27.96 -15.89
CA ASN K 361 48.27 28.61 -15.82
C ASN K 361 48.16 29.97 -16.50
N SER K 362 47.56 30.93 -15.79
CA SER K 362 47.41 32.27 -16.33
C SER K 362 47.17 33.25 -15.19
N THR K 363 47.42 34.53 -15.47
CA THR K 363 47.15 35.61 -14.55
C THR K 363 46.44 36.72 -15.31
N TRP K 364 45.54 37.42 -14.61
CA TRP K 364 44.69 38.44 -15.21
C TRP K 364 44.99 39.78 -14.57
N ILE K 365 45.33 40.76 -15.40
CA ILE K 365 45.57 42.13 -14.95
C ILE K 365 44.38 42.98 -15.37
N SER K 366 44.06 43.97 -14.54
CA SER K 366 42.96 44.87 -14.86
C SER K 366 43.24 45.60 -16.16
N ASN K 367 42.22 45.70 -17.00
CA ASN K 367 42.36 46.33 -18.32
C ASN K 367 43.38 45.57 -19.16
N ASN K 379 48.63 25.98 -31.40
CA ASN K 379 47.96 27.19 -30.93
C ASN K 379 46.45 26.98 -30.84
N ASP K 380 45.95 25.99 -31.56
CA ASP K 380 44.52 25.70 -31.62
C ASP K 380 44.09 24.61 -30.64
N SER K 381 44.99 24.14 -29.77
CA SER K 381 44.66 23.07 -28.84
C SER K 381 45.63 23.09 -27.68
N ILE K 382 45.23 22.42 -26.60
CA ILE K 382 46.09 22.20 -25.44
C ILE K 382 46.24 20.69 -25.26
N THR K 383 47.47 20.24 -25.07
CA THR K 383 47.75 18.83 -24.84
C THR K 383 47.69 18.55 -23.35
N LEU K 384 46.71 17.73 -22.95
CA LEU K 384 46.53 17.37 -21.55
C LEU K 384 46.99 15.94 -21.33
N PRO K 385 48.15 15.71 -20.71
CA PRO K 385 48.57 14.33 -20.47
C PRO K 385 47.64 13.64 -19.48
N CYS K 386 46.89 12.66 -19.98
CA CYS K 386 45.88 11.98 -19.20
C CYS K 386 46.46 10.69 -18.64
N ARG K 387 45.71 10.07 -17.71
CA ARG K 387 46.11 8.81 -17.11
C ARG K 387 44.90 7.89 -17.04
N ILE K 388 45.18 6.59 -17.07
CA ILE K 388 44.15 5.56 -17.02
C ILE K 388 44.43 4.64 -15.84
N LYS K 389 43.43 4.45 -14.99
CA LYS K 389 43.50 3.49 -13.89
C LYS K 389 42.40 2.46 -14.12
N GLN K 390 42.77 1.18 -14.23
CA GLN K 390 41.79 0.20 -14.64
C GLN K 390 40.93 -0.23 -13.47
N ILE K 391 41.52 -0.33 -12.27
CA ILE K 391 40.76 -0.63 -11.06
C ILE K 391 40.16 0.66 -10.55
N ILE K 392 38.84 0.66 -10.37
CA ILE K 392 38.08 1.86 -10.01
C ILE K 392 37.58 1.72 -8.58
N ASN K 393 37.83 2.74 -7.77
CA ASN K 393 37.17 2.93 -6.50
C ASN K 393 36.12 4.02 -6.66
N MET K 394 34.85 3.66 -6.48
CA MET K 394 33.74 4.58 -6.64
C MET K 394 33.61 5.44 -5.39
N TRP K 395 32.44 6.06 -5.18
CA TRP K 395 32.23 7.03 -4.10
C TRP K 395 32.95 6.62 -2.83
N GLN K 396 33.40 7.60 -2.05
CA GLN K 396 34.43 7.41 -1.04
C GLN K 396 34.08 6.35 0.00
N ARG K 397 32.89 5.76 -0.11
CA ARG K 397 32.63 4.49 0.56
C ARG K 397 33.75 3.54 0.16
N ILE K 398 34.60 3.16 1.13
CA ILE K 398 35.83 2.45 0.82
C ILE K 398 35.63 0.94 0.67
N GLY K 399 34.50 0.40 1.12
CA GLY K 399 34.29 -1.02 1.08
C GLY K 399 33.88 -1.57 -0.27
N GLN K 400 33.74 -0.72 -1.28
CA GLN K 400 33.30 -1.13 -2.61
C GLN K 400 34.38 -0.81 -3.64
N CYS K 401 34.19 -1.38 -4.83
CA CYS K 401 35.12 -1.29 -5.94
C CYS K 401 34.49 -2.01 -7.13
N MET K 402 35.15 -1.90 -8.29
CA MET K 402 34.68 -2.59 -9.48
C MET K 402 35.81 -2.67 -10.50
N TYR K 403 35.65 -3.59 -11.46
CA TYR K 403 36.57 -3.74 -12.58
C TYR K 403 35.85 -3.34 -13.86
N ALA K 404 36.53 -2.59 -14.73
CA ALA K 404 36.02 -2.19 -16.05
C ALA K 404 36.82 -2.92 -17.13
N PRO K 405 36.22 -3.83 -17.91
CA PRO K 405 37.03 -4.52 -18.91
C PRO K 405 37.45 -3.55 -20.01
N PRO K 406 38.57 -3.82 -20.67
CA PRO K 406 39.01 -2.97 -21.77
C PRO K 406 38.11 -3.13 -23.00
N ILE K 407 38.27 -2.18 -23.93
CA ILE K 407 37.48 -2.12 -25.16
C ILE K 407 38.43 -2.12 -26.35
N GLN K 408 38.14 -2.94 -27.35
CA GLN K 408 39.02 -3.06 -28.50
C GLN K 408 39.08 -1.75 -29.28
N GLY K 409 40.23 -1.49 -29.89
CA GLY K 409 40.39 -0.35 -30.76
C GLY K 409 40.51 0.95 -30.00
N VAL K 410 40.70 2.03 -30.77
CA VAL K 410 40.81 3.36 -30.17
C VAL K 410 39.42 3.86 -29.77
N ILE K 411 39.41 4.76 -28.80
CA ILE K 411 38.19 5.36 -28.27
C ILE K 411 38.28 6.86 -28.48
N ARG K 412 37.23 7.45 -29.04
CA ARG K 412 37.16 8.89 -29.28
C ARG K 412 36.03 9.49 -28.46
N CYS K 413 36.26 10.71 -27.98
CA CYS K 413 35.32 11.40 -27.11
C CYS K 413 35.09 12.82 -27.61
N VAL K 414 33.84 13.25 -27.56
CA VAL K 414 33.45 14.62 -27.89
C VAL K 414 32.43 15.04 -26.84
N SER K 415 32.81 15.97 -25.97
CA SER K 415 31.96 16.45 -24.89
C SER K 415 32.00 17.97 -24.84
N ASN K 416 31.17 18.53 -23.98
CA ASN K 416 31.03 19.98 -23.82
C ASN K 416 31.42 20.39 -22.41
N ILE K 417 32.24 21.42 -22.29
CA ILE K 417 32.58 22.01 -21.01
C ILE K 417 31.55 23.08 -20.69
N THR K 418 30.85 22.93 -19.57
CA THR K 418 29.77 23.83 -19.19
C THR K 418 30.06 24.63 -17.93
N GLY K 419 31.09 24.29 -17.18
CA GLY K 419 31.40 25.02 -15.97
C GLY K 419 32.56 24.39 -15.23
N LEU K 420 32.87 25.00 -14.09
CA LEU K 420 33.97 24.56 -13.23
C LEU K 420 33.49 24.55 -11.79
N ILE K 421 34.19 23.77 -10.97
CA ILE K 421 33.95 23.72 -9.53
C ILE K 421 35.25 24.13 -8.86
N LEU K 422 35.38 25.43 -8.58
CA LEU K 422 36.60 25.97 -8.01
C LEU K 422 36.52 26.01 -6.49
N THR K 423 37.67 26.23 -5.86
CA THR K 423 37.77 26.37 -4.42
C THR K 423 38.61 27.59 -4.08
N ARG K 424 38.27 28.25 -2.98
CA ARG K 424 38.91 29.49 -2.58
C ARG K 424 40.05 29.20 -1.61
N ASP K 425 41.24 29.70 -1.93
CA ASP K 425 42.42 29.46 -1.10
C ASP K 425 42.44 30.40 0.09
N GLY K 426 42.95 29.90 1.22
CA GLY K 426 43.00 30.69 2.44
C GLY K 426 44.29 31.45 2.60
N GLY K 427 44.39 32.15 3.71
CA GLY K 427 45.57 32.93 4.03
C GLY K 427 45.66 34.27 3.33
N SER K 428 44.62 34.68 2.61
CA SER K 428 44.65 35.96 1.92
C SER K 428 44.77 37.11 2.92
N THR K 429 45.62 38.07 2.59
CA THR K 429 45.87 39.23 3.44
C THR K 429 45.31 40.46 2.75
N ASN K 430 44.41 41.17 3.42
CA ASN K 430 43.77 42.40 2.95
C ASN K 430 42.90 42.17 1.72
N SER K 431 42.63 40.91 1.35
CA SER K 431 41.78 40.58 0.21
C SER K 431 42.28 41.30 -1.05
N THR K 432 43.51 40.98 -1.44
CA THR K 432 44.13 41.53 -2.63
C THR K 432 44.80 40.42 -3.43
N THR K 433 44.69 40.48 -4.75
CA THR K 433 45.26 39.48 -5.65
C THR K 433 44.78 38.08 -5.27
N GLU K 434 43.46 37.93 -5.24
CA GLU K 434 42.85 36.67 -4.84
C GLU K 434 42.96 35.65 -5.97
N THR K 435 43.02 34.38 -5.59
CA THR K 435 43.17 33.29 -6.53
C THR K 435 42.25 32.14 -6.17
N PHE K 436 41.93 31.31 -7.17
CA PHE K 436 41.12 30.12 -6.99
C PHE K 436 41.81 28.94 -7.64
N ARG K 437 41.53 27.74 -7.13
CA ARG K 437 42.04 26.51 -7.68
C ARG K 437 40.90 25.51 -7.85
N PRO K 438 40.96 24.65 -8.86
CA PRO K 438 39.96 23.59 -8.97
C PRO K 438 40.10 22.59 -7.83
N GLY K 439 38.98 22.00 -7.45
CA GLY K 439 38.98 21.07 -6.34
C GLY K 439 37.62 20.43 -6.10
N GLY K 440 37.21 20.36 -4.84
CA GLY K 440 35.95 19.74 -4.51
C GLY K 440 35.94 18.28 -4.88
N GLY K 441 35.21 17.94 -5.95
CA GLY K 441 35.12 16.57 -6.41
C GLY K 441 33.95 15.80 -5.85
N ASP K 442 33.23 16.34 -4.87
CA ASP K 442 32.06 15.67 -4.35
C ASP K 442 30.99 15.58 -5.42
N MET K 443 30.38 14.39 -5.54
CA MET K 443 29.40 14.17 -6.59
C MET K 443 28.14 15.01 -6.41
N ARG K 444 27.84 15.45 -5.19
CA ARG K 444 26.62 16.22 -4.96
C ARG K 444 26.66 17.55 -5.72
N ASP K 445 27.84 18.20 -5.75
CA ASP K 445 27.93 19.51 -6.39
C ASP K 445 27.63 19.42 -7.89
N ASN K 446 27.98 18.31 -8.53
CA ASN K 446 27.74 18.19 -9.97
C ASN K 446 26.25 18.27 -10.28
N TRP K 447 25.42 17.58 -9.51
CA TRP K 447 23.98 17.63 -9.73
C TRP K 447 23.36 18.93 -9.25
N ARG K 448 23.98 19.57 -8.25
CA ARG K 448 23.46 20.84 -7.76
C ARG K 448 23.36 21.86 -8.88
N SER K 449 24.27 21.80 -9.85
CA SER K 449 24.19 22.69 -11.00
C SER K 449 22.98 22.40 -11.87
N GLU K 450 22.35 21.23 -11.71
CA GLU K 450 21.17 20.86 -12.48
C GLU K 450 19.88 20.87 -11.69
N LEU K 451 19.94 20.79 -10.36
CA LEU K 451 18.76 20.75 -9.51
C LEU K 451 18.56 22.02 -8.71
N TYR K 452 19.33 23.08 -8.98
CA TYR K 452 19.19 24.32 -8.23
C TYR K 452 17.84 24.98 -8.48
N LYS K 453 17.30 24.86 -9.70
CA LYS K 453 16.02 25.48 -10.00
C LYS K 453 14.86 24.75 -9.34
N TYR K 454 14.92 23.43 -9.27
CA TYR K 454 13.77 22.62 -8.91
C TYR K 454 13.72 22.38 -7.41
N LYS K 455 12.55 22.62 -6.82
CA LYS K 455 12.28 22.31 -5.43
C LYS K 455 10.91 21.66 -5.33
N VAL K 456 10.73 20.87 -4.27
CA VAL K 456 9.50 20.10 -4.08
C VAL K 456 8.67 20.77 -3.00
N VAL K 457 7.37 20.92 -3.27
CA VAL K 457 6.43 21.56 -2.36
C VAL K 457 5.21 20.65 -2.20
N LYS K 458 4.43 20.92 -1.16
CA LYS K 458 3.27 20.13 -0.80
C LYS K 458 2.00 20.96 -0.95
N ILE K 459 0.93 20.30 -1.38
CA ILE K 459 -0.35 20.97 -1.62
C ILE K 459 -1.23 20.82 -0.38
N GLU K 460 -1.78 21.94 0.09
CA GLU K 460 -2.70 21.94 1.22
C GLU K 460 -4.09 22.33 0.75
N PRO K 461 -4.86 21.39 0.19
CA PRO K 461 -6.16 21.76 -0.39
C PRO K 461 -7.13 22.36 0.61
N LEU K 462 -7.10 21.93 1.86
CA LEU K 462 -8.09 22.38 2.82
C LEU K 462 -7.85 23.83 3.20
N GLY K 463 -8.94 24.52 3.53
CA GLY K 463 -8.86 25.91 3.94
C GLY K 463 -10.19 26.40 4.47
N VAL K 464 -10.13 27.51 5.20
CA VAL K 464 -11.30 28.13 5.81
C VAL K 464 -11.31 29.60 5.44
N ALA K 465 -12.49 30.11 5.07
CA ALA K 465 -12.64 31.50 4.67
C ALA K 465 -13.79 32.14 5.45
N PRO K 466 -13.64 33.38 5.95
CA PRO K 466 -14.76 34.01 6.66
C PRO K 466 -15.68 34.80 5.73
N THR K 467 -16.98 34.56 5.83
CA THR K 467 -17.97 35.33 5.09
C THR K 467 -19.32 35.15 5.78
N ARG K 468 -20.36 35.79 5.24
CA ARG K 468 -21.69 35.77 5.85
C ARG K 468 -22.44 34.55 5.35
N CYS K 469 -22.35 33.45 6.09
CA CYS K 469 -22.95 32.18 5.69
C CYS K 469 -23.95 31.70 6.75
N LYS K 470 -25.07 31.16 6.28
CA LYS K 470 -26.10 30.58 7.13
C LYS K 470 -26.43 29.19 6.58
N ARG K 471 -26.06 28.15 7.32
CA ARG K 471 -26.35 26.79 6.88
C ARG K 471 -27.85 26.53 6.90
N ARG K 472 -28.33 25.80 5.90
CA ARG K 472 -29.75 25.47 5.79
C ARG K 472 -30.09 24.39 6.81
N VAL K 473 -30.62 24.81 7.95
CA VAL K 473 -30.99 23.87 9.00
C VAL K 473 -32.21 23.07 8.57
N VAL K 474 -32.15 21.75 8.73
CA VAL K 474 -33.25 20.89 8.36
C VAL K 474 -34.41 20.96 9.33
N ALA L 1 -15.83 35.67 -26.72
CA ALA L 1 -15.25 35.76 -25.38
C ALA L 1 -15.00 34.38 -24.80
N VAL L 2 -13.90 33.76 -25.21
CA VAL L 2 -13.53 32.45 -24.69
C VAL L 2 -12.67 32.56 -23.44
N GLY L 3 -12.02 33.70 -23.21
CA GLY L 3 -11.16 33.86 -22.06
C GLY L 3 -11.91 34.33 -20.84
N ILE L 4 -12.27 33.39 -19.97
CA ILE L 4 -12.94 33.65 -18.70
C ILE L 4 -12.10 33.02 -17.60
N GLY L 5 -11.99 33.70 -16.47
CA GLY L 5 -11.27 33.11 -15.35
C GLY L 5 -11.89 31.78 -14.99
N ALA L 6 -11.20 30.69 -15.32
CA ALA L 6 -11.81 29.37 -15.28
C ALA L 6 -10.71 28.32 -15.16
N VAL L 7 -11.06 27.07 -15.44
CA VAL L 7 -10.13 25.96 -15.23
C VAL L 7 -8.88 26.12 -16.09
N PHE L 8 -9.03 26.56 -17.33
CA PHE L 8 -7.89 26.56 -18.25
C PHE L 8 -6.78 27.51 -17.82
N LEU L 9 -6.93 28.23 -16.71
CA LEU L 9 -5.79 28.96 -16.15
C LEU L 9 -4.71 28.02 -15.64
N GLY L 10 -5.01 26.75 -15.49
CA GLY L 10 -4.02 25.74 -15.17
C GLY L 10 -4.08 25.29 -13.73
N PHE L 11 -3.65 24.07 -13.50
CA PHE L 11 -3.51 23.55 -12.13
C PHE L 11 -2.59 24.47 -11.33
N LEU L 12 -3.06 24.86 -10.14
CA LEU L 12 -2.40 25.85 -9.29
C LEU L 12 -2.36 27.23 -9.93
N GLY L 13 -3.02 27.42 -11.08
CA GLY L 13 -2.95 28.69 -11.76
C GLY L 13 -3.55 29.84 -10.97
N ALA L 14 -4.61 29.57 -10.20
CA ALA L 14 -5.28 30.60 -9.42
C ALA L 14 -4.43 31.10 -8.25
N ALA L 15 -3.30 30.46 -7.96
CA ALA L 15 -2.48 30.88 -6.84
C ALA L 15 -1.98 32.31 -6.99
N GLY L 16 -1.96 32.85 -8.20
CA GLY L 16 -1.55 34.21 -8.42
C GLY L 16 -2.69 35.21 -8.51
N SER L 17 -3.91 34.69 -8.63
CA SER L 17 -5.09 35.54 -8.71
C SER L 17 -5.65 35.80 -7.33
N THR L 18 -6.59 36.73 -7.26
CA THR L 18 -7.22 37.07 -5.98
C THR L 18 -8.05 35.89 -5.47
N MET L 19 -8.36 35.93 -4.18
CA MET L 19 -9.10 34.84 -3.57
C MET L 19 -10.46 34.65 -4.22
N GLY L 20 -11.15 35.76 -4.51
CA GLY L 20 -12.47 35.65 -5.13
C GLY L 20 -12.42 34.96 -6.48
N ALA L 21 -11.45 35.32 -7.32
CA ALA L 21 -11.32 34.71 -8.63
C ALA L 21 -10.84 33.26 -8.56
N ALA L 22 -10.26 32.86 -7.42
CA ALA L 22 -9.75 31.49 -7.27
C ALA L 22 -10.84 30.49 -6.90
N SER L 23 -12.05 30.94 -6.56
CA SER L 23 -13.10 30.01 -6.17
C SER L 23 -13.52 29.11 -7.32
N MET L 24 -13.59 29.64 -8.53
CA MET L 24 -14.01 28.86 -9.68
C MET L 24 -12.97 27.86 -10.14
N THR L 25 -11.74 27.93 -9.61
CA THR L 25 -10.66 27.05 -10.01
C THR L 25 -10.39 25.94 -8.99
N LEU L 26 -11.37 25.65 -8.12
CA LEU L 26 -11.20 24.64 -7.09
C LEU L 26 -11.44 23.22 -7.59
N THR L 27 -11.98 23.06 -8.80
CA THR L 27 -12.20 21.74 -9.36
C THR L 27 -10.96 21.16 -10.05
N VAL L 28 -10.14 22.01 -10.67
CA VAL L 28 -8.89 21.55 -11.26
C VAL L 28 -7.87 21.14 -10.21
N GLN L 29 -8.13 21.44 -8.94
CA GLN L 29 -7.19 21.15 -7.86
C GLN L 29 -7.42 19.78 -7.25
N ALA L 30 -8.69 19.37 -7.09
CA ALA L 30 -8.98 18.07 -6.51
C ALA L 30 -8.69 16.92 -7.47
N ARG L 31 -8.68 17.19 -8.78
CA ARG L 31 -8.49 16.11 -9.75
C ARG L 31 -7.04 15.62 -9.79
N ASN L 32 -6.08 16.48 -9.45
CA ASN L 32 -4.66 16.14 -9.54
C ASN L 32 -4.09 15.65 -8.22
N LEU L 33 -4.90 15.01 -7.38
CA LEU L 33 -4.45 14.47 -6.11
C LEU L 33 -4.28 12.96 -6.10
N LEU L 34 -4.83 12.25 -7.10
CA LEU L 34 -4.75 10.81 -7.16
C LEU L 34 -4.04 10.30 -8.41
N SER L 35 -4.39 10.82 -9.58
CA SER L 35 -3.91 10.28 -10.85
C SER L 35 -2.45 10.67 -11.07
N GLY L 36 -1.93 10.35 -12.25
CA GLY L 36 -0.56 10.65 -12.62
C GLY L 36 0.38 9.47 -12.56
N ILE L 37 0.00 8.39 -11.88
CA ILE L 37 0.84 7.21 -11.75
C ILE L 37 0.02 5.98 -12.13
N VAL L 38 -1.01 6.18 -12.97
CA VAL L 38 -1.91 5.10 -13.32
C VAL L 38 -1.16 3.99 -14.05
N GLN L 39 -0.29 4.36 -14.98
CA GLN L 39 0.45 3.39 -15.78
C GLN L 39 1.74 3.00 -15.08
N GLN L 40 2.05 1.70 -15.09
CA GLN L 40 3.26 1.18 -14.47
C GLN L 40 4.32 0.91 -15.53
N LEU L 57 12.65 -7.06 -7.89
CA LEU L 57 13.21 -5.71 -7.98
C LEU L 57 12.82 -4.89 -6.75
N THR L 58 13.81 -4.24 -6.13
CA THR L 58 13.59 -3.44 -4.93
C THR L 58 13.50 -1.96 -5.26
N VAL L 59 14.51 -1.41 -5.94
CA VAL L 59 14.49 0.02 -6.26
C VAL L 59 13.34 0.29 -7.22
N TRP L 60 12.57 1.34 -6.93
CA TRP L 60 11.39 1.77 -7.66
C TRP L 60 10.22 0.81 -7.50
N GLY L 61 10.39 -0.31 -6.79
CA GLY L 61 9.28 -1.18 -6.48
C GLY L 61 8.63 -0.78 -5.18
N ILE L 62 9.43 -0.71 -4.11
CA ILE L 62 8.92 -0.23 -2.83
C ILE L 62 8.61 1.27 -2.91
N LYS L 63 9.43 2.02 -3.64
CA LYS L 63 9.21 3.46 -3.76
C LYS L 63 7.85 3.74 -4.39
N GLN L 64 7.49 3.01 -5.45
CA GLN L 64 6.19 3.19 -6.06
C GLN L 64 5.07 2.89 -5.06
N LEU L 65 5.21 1.81 -4.28
CA LEU L 65 4.21 1.48 -3.28
C LEU L 65 4.15 2.55 -2.19
N GLN L 66 5.30 3.02 -1.73
CA GLN L 66 5.31 4.04 -0.68
C GLN L 66 4.66 5.32 -1.18
N ALA L 67 4.98 5.75 -2.40
CA ALA L 67 4.39 6.97 -2.94
C ALA L 67 2.89 6.81 -3.14
N ARG L 68 2.46 5.67 -3.70
CA ARG L 68 1.04 5.48 -3.96
C ARG L 68 0.24 5.46 -2.67
N VAL L 69 0.74 4.75 -1.66
CA VAL L 69 0.02 4.64 -0.39
C VAL L 69 -0.07 6.01 0.27
N LEU L 70 1.04 6.77 0.27
CA LEU L 70 1.03 8.08 0.90
C LEU L 70 0.02 9.00 0.22
N ALA L 71 -0.01 9.01 -1.11
CA ALA L 71 -0.97 9.83 -1.83
C ALA L 71 -2.40 9.43 -1.49
N VAL L 72 -2.66 8.12 -1.45
CA VAL L 72 -3.99 7.65 -1.08
C VAL L 72 -4.32 8.02 0.36
N GLU L 73 -3.37 7.83 1.27
CA GLU L 73 -3.62 8.14 2.67
C GLU L 73 -3.87 9.63 2.87
N ARG L 74 -3.09 10.48 2.18
CA ARG L 74 -3.24 11.92 2.36
C ARG L 74 -4.63 12.38 1.94
N TYR L 75 -5.10 11.92 0.78
CA TYR L 75 -6.42 12.32 0.31
C TYR L 75 -7.51 11.82 1.26
N LEU L 76 -7.32 10.63 1.84
CA LEU L 76 -8.29 10.10 2.78
C LEU L 76 -8.43 11.00 4.01
N ARG L 77 -7.32 11.51 4.52
CA ARG L 77 -7.37 12.32 5.73
C ARG L 77 -8.26 13.55 5.53
N ASP L 78 -8.22 14.14 4.33
CA ASP L 78 -9.10 15.27 4.05
C ASP L 78 -10.54 14.81 3.84
N GLN L 79 -10.73 13.71 3.11
CA GLN L 79 -12.08 13.19 2.91
C GLN L 79 -12.72 12.81 4.24
N GLN L 80 -11.95 12.14 5.11
CA GLN L 80 -12.45 11.89 6.46
C GLN L 80 -12.75 13.19 7.17
N LEU L 81 -11.82 14.15 7.12
CA LEU L 81 -11.98 15.39 7.86
C LEU L 81 -13.24 16.13 7.43
N LEU L 82 -13.49 16.18 6.11
CA LEU L 82 -14.72 16.79 5.64
C LEU L 82 -15.94 15.97 6.05
N GLY L 83 -15.76 14.65 6.23
CA GLY L 83 -16.87 13.82 6.65
C GLY L 83 -17.34 14.14 8.06
N ILE L 84 -16.41 14.36 8.98
CA ILE L 84 -16.78 14.68 10.35
C ILE L 84 -17.46 16.04 10.41
N TRP L 85 -16.98 17.00 9.63
CA TRP L 85 -17.59 18.33 9.60
C TRP L 85 -18.95 18.33 8.92
N GLY L 86 -19.33 17.26 8.23
CA GLY L 86 -20.59 17.22 7.51
C GLY L 86 -20.57 17.89 6.16
N CYS L 87 -19.41 18.37 5.69
CA CYS L 87 -19.30 19.02 4.40
C CYS L 87 -18.91 18.05 3.28
N SER L 88 -18.79 16.77 3.58
CA SER L 88 -18.38 15.80 2.57
C SER L 88 -19.40 15.78 1.42
N GLY L 89 -18.91 15.63 0.20
CA GLY L 89 -19.74 15.60 -0.98
C GLY L 89 -20.08 16.95 -1.54
N LYS L 90 -19.67 18.04 -0.89
CA LYS L 90 -19.85 19.39 -1.39
C LYS L 90 -18.48 20.07 -1.43
N LEU L 91 -18.03 20.43 -2.63
CA LEU L 91 -16.70 21.02 -2.77
C LEU L 91 -16.60 22.33 -2.01
N ILE L 92 -17.65 23.16 -2.08
CA ILE L 92 -17.73 24.40 -1.32
C ILE L 92 -18.92 24.28 -0.39
N CYS L 93 -18.64 23.98 0.88
CA CYS L 93 -19.68 23.82 1.89
C CYS L 93 -19.34 24.68 3.09
N CYS L 94 -20.38 25.00 3.88
CA CYS L 94 -20.22 25.85 5.05
C CYS L 94 -21.18 25.43 6.14
N THR L 95 -20.86 25.78 7.37
CA THR L 95 -21.69 25.45 8.52
C THR L 95 -22.14 26.75 9.21
N ASN L 96 -22.93 26.61 10.28
CA ASN L 96 -23.48 27.75 10.99
C ASN L 96 -22.56 28.23 12.11
N VAL L 97 -21.27 27.94 12.03
CA VAL L 97 -20.34 28.24 13.12
C VAL L 97 -19.90 29.71 13.00
N PRO L 98 -20.15 30.54 14.01
CA PRO L 98 -19.49 31.84 14.06
C PRO L 98 -18.04 31.71 14.51
N TRP L 99 -17.25 32.73 14.19
CA TRP L 99 -15.83 32.73 14.47
C TRP L 99 -15.46 33.98 15.25
N ASN L 100 -14.44 33.86 16.11
CA ASN L 100 -13.98 35.00 16.89
C ASN L 100 -13.48 36.09 15.96
N SER L 101 -14.14 37.24 15.98
CA SER L 101 -13.80 38.32 15.06
C SER L 101 -12.38 38.82 15.24
N SER L 102 -11.76 38.58 16.41
CA SER L 102 -10.42 39.07 16.66
C SER L 102 -9.39 38.48 15.71
N TRP L 103 -9.69 37.33 15.11
CA TRP L 103 -8.72 36.69 14.23
C TRP L 103 -8.40 37.56 13.02
N SER L 104 -9.41 38.17 12.41
CA SER L 104 -9.20 39.01 11.22
C SER L 104 -10.33 40.03 11.17
N ASN L 105 -10.02 41.27 11.55
CA ASN L 105 -10.98 42.37 11.47
C ASN L 105 -10.90 43.01 10.09
N ARG L 106 -11.46 42.30 9.10
CA ARG L 106 -11.42 42.73 7.72
C ARG L 106 -12.79 42.52 7.08
N ASN L 107 -13.07 43.32 6.06
CA ASN L 107 -14.32 43.25 5.33
C ASN L 107 -14.23 42.23 4.22
N LEU L 108 -15.40 41.79 3.74
CA LEU L 108 -15.44 40.81 2.65
C LEU L 108 -14.68 41.32 1.43
N SER L 109 -14.95 42.56 1.02
CA SER L 109 -14.24 43.14 -0.10
C SER L 109 -12.75 43.29 0.21
N GLU L 110 -12.40 43.43 1.49
CA GLU L 110 -11.01 43.57 1.90
C GLU L 110 -10.26 42.25 1.99
N ILE L 111 -10.94 41.13 1.80
CA ILE L 111 -10.33 39.81 1.86
C ILE L 111 -10.28 39.15 0.48
N TRP L 112 -11.38 39.19 -0.25
CA TRP L 112 -11.53 38.35 -1.44
C TRP L 112 -10.96 38.98 -2.70
N ASP L 113 -11.22 40.26 -2.93
CA ASP L 113 -10.91 40.90 -4.21
C ASP L 113 -9.72 41.86 -4.14
N ASN L 114 -8.89 41.75 -3.10
CA ASN L 114 -7.75 42.64 -2.98
C ASN L 114 -6.47 41.98 -2.49
N MET L 115 -6.45 40.66 -2.29
CA MET L 115 -5.24 39.99 -1.82
C MET L 115 -5.27 38.54 -2.26
N THR L 116 -4.08 37.98 -2.43
CA THR L 116 -3.93 36.60 -2.88
C THR L 116 -4.08 35.63 -1.71
N TRP L 117 -4.48 34.40 -2.04
CA TRP L 117 -4.75 33.41 -0.99
C TRP L 117 -3.46 32.90 -0.35
N LEU L 118 -2.35 32.91 -1.08
CA LEU L 118 -1.13 32.26 -0.60
C LEU L 118 -0.68 32.87 0.72
N GLN L 119 -0.58 34.19 0.79
CA GLN L 119 -0.19 34.84 2.04
C GLN L 119 -1.31 34.85 3.06
N TRP L 120 -2.56 34.63 2.63
CA TRP L 120 -3.67 34.60 3.58
C TRP L 120 -3.52 33.45 4.56
N ASP L 121 -3.28 32.23 4.05
CA ASP L 121 -3.21 31.07 4.94
C ASP L 121 -2.10 31.23 5.97
N LYS L 122 -1.04 31.96 5.63
CA LYS L 122 0.06 32.15 6.58
C LYS L 122 -0.40 32.89 7.83
N GLU L 123 -1.22 33.93 7.66
CA GLU L 123 -1.61 34.75 8.80
C GLU L 123 -2.48 33.97 9.78
N ILE L 124 -3.44 33.19 9.28
CA ILE L 124 -4.38 32.48 10.13
C ILE L 124 -3.97 31.04 10.38
N SER L 125 -2.78 30.63 9.95
CA SER L 125 -2.31 29.27 10.23
C SER L 125 -2.22 28.99 11.71
N ASN L 126 -2.12 30.02 12.54
CA ASN L 126 -2.02 29.82 13.98
C ASN L 126 -3.28 29.17 14.55
N TYR L 127 -4.45 29.57 14.05
CA TYR L 127 -5.74 29.13 14.58
C TYR L 127 -6.36 28.01 13.75
N THR L 128 -5.56 27.31 12.94
CA THR L 128 -6.11 26.25 12.11
C THR L 128 -6.73 25.14 12.95
N GLN L 129 -6.06 24.76 14.04
CA GLN L 129 -6.62 23.74 14.92
C GLN L 129 -7.79 24.30 15.73
N ILE L 130 -7.70 25.57 16.14
CA ILE L 130 -8.78 26.18 16.91
C ILE L 130 -10.05 26.29 16.07
N ILE L 131 -9.92 26.79 14.84
CA ILE L 131 -11.09 26.91 13.98
C ILE L 131 -11.65 25.53 13.66
N TYR L 132 -10.77 24.55 13.48
CA TYR L 132 -11.23 23.17 13.35
C TYR L 132 -11.88 22.68 14.61
N GLY L 133 -11.46 23.19 15.77
CA GLY L 133 -12.02 22.75 17.04
C GLY L 133 -13.44 23.18 17.27
N LEU L 134 -14.01 24.01 16.40
CA LEU L 134 -15.41 24.42 16.49
C LEU L 134 -16.29 23.77 15.44
N LEU L 135 -15.72 23.32 14.32
CA LEU L 135 -16.52 22.78 13.23
C LEU L 135 -17.17 21.45 13.64
N GLU L 136 -16.38 20.51 14.18
CA GLU L 136 -16.92 19.20 14.50
C GLU L 136 -17.93 19.27 15.64
N GLU L 137 -17.70 20.15 16.62
CA GLU L 137 -18.63 20.23 17.75
C GLU L 137 -20.02 20.63 17.28
N SER L 138 -20.11 21.60 16.37
CA SER L 138 -21.40 22.05 15.89
C SER L 138 -22.05 20.99 14.99
N GLN L 139 -21.26 20.32 14.16
CA GLN L 139 -21.82 19.29 13.29
C GLN L 139 -22.44 18.17 14.11
N ASN L 140 -21.76 17.74 15.18
CA ASN L 140 -22.34 16.77 16.09
C ASN L 140 -23.58 17.34 16.76
N GLN L 141 -23.54 18.63 17.12
CA GLN L 141 -24.71 19.28 17.68
C GLN L 141 -25.84 19.27 16.65
N GLN L 142 -25.55 19.74 15.43
CA GLN L 142 -26.58 19.79 14.39
C GLN L 142 -27.24 18.42 14.22
N GLU L 143 -26.45 17.35 14.33
CA GLU L 143 -27.04 16.01 14.33
C GLU L 143 -27.93 15.82 15.55
N LYS L 144 -27.53 16.36 16.69
CA LYS L 144 -28.30 16.17 17.92
C LYS L 144 -29.66 16.85 17.81
N ASN L 145 -29.70 18.07 17.28
CA ASN L 145 -30.99 18.72 17.08
C ASN L 145 -31.86 17.94 16.11
N GLU L 146 -31.27 17.44 15.02
CA GLU L 146 -32.02 16.61 14.09
C GLU L 146 -32.56 15.37 14.79
N GLN L 147 -31.78 14.79 15.70
CA GLN L 147 -32.26 13.67 16.49
C GLN L 147 -33.44 14.09 17.36
N ASP L 148 -33.36 15.28 17.98
CA ASP L 148 -34.46 15.77 18.79
C ASP L 148 -35.70 16.02 17.94
N LEU L 149 -35.53 16.70 16.80
CA LEU L 149 -36.63 16.86 15.86
C LEU L 149 -37.08 15.51 15.33
N LEU L 150 -36.12 14.63 15.04
CA LEU L 150 -36.45 13.28 14.58
C LEU L 150 -37.35 12.56 15.57
N ALA L 151 -37.01 12.63 16.85
CA ALA L 151 -37.80 11.96 17.89
C ALA L 151 -39.06 12.74 18.19
C1 NAG M . -33.32 -13.11 -21.58
C2 NAG M . -34.15 -12.62 -20.38
C3 NAG M . -35.54 -13.23 -20.42
C4 NAG M . -36.21 -12.95 -21.76
C5 NAG M . -35.32 -13.44 -22.89
C6 NAG M . -35.87 -13.10 -24.26
C7 NAG M . -32.59 -12.12 -18.55
C8 NAG M . -32.01 -12.59 -17.26
N2 NAG M . -33.48 -12.93 -19.13
O3 NAG M . -36.33 -12.67 -19.36
O4 NAG M . -37.45 -13.66 -21.83
O5 NAG M . -34.03 -12.82 -22.80
O6 NAG M . -37.00 -13.90 -24.58
O7 NAG M . -32.27 -11.04 -19.06
C1 NAG M . -38.53 -12.86 -21.30
C2 NAG M . -39.85 -13.59 -21.58
C3 NAG M . -41.03 -12.86 -20.95
C4 NAG M . -40.76 -12.64 -19.47
C5 NAG M . -39.46 -11.87 -19.30
C6 NAG M . -39.09 -11.64 -17.85
C7 NAG M . -39.98 -12.92 -24.00
C8 NAG M . -39.59 -11.52 -23.63
N2 NAG M . -40.07 -13.83 -23.00
O3 NAG M . -42.21 -13.64 -21.11
O4 NAG M . -41.84 -11.96 -18.81
O5 NAG M . -38.39 -12.62 -19.88
O6 NAG M . -37.89 -12.31 -17.50
O7 NAG M . -40.21 -13.24 -25.17
C1 BMA M . -42.19 -10.70 -19.41
C2 BMA M . -43.64 -10.84 -19.95
C3 BMA M . -44.21 -9.47 -20.34
C4 BMA M . -43.97 -8.42 -19.25
C5 BMA M . -42.48 -8.36 -18.94
C6 BMA M . -42.13 -7.33 -17.87
O2 BMA M . -44.50 -11.36 -18.94
O3 BMA M . -45.61 -9.55 -20.64
O4 BMA M . -44.42 -7.15 -19.68
O5 BMA M . -42.06 -9.65 -18.46
O6 BMA M . -42.65 -7.80 -16.62
C1 NAG N . -0.59 -49.92 -15.37
C2 NAG N . -1.19 -51.16 -16.05
C3 NAG N . -2.26 -51.79 -15.17
C4 NAG N . -1.68 -52.10 -13.80
C5 NAG N . -1.15 -50.82 -13.17
C6 NAG N . -0.50 -51.03 -11.82
C7 NAG N . -1.01 -50.79 -18.47
C8 NAG N . -1.74 -50.41 -19.73
N2 NAG N . -1.74 -50.82 -17.35
O3 NAG N . -2.73 -52.98 -15.78
O4 NAG N . -2.63 -52.73 -12.94
O5 NAG N . -0.14 -50.26 -14.04
O6 NAG N . 0.82 -51.53 -11.95
O7 NAG N . 0.19 -51.06 -18.47
C1 NAG N . -3.88 -52.03 -12.86
C2 NAG N . -4.99 -53.09 -12.89
C3 NAG N . -6.36 -52.42 -12.74
C4 NAG N . -6.39 -51.53 -11.50
C5 NAG N . -5.22 -50.55 -11.52
C6 NAG N . -5.12 -49.72 -10.26
C7 NAG N . -4.52 -55.14 -14.13
C8 NAG N . -4.53 -55.80 -15.49
N2 NAG N . -4.94 -53.87 -14.11
O3 NAG N . -7.37 -53.41 -12.66
O4 NAG N . -7.62 -50.81 -11.44
O5 NAG N . -3.98 -51.26 -11.65
O6 NAG N . -4.37 -48.54 -10.47
O7 NAG N . -4.17 -55.73 -13.12
C1 NAG O . 5.36 -53.11 -20.02
C2 NAG O . 5.54 -53.94 -18.76
C3 NAG O . 6.62 -55.01 -18.97
C4 NAG O . 6.31 -55.84 -20.22
C5 NAG O . 6.07 -54.93 -21.42
C6 NAG O . 5.61 -55.67 -22.65
C7 NAG O . 4.96 -52.48 -16.88
C8 NAG O . 5.49 -51.65 -15.74
N2 NAG O . 5.88 -53.10 -17.63
O3 NAG O . 6.68 -55.86 -17.83
O4 NAG O . 7.40 -56.70 -20.51
O5 NAG O . 5.04 -53.97 -21.12
O6 NAG O . 4.51 -56.52 -22.36
O7 NAG O . 3.77 -52.58 -17.11
C1 NAG O . 7.18 -57.98 -19.89
C2 NAG O . 7.43 -59.06 -20.94
C3 NAG O . 7.28 -60.45 -20.31
C4 NAG O . 8.16 -60.57 -19.07
C5 NAG O . 7.88 -59.43 -18.10
C6 NAG O . 8.81 -59.43 -16.91
C7 NAG O . 6.92 -59.09 -23.34
C8 NAG O . 5.86 -58.90 -24.38
N2 NAG O . 6.53 -58.91 -22.07
O3 NAG O . 7.63 -61.45 -21.26
O4 NAG O . 7.90 -61.82 -18.42
O5 NAG O . 8.06 -58.18 -18.77
O6 NAG O . 8.29 -58.63 -15.86
O7 NAG O . 8.07 -59.41 -23.64
C1 NAG P . 12.54 -41.33 -36.44
C2 NAG P . 14.00 -41.22 -35.99
C3 NAG P . 14.93 -41.56 -37.14
C4 NAG P . 14.58 -42.91 -37.74
C5 NAG P . 13.09 -42.95 -38.12
C6 NAG P . 12.65 -44.31 -38.60
C7 NAG P . 13.93 -39.50 -34.23
C8 NAG P . 14.32 -38.10 -33.85
N2 NAG P . 14.28 -39.89 -35.46
O3 NAG P . 16.27 -41.58 -36.66
O4 NAG P . 15.36 -43.14 -38.91
O5 NAG P . 12.29 -42.63 -36.97
O6 NAG P . 12.58 -44.36 -40.02
O7 NAG P . 13.34 -40.24 -33.45
C1 NAG P . 16.52 -43.92 -38.56
C2 NAG P . 17.33 -44.16 -39.83
C3 NAG P . 18.60 -44.93 -39.50
C4 NAG P . 19.38 -44.22 -38.40
C5 NAG P . 18.49 -43.99 -37.19
C6 NAG P . 19.16 -43.18 -36.10
C7 NAG P . 15.63 -44.27 -41.60
C8 NAG P . 14.92 -45.16 -42.58
N2 NAG P . 16.55 -44.87 -40.82
O3 NAG P . 19.41 -45.04 -40.67
O4 NAG P . 20.50 -45.02 -38.01
O5 NAG P . 17.33 -43.25 -37.59
O6 NAG P . 18.24 -42.33 -35.43
O7 NAG P . 15.41 -43.07 -41.53
C1 NAG Q . 13.59 -44.22 -31.04
C2 NAG Q . 14.98 -44.06 -31.67
C3 NAG Q . 14.99 -44.58 -33.09
C4 NAG Q . 14.47 -46.02 -33.13
C5 NAG Q . 13.10 -46.09 -32.47
C6 NAG Q . 12.57 -47.51 -32.36
C7 NAG Q . 16.03 -42.11 -30.60
C8 NAG Q . 16.40 -40.66 -30.74
N2 NAG Q . 15.40 -42.66 -31.64
O3 NAG Q . 16.31 -44.53 -33.60
O4 NAG Q . 14.36 -46.45 -34.48
O5 NAG Q . 13.19 -45.58 -31.13
O6 NAG Q . 11.84 -47.69 -31.15
O7 NAG Q . 16.30 -42.75 -29.59
C1 NAG Q . 15.19 -47.61 -34.69
C2 NAG Q . 14.47 -48.55 -35.66
C3 NAG Q . 15.35 -49.77 -35.97
C4 NAG Q . 16.73 -49.34 -36.43
C5 NAG Q . 17.35 -48.37 -35.42
C6 NAG Q . 18.67 -47.81 -35.88
C7 NAG Q . 12.10 -49.12 -35.88
C8 NAG Q . 10.86 -49.55 -35.16
N2 NAG Q . 13.18 -48.97 -35.12
O3 NAG Q . 14.72 -50.56 -36.97
O4 NAG Q . 17.57 -50.48 -36.55
O5 NAG Q . 16.47 -47.25 -35.22
O6 NAG Q . 18.61 -47.35 -37.22
O7 NAG Q . 12.10 -48.90 -37.09
C1 BMA Q . 18.07 -50.64 -37.90
C2 BMA Q . 18.70 -52.06 -37.97
C3 BMA Q . 19.12 -52.39 -39.41
C4 BMA Q . 18.02 -52.05 -40.42
C5 BMA Q . 17.57 -50.60 -40.23
C6 BMA Q . 16.48 -50.18 -41.20
O2 BMA Q . 17.75 -53.05 -37.60
O3 BMA Q . 19.50 -53.75 -39.55
O4 BMA Q . 18.49 -52.23 -41.75
O5 BMA Q . 17.07 -50.47 -38.89
O6 BMA Q . 16.85 -50.60 -42.50
C1 NAG R . -7.22 -40.65 -14.86
C2 NAG R . -7.66 -39.89 -13.61
C3 NAG R . -8.56 -40.77 -12.76
C4 NAG R . -9.73 -41.29 -13.59
C5 NAG R . -9.20 -42.00 -14.83
C6 NAG R . -10.31 -42.45 -15.76
C7 NAG R . -5.95 -38.24 -13.02
C8 NAG R . -4.77 -37.93 -12.13
N2 NAG R . -6.51 -39.43 -12.84
O3 NAG R . -9.06 -40.01 -11.66
O4 NAG R . -10.51 -42.19 -12.82
O5 NAG R . -8.37 -41.11 -15.58
O6 NAG R . -9.80 -43.27 -16.80
O7 NAG R . -6.35 -37.44 -13.85
C1 NAG R . -11.65 -41.48 -12.30
C2 NAG R . -12.78 -42.47 -12.02
C3 NAG R . -13.98 -41.75 -11.43
C4 NAG R . -13.57 -40.95 -10.21
C5 NAG R . -12.42 -40.01 -10.55
C6 NAG R . -11.87 -39.28 -9.34
C7 NAG R . -12.69 -44.39 -13.55
C8 NAG R . -13.18 -44.97 -14.84
N2 NAG R . -13.15 -43.18 -13.23
O3 NAG R . -14.98 -42.71 -11.07
O4 NAG R . -14.67 -40.18 -9.73
O5 NAG R . -11.32 -40.78 -11.09
O6 NAG R . -10.76 -38.47 -9.69
O7 NAG R . -11.90 -45.00 -12.82
C1 BMA R . -14.82 -40.40 -8.32
C2 BMA R . -15.34 -39.09 -7.67
C3 BMA R . -15.66 -39.33 -6.20
C4 BMA R . -16.54 -40.58 -6.01
C5 BMA R . -15.87 -41.78 -6.67
C6 BMA R . -16.71 -43.05 -6.57
O2 BMA R . -16.54 -38.67 -8.29
O3 BMA R . -16.29 -38.20 -5.61
O4 BMA R . -16.71 -40.84 -4.63
O5 BMA R . -15.72 -41.48 -8.07
O6 BMA R . -15.96 -44.13 -7.10
C1 NAG S . -0.34 -37.57 -12.35
C2 NAG S . 1.13 -37.61 -11.91
C3 NAG S . 1.41 -38.89 -11.12
C4 NAG S . 0.42 -39.03 -9.97
C5 NAG S . -1.01 -38.97 -10.51
C6 NAG S . -2.06 -39.03 -9.44
C7 NAG S . 3.21 -36.90 -13.00
C8 NAG S . 3.99 -36.88 -14.28
N2 NAG S . 2.02 -37.51 -13.05
O3 NAG S . 2.73 -38.83 -10.61
O4 NAG S . 0.61 -40.28 -9.32
O5 NAG S . -1.20 -37.73 -11.21
O6 NAG S . -1.53 -38.68 -8.17
O7 NAG S . 3.62 -36.38 -11.98
C1 NAG S . 1.16 -40.01 -8.01
C2 NAG S . 0.50 -40.94 -6.99
C3 NAG S . 1.10 -40.70 -5.60
C4 NAG S . 2.62 -40.81 -5.65
C5 NAG S . 3.19 -39.91 -6.74
C6 NAG S . 4.68 -40.07 -6.95
C7 NAG S . -1.82 -41.71 -7.25
C8 NAG S . -3.27 -41.33 -7.16
N2 NAG S . -0.94 -40.74 -6.96
O3 NAG S . 0.58 -41.66 -4.70
O4 NAG S . 3.16 -40.41 -4.40
O5 NAG S . 2.57 -40.21 -8.01
O6 NAG S . 5.06 -41.44 -6.93
O7 NAG S . -1.46 -42.84 -7.55
C1 BMA S . 4.33 -41.18 -4.07
C2 BMA S . 5.14 -40.38 -3.02
C3 BMA S . 6.34 -41.20 -2.56
C4 BMA S . 5.93 -42.63 -2.17
C5 BMA S . 5.15 -43.29 -3.31
C6 BMA S . 4.66 -44.69 -2.98
O2 BMA S . 4.34 -40.13 -1.87
O3 BMA S . 7.00 -40.58 -1.46
O4 BMA S . 7.09 -43.40 -1.89
O5 BMA S . 4.00 -42.48 -3.59
O6 BMA S . 3.74 -44.59 -1.89
C1 MAN S . 8.16 -39.88 -1.96
C2 MAN S . 9.27 -39.97 -0.87
C3 MAN S . 8.92 -39.08 0.32
C4 MAN S . 8.59 -37.65 -0.15
C5 MAN S . 7.44 -37.72 -1.16
C6 MAN S . 7.06 -36.36 -1.70
O2 MAN S . 10.53 -39.50 -1.36
O3 MAN S . 9.98 -39.05 1.29
O4 MAN S . 8.21 -36.85 0.96
O5 MAN S . 7.84 -38.53 -2.27
O6 MAN S . 6.02 -36.52 -2.66
C1 NAG T . -19.46 3.97 36.67
C2 NAG T . -19.89 5.36 36.16
C3 NAG T . -20.37 6.22 37.33
C4 NAG T . -21.46 5.49 38.11
C5 NAG T . -20.97 4.11 38.54
C6 NAG T . -22.05 3.29 39.21
C7 NAG T . -18.58 5.83 34.15
C8 NAG T . -17.41 6.60 33.58
N2 NAG T . -18.80 6.00 35.45
O3 NAG T . -20.86 7.45 36.83
O4 NAG T . -21.80 6.24 39.28
O5 NAG T . -20.55 3.37 37.39
O6 NAG T . -22.33 3.79 40.51
O7 NAG T . -19.27 5.09 33.46
C1 NAG T . -22.83 7.19 38.99
C2 NAG T . -23.27 7.83 40.32
C3 NAG T . -24.30 8.94 40.10
C4 NAG T . -23.74 9.95 39.10
C5 NAG T . -23.38 9.23 37.80
C6 NAG T . -22.79 10.14 36.76
C7 NAG T . -24.68 5.88 41.06
C8 NAG T . -25.26 5.78 39.68
N2 NAG T . -23.77 6.85 41.29
O3 NAG T . -24.57 9.59 41.34
O4 NAG T . -24.66 11.01 38.86
O5 NAG T . -22.39 8.23 38.09
O6 NAG T . -21.45 9.80 36.47
O7 NAG T . -25.02 5.12 41.96
C1 BMA T . -25.97 10.59 38.40
C2 BMA T . -26.99 11.02 39.49
C3 BMA T . -28.42 10.86 38.99
C4 BMA T . -28.59 11.48 37.59
C5 BMA T . -27.57 10.85 36.63
C6 BMA T . -27.68 11.39 35.22
O2 BMA T . -26.81 12.38 39.82
O3 BMA T . -29.35 11.44 39.89
O4 BMA T . -29.90 11.24 37.11
O5 BMA T . -26.26 11.16 37.13
O6 BMA T . -27.23 12.74 35.22
C1 NAG U . 28.78 -5.71 43.54
C2 NAG U . 28.99 -5.76 45.06
C3 NAG U . 29.06 -4.35 45.64
C4 NAG U . 30.13 -3.54 44.92
C5 NAG U . 29.81 -3.51 43.43
C6 NAG U . 30.84 -2.76 42.61
C7 NAG U . 27.98 -7.85 45.85
C8 NAG U . 26.82 -8.47 46.54
N2 NAG U . 27.94 -6.53 45.70
O3 NAG U . 29.36 -4.42 47.03
O4 NAG U . 30.25 -2.22 45.44
O5 NAG U . 29.78 -4.85 42.93
O6 NAG U . 31.98 -3.58 42.35
O7 NAG U . 28.93 -8.52 45.44
C1 NAG U . 29.01 -1.51 45.55
C2 NAG U . 29.01 -0.76 46.88
C3 NAG U . 27.74 0.06 47.01
C4 NAG U . 27.56 0.97 45.82
C5 NAG U . 27.62 0.16 44.53
C6 NAG U . 27.56 1.02 43.28
C7 NAG U . 30.28 -1.79 48.71
C8 NAG U . 30.24 -2.80 49.83
N2 NAG U . 29.15 -1.68 47.99
O3 NAG U . 27.81 0.84 48.21
O4 NAG U . 26.31 1.65 45.89
O5 NAG U . 28.84 -0.58 44.47
O6 NAG U . 27.17 0.27 42.15
O7 NAG U . 31.27 -1.11 48.47
C1 NAG V . 33.07 -12.54 45.07
C2 NAG V . 34.20 -11.53 44.95
C3 NAG V . 35.54 -12.20 45.27
C4 NAG V . 35.47 -12.92 46.62
C5 NAG V . 34.26 -13.84 46.68
C6 NAG V . 34.06 -14.47 48.04
C7 NAG V . 33.55 -9.84 43.30
C8 NAG V . 33.71 -9.36 41.89
N2 NAG V . 34.25 -10.94 43.62
O3 NAG V . 36.57 -11.24 45.29
O4 NAG V . 36.64 -13.69 46.82
O5 NAG V . 33.06 -13.11 46.37
O6 NAG V . 34.05 -13.48 49.06
O7 NAG V . 32.81 -9.27 44.10
C1 NAG V . 37.60 -12.90 47.56
C2 NAG V . 38.13 -13.76 48.71
C3 NAG V . 39.20 -12.99 49.49
C4 NAG V . 40.29 -12.51 48.55
C5 NAG V . 39.67 -11.70 47.40
C6 NAG V . 40.68 -11.29 46.36
C7 NAG V . 36.96 -15.39 50.13
C8 NAG V . 35.78 -15.63 51.02
N2 NAG V . 37.05 -14.16 49.60
O3 NAG V . 39.77 -13.85 50.49
O4 NAG V . 41.21 -11.68 49.25
O5 NAG V . 38.69 -12.50 46.73
O6 NAG V . 40.19 -10.23 45.55
O7 NAG V . 37.79 -16.26 49.90
C1 NAG W . 23.68 -31.29 40.74
C2 NAG W . 24.68 -31.78 39.71
C3 NAG W . 25.09 -33.22 40.02
C4 NAG W . 25.58 -33.33 41.46
C5 NAG W . 24.54 -32.77 42.41
C6 NAG W . 25.02 -32.73 43.85
C7 NAG W . 24.09 -30.56 37.66
C8 NAG W . 23.50 -30.64 36.28
N2 NAG W . 24.14 -31.70 38.35
O3 NAG W . 26.12 -33.63 39.12
O4 NAG W . 25.81 -34.70 41.79
O5 NAG W . 24.23 -31.41 42.04
O6 NAG W . 24.50 -33.83 44.60
O7 NAG W . 24.51 -29.50 38.13
C1 NAG W . 27.20 -35.01 41.59
C2 NAG W . 27.42 -36.48 41.95
C3 NAG W . 28.87 -36.88 41.70
C4 NAG W . 29.28 -36.54 40.27
C5 NAG W . 28.99 -35.07 39.97
C6 NAG W . 29.26 -34.68 38.55
C7 NAG W . 25.79 -36.92 43.73
C8 NAG W . 25.59 -37.17 45.20
N2 NAG W . 27.05 -36.74 43.33
O3 NAG W . 29.02 -38.28 41.92
O4 NAG W . 30.66 -36.78 40.09
O5 NAG W . 27.60 -34.79 40.23
O6 NAG W . 28.33 -33.70 38.09
O7 NAG W . 24.84 -36.87 42.95
C1 NAG X . 28.27 -27.26 39.71
C2 NAG X . 28.82 -28.59 39.19
C3 NAG X . 28.68 -29.67 40.24
C4 NAG X . 29.31 -29.22 41.56
C5 NAG X . 28.73 -27.88 41.98
C6 NAG X . 29.40 -27.31 43.21
C7 NAG X . 28.53 -28.56 36.74
C8 NAG X . 27.72 -29.07 35.59
N2 NAG X . 28.15 -28.98 37.96
O3 NAG X . 29.31 -30.86 39.79
O4 NAG X . 29.05 -30.18 42.58
O5 NAG X . 28.92 -26.92 40.93
O6 NAG X . 29.49 -25.89 43.14
O7 NAG X . 29.49 -27.81 36.59
C1 NAG X . 30.30 -30.71 43.08
C2 NAG X . 30.13 -30.95 44.57
C3 NAG X . 31.41 -31.56 45.15
C4 NAG X . 31.82 -32.80 44.36
C5 NAG X . 31.91 -32.46 42.87
C6 NAG X . 32.20 -33.68 42.02
C7 NAG X . 28.94 -29.68 46.30
C8 NAG X . 28.72 -28.32 46.90
N2 NAG X . 29.79 -29.72 45.27
O3 NAG X . 31.19 -31.91 46.51
O4 NAG X . 33.09 -33.26 44.82
O5 NAG X . 30.66 -31.92 42.43
O6 NAG X . 31.36 -34.77 42.36
O7 NAG X . 28.37 -30.68 46.73
C1 BMA X . 33.03 -34.61 45.31
C2 BMA X . 34.37 -34.87 46.05
C3 BMA X . 34.34 -36.23 46.76
C4 BMA X . 33.04 -36.44 47.56
C5 BMA X . 31.84 -36.19 46.64
C6 BMA X . 30.51 -36.37 47.35
O2 BMA X . 34.58 -33.90 47.07
O3 BMA X . 35.46 -36.40 47.61
O4 BMA X . 32.99 -37.75 48.07
O5 BMA X . 31.92 -34.84 46.18
O6 BMA X . 30.56 -37.59 48.08
C1 NAG Y . 18.41 -2.54 40.01
C2 NAG Y . 18.05 -1.37 39.09
C3 NAG Y . 18.37 -0.05 39.78
C4 NAG Y . 17.70 0.03 41.13
C5 NAG Y . 18.08 -1.19 41.98
C6 NAG Y . 17.36 -1.24 43.30
C7 NAG Y . 18.23 -2.08 36.75
C8 NAG Y . 19.08 -2.09 35.52
N2 NAG Y . 18.74 -1.47 37.82
O3 NAG Y . 17.94 1.03 38.95
O4 NAG Y . 18.09 1.21 41.82
O5 NAG Y . 17.73 -2.38 41.27
O6 NAG Y . 17.87 -2.27 44.14
O7 NAG Y . 17.12 -2.61 36.78
C1 NAG Y . 17.05 2.20 41.63
C2 NAG Y . 17.11 3.19 42.80
C3 NAG Y . 16.07 4.29 42.61
C4 NAG Y . 16.22 4.93 41.24
C5 NAG Y . 16.19 3.88 40.15
C6 NAG Y . 16.45 4.44 38.77
C7 NAG Y . 17.94 2.15 44.85
C8 NAG Y . 17.57 1.47 46.13
N2 NAG Y . 16.93 2.52 44.06
O3 NAG Y . 16.22 5.27 43.63
O4 NAG Y . 15.16 5.87 41.02
O5 NAG Y . 17.22 2.90 40.39
O6 NAG Y . 16.48 3.41 37.78
O7 NAG Y . 19.11 2.36 44.54
C1 BMA Y . 15.73 7.11 40.58
C2 BMA Y . 14.72 7.78 39.60
C3 BMA Y . 15.21 9.18 39.23
C4 BMA Y . 15.58 9.99 40.48
C5 BMA Y . 16.58 9.22 41.34
C6 BMA Y . 16.96 9.95 42.62
O2 BMA Y . 13.45 7.93 40.20
O3 BMA Y . 14.25 9.87 38.45
O4 BMA Y . 16.13 11.24 40.10
O5 BMA Y . 15.98 7.96 41.70
O6 BMA Y . 17.99 9.20 43.26
C1 NAG Z . 21.53 -4.90 33.09
C2 NAG Z . 22.65 -5.39 32.17
C3 NAG Z . 23.98 -4.77 32.56
C4 NAG Z . 23.87 -3.25 32.64
C5 NAG Z . 22.72 -2.87 33.56
C6 NAG Z . 22.47 -1.38 33.62
C7 NAG Z . 23.11 -7.58 31.13
C8 NAG Z . 23.13 -9.05 31.33
N2 NAG Z . 22.72 -6.84 32.19
O3 NAG Z . 24.97 -5.14 31.61
O4 NAG Z . 25.07 -2.69 33.12
O5 NAG Z . 21.50 -3.47 33.10
O6 NAG Z . 23.01 -0.71 32.49
O7 NAG Z . 23.42 -7.05 30.06
C1 NAG Z . 25.70 -1.99 32.03
C2 NAG Z . 26.28 -0.68 32.54
C3 NAG Z . 27.00 0.06 31.41
C4 NAG Z . 28.02 -0.86 30.73
C5 NAG Z . 27.37 -2.17 30.31
C6 NAG Z . 28.35 -3.18 29.77
C7 NAG Z . 25.26 0.57 34.39
C8 NAG Z . 24.12 1.43 34.82
N2 NAG Z . 25.26 0.16 33.12
O3 NAG Z . 27.65 1.21 31.93
O4 NAG Z . 28.53 -0.21 29.58
O5 NAG Z . 26.74 -2.79 31.45
O6 NAG Z . 29.53 -3.23 30.56
O7 NAG Z . 26.16 0.25 35.17
C1 BMA Z . 29.93 -0.55 29.39
C2 BMA Z . 30.28 -0.27 27.90
C3 BMA Z . 31.76 -0.49 27.67
C4 BMA Z . 32.61 0.23 28.71
C5 BMA Z . 32.15 -0.15 30.13
C6 BMA Z . 32.92 0.57 31.22
O2 BMA Z . 30.01 1.09 27.58
O3 BMA Z . 32.15 -0.08 26.36
O4 BMA Z . 33.98 -0.12 28.55
O5 BMA Z . 30.77 0.20 30.26
O6 BMA Z . 32.67 1.96 31.10
C1 MAN Z . 32.23 -1.24 25.50
C2 MAN Z . 33.38 -1.00 24.49
C3 MAN Z . 32.98 0.06 23.46
C4 MAN Z . 31.62 -0.29 22.84
C5 MAN Z . 30.56 -0.43 23.94
C6 MAN Z . 29.21 -0.82 23.41
O2 MAN Z . 33.67 -2.17 23.74
O3 MAN Z . 33.95 0.21 22.45
O4 MAN Z . 31.22 0.72 21.93
O5 MAN Z . 30.99 -1.47 24.86
O6 MAN Z . 28.31 -0.95 24.51
C1 NAG AA . -1.86 40.21 -11.82
C2 NAG AA . -3.27 39.87 -12.34
C3 NAG AA . -3.75 40.96 -13.30
C4 NAG AA . -3.65 42.33 -12.65
C5 NAG AA . -2.24 42.56 -12.12
C6 NAG AA . -2.10 43.86 -11.37
C7 NAG AA . -3.53 37.44 -12.30
C8 NAG AA . -3.53 36.18 -13.12
N2 NAG AA . -3.30 38.57 -12.97
O3 NAG AA . -5.09 40.68 -13.68
O4 NAG AA . -3.96 43.33 -13.60
O5 NAG AA . -1.87 41.51 -11.22
O6 NAG AA . -2.16 44.98 -12.24
O7 NAG AA . -3.75 37.42 -11.10
C1 NAG AA . -5.38 43.61 -13.65
C2 NAG AA . -5.60 44.82 -14.55
C3 NAG AA . -7.09 45.11 -14.74
C4 NAG AA . -7.80 43.85 -15.22
C5 NAG AA . -7.55 42.72 -14.23
C6 NAG AA . -8.18 41.41 -14.65
C7 NAG AA . -4.88 46.53 -12.86
C8 NAG AA . -5.68 45.82 -11.80
N2 NAG AA . -4.89 46.01 -14.10
O3 NAG AA . -7.26 46.15 -15.69
O4 NAG AA . -9.20 44.06 -15.41
O5 NAG AA . -6.13 42.48 -14.14
O6 NAG AA . -7.20 40.42 -14.91
O7 NAG AA . -4.25 47.55 -12.60
C1 BMA AA . -9.89 44.55 -14.26
C2 BMA AA . -10.44 45.96 -14.61
C3 BMA AA . -11.41 46.46 -13.56
C4 BMA AA . -12.45 45.38 -13.20
C5 BMA AA . -11.72 44.11 -12.76
C6 BMA AA . -12.68 42.99 -12.38
O2 BMA AA . -11.15 45.92 -15.84
O3 BMA AA . -12.08 47.65 -13.97
O4 BMA AA . -13.28 45.84 -12.15
O5 BMA AA . -10.93 43.66 -13.87
O6 BMA AA . -13.33 42.54 -13.56
C1 NAG BA . 37.62 17.84 -31.91
C2 NAG BA . 38.35 18.90 -32.76
C3 NAG BA . 37.64 19.10 -34.09
C4 NAG BA . 37.51 17.78 -34.82
C5 NAG BA . 36.74 16.80 -33.93
C6 NAG BA . 36.60 15.43 -34.54
C7 NAG BA . 39.45 20.43 -31.18
C8 NAG BA . 39.39 21.77 -30.52
N2 NAG BA . 38.46 20.15 -32.02
O3 NAG BA . 38.39 20.02 -34.88
O4 NAG BA . 36.88 17.92 -36.08
O5 NAG BA . 37.46 16.62 -32.69
O6 NAG BA . 37.78 14.66 -34.38
O7 NAG BA . 40.36 19.63 -30.96
C1 NAG BA . 35.64 18.65 -36.04
C2 NAG BA . 35.61 19.58 -37.24
C3 NAG BA . 34.29 20.35 -37.29
C4 NAG BA . 33.11 19.38 -37.24
C5 NAG BA . 33.24 18.44 -36.04
C6 NAG BA . 32.18 17.38 -36.00
C7 NAG BA . 37.79 20.41 -38.04
C8 NAG BA . 38.85 21.45 -37.87
N2 NAG BA . 36.73 20.50 -37.21
O3 NAG BA . 34.23 21.13 -38.47
O4 NAG BA . 31.89 20.10 -37.14
O5 NAG BA . 34.50 17.76 -36.08
O6 NAG BA . 32.03 16.84 -34.70
O7 NAG BA . 37.86 19.52 -38.88
C1 NAG CA . 45.54 17.37 -29.97
C2 NAG CA . 45.54 16.46 -31.19
C3 NAG CA . 46.97 16.00 -31.50
C4 NAG CA . 47.90 17.20 -31.62
C5 NAG CA . 47.78 18.10 -30.39
C6 NAG CA . 48.56 19.39 -30.51
C7 NAG CA . 43.37 15.33 -31.22
C8 NAG CA . 42.62 14.06 -30.95
N2 NAG CA . 44.68 15.31 -30.98
O3 NAG CA . 46.97 15.26 -32.71
O4 NAG CA . 49.24 16.76 -31.73
O5 NAG CA . 46.40 18.49 -30.20
O6 NAG CA . 48.26 20.07 -31.71
O7 NAG CA . 42.80 16.34 -31.63
C1 NAG CA . 49.60 16.65 -33.12
C2 NAG CA . 50.93 17.34 -33.33
C3 NAG CA . 51.38 17.19 -34.79
C4 NAG CA . 51.38 15.72 -35.18
C5 NAG CA . 50.04 15.09 -34.90
C6 NAG CA . 50.00 13.61 -35.16
C7 NAG CA . 51.84 19.39 -32.32
C8 NAG CA . 51.60 20.84 -32.02
N2 NAG CA . 50.86 18.75 -32.96
O3 NAG CA . 52.68 17.74 -34.94
O4 NAG CA . 51.68 15.60 -36.58
O5 NAG CA . 49.70 15.28 -33.51
O6 NAG CA . 48.68 13.12 -35.26
O7 NAG CA . 52.88 18.83 -31.99
C1 NAG DA . 51.01 22.29 -9.81
C2 NAG DA . 51.61 20.94 -9.42
C3 NAG DA . 52.97 21.14 -8.75
C4 NAG DA . 53.88 21.99 -9.63
C5 NAG DA . 53.18 23.28 -10.02
C6 NAG DA . 53.97 24.12 -10.99
C7 NAG DA . 49.66 19.51 -9.00
C8 NAG DA . 48.85 18.80 -7.95
N2 NAG DA . 50.71 20.20 -8.55
O3 NAG DA . 53.57 19.87 -8.52
O4 NAG DA . 55.07 22.31 -8.92
O5 NAG DA . 51.92 22.99 -10.65
O6 NAG DA . 54.66 25.18 -10.34
O7 NAG DA . 49.37 19.46 -10.18
C1 NAG DA . 56.10 21.36 -9.27
C2 NAG DA . 57.37 21.73 -8.50
C3 NAG DA . 58.47 20.70 -8.80
C4 NAG DA . 57.98 19.29 -8.51
C5 NAG DA . 56.67 19.03 -9.27
C6 NAG DA . 56.06 17.69 -8.96
C7 NAG DA . 57.29 24.17 -8.30
C8 NAG DA . 57.87 25.47 -8.77
N2 NAG DA . 57.81 23.06 -8.84
O3 NAG DA . 59.60 20.98 -7.98
O4 NAG DA . 58.95 18.35 -8.92
O5 NAG DA . 55.70 20.03 -8.94
O6 NAG DA . 54.64 17.75 -8.97
O7 NAG DA . 56.38 24.12 -7.48
C1 NAG EA . 50.74 18.13 -14.40
C2 NAG EA . 51.81 17.58 -13.45
C3 NAG EA . 52.86 18.64 -13.15
C4 NAG EA . 53.42 19.23 -14.42
C5 NAG EA . 52.28 19.73 -15.32
C6 NAG EA . 52.76 20.22 -16.67
C7 NAG EA . 50.73 15.83 -12.10
C8 NAG EA . 50.15 15.48 -10.76
N2 NAG EA . 51.22 17.07 -12.23
O3 NAG EA . 53.90 18.06 -12.37
O4 NAG EA . 54.29 20.32 -14.12
O5 NAG EA . 51.36 18.65 -15.57
O6 NAG EA . 51.81 19.91 -17.69
O7 NAG EA . 50.74 15.03 -13.03
C1 NAG EA . 55.61 20.03 -14.62
C2 NAG EA . 56.22 21.35 -15.11
C3 NAG EA . 57.65 21.12 -15.59
C4 NAG EA . 58.48 20.43 -14.51
C5 NAG EA . 57.78 19.16 -14.03
C6 NAG EA . 58.47 18.48 -12.88
C7 NAG EA . 55.23 23.24 -16.32
C8 NAG EA . 54.38 23.65 -17.48
N2 NAG EA . 55.43 21.92 -16.18
O3 NAG EA . 58.25 22.36 -15.92
O4 NAG EA . 59.76 20.08 -15.02
O5 NAG EA . 56.44 19.47 -13.59
O6 NAG EA . 58.81 19.41 -11.85
O7 NAG EA . 55.72 24.05 -15.55
C1 BMA EA . 60.83 20.69 -14.27
C2 BMA EA . 62.12 20.51 -15.12
C3 BMA EA . 63.30 21.27 -14.49
C4 BMA EA . 62.91 22.71 -14.11
C5 BMA EA . 61.65 22.68 -13.24
C6 BMA EA . 61.19 24.07 -12.82
O2 BMA EA . 61.96 21.04 -16.43
O3 BMA EA . 64.43 21.29 -15.35
O4 BMA EA . 63.96 23.33 -13.41
O5 BMA EA . 60.60 22.07 -14.00
O6 BMA EA . 62.32 24.78 -12.33
C1 NAG FA . 27.65 20.87 -27.31
C2 NAG FA . 26.29 20.21 -27.52
C3 NAG FA . 25.84 20.35 -28.98
C4 NAG FA . 25.86 21.82 -29.39
C5 NAG FA . 27.23 22.42 -29.12
C6 NAG FA . 27.29 23.90 -29.39
C7 NAG FA . 26.02 18.37 -25.91
C8 NAG FA . 26.12 16.89 -25.71
N2 NAG FA . 26.34 18.80 -27.14
O3 NAG FA . 24.53 19.82 -29.11
O4 NAG FA . 25.55 21.94 -30.76
O5 NAG FA . 27.59 22.24 -27.74
O6 NAG FA . 28.63 24.39 -29.34
O7 NAG FA . 25.67 19.13 -25.03
C1 NAG FA . 24.15 22.28 -30.87
C2 NAG FA . 23.92 23.01 -32.20
C3 NAG FA . 22.44 23.34 -32.37
C4 NAG FA . 21.60 22.08 -32.22
C5 NAG FA . 21.92 21.39 -30.90
C6 NAG FA . 21.20 20.08 -30.73
C7 NAG FA . 25.92 24.27 -32.89
C8 NAG FA . 26.61 25.60 -32.86
N2 NAG FA . 24.73 24.22 -32.27
O3 NAG FA . 22.23 23.91 -33.66
O4 NAG FA . 20.21 22.43 -32.26
O5 NAG FA . 23.33 21.11 -30.82
O6 NAG FA . 21.57 19.43 -29.52
O7 NAG FA . 26.40 23.29 -33.44
C1 BMA FA . 19.56 21.56 -33.20
C2 BMA FA . 18.12 21.29 -32.69
C3 BMA FA . 17.33 20.51 -33.74
C4 BMA FA . 17.44 21.16 -35.13
C5 BMA FA . 18.93 21.33 -35.49
C6 BMA FA . 19.13 22.00 -36.84
O2 BMA FA . 17.43 22.51 -32.48
O3 BMA FA . 15.96 20.40 -33.37
O4 BMA FA . 16.81 20.34 -36.09
O5 BMA FA . 19.54 22.15 -34.49
O6 BMA FA . 20.52 21.99 -37.14
C1 NAG GA . 28.74 13.88 -23.70
C2 NAG GA . 29.44 12.56 -23.42
C3 NAG GA . 30.00 11.97 -24.71
C4 NAG GA . 28.91 11.88 -25.77
C5 NAG GA . 28.27 13.24 -25.96
C6 NAG GA . 27.11 13.23 -26.94
C7 NAG GA . 30.83 11.78 -21.55
C8 NAG GA . 31.94 12.13 -20.60
N2 NAG GA . 30.50 12.73 -22.43
O3 NAG GA . 30.53 10.67 -24.44
O4 NAG GA . 29.46 11.44 -27.01
O5 NAG GA . 27.74 13.70 -24.71
O6 NAG GA . 26.59 11.92 -27.11
O7 NAG GA . 30.26 10.69 -21.51
C1 NAG GA . 28.98 10.10 -27.26
C2 NAG GA . 28.63 9.97 -28.74
C3 NAG GA . 28.18 8.55 -29.05
C4 NAG GA . 29.19 7.53 -28.55
C5 NAG GA . 29.53 7.78 -27.08
C6 NAG GA . 30.65 6.91 -26.57
C7 NAG GA . 27.81 11.87 -30.06
C8 NAG GA . 26.65 12.78 -30.33
N2 NAG GA . 27.62 10.94 -29.13
O3 NAG GA . 27.98 8.40 -30.45
O4 NAG GA . 28.65 6.23 -28.69
O5 NAG GA . 29.97 9.14 -26.90
O6 NAG GA . 31.71 6.81 -27.50
O7 NAG GA . 28.88 11.98 -30.67
C1 BMA GA . 29.70 5.28 -29.03
C2 BMA GA . 29.18 3.87 -28.65
C3 BMA GA . 30.19 2.81 -29.09
C4 BMA GA . 30.62 3.02 -30.56
C5 BMA GA . 31.10 4.46 -30.77
C6 BMA GA . 31.49 4.75 -32.21
O2 BMA GA . 27.97 3.58 -29.32
O3 BMA GA . 29.68 1.50 -28.91
O4 BMA GA . 31.66 2.12 -30.89
O5 BMA GA . 30.04 5.35 -30.41
O6 BMA GA . 30.33 4.63 -33.02
C1 MAN GA . 30.22 0.95 -27.70
C2 MAN GA . 30.43 -0.58 -27.92
C3 MAN GA . 29.08 -1.29 -27.95
C4 MAN GA . 28.23 -0.91 -26.73
C5 MAN GA . 28.06 0.61 -26.67
C6 MAN GA . 27.27 1.07 -25.46
O2 MAN GA . 31.14 -1.17 -26.84
O3 MAN GA . 29.21 -2.70 -28.02
O4 MAN GA . 26.96 -1.53 -26.79
O5 MAN GA . 29.37 1.21 -26.61
O6 MAN GA . 27.21 2.49 -25.50
C1 NAG HA . 33.19 -48.72 -22.47
C2 NAG HA . 34.22 -49.47 -23.30
C3 NAG HA . 34.47 -48.74 -24.61
C4 NAG HA . 33.15 -48.49 -25.35
C5 NAG HA . 32.16 -47.79 -24.42
C6 NAG HA . 30.79 -47.62 -25.04
C7 NAG HA . 35.70 -50.68 -21.77
C8 NAG HA . 37.03 -50.69 -21.09
N2 NAG HA . 35.46 -49.64 -22.57
O3 NAG HA . 35.33 -49.51 -25.43
O4 NAG HA . 33.37 -47.69 -26.49
O5 NAG HA . 31.98 -48.55 -23.22
O6 NAG HA . 30.87 -47.54 -26.45
O7 NAG HA . 34.87 -51.58 -21.60
C1 NAG IA . 32.93 -48.73 -8.94
C2 NAG IA . 32.22 -49.96 -8.35
C3 NAG IA . 32.65 -50.17 -6.90
C4 NAG IA . 34.18 -50.24 -6.81
C5 NAG IA . 34.80 -49.01 -7.46
C6 NAG IA . 36.31 -49.07 -7.51
C7 NAG IA . 30.02 -50.48 -9.32
C8 NAG IA . 28.56 -50.22 -9.26
N2 NAG IA . 30.77 -49.81 -8.43
O3 NAG IA . 32.08 -51.38 -6.42
O4 NAG IA . 34.58 -50.31 -5.45
O5 NAG IA . 34.34 -48.88 -8.81
O6 NAG IA . 36.76 -50.31 -8.04
O7 NAG IA . 30.51 -51.26 -10.14
C1 NAG JA . 43.71 -38.36 -6.09
C2 NAG JA . 44.17 -38.40 -7.55
C3 NAG JA . 45.07 -39.60 -7.78
C4 NAG JA . 46.22 -39.61 -6.78
C5 NAG JA . 45.67 -39.52 -5.35
C6 NAG JA . 46.76 -39.40 -4.32
C7 NAG JA . 42.64 -37.37 -9.17
C8 NAG JA . 41.45 -37.59 -10.05
N2 NAG JA . 43.03 -38.43 -8.45
O3 NAG JA . 45.58 -39.56 -9.11
O4 NAG JA . 46.97 -40.81 -6.92
O5 NAG JA . 44.85 -38.36 -5.22
O6 NAG JA . 47.77 -38.49 -4.72
O7 NAG JA . 43.22 -36.29 -9.12
C1 NAG KA . 30.41 -26.92 -23.10
C2 NAG KA . 30.05 -25.92 -24.21
C3 NAG KA . 29.03 -26.53 -25.16
C4 NAG KA . 29.52 -27.87 -25.70
C5 NAG KA . 29.91 -28.79 -24.54
C6 NAG KA . 30.53 -30.08 -25.01
C7 NAG KA . 30.31 -23.60 -23.48
C8 NAG KA . 29.63 -22.40 -22.89
N2 NAG KA . 29.54 -24.68 -23.65
O3 NAG KA . 28.78 -25.64 -26.24
O4 NAG KA . 28.52 -28.49 -26.48
O5 NAG KA . 30.87 -28.14 -23.69
O6 NAG KA . 30.41 -30.25 -26.41
O7 NAG KA . 31.50 -23.58 -23.80
C1 NAG LA . -2.87 -16.88 -41.88
C2 NAG LA . -3.30 -17.79 -43.04
C3 NAG LA . -3.62 -16.96 -44.27
C4 NAG LA . -4.64 -15.87 -43.94
C5 NAG LA . -4.15 -15.05 -42.75
C6 NAG LA . -5.16 -14.02 -42.29
C7 NAG LA . -1.01 -18.42 -43.67
C8 NAG LA . -0.06 -19.55 -43.96
N2 NAG LA . -2.26 -18.76 -43.35
O3 NAG LA . -4.13 -17.80 -45.30
O4 NAG LA . -4.82 -15.01 -45.05
O5 NAG LA . -3.91 -15.92 -41.63
O6 NAG LA . -5.33 -14.07 -40.88
O7 NAG LA . -0.65 -17.25 -43.74
C1 NAG MA . 16.92 -52.88 -2.76
C2 NAG MA . 15.53 -53.27 -2.28
C3 NAG MA . 15.48 -53.22 -0.75
C4 NAG MA . 16.58 -54.08 -0.16
C5 NAG MA . 17.93 -53.66 -0.73
C6 NAG MA . 19.07 -54.54 -0.27
C7 NAG MA . 13.50 -52.84 -3.61
C8 NAG MA . 12.56 -51.80 -4.12
N2 NAG MA . 14.51 -52.40 -2.84
O3 NAG MA . 14.20 -53.70 -0.31
O4 NAG MA . 16.60 -53.92 1.26
O5 NAG MA . 17.91 -53.73 -2.16
O6 NAG MA . 18.85 -55.03 1.04
O7 NAG MA . 13.38 -54.03 -3.88
C1 NAG NA . -16.09 -35.23 -45.07
C2 NAG NA . -16.57 -33.88 -45.61
C3 NAG NA . -17.56 -33.24 -44.65
C4 NAG NA . -18.69 -34.21 -44.32
C5 NAG NA . -18.12 -35.53 -43.82
C6 NAG NA . -19.18 -36.59 -43.60
C7 NAG NA . -15.43 -32.12 -46.88
C8 NAG NA . -14.20 -31.27 -46.99
N2 NAG NA . -15.46 -32.99 -45.86
O3 NAG NA . -18.09 -32.06 -45.22
O4 NAG NA . -19.53 -33.66 -43.30
O5 NAG NA . -17.22 -36.07 -44.80
O6 NAG NA . -18.61 -37.87 -43.37
O7 NAG NA . -16.37 -32.00 -47.67
C1 NAG OA . -5.26 -49.62 -35.65
C2 NAG OA . -5.04 -51.10 -35.93
C3 NAG OA . -4.67 -51.31 -37.40
C4 NAG OA . -5.72 -50.67 -38.30
C5 NAG OA . -5.92 -49.21 -37.92
C6 NAG OA . -7.03 -48.55 -38.70
C7 NAG OA . -4.27 -52.35 -33.97
C8 NAG OA . -3.08 -52.84 -33.19
N2 NAG OA . -4.01 -51.65 -35.07
O3 NAG OA . -4.57 -52.70 -37.68
O4 NAG OA . -5.30 -50.75 -39.67
O5 NAG OA . -6.27 -49.11 -36.54
O6 NAG OA . -7.51 -49.39 -39.75
O7 NAG OA . -5.42 -52.59 -33.60
C1 NAG PA . 6.42 -49.43 -37.71
C2 NAG PA . 7.92 -49.42 -38.00
C3 NAG PA . 8.27 -50.50 -39.02
C4 NAG PA . 7.75 -51.85 -38.56
C5 NAG PA . 6.26 -51.76 -38.25
C6 NAG PA . 5.69 -53.04 -37.66
C7 NAG PA . 8.78 -47.15 -37.65
C8 NAG PA . 9.19 -45.86 -38.30
N2 NAG PA . 8.35 -48.11 -38.47
O3 NAG PA . 9.68 -50.56 -39.19
O4 NAG PA . 7.95 -52.83 -39.57
O5 NAG PA . 6.02 -50.73 -37.27
O6 NAG PA . 6.49 -54.16 -38.02
O7 NAG PA . 8.84 -47.30 -36.43
C1 NAG QA . -13.01 -20.93 -34.54
C2 NAG QA . -14.23 -20.86 -35.47
C3 NAG QA . -13.87 -21.36 -36.87
C4 NAG QA . -12.65 -20.62 -37.40
C5 NAG QA . -11.50 -20.74 -36.41
C6 NAG QA . -10.28 -19.93 -36.82
C7 NAG QA . -15.31 -22.91 -34.69
C8 NAG QA . -16.57 -23.52 -34.13
N2 NAG QA . -15.36 -21.60 -34.94
O3 NAG QA . -14.97 -21.18 -37.74
O4 NAG QA . -12.25 -21.18 -38.65
O5 NAG QA . -11.91 -20.24 -35.13
O6 NAG QA . -10.62 -18.57 -37.05
O7 NAG QA . -14.32 -23.59 -34.90
C1 NAG RA . -23.93 20.08 -28.27
C2 NAG RA . -24.03 20.47 -26.80
C3 NAG RA . -23.08 21.63 -26.51
C4 NAG RA . -21.67 21.28 -26.96
C5 NAG RA . -21.66 20.80 -28.41
C6 NAG RA . -20.31 20.32 -28.87
C7 NAG RA . -25.88 20.63 -25.19
C8 NAG RA . -27.30 21.04 -24.98
N2 NAG RA . -25.39 20.82 -26.43
O3 NAG RA . -23.10 21.91 -25.12
O4 NAG RA . -20.83 22.42 -26.83
O5 NAG RA . -22.58 19.72 -28.58
O6 NAG RA . -20.39 19.65 -30.12
O7 NAG RA . -25.19 20.16 -24.29
C1 NAG SA . -16.87 6.78 -31.92
C2 NAG SA . -17.63 6.93 -33.24
C3 NAG SA . -17.16 5.88 -34.24
C4 NAG SA . -15.64 5.95 -34.39
C5 NAG SA . -14.97 5.84 -33.04
C6 NAG SA . -13.47 6.02 -33.11
C7 NAG SA . -19.87 7.88 -32.91
C8 NAG SA . -21.32 7.58 -32.69
N2 NAG SA . -19.07 6.82 -33.03
O3 NAG SA . -17.80 6.11 -35.49
O4 NAG SA . -15.21 4.88 -35.23
O5 NAG SA . -15.47 6.86 -32.16
O6 NAG SA . -13.04 7.11 -32.30
O7 NAG SA . -19.46 9.03 -32.98
C1 NAG TA . 46.81 -31.24 28.89
C2 NAG TA . 47.68 -32.42 29.32
C3 NAG TA . 46.87 -33.70 29.30
C4 NAG TA . 45.61 -33.56 30.13
C5 NAG TA . 44.82 -32.33 29.68
C6 NAG TA . 43.62 -32.05 30.55
C7 NAG TA . 50.01 -31.91 28.72
C8 NAG TA . 51.11 -32.14 27.73
N2 NAG TA . 48.85 -32.53 28.46
O3 NAG TA . 47.66 -34.78 29.80
O4 NAG TA . 44.80 -34.71 29.99
O5 NAG TA . 45.66 -31.17 29.74
O6 NAG TA . 43.10 -33.24 31.12
O7 NAG TA . 50.15 -31.19 29.69
C1 NAG UA . 51.48 -20.21 22.57
C2 NAG UA . 52.09 -19.19 23.54
C3 NAG UA . 53.03 -18.25 22.79
C4 NAG UA . 54.07 -19.06 22.02
C5 NAG UA . 53.38 -20.08 21.11
C6 NAG UA . 54.37 -20.99 20.42
C7 NAG UA . 50.71 -18.66 25.50
C8 NAG UA . 49.61 -17.78 26.04
N2 NAG UA . 51.05 -18.44 24.22
O3 NAG UA . 53.67 -17.39 23.72
O4 NAG UA . 54.86 -18.18 21.22
O5 NAG UA . 52.52 -20.92 21.90
O6 NAG UA . 55.31 -21.53 21.32
O7 NAG UA . 51.25 -19.52 26.18
C1 NAG VA . 52.19 -25.50 8.29
C2 NAG VA . 52.00 -26.95 8.77
C3 NAG VA . 53.32 -27.50 9.29
C4 NAG VA . 54.42 -27.34 8.24
C5 NAG VA . 54.50 -25.89 7.79
C6 NAG VA . 55.49 -25.67 6.67
C7 NAG VA . 49.74 -27.49 9.57
C8 NAG VA . 48.82 -27.49 10.75
N2 NAG VA . 50.98 -27.02 9.80
O3 NAG VA . 53.17 -28.88 9.62
O4 NAG VA . 55.68 -27.73 8.80
O5 NAG VA . 53.23 -25.46 7.30
O6 NAG VA . 55.39 -26.69 5.68
O7 NAG VA . 49.38 -27.88 8.46
C1 NAG WA . 29.88 -32.80 14.97
C2 NAG WA . 28.57 -33.58 14.97
C3 NAG WA . 28.00 -33.67 16.39
C4 NAG WA . 29.05 -34.23 17.34
C5 NAG WA . 30.33 -33.42 17.25
C6 NAG WA . 31.45 -34.00 18.08
C7 NAG WA . 27.37 -33.44 12.83
C8 NAG WA . 26.34 -32.70 12.03
N2 NAG WA . 27.60 -32.99 14.06
O3 NAG WA . 26.85 -34.50 16.38
O4 NAG WA . 28.56 -34.19 18.68
O5 NAG WA . 30.80 -33.39 15.89
O6 NAG WA . 31.00 -35.07 18.90
O7 NAG WA . 27.99 -34.40 12.37
C1 NAG XA . -4.83 -29.63 33.58
C2 NAG XA . -4.89 -30.22 35.00
C3 NAG XA . -6.10 -31.13 35.15
C4 NAG XA . -7.37 -30.39 34.72
C5 NAG XA . -7.20 -29.81 33.33
C6 NAG XA . -8.38 -28.98 32.88
C7 NAG XA . -3.23 -31.98 34.57
C8 NAG XA . -1.96 -32.62 35.04
N2 NAG XA . -3.67 -30.95 35.30
O3 NAG XA . -6.22 -31.55 36.50
O4 NAG XA . -8.47 -31.29 34.73
O5 NAG XA . -6.06 -28.95 33.30
O6 NAG XA . -7.97 -27.74 32.33
O7 NAG XA . -3.83 -32.38 33.58
C1 NAG YA . 46.40 -5.43 30.77
C2 NAG YA . 45.96 -4.18 31.54
C3 NAG YA . 46.44 -2.92 30.82
C4 NAG YA . 47.94 -2.99 30.58
C5 NAG YA . 48.31 -4.28 29.86
C6 NAG YA . 49.79 -4.47 29.70
C7 NAG YA . 43.92 -4.12 32.89
C8 NAG YA . 42.41 -4.10 32.88
N2 NAG YA . 44.52 -4.15 31.71
O3 NAG YA . 46.13 -1.77 31.60
O4 NAG YA . 48.36 -1.88 29.79
O5 NAG YA . 47.82 -5.41 30.61
O6 NAG YA . 50.46 -3.23 29.54
O7 NAG YA . 44.55 -4.11 33.95
C1 NAG ZA . -1.78 -22.29 54.97
C2 NAG ZA . -3.20 -22.62 54.52
C3 NAG ZA . -3.93 -21.34 54.09
C4 NAG ZA . -3.87 -20.31 55.21
C5 NAG ZA . -2.42 -20.08 55.64
C6 NAG ZA . -2.30 -19.15 56.82
C7 NAG ZA . -4.14 -24.51 53.27
C8 NAG ZA . -3.97 -25.42 52.09
N2 NAG ZA . -3.19 -23.59 53.43
O3 NAG ZA . -5.29 -21.65 53.79
O4 NAG ZA . -4.43 -19.07 54.75
O5 NAG ZA . -1.83 -21.32 56.03
O6 NAG ZA . -0.97 -19.14 57.35
O7 NAG ZA . -5.09 -24.61 54.04
C1 NAG AB . 18.33 -19.30 55.35
C2 NAG AB . 19.38 -19.49 56.44
C3 NAG AB . 19.23 -20.86 57.09
C4 NAG AB . 17.80 -21.05 57.59
C5 NAG AB . 16.80 -20.80 56.46
C6 NAG AB . 15.37 -20.85 56.92
C7 NAG AB . 21.43 -18.21 56.01
C8 NAG AB . 22.80 -18.22 55.39
N2 NAG AB . 20.72 -19.34 55.89
O3 NAG AB . 20.15 -20.98 58.17
O4 NAG AB . 17.63 -22.37 58.09
O5 NAG AB . 17.01 -19.49 55.91
O6 NAG AB . 15.26 -21.30 58.27
O7 NAG AB . 20.98 -17.22 56.58
C1 NAG BB . 24.88 -27.80 50.25
C2 NAG BB . 25.72 -28.91 49.62
C3 NAG BB . 26.31 -29.80 50.70
C4 NAG BB . 27.07 -28.96 51.73
C5 NAG BB . 26.18 -27.85 52.27
C6 NAG BB . 26.92 -26.91 53.20
C7 NAG BB . 24.83 -29.40 47.39
C8 NAG BB . 23.97 -30.32 46.57
N2 NAG BB . 24.93 -29.70 48.69
O3 NAG BB . 27.19 -30.76 50.11
O4 NAG BB . 27.51 -29.79 52.80
O5 NAG BB . 25.67 -27.06 51.18
O6 NAG BB . 28.06 -27.53 53.77
O7 NAG BB . 25.41 -28.44 46.89
C1 NAG CB . -5.86 -17.35 38.14
C2 NAG CB . -7.01 -17.39 39.15
C3 NAG CB . -6.94 -18.66 39.98
C4 NAG CB . -6.87 -19.89 39.08
C5 NAG CB . -5.71 -19.76 38.10
C6 NAG CB . -5.66 -20.89 37.10
C7 NAG CB . -5.99 -15.89 40.79
C8 NAG CB . -6.18 -14.64 41.61
N2 NAG CB . -7.01 -16.21 39.99
O3 NAG CB . -8.08 -18.75 40.83
O4 NAG CB . -6.69 -21.06 39.87
O5 NAG CB . -5.85 -18.55 37.35
O6 NAG CB . -6.87 -21.01 36.39
O7 NAG CB . -4.97 -16.57 40.86
C1 NAG DB . -38.62 -10.85 11.23
C2 NAG DB . -38.42 -9.66 10.29
C3 NAG DB . -38.52 -10.12 8.84
C4 NAG DB . -37.54 -11.28 8.59
C5 NAG DB . -37.72 -12.38 9.63
C6 NAG DB . -36.70 -13.48 9.51
C7 NAG DB . -39.14 -7.31 10.33
C8 NAG DB . -40.25 -6.36 10.66
N2 NAG DB . -39.39 -8.60 10.55
O3 NAG DB . -38.23 -9.04 7.96
O4 NAG DB . -37.76 -11.81 7.29
O5 NAG DB . -37.61 -11.84 10.96
O6 NAG DB . -36.75 -14.36 10.63
O7 NAG DB . -38.07 -6.93 9.86
C1 NAG EB . -26.34 -16.31 18.93
C2 NAG EB . -27.40 -16.94 19.84
C3 NAG EB . -26.74 -17.91 20.83
C4 NAG EB . -25.89 -18.92 20.09
C5 NAG EB . -24.90 -18.22 19.17
C6 NAG EB . -24.09 -19.17 18.31
C7 NAG EB . -29.36 -15.49 20.14
C8 NAG EB . -30.00 -14.44 20.98
N2 NAG EB . -28.15 -15.93 20.54
O3 NAG EB . -27.74 -18.57 21.58
O4 NAG EB . -25.16 -19.72 21.03
O5 NAG EB . -25.60 -17.35 18.27
O6 NAG EB . -24.28 -18.91 16.93
O7 NAG EB . -29.90 -15.94 19.12
C1 NAG FB . 61.27 -0.97 -15.16
C2 NAG FB . 62.78 -1.01 -14.95
C3 NAG FB . 63.13 -0.35 -13.62
C4 NAG FB . 62.54 1.05 -13.54
C5 NAG FB . 61.04 1.00 -13.82
C6 NAG FB . 60.41 2.37 -13.88
C7 NAG FB . 63.68 -2.96 -16.13
C8 NAG FB . 64.18 -4.37 -15.99
N2 NAG FB . 63.29 -2.37 -15.00
O3 NAG FB . 64.55 -0.28 -13.48
O4 NAG FB . 62.76 1.60 -12.25
O5 NAG FB . 60.80 0.38 -15.09
O6 NAG FB . 61.12 3.30 -13.08
O7 NAG FB . 63.63 -2.38 -17.21
C1 NAG GB . 54.35 -10.29 -22.15
C2 NAG GB . 54.38 -10.06 -23.65
C3 NAG GB . 54.05 -11.36 -24.39
C4 NAG GB . 54.98 -12.47 -23.93
C5 NAG GB . 54.94 -12.61 -22.41
C6 NAG GB . 55.94 -13.61 -21.88
C7 NAG GB . 53.85 -7.80 -24.44
C8 NAG GB . 52.76 -6.84 -24.80
N2 NAG GB . 53.45 -9.01 -24.04
O3 NAG GB . 54.19 -11.15 -25.79
O4 NAG GB . 54.60 -13.71 -24.52
O5 NAG GB . 55.26 -11.35 -21.80
O6 NAG GB . 57.23 -13.38 -22.41
O7 NAG GB . 55.03 -7.49 -24.51
C1 NAG HB . 53.25 -21.19 -11.62
C2 NAG HB . 54.28 -20.49 -10.72
C3 NAG HB . 55.70 -20.80 -11.20
C4 NAG HB . 55.91 -22.30 -11.30
C5 NAG HB . 54.82 -22.93 -12.16
C6 NAG HB . 54.89 -24.44 -12.20
C7 NAG HB . 53.53 -18.41 -9.64
C8 NAG HB . 53.36 -16.94 -9.78
N2 NAG HB . 54.06 -19.05 -10.70
O3 NAG HB . 56.63 -20.23 -10.30
O4 NAG HB . 57.18 -22.58 -11.87
O5 NAG HB . 53.53 -22.60 -11.64
O6 NAG HB . 55.15 -24.98 -10.92
O7 NAG HB . 53.20 -19.02 -8.62
C1 NAG IB . 46.62 -1.39 1.20
C2 NAG IB . 46.35 -0.50 2.42
C3 NAG IB . 46.56 0.97 2.06
C4 NAG IB . 47.95 1.17 1.47
C5 NAG IB . 48.16 0.23 0.29
C6 NAG IB . 49.56 0.29 -0.27
C7 NAG IB . 44.74 -1.54 3.95
C8 NAG IB . 43.29 -1.66 4.34
N2 NAG IB . 45.01 -0.72 2.93
O3 NAG IB . 46.40 1.76 3.24
O4 NAG IB . 48.09 2.52 1.03
O5 NAG IB . 47.95 -1.13 0.70
O6 NAG IB . 50.28 1.39 0.26
O7 NAG IB . 45.61 -2.17 4.53
C1 NAG JB . 29.33 33.68 6.57
C2 NAG JB . 30.20 34.91 6.29
C3 NAG JB . 30.10 35.90 7.45
C4 NAG JB . 28.65 36.23 7.76
C5 NAG JB . 27.86 34.94 7.97
C6 NAG JB . 26.39 35.18 8.18
C7 NAG JB . 32.31 33.83 6.96
C8 NAG JB . 33.72 33.52 6.56
N2 NAG JB . 31.59 34.52 6.07
O3 NAG JB . 30.81 37.09 7.13
O4 NAG JB . 28.57 37.02 8.93
O5 NAG JB . 27.99 34.10 6.82
O6 NAG JB . 25.60 34.31 7.36
O7 NAG JB . 31.84 33.47 8.03
C1 NAG KB . 43.94 -2.89 -34.29
C2 NAG KB . 43.07 -2.21 -35.36
C3 NAG KB . 42.26 -3.25 -36.12
C4 NAG KB . 43.17 -4.33 -36.68
C5 NAG KB . 44.03 -4.92 -35.56
C6 NAG KB . 45.04 -5.92 -36.08
C7 NAG KB . 42.22 0.08 -35.08
C8 NAG KB . 41.25 0.96 -34.36
N2 NAG KB . 42.20 -1.22 -34.75
O3 NAG KB . 41.55 -2.61 -37.17
O4 NAG KB . 42.38 -5.36 -37.26
O5 NAG KB . 44.77 -3.88 -34.91
O6 NAG KB . 44.56 -6.61 -37.22
O7 NAG KB . 42.99 0.52 -35.94
C1 NAG LB . 33.94 47.58 -10.96
C2 NAG LB . 33.10 48.12 -9.80
C3 NAG LB . 31.62 48.04 -10.15
C4 NAG LB . 31.35 48.73 -11.48
C5 NAG LB . 32.26 48.17 -12.57
C6 NAG LB . 32.13 48.88 -13.88
C7 NAG LB . 33.36 47.97 -7.37
C8 NAG LB . 33.67 47.08 -6.21
N2 NAG LB . 33.38 47.40 -8.57
O3 NAG LB . 30.86 48.66 -9.12
O4 NAG LB . 29.99 48.54 -11.86
O5 NAG LB . 33.63 48.29 -12.15
O6 NAG LB . 33.15 48.49 -14.79
O7 NAG LB . 33.10 49.17 -7.21
C1 NAG MB . 44.68 35.31 -23.08
C2 NAG MB . 45.88 35.55 -24.01
C3 NAG MB . 46.95 36.34 -23.28
C4 NAG MB . 46.37 37.62 -22.71
C5 NAG MB . 45.16 37.30 -21.84
C6 NAG MB . 44.45 38.55 -21.33
C7 NAG MB . 46.13 33.79 -25.70
C8 NAG MB . 46.77 32.48 -26.04
N2 NAG MB . 46.42 34.28 -24.50
O3 NAG MB . 48.00 36.65 -24.19
O4 NAG MB . 47.35 38.30 -21.93
O5 NAG MB . 44.19 36.56 -22.60
O6 NAG MB . 45.19 39.72 -21.65
O7 NAG MB . 45.39 34.36 -26.48
C1 NAG NB . 52.82 28.54 -17.65
C2 NAG NB . 53.88 27.69 -16.96
C3 NAG NB . 55.25 28.31 -17.16
C4 NAG NB . 55.53 28.53 -18.64
C5 NAG NB . 54.40 29.33 -19.26
C6 NAG NB . 54.54 29.48 -20.77
C7 NAG NB . 52.85 26.55 -15.04
C8 NAG NB . 52.64 26.56 -13.56
N2 NAG NB . 53.58 27.56 -15.53
O3 NAG NB . 56.24 27.45 -16.60
O4 NAG NB . 56.76 29.23 -18.80
O5 NAG NB . 53.15 28.68 -19.04
O6 NAG NB . 55.90 29.34 -21.17
O7 NAG NB . 52.37 25.68 -15.75
C1 NAG OB . 21.88 36.15 -4.00
C2 NAG OB . 21.55 37.64 -3.91
C3 NAG OB . 22.78 38.43 -3.47
C4 NAG OB . 23.35 37.86 -2.17
C5 NAG OB . 23.63 36.37 -2.34
C6 NAG OB . 24.09 35.71 -1.07
C7 NAG OB . 21.75 38.11 -6.31
C8 NAG OB . 21.06 38.68 -7.51
N2 NAG OB . 21.04 38.15 -5.17
O3 NAG OB . 22.43 39.80 -3.28
O4 NAG OB . 24.55 38.53 -1.83
O5 NAG OB . 22.43 35.69 -2.75
O6 NAG OB . 23.15 35.91 -0.01
O7 NAG OB . 22.89 37.66 -6.36
C1 NAG PB . -12.94 33.92 20.92
C2 NAG PB . -13.99 32.92 20.43
C3 NAG PB . -14.26 31.89 21.52
C4 NAG PB . -12.95 31.25 21.99
C5 NAG PB . -11.94 32.32 22.37
C6 NAG PB . -10.57 31.76 22.72
C7 NAG PB . -16.03 33.06 19.09
C8 NAG PB . -17.26 33.86 18.78
N2 NAG PB . -15.22 33.56 20.01
O3 NAG PB . -15.13 30.88 21.03
O4 NAG PB . -13.19 30.42 23.12
O5 NAG PB . -11.74 33.24 21.28
O6 NAG PB . -9.59 32.79 22.79
O7 NAG PB . -15.78 32.00 18.51
C1 NAG QB . 1.32 33.32 14.95
C2 NAG QB . 1.41 34.76 15.45
C3 NAG QB . 2.84 35.28 15.31
C4 NAG QB . 3.82 34.33 15.98
C5 NAG QB . 3.62 32.91 15.47
C6 NAG QB . 4.48 31.89 16.18
C7 NAG QB . -0.71 35.97 15.22
C8 NAG QB . -1.54 36.87 14.34
N2 NAG QB . 0.49 35.62 14.73
O3 NAG QB . 2.93 36.57 15.89
O4 NAG QB . 5.16 34.74 15.73
O5 NAG QB . 2.26 32.50 15.65
O6 NAG QB . 3.68 30.89 16.80
O7 NAG QB . -1.11 35.59 16.32
#